data_2KFS
#
_entry.id   2KFS
#
_cell.length_a   1.000
_cell.length_b   1.000
_cell.length_c   1.000
_cell.angle_alpha   90.00
_cell.angle_beta   90.00
_cell.angle_gamma   90.00
#
_symmetry.space_group_name_H-M   'P 1'
#
_entity_poly.entity_id   1
_entity_poly.type   'polypeptide(L)'
_entity_poly.pdbx_seq_one_letter_code
;GHMPGRAPGSTLARVGSIPAGDDVLDPDEPTYDLPRVAELLGVPVSKVAQQLREGHLVAVRRAGGVVIPQVFFTNSGQVV
KSLPGLLTILHDGGYRDTEIMRWLFTPDPSLTITRDGSRDAVSNARPVDALHAHQAREVVRRAQAMAY
;
_entity_poly.pdbx_strand_id   A
#
# COMPACT_ATOMS: atom_id res chain seq x y z
N MET A 3 -36.77 -4.33 6.63
CA MET A 3 -37.39 -5.00 5.48
C MET A 3 -36.55 -6.21 5.13
N PRO A 4 -37.15 -7.31 4.62
CA PRO A 4 -36.39 -8.47 4.20
C PRO A 4 -35.70 -8.17 2.87
N GLY A 5 -34.43 -7.86 2.93
CA GLY A 5 -33.71 -7.51 1.74
C GLY A 5 -32.26 -7.85 1.84
N ARG A 6 -31.89 -9.00 1.32
CA ARG A 6 -30.50 -9.42 1.32
C ARG A 6 -29.70 -8.63 0.30
N ALA A 7 -28.48 -8.35 0.63
CA ALA A 7 -27.61 -7.63 -0.25
C ALA A 7 -26.75 -8.62 -1.04
N PRO A 8 -26.81 -8.56 -2.38
CA PRO A 8 -26.05 -9.46 -3.28
C PRO A 8 -24.56 -9.07 -3.38
N GLY A 9 -23.99 -8.72 -2.25
CA GLY A 9 -22.62 -8.34 -2.18
C GLY A 9 -21.87 -9.27 -1.26
N SER A 10 -21.80 -10.51 -1.67
CA SER A 10 -21.16 -11.54 -0.90
C SER A 10 -19.65 -11.55 -1.13
N THR A 11 -19.27 -11.24 -2.32
CA THR A 11 -17.90 -11.18 -2.65
C THR A 11 -17.53 -9.78 -3.11
N LEU A 12 -16.61 -9.18 -2.40
CA LEU A 12 -16.13 -7.89 -2.74
C LEU A 12 -15.13 -8.00 -3.86
N ALA A 13 -15.07 -6.99 -4.67
CA ALA A 13 -14.16 -6.96 -5.77
C ALA A 13 -12.86 -6.35 -5.31
N ARG A 14 -11.96 -7.20 -4.90
CA ARG A 14 -10.66 -6.79 -4.39
C ARG A 14 -9.58 -7.07 -5.38
N VAL A 15 -10.01 -7.31 -6.57
CA VAL A 15 -9.14 -7.61 -7.66
C VAL A 15 -9.57 -6.79 -8.84
N GLY A 16 -8.63 -6.25 -9.51
CA GLY A 16 -8.88 -5.45 -10.64
C GLY A 16 -7.59 -4.95 -11.15
N SER A 17 -7.65 -3.95 -11.94
CA SER A 17 -6.46 -3.38 -12.47
C SER A 17 -6.05 -2.19 -11.63
N ILE A 18 -5.06 -2.40 -10.80
CA ILE A 18 -4.54 -1.35 -9.96
C ILE A 18 -3.54 -0.54 -10.79
N PRO A 19 -3.78 0.76 -10.95
CA PRO A 19 -2.91 1.63 -11.73
C PRO A 19 -1.61 1.98 -11.01
N ALA A 20 -0.68 2.52 -11.75
CA ALA A 20 0.53 3.07 -11.20
C ALA A 20 0.71 4.43 -11.80
N GLY A 21 0.80 5.44 -10.99
CA GLY A 21 0.96 6.76 -11.51
C GLY A 21 1.92 7.62 -10.75
N ASP A 22 1.40 8.61 -10.06
CA ASP A 22 2.22 9.65 -9.49
C ASP A 22 2.73 9.29 -8.11
N ASP A 23 4.04 9.28 -7.99
CA ASP A 23 4.75 9.01 -6.76
C ASP A 23 4.38 10.01 -5.68
N VAL A 24 3.85 9.51 -4.60
CA VAL A 24 3.45 10.36 -3.47
C VAL A 24 4.59 10.56 -2.50
N LEU A 25 5.36 9.51 -2.24
CA LEU A 25 6.50 9.64 -1.38
C LEU A 25 7.62 10.38 -2.08
N ASP A 26 8.50 10.96 -1.31
CA ASP A 26 9.64 11.66 -1.86
C ASP A 26 10.66 10.61 -2.32
N PRO A 27 11.35 10.83 -3.47
CA PRO A 27 12.35 9.87 -4.00
C PRO A 27 13.45 9.44 -3.00
N ASP A 28 13.69 10.24 -1.96
CA ASP A 28 14.72 9.88 -0.97
C ASP A 28 14.19 8.85 0.02
N GLU A 29 12.87 8.65 0.02
CA GLU A 29 12.25 7.69 0.91
C GLU A 29 12.51 6.28 0.38
N PRO A 30 12.85 5.33 1.27
CA PRO A 30 13.14 3.93 0.92
C PRO A 30 12.06 3.27 0.04
N THR A 31 12.50 2.62 -1.01
CA THR A 31 11.62 2.00 -1.97
C THR A 31 12.14 0.62 -2.41
N TYR A 32 11.23 -0.17 -2.91
CA TYR A 32 11.47 -1.48 -3.48
C TYR A 32 11.23 -1.37 -4.94
N ASP A 33 11.77 -2.29 -5.67
CA ASP A 33 11.71 -2.31 -7.10
C ASP A 33 11.35 -3.70 -7.47
N LEU A 34 10.89 -3.91 -8.70
CA LEU A 34 10.42 -5.24 -9.15
C LEU A 34 11.43 -6.38 -8.88
N PRO A 35 12.72 -6.26 -9.35
CA PRO A 35 13.74 -7.28 -9.06
C PRO A 35 13.95 -7.47 -7.56
N ARG A 36 13.89 -6.37 -6.81
CA ARG A 36 14.14 -6.39 -5.37
C ARG A 36 13.02 -7.09 -4.62
N VAL A 37 11.79 -6.91 -5.04
CA VAL A 37 10.67 -7.61 -4.41
C VAL A 37 10.74 -9.09 -4.76
N ALA A 38 11.13 -9.38 -5.99
CA ALA A 38 11.35 -10.73 -6.43
C ALA A 38 12.40 -11.38 -5.53
N GLU A 39 13.42 -10.61 -5.23
CA GLU A 39 14.47 -10.99 -4.30
C GLU A 39 13.94 -11.20 -2.89
N LEU A 40 13.12 -10.28 -2.44
CA LEU A 40 12.55 -10.28 -1.10
C LEU A 40 11.70 -11.51 -0.84
N LEU A 41 10.79 -11.80 -1.74
CA LEU A 41 9.87 -12.91 -1.55
C LEU A 41 10.42 -14.21 -2.09
N GLY A 42 11.49 -14.12 -2.86
CA GLY A 42 12.09 -15.31 -3.46
C GLY A 42 11.25 -15.83 -4.59
N VAL A 43 10.52 -14.94 -5.22
CA VAL A 43 9.60 -15.28 -6.28
C VAL A 43 10.01 -14.58 -7.56
N PRO A 44 9.56 -15.04 -8.73
CA PRO A 44 9.80 -14.35 -9.99
C PRO A 44 9.03 -13.01 -10.07
N VAL A 45 9.48 -12.13 -10.95
CA VAL A 45 8.88 -10.80 -11.16
C VAL A 45 7.40 -10.94 -11.55
N SER A 46 7.11 -11.97 -12.28
CA SER A 46 5.77 -12.26 -12.72
C SER A 46 4.82 -12.50 -11.52
N LYS A 47 5.30 -13.18 -10.47
CA LYS A 47 4.49 -13.37 -9.27
C LYS A 47 4.30 -12.06 -8.52
N VAL A 48 5.32 -11.21 -8.56
CA VAL A 48 5.24 -9.88 -7.96
C VAL A 48 4.12 -9.09 -8.64
N ALA A 49 4.10 -9.18 -9.96
CA ALA A 49 3.08 -8.54 -10.76
C ALA A 49 1.71 -9.13 -10.43
N GLN A 50 1.65 -10.44 -10.17
CA GLN A 50 0.39 -11.09 -9.79
C GLN A 50 -0.15 -10.52 -8.51
N GLN A 51 0.73 -10.26 -7.55
CA GLN A 51 0.32 -9.66 -6.26
C GLN A 51 -0.35 -8.33 -6.51
N LEU A 52 0.27 -7.56 -7.38
CA LEU A 52 -0.23 -6.25 -7.80
C LEU A 52 -1.60 -6.40 -8.49
N ARG A 53 -1.74 -7.45 -9.29
CA ARG A 53 -3.00 -7.73 -9.99
C ARG A 53 -4.09 -8.23 -9.02
N GLU A 54 -3.67 -8.83 -7.91
CA GLU A 54 -4.60 -9.39 -6.94
C GLU A 54 -4.99 -8.36 -5.89
N GLY A 55 -4.41 -7.18 -5.99
CA GLY A 55 -4.70 -6.13 -5.04
C GLY A 55 -4.05 -6.41 -3.69
N HIS A 56 -2.86 -6.98 -3.72
CA HIS A 56 -2.11 -7.24 -2.49
C HIS A 56 -1.06 -6.20 -2.27
N LEU A 57 -0.73 -5.48 -3.31
CA LEU A 57 0.35 -4.55 -3.26
C LEU A 57 0.10 -3.44 -4.26
N VAL A 58 0.76 -2.30 -4.10
CA VAL A 58 0.59 -1.15 -4.99
C VAL A 58 1.96 -0.65 -5.42
N ALA A 59 2.04 -0.13 -6.62
CA ALA A 59 3.28 0.37 -7.17
C ALA A 59 3.03 1.73 -7.80
N VAL A 60 4.03 2.58 -7.81
CA VAL A 60 3.97 3.90 -8.42
C VAL A 60 5.14 4.11 -9.34
N ARG A 61 5.06 5.12 -10.16
CA ARG A 61 6.07 5.35 -11.15
C ARG A 61 6.80 6.65 -10.85
N ARG A 62 8.10 6.55 -10.70
CA ARG A 62 8.97 7.69 -10.41
C ARG A 62 9.94 7.88 -11.58
N ALA A 63 9.79 9.00 -12.29
CA ALA A 63 10.63 9.39 -13.46
C ALA A 63 10.43 8.48 -14.69
N GLY A 64 9.85 7.32 -14.45
CA GLY A 64 9.64 6.35 -15.46
C GLY A 64 9.75 4.95 -14.89
N GLY A 65 10.36 4.84 -13.71
CA GLY A 65 10.58 3.55 -13.08
C GLY A 65 9.45 3.19 -12.16
N VAL A 66 9.16 1.92 -12.07
CA VAL A 66 8.09 1.41 -11.25
C VAL A 66 8.66 0.93 -9.93
N VAL A 67 8.18 1.51 -8.85
CA VAL A 67 8.65 1.19 -7.52
C VAL A 67 7.51 0.95 -6.57
N ILE A 68 7.82 0.26 -5.53
CA ILE A 68 6.88 -0.10 -4.49
C ILE A 68 7.48 0.36 -3.17
N PRO A 69 6.82 1.21 -2.40
CA PRO A 69 7.37 1.69 -1.12
C PRO A 69 7.70 0.56 -0.14
N GLN A 70 8.92 0.63 0.45
CA GLN A 70 9.41 -0.34 1.47
C GLN A 70 8.37 -0.57 2.56
N VAL A 71 7.71 0.50 2.92
CA VAL A 71 6.76 0.55 4.02
C VAL A 71 5.49 -0.28 3.81
N PHE A 72 5.27 -0.78 2.59
CA PHE A 72 4.13 -1.67 2.32
C PHE A 72 4.42 -3.07 2.82
N PHE A 73 5.67 -3.30 3.14
CA PHE A 73 6.11 -4.55 3.70
C PHE A 73 6.51 -4.30 5.14
N THR A 74 6.27 -5.25 5.98
CA THR A 74 6.57 -5.16 7.38
C THR A 74 8.08 -5.32 7.61
N ASN A 75 8.51 -5.16 8.86
CA ASN A 75 9.91 -5.32 9.25
C ASN A 75 10.36 -6.78 9.06
N SER A 76 9.38 -7.64 8.95
CA SER A 76 9.59 -9.04 8.72
C SER A 76 9.62 -9.35 7.21
N GLY A 77 9.44 -8.33 6.37
CA GLY A 77 9.48 -8.51 4.93
C GLY A 77 8.25 -9.18 4.39
N GLN A 78 7.16 -9.03 5.09
CA GLN A 78 5.90 -9.64 4.68
C GLN A 78 4.93 -8.51 4.32
N VAL A 79 3.93 -8.80 3.53
CA VAL A 79 2.92 -7.81 3.23
C VAL A 79 2.03 -7.64 4.47
N VAL A 80 1.64 -6.41 4.75
CA VAL A 80 0.76 -6.13 5.87
C VAL A 80 -0.60 -6.81 5.61
N LYS A 81 -1.08 -7.57 6.57
CA LYS A 81 -2.29 -8.39 6.41
C LYS A 81 -3.54 -7.57 6.03
N SER A 82 -3.74 -6.45 6.68
CA SER A 82 -4.90 -5.64 6.43
C SER A 82 -4.67 -4.63 5.31
N LEU A 83 -3.48 -4.65 4.72
CA LEU A 83 -3.15 -3.74 3.63
C LEU A 83 -4.01 -4.04 2.36
N PRO A 84 -4.10 -5.33 1.88
CA PRO A 84 -5.01 -5.67 0.78
C PRO A 84 -6.46 -5.36 1.16
N GLY A 85 -6.72 -5.34 2.47
CA GLY A 85 -8.02 -5.01 3.00
C GLY A 85 -8.37 -3.55 2.75
N LEU A 86 -7.39 -2.65 2.96
CA LEU A 86 -7.62 -1.23 2.70
C LEU A 86 -7.81 -1.04 1.21
N LEU A 87 -7.02 -1.77 0.44
CA LEU A 87 -7.10 -1.73 -1.00
C LEU A 87 -8.47 -2.17 -1.47
N THR A 88 -9.05 -3.14 -0.78
CA THR A 88 -10.37 -3.66 -1.11
C THR A 88 -11.44 -2.53 -1.05
N ILE A 89 -11.46 -1.81 0.05
CA ILE A 89 -12.44 -0.75 0.25
C ILE A 89 -12.18 0.44 -0.69
N LEU A 90 -10.92 0.82 -0.84
CA LEU A 90 -10.55 1.91 -1.75
C LEU A 90 -10.79 1.54 -3.21
N HIS A 91 -10.58 0.28 -3.55
CA HIS A 91 -10.80 -0.22 -4.91
C HIS A 91 -12.28 -0.12 -5.25
N ASP A 92 -13.12 -0.45 -4.28
CA ASP A 92 -14.56 -0.36 -4.45
C ASP A 92 -14.99 1.11 -4.53
N GLY A 93 -14.23 1.96 -3.87
CA GLY A 93 -14.47 3.39 -3.91
C GLY A 93 -13.86 4.04 -5.15
N GLY A 94 -13.12 3.26 -5.92
CA GLY A 94 -12.53 3.72 -7.17
C GLY A 94 -11.31 4.62 -6.99
N TYR A 95 -10.57 4.41 -5.93
CA TYR A 95 -9.40 5.22 -5.70
C TYR A 95 -8.16 4.61 -6.31
N ARG A 96 -7.44 5.43 -7.05
CA ARG A 96 -6.23 5.04 -7.75
C ARG A 96 -5.04 4.98 -6.78
N ASP A 97 -3.92 4.47 -7.27
CA ASP A 97 -2.67 4.26 -6.51
C ASP A 97 -2.19 5.54 -5.82
N THR A 98 -2.22 6.61 -6.57
CA THR A 98 -1.81 7.89 -6.12
C THR A 98 -2.66 8.35 -4.94
N GLU A 99 -3.96 8.09 -5.04
CA GLU A 99 -4.90 8.44 -4.00
C GLU A 99 -4.63 7.63 -2.74
N ILE A 100 -4.30 6.34 -2.91
CA ILE A 100 -4.07 5.44 -1.76
C ILE A 100 -2.93 5.96 -0.92
N MET A 101 -1.85 6.29 -1.60
CA MET A 101 -0.66 6.77 -0.92
C MET A 101 -0.83 8.20 -0.44
N ARG A 102 -1.77 8.93 -1.07
CA ARG A 102 -2.02 10.33 -0.76
C ARG A 102 -2.30 10.52 0.72
N TRP A 103 -3.40 9.96 1.18
CA TRP A 103 -3.78 10.08 2.59
C TRP A 103 -2.83 9.30 3.50
N LEU A 104 -2.33 8.21 2.98
CA LEU A 104 -1.51 7.29 3.73
C LEU A 104 -0.16 7.90 4.12
N PHE A 105 0.41 8.68 3.23
CA PHE A 105 1.70 9.30 3.50
C PHE A 105 1.57 10.69 4.10
N THR A 106 0.36 11.16 4.27
CA THR A 106 0.16 12.45 4.86
C THR A 106 0.09 12.32 6.38
N PRO A 107 1.04 12.93 7.13
CA PRO A 107 1.00 12.91 8.58
C PRO A 107 -0.24 13.63 9.07
N ASP A 108 -0.98 12.98 9.92
CA ASP A 108 -2.24 13.54 10.35
C ASP A 108 -2.11 14.19 11.70
N PRO A 109 -2.50 15.47 11.82
CA PRO A 109 -2.40 16.22 13.07
C PRO A 109 -3.21 15.60 14.21
N SER A 110 -4.30 14.95 13.89
CA SER A 110 -5.12 14.36 14.91
C SER A 110 -4.73 12.91 15.18
N LEU A 111 -3.66 12.48 14.55
CA LEU A 111 -3.15 11.16 14.76
C LEU A 111 -1.93 11.25 15.66
N THR A 112 -1.96 10.50 16.72
CA THR A 112 -0.87 10.40 17.62
C THR A 112 -0.61 8.93 17.88
N ILE A 113 0.48 8.47 17.38
CA ILE A 113 0.81 7.07 17.43
C ILE A 113 2.22 6.91 17.85
N THR A 114 2.57 5.73 18.22
CA THR A 114 3.91 5.43 18.54
C THR A 114 4.60 5.06 17.25
N ARG A 115 5.82 5.51 17.12
CA ARG A 115 6.57 5.31 15.91
C ARG A 115 7.00 3.84 15.87
N ASP A 116 6.88 3.21 14.72
CA ASP A 116 7.26 1.81 14.60
C ASP A 116 8.75 1.63 14.86
N GLY A 117 9.06 0.75 15.77
CA GLY A 117 10.43 0.51 16.13
C GLY A 117 10.78 1.21 17.40
N SER A 118 9.99 2.19 17.76
CA SER A 118 10.24 2.98 18.91
C SER A 118 9.18 2.71 19.96
N ARG A 119 9.27 3.42 21.04
CA ARG A 119 8.37 3.32 22.17
C ARG A 119 7.62 4.64 22.30
N ASP A 120 8.22 5.69 21.76
CA ASP A 120 7.74 7.04 21.93
C ASP A 120 6.59 7.35 21.01
N ALA A 121 5.80 8.33 21.41
CA ALA A 121 4.64 8.75 20.69
C ALA A 121 4.94 9.97 19.85
N VAL A 122 4.39 9.99 18.67
CA VAL A 122 4.55 11.08 17.76
C VAL A 122 3.17 11.59 17.35
N SER A 123 2.90 12.84 17.63
CA SER A 123 1.71 13.46 17.18
C SER A 123 1.99 14.00 15.79
N ASN A 124 1.04 13.84 14.90
CA ASN A 124 1.18 14.23 13.51
C ASN A 124 2.20 13.33 12.84
N ALA A 125 1.84 12.09 12.70
CA ALA A 125 2.68 11.10 12.09
C ALA A 125 1.99 10.48 10.92
N ARG A 126 2.75 9.83 10.07
CA ARG A 126 2.21 9.18 8.91
C ARG A 126 1.49 7.88 9.31
N PRO A 127 0.24 7.67 8.83
CA PRO A 127 -0.56 6.45 9.11
C PRO A 127 0.16 5.15 8.72
N VAL A 128 1.18 5.27 7.89
CA VAL A 128 2.00 4.14 7.48
C VAL A 128 2.63 3.48 8.71
N ASP A 129 3.14 4.29 9.62
CA ASP A 129 3.77 3.79 10.84
C ASP A 129 2.77 3.14 11.74
N ALA A 130 1.54 3.61 11.66
CA ALA A 130 0.48 3.01 12.43
C ALA A 130 0.26 1.59 11.96
N LEU A 131 0.06 1.39 10.67
CA LEU A 131 -0.22 0.06 10.14
C LEU A 131 0.98 -0.87 10.27
N HIS A 132 2.17 -0.30 10.13
CA HIS A 132 3.41 -1.06 10.18
C HIS A 132 3.64 -1.57 11.61
N ALA A 133 3.04 -0.85 12.55
CA ALA A 133 3.12 -1.21 13.97
C ALA A 133 1.81 -1.85 14.45
N HIS A 134 1.00 -2.28 13.49
CA HIS A 134 -0.27 -2.99 13.74
C HIS A 134 -1.32 -2.13 14.46
N GLN A 135 -1.23 -0.84 14.24
CA GLN A 135 -2.18 0.17 14.73
C GLN A 135 -3.09 0.49 13.52
N ALA A 136 -3.12 -0.48 12.61
CA ALA A 136 -3.78 -0.45 11.31
C ALA A 136 -5.25 -0.04 11.34
N ARG A 137 -5.93 -0.32 12.44
CA ARG A 137 -7.38 -0.04 12.55
C ARG A 137 -7.71 1.44 12.27
N GLU A 138 -6.85 2.34 12.71
CA GLU A 138 -7.02 3.76 12.47
C GLU A 138 -6.87 4.07 10.97
N VAL A 139 -6.01 3.31 10.33
CA VAL A 139 -5.75 3.45 8.91
C VAL A 139 -6.96 2.93 8.14
N VAL A 140 -7.52 1.83 8.61
CA VAL A 140 -8.74 1.25 8.03
C VAL A 140 -9.88 2.25 8.16
N ARG A 141 -9.98 2.85 9.34
CA ARG A 141 -10.97 3.91 9.61
C ARG A 141 -10.79 5.07 8.63
N ARG A 142 -9.55 5.50 8.47
CA ARG A 142 -9.22 6.64 7.63
C ARG A 142 -9.54 6.30 6.16
N ALA A 143 -9.34 5.04 5.81
CA ALA A 143 -9.64 4.53 4.49
C ALA A 143 -11.15 4.58 4.25
N GLN A 144 -11.88 4.10 5.25
CA GLN A 144 -13.34 4.11 5.22
C GLN A 144 -13.87 5.52 5.08
N ALA A 145 -13.35 6.43 5.89
CA ALA A 145 -13.76 7.83 5.86
C ALA A 145 -13.42 8.49 4.51
N MET A 146 -12.37 8.01 3.88
CA MET A 146 -11.92 8.53 2.60
C MET A 146 -12.89 8.14 1.48
N ALA A 147 -13.48 6.96 1.59
CA ALA A 147 -14.35 6.48 0.53
C ALA A 147 -15.83 6.49 0.90
N TYR A 148 -16.20 5.78 1.94
CA TYR A 148 -17.60 5.64 2.31
C TYR A 148 -17.83 6.06 3.74
N MET A 3 -21.41 -34.81 -24.45
CA MET A 3 -21.51 -34.91 -23.00
C MET A 3 -22.65 -34.04 -22.50
N PRO A 4 -23.85 -34.61 -22.32
CA PRO A 4 -25.02 -33.87 -21.85
C PRO A 4 -25.08 -33.81 -20.32
N GLY A 5 -24.23 -34.56 -19.67
CA GLY A 5 -24.19 -34.59 -18.25
C GLY A 5 -22.96 -33.92 -17.72
N ARG A 6 -22.11 -34.70 -17.10
CA ARG A 6 -20.87 -34.20 -16.55
C ARG A 6 -19.90 -33.78 -17.65
N ALA A 7 -19.18 -32.71 -17.40
CA ALA A 7 -18.22 -32.17 -18.33
C ALA A 7 -17.27 -31.25 -17.58
N PRO A 8 -16.01 -31.11 -18.02
CA PRO A 8 -15.05 -30.21 -17.37
C PRO A 8 -15.37 -28.74 -17.67
N GLY A 9 -14.50 -27.86 -17.29
CA GLY A 9 -14.73 -26.47 -17.55
C GLY A 9 -13.49 -25.66 -17.41
N SER A 10 -13.21 -24.84 -18.39
CA SER A 10 -12.11 -23.92 -18.33
C SER A 10 -12.55 -22.77 -17.41
N THR A 11 -11.84 -22.57 -16.33
CA THR A 11 -12.24 -21.61 -15.34
C THR A 11 -11.83 -20.17 -15.75
N LEU A 12 -12.26 -19.20 -14.96
CA LEU A 12 -12.00 -17.81 -15.24
C LEU A 12 -10.68 -17.37 -14.64
N ALA A 13 -10.08 -16.36 -15.23
CA ALA A 13 -8.83 -15.83 -14.77
C ALA A 13 -8.98 -14.38 -14.34
N ARG A 14 -8.99 -14.15 -13.06
CA ARG A 14 -9.13 -12.81 -12.51
C ARG A 14 -7.78 -12.12 -12.37
N VAL A 15 -7.43 -11.35 -13.36
CA VAL A 15 -6.22 -10.56 -13.32
C VAL A 15 -6.55 -9.07 -13.23
N GLY A 16 -6.82 -8.64 -12.03
CA GLY A 16 -7.25 -7.29 -11.81
C GLY A 16 -6.10 -6.42 -11.40
N SER A 17 -5.14 -6.31 -12.28
CA SER A 17 -3.98 -5.53 -12.04
C SER A 17 -4.26 -4.06 -12.12
N ILE A 18 -3.93 -3.37 -11.07
CA ILE A 18 -4.08 -1.96 -11.04
C ILE A 18 -2.78 -1.35 -11.55
N PRO A 19 -2.84 -0.55 -12.64
CA PRO A 19 -1.66 0.12 -13.18
C PRO A 19 -1.03 1.05 -12.16
N ALA A 20 0.25 1.24 -12.24
CA ALA A 20 0.96 2.05 -11.30
C ALA A 20 0.83 3.50 -11.71
N GLY A 21 0.51 4.34 -10.78
CA GLY A 21 0.34 5.71 -11.05
C GLY A 21 1.51 6.54 -10.65
N ASP A 22 1.31 7.48 -9.79
CA ASP A 22 2.34 8.42 -9.46
C ASP A 22 2.68 8.34 -7.99
N ASP A 23 3.95 8.49 -7.69
CA ASP A 23 4.44 8.45 -6.30
C ASP A 23 4.00 9.70 -5.53
N VAL A 24 3.57 9.51 -4.29
CA VAL A 24 3.18 10.62 -3.44
C VAL A 24 4.14 10.71 -2.23
N LEU A 25 4.91 9.66 -2.03
CA LEU A 25 5.96 9.67 -1.04
C LEU A 25 7.13 10.42 -1.61
N ASP A 26 8.16 10.63 -0.86
CA ASP A 26 9.30 11.26 -1.48
C ASP A 26 10.10 10.14 -2.09
N PRO A 27 10.48 10.25 -3.38
CA PRO A 27 11.28 9.23 -4.08
C PRO A 27 12.55 8.79 -3.31
N ASP A 28 13.02 9.63 -2.39
CA ASP A 28 14.19 9.32 -1.58
C ASP A 28 13.86 8.38 -0.41
N GLU A 29 12.58 8.31 -0.03
CA GLU A 29 12.16 7.44 1.09
C GLU A 29 12.34 5.96 0.72
N PRO A 30 12.54 5.09 1.74
CA PRO A 30 12.76 3.64 1.52
C PRO A 30 11.70 2.98 0.65
N THR A 31 12.12 2.54 -0.50
CA THR A 31 11.27 1.90 -1.44
C THR A 31 11.84 0.56 -1.85
N TYR A 32 11.13 -0.09 -2.69
CA TYR A 32 11.53 -1.28 -3.36
C TYR A 32 11.26 -1.06 -4.81
N ASP A 33 11.88 -1.83 -5.64
CA ASP A 33 11.81 -1.67 -7.08
C ASP A 33 11.56 -3.04 -7.57
N LEU A 34 11.10 -3.20 -8.81
CA LEU A 34 10.72 -4.51 -9.36
C LEU A 34 11.72 -5.67 -9.02
N PRO A 35 13.03 -5.56 -9.36
CA PRO A 35 14.00 -6.61 -9.01
C PRO A 35 14.15 -6.76 -7.48
N ARG A 36 14.09 -5.65 -6.77
CA ARG A 36 14.27 -5.62 -5.33
C ARG A 36 13.09 -6.28 -4.61
N VAL A 37 11.88 -6.12 -5.16
CA VAL A 37 10.70 -6.74 -4.57
C VAL A 37 10.78 -8.23 -4.77
N ALA A 38 11.22 -8.62 -5.96
CA ALA A 38 11.44 -9.99 -6.30
C ALA A 38 12.46 -10.60 -5.34
N GLU A 39 13.48 -9.81 -5.01
CA GLU A 39 14.53 -10.19 -4.08
C GLU A 39 13.96 -10.41 -2.68
N LEU A 40 13.13 -9.47 -2.25
CA LEU A 40 12.56 -9.46 -0.91
C LEU A 40 11.64 -10.65 -0.70
N LEU A 41 10.77 -10.88 -1.65
CA LEU A 41 9.81 -11.95 -1.55
C LEU A 41 10.40 -13.29 -1.93
N GLY A 42 11.53 -13.25 -2.62
CA GLY A 42 12.19 -14.45 -3.06
C GLY A 42 11.46 -15.08 -4.21
N VAL A 43 10.82 -14.25 -4.99
CA VAL A 43 10.02 -14.68 -6.11
C VAL A 43 10.54 -14.03 -7.40
N PRO A 44 10.17 -14.55 -8.58
CA PRO A 44 10.49 -13.88 -9.83
C PRO A 44 9.57 -12.66 -10.07
N VAL A 45 9.95 -11.81 -11.01
CA VAL A 45 9.19 -10.60 -11.37
C VAL A 45 7.76 -10.98 -11.79
N SER A 46 7.63 -12.15 -12.40
CA SER A 46 6.34 -12.66 -12.83
C SER A 46 5.35 -12.76 -11.64
N LYS A 47 5.82 -13.25 -10.48
CA LYS A 47 4.95 -13.33 -9.32
C LYS A 47 4.64 -11.96 -8.78
N VAL A 48 5.59 -11.04 -8.91
CA VAL A 48 5.37 -9.64 -8.51
C VAL A 48 4.24 -9.05 -9.34
N ALA A 49 4.25 -9.35 -10.63
CA ALA A 49 3.20 -8.93 -11.53
C ALA A 49 1.87 -9.55 -11.09
N GLN A 50 1.92 -10.78 -10.62
CA GLN A 50 0.73 -11.50 -10.14
C GLN A 50 0.17 -10.86 -8.88
N GLN A 51 1.05 -10.36 -8.02
CA GLN A 51 0.64 -9.69 -6.77
C GLN A 51 -0.25 -8.52 -7.15
N LEU A 52 0.21 -7.77 -8.13
CA LEU A 52 -0.50 -6.64 -8.69
C LEU A 52 -1.82 -7.07 -9.33
N ARG A 53 -1.79 -8.23 -9.99
CA ARG A 53 -2.98 -8.80 -10.65
C ARG A 53 -4.01 -9.32 -9.65
N GLU A 54 -3.57 -9.62 -8.45
CA GLU A 54 -4.49 -10.07 -7.43
C GLU A 54 -5.11 -8.86 -6.73
N GLY A 55 -4.54 -7.68 -6.96
CA GLY A 55 -4.98 -6.49 -6.29
C GLY A 55 -4.66 -6.57 -4.82
N HIS A 56 -3.63 -7.35 -4.51
CA HIS A 56 -3.27 -7.66 -3.14
C HIS A 56 -2.13 -6.73 -2.71
N LEU A 57 -1.60 -6.02 -3.66
CA LEU A 57 -0.52 -5.10 -3.45
C LEU A 57 -0.57 -4.12 -4.61
N VAL A 58 -0.10 -2.90 -4.42
CA VAL A 58 -0.14 -1.93 -5.47
C VAL A 58 1.22 -1.24 -5.59
N ALA A 59 1.50 -0.68 -6.74
CA ALA A 59 2.76 -0.07 -7.02
C ALA A 59 2.55 1.32 -7.58
N VAL A 60 3.59 2.11 -7.55
CA VAL A 60 3.60 3.47 -8.06
C VAL A 60 4.83 3.67 -8.90
N ARG A 61 4.88 4.73 -9.63
CA ARG A 61 6.01 4.99 -10.47
C ARG A 61 6.79 6.15 -9.92
N ARG A 62 8.10 6.04 -9.95
CA ARG A 62 9.00 7.12 -9.60
C ARG A 62 9.99 7.28 -10.73
N ALA A 63 10.00 8.47 -11.34
CA ALA A 63 10.91 8.82 -12.45
C ALA A 63 10.66 7.92 -13.68
N GLY A 64 9.52 7.27 -13.70
CA GLY A 64 9.19 6.38 -14.79
C GLY A 64 9.38 4.92 -14.43
N GLY A 65 9.94 4.66 -13.26
CA GLY A 65 10.16 3.30 -12.82
C GLY A 65 9.06 2.83 -11.93
N VAL A 66 8.81 1.55 -11.92
CA VAL A 66 7.74 1.00 -11.13
C VAL A 66 8.32 0.50 -9.82
N VAL A 67 7.82 1.05 -8.75
CA VAL A 67 8.32 0.79 -7.43
C VAL A 67 7.19 0.54 -6.46
N ILE A 68 7.52 -0.08 -5.38
CA ILE A 68 6.61 -0.36 -4.32
C ILE A 68 7.23 0.17 -3.04
N PRO A 69 6.50 0.97 -2.25
CA PRO A 69 7.02 1.49 -0.99
C PRO A 69 7.40 0.36 -0.02
N GLN A 70 8.57 0.48 0.58
CA GLN A 70 9.09 -0.50 1.53
C GLN A 70 8.19 -0.62 2.75
N VAL A 71 7.49 0.45 3.02
CA VAL A 71 6.58 0.54 4.13
C VAL A 71 5.30 -0.33 3.91
N PHE A 72 5.18 -0.91 2.72
CA PHE A 72 4.08 -1.81 2.41
C PHE A 72 4.42 -3.23 2.82
N PHE A 73 5.63 -3.40 3.29
CA PHE A 73 6.10 -4.67 3.73
C PHE A 73 6.49 -4.59 5.17
N THR A 74 6.33 -5.66 5.87
CA THR A 74 6.67 -5.72 7.25
C THR A 74 8.16 -6.01 7.39
N ASN A 75 8.64 -6.00 8.63
CA ASN A 75 10.05 -6.27 8.92
C ASN A 75 10.35 -7.74 8.61
N SER A 76 9.29 -8.53 8.52
CA SER A 76 9.37 -9.95 8.20
C SER A 76 9.57 -10.17 6.69
N GLY A 77 9.48 -9.08 5.92
CA GLY A 77 9.65 -9.17 4.49
C GLY A 77 8.41 -9.72 3.82
N GLN A 78 7.28 -9.49 4.44
CA GLN A 78 6.00 -9.94 3.93
C GLN A 78 5.08 -8.76 3.77
N VAL A 79 4.00 -8.94 3.06
CA VAL A 79 3.01 -7.90 2.87
C VAL A 79 2.20 -7.77 4.16
N VAL A 80 1.85 -6.55 4.52
CA VAL A 80 1.02 -6.32 5.70
C VAL A 80 -0.34 -6.99 5.47
N LYS A 81 -0.81 -7.76 6.43
CA LYS A 81 -2.03 -8.55 6.25
C LYS A 81 -3.31 -7.70 6.07
N SER A 82 -3.30 -6.49 6.57
CA SER A 82 -4.44 -5.62 6.44
C SER A 82 -4.35 -4.71 5.19
N LEU A 83 -3.26 -4.85 4.46
CA LEU A 83 -3.00 -4.04 3.29
C LEU A 83 -4.00 -4.32 2.15
N PRO A 84 -4.25 -5.62 1.75
CA PRO A 84 -5.25 -5.92 0.72
C PRO A 84 -6.64 -5.40 1.13
N GLY A 85 -6.88 -5.34 2.44
CA GLY A 85 -8.14 -4.85 2.95
C GLY A 85 -8.34 -3.37 2.64
N LEU A 86 -7.30 -2.57 2.82
CA LEU A 86 -7.39 -1.13 2.56
C LEU A 86 -7.58 -0.91 1.07
N LEU A 87 -6.88 -1.68 0.28
CA LEU A 87 -6.98 -1.57 -1.17
C LEU A 87 -8.38 -1.92 -1.63
N THR A 88 -8.96 -2.90 -1.00
CA THR A 88 -10.29 -3.37 -1.34
C THR A 88 -11.38 -2.31 -1.03
N ILE A 89 -11.28 -1.67 0.13
CA ILE A 89 -12.25 -0.64 0.50
C ILE A 89 -12.10 0.60 -0.41
N LEU A 90 -10.87 1.00 -0.68
CA LEU A 90 -10.61 2.11 -1.59
C LEU A 90 -11.01 1.78 -3.03
N HIS A 91 -10.85 0.52 -3.43
CA HIS A 91 -11.26 0.04 -4.75
C HIS A 91 -12.78 0.25 -4.92
N ASP A 92 -13.52 0.09 -3.82
CA ASP A 92 -14.99 0.34 -3.83
C ASP A 92 -15.28 1.81 -4.09
N GLY A 93 -14.38 2.65 -3.62
CA GLY A 93 -14.54 4.07 -3.79
C GLY A 93 -14.00 4.57 -5.11
N GLY A 94 -13.31 3.70 -5.82
CA GLY A 94 -12.76 4.05 -7.11
C GLY A 94 -11.50 4.88 -6.99
N TYR A 95 -10.71 4.60 -6.00
CA TYR A 95 -9.48 5.32 -5.80
C TYR A 95 -8.31 4.57 -6.38
N ARG A 96 -7.49 5.27 -7.12
CA ARG A 96 -6.29 4.70 -7.70
C ARG A 96 -5.17 4.74 -6.66
N ASP A 97 -4.08 4.09 -7.00
CA ASP A 97 -2.88 3.92 -6.16
C ASP A 97 -2.35 5.24 -5.63
N THR A 98 -2.35 6.24 -6.49
CA THR A 98 -1.86 7.53 -6.17
C THR A 98 -2.68 8.16 -5.04
N GLU A 99 -3.98 7.97 -5.10
CA GLU A 99 -4.87 8.45 -4.07
C GLU A 99 -4.62 7.71 -2.76
N ILE A 100 -4.30 6.42 -2.87
CA ILE A 100 -4.01 5.58 -1.69
C ILE A 100 -2.79 6.15 -0.97
N MET A 101 -1.76 6.41 -1.76
CA MET A 101 -0.49 6.94 -1.24
C MET A 101 -0.66 8.36 -0.75
N ARG A 102 -1.67 9.03 -1.26
CA ARG A 102 -1.96 10.41 -0.93
C ARG A 102 -2.20 10.56 0.56
N TRP A 103 -3.23 9.94 1.07
CA TRP A 103 -3.50 10.00 2.49
C TRP A 103 -2.46 9.23 3.34
N LEU A 104 -1.97 8.12 2.81
CA LEU A 104 -1.00 7.26 3.53
C LEU A 104 0.27 7.97 3.95
N PHE A 105 0.80 8.79 3.08
CA PHE A 105 2.07 9.41 3.38
C PHE A 105 1.93 10.80 3.94
N THR A 106 0.74 11.30 3.97
CA THR A 106 0.50 12.62 4.48
C THR A 106 0.29 12.57 6.00
N PRO A 107 1.13 13.29 6.77
CA PRO A 107 0.92 13.40 8.21
C PRO A 107 -0.39 14.14 8.48
N ASP A 108 -1.23 13.57 9.30
CA ASP A 108 -2.53 14.17 9.54
C ASP A 108 -2.56 14.83 10.90
N PRO A 109 -2.82 16.15 10.95
CA PRO A 109 -2.86 16.92 12.21
C PRO A 109 -3.92 16.44 13.19
N SER A 110 -4.93 15.77 12.67
CA SER A 110 -6.02 15.29 13.46
C SER A 110 -5.80 13.83 13.82
N LEU A 111 -4.69 13.28 13.42
CA LEU A 111 -4.35 11.92 13.72
C LEU A 111 -3.22 11.90 14.72
N THR A 112 -3.40 11.17 15.77
CA THR A 112 -2.42 11.05 16.79
C THR A 112 -2.22 9.56 17.09
N ILE A 113 -1.06 9.07 16.78
CA ILE A 113 -0.76 7.66 16.84
C ILE A 113 0.37 7.39 17.80
N THR A 114 0.32 6.26 18.41
CA THR A 114 1.33 5.83 19.32
C THR A 114 2.38 5.07 18.53
N ARG A 115 3.61 5.38 18.76
CA ARG A 115 4.67 4.80 17.98
C ARG A 115 5.02 3.42 18.53
N ASP A 116 5.51 2.55 17.66
CA ASP A 116 5.92 1.21 18.06
C ASP A 116 7.05 1.29 19.06
N GLY A 117 6.78 0.82 20.25
CA GLY A 117 7.77 0.84 21.30
C GLY A 117 7.73 2.11 22.09
N SER A 118 6.62 2.80 21.99
CA SER A 118 6.42 4.03 22.69
C SER A 118 4.96 4.12 23.15
N ARG A 119 4.77 4.46 24.40
CA ARG A 119 3.43 4.60 24.93
C ARG A 119 2.87 5.97 24.62
N ASP A 120 3.77 6.92 24.37
CA ASP A 120 3.38 8.28 24.01
C ASP A 120 2.89 8.33 22.57
N ALA A 121 1.97 9.23 22.31
CA ALA A 121 1.41 9.35 21.01
C ALA A 121 1.91 10.61 20.32
N VAL A 122 2.14 10.49 19.06
CA VAL A 122 2.63 11.56 18.24
C VAL A 122 1.50 12.04 17.35
N SER A 123 1.24 13.31 17.39
CA SER A 123 0.24 13.89 16.54
C SER A 123 0.90 14.13 15.19
N ASN A 124 0.11 14.17 14.12
CA ASN A 124 0.60 14.33 12.75
C ASN A 124 1.34 13.10 12.32
N ALA A 125 0.89 11.95 12.74
CA ALA A 125 1.50 10.73 12.32
C ALA A 125 0.99 10.40 10.94
N ARG A 126 1.77 9.71 10.17
CA ARG A 126 1.36 9.30 8.87
C ARG A 126 0.65 7.98 9.07
N PRO A 127 -0.44 7.69 8.34
CA PRO A 127 -1.11 6.37 8.42
C PRO A 127 -0.11 5.21 8.22
N VAL A 128 0.97 5.47 7.49
CA VAL A 128 2.06 4.53 7.31
C VAL A 128 2.73 4.22 8.66
N ASP A 129 2.96 5.24 9.48
CA ASP A 129 3.58 5.05 10.82
C ASP A 129 2.71 4.14 11.64
N ALA A 130 1.42 4.33 11.48
CA ALA A 130 0.42 3.60 12.18
C ALA A 130 0.39 2.12 11.80
N LEU A 131 0.62 1.80 10.53
CA LEU A 131 0.56 0.40 10.11
C LEU A 131 1.72 -0.40 10.69
N HIS A 132 2.92 0.21 10.76
CA HIS A 132 4.09 -0.45 11.34
C HIS A 132 3.90 -0.59 12.84
N ALA A 133 3.07 0.27 13.38
CA ALA A 133 2.78 0.27 14.80
C ALA A 133 1.57 -0.61 15.13
N HIS A 134 1.07 -1.32 14.11
CA HIS A 134 -0.09 -2.21 14.21
C HIS A 134 -1.35 -1.48 14.67
N GLN A 135 -1.40 -0.22 14.32
CA GLN A 135 -2.52 0.66 14.56
C GLN A 135 -3.35 0.68 13.29
N ALA A 136 -3.18 -0.39 12.51
CA ALA A 136 -3.81 -0.60 11.21
C ALA A 136 -5.32 -0.45 11.24
N ARG A 137 -5.92 -0.74 12.39
CA ARG A 137 -7.35 -0.59 12.58
C ARG A 137 -7.77 0.86 12.27
N GLU A 138 -6.96 1.80 12.74
CA GLU A 138 -7.20 3.21 12.54
C GLU A 138 -6.87 3.62 11.11
N VAL A 139 -5.92 2.91 10.50
CA VAL A 139 -5.59 3.15 9.10
C VAL A 139 -6.79 2.81 8.24
N VAL A 140 -7.42 1.67 8.52
CA VAL A 140 -8.63 1.24 7.83
C VAL A 140 -9.75 2.25 8.10
N ARG A 141 -9.85 2.70 9.34
CA ARG A 141 -10.84 3.69 9.76
C ARG A 141 -10.68 4.97 8.91
N ARG A 142 -9.44 5.40 8.75
CA ARG A 142 -9.13 6.57 7.95
C ARG A 142 -9.36 6.31 6.47
N ALA A 143 -9.06 5.10 6.03
CA ALA A 143 -9.30 4.66 4.66
C ALA A 143 -10.78 4.77 4.31
N GLN A 144 -11.61 4.33 5.24
CA GLN A 144 -13.06 4.42 5.10
C GLN A 144 -13.50 5.87 5.07
N ALA A 145 -12.86 6.69 5.89
CA ALA A 145 -13.16 8.11 5.96
C ALA A 145 -12.71 8.86 4.71
N MET A 146 -11.82 8.25 3.94
CA MET A 146 -11.38 8.83 2.67
C MET A 146 -12.31 8.43 1.55
N ALA A 147 -12.89 7.26 1.68
CA ALA A 147 -13.80 6.79 0.67
C ALA A 147 -15.19 7.34 0.88
N TYR A 148 -15.64 7.32 2.10
CA TYR A 148 -16.96 7.79 2.43
C TYR A 148 -16.82 9.06 3.26
N MET A 3 16.03 -12.06 10.33
CA MET A 3 16.23 -11.32 9.08
C MET A 3 16.26 -12.31 7.95
N PRO A 4 15.55 -12.06 6.85
CA PRO A 4 15.63 -12.91 5.67
C PRO A 4 17.00 -12.76 5.02
N GLY A 5 17.75 -13.85 4.93
CA GLY A 5 19.11 -13.82 4.38
C GLY A 5 19.14 -13.72 2.86
N ARG A 6 18.52 -12.69 2.33
CA ARG A 6 18.47 -12.43 0.89
C ARG A 6 19.81 -11.90 0.42
N ALA A 7 20.19 -12.25 -0.78
CA ALA A 7 21.38 -11.71 -1.39
C ALA A 7 20.94 -10.89 -2.60
N PRO A 8 20.78 -9.56 -2.42
CA PRO A 8 20.27 -8.67 -3.47
C PRO A 8 21.14 -8.61 -4.72
N GLY A 9 20.64 -9.21 -5.76
CA GLY A 9 21.29 -9.19 -7.05
C GLY A 9 20.38 -8.50 -8.01
N SER A 10 19.49 -7.73 -7.42
CA SER A 10 18.47 -7.01 -8.11
C SER A 10 19.09 -6.05 -9.12
N THR A 11 18.83 -6.32 -10.35
CA THR A 11 19.33 -5.54 -11.43
C THR A 11 18.10 -4.97 -12.13
N LEU A 12 18.18 -3.73 -12.55
CA LEU A 12 17.03 -3.04 -13.11
C LEU A 12 16.67 -3.60 -14.48
N ALA A 13 15.72 -4.49 -14.45
CA ALA A 13 15.22 -5.15 -15.61
C ALA A 13 13.94 -4.48 -16.04
N ARG A 14 13.73 -4.39 -17.33
CA ARG A 14 12.54 -3.76 -17.84
C ARG A 14 11.39 -4.75 -17.88
N VAL A 15 10.68 -4.80 -16.80
CA VAL A 15 9.57 -5.72 -16.61
C VAL A 15 8.50 -5.01 -15.78
N GLY A 16 8.53 -3.70 -15.85
CA GLY A 16 7.64 -2.88 -15.07
C GLY A 16 6.33 -2.63 -15.77
N SER A 17 5.72 -3.67 -16.26
CA SER A 17 4.47 -3.61 -16.99
C SER A 17 3.28 -3.72 -16.02
N ILE A 18 3.32 -2.91 -15.01
CA ILE A 18 2.25 -2.80 -14.03
C ILE A 18 1.80 -1.35 -14.06
N PRO A 19 0.49 -1.06 -14.09
CA PRO A 19 0.03 0.32 -14.12
C PRO A 19 0.39 1.05 -12.83
N ALA A 20 0.92 2.23 -12.96
CA ALA A 20 1.34 3.03 -11.84
C ALA A 20 0.82 4.44 -11.99
N GLY A 21 0.49 5.07 -10.89
CA GLY A 21 0.07 6.44 -10.95
C GLY A 21 1.20 7.39 -10.63
N ASP A 22 0.94 8.27 -9.71
CA ASP A 22 1.86 9.35 -9.35
C ASP A 22 2.44 9.06 -7.96
N ASP A 23 3.66 9.44 -7.73
CA ASP A 23 4.33 9.15 -6.46
C ASP A 23 4.03 10.22 -5.39
N VAL A 24 3.54 9.77 -4.24
CA VAL A 24 3.24 10.69 -3.13
C VAL A 24 4.39 10.71 -2.09
N LEU A 25 5.08 9.60 -1.95
CA LEU A 25 6.20 9.52 -1.02
C LEU A 25 7.41 10.34 -1.45
N ASP A 26 8.38 10.46 -0.59
CA ASP A 26 9.56 11.27 -0.86
C ASP A 26 10.60 10.47 -1.63
N PRO A 27 11.28 11.09 -2.63
CA PRO A 27 12.30 10.43 -3.47
C PRO A 27 13.41 9.67 -2.70
N ASP A 28 13.66 10.06 -1.46
CA ASP A 28 14.71 9.40 -0.68
C ASP A 28 14.20 8.15 0.00
N GLU A 29 12.90 8.09 0.24
CA GLU A 29 12.30 6.98 0.95
C GLU A 29 12.49 5.67 0.18
N PRO A 30 12.93 4.62 0.89
CA PRO A 30 13.26 3.33 0.28
C PRO A 30 12.06 2.64 -0.36
N THR A 31 12.31 2.03 -1.46
CA THR A 31 11.31 1.37 -2.21
C THR A 31 11.81 0.03 -2.71
N TYR A 32 10.93 -0.70 -3.29
CA TYR A 32 11.22 -1.95 -3.93
C TYR A 32 10.73 -1.84 -5.35
N ASP A 33 11.22 -2.63 -6.21
CA ASP A 33 10.75 -2.66 -7.57
C ASP A 33 10.64 -4.12 -7.94
N LEU A 34 10.10 -4.41 -9.11
CA LEU A 34 9.84 -5.79 -9.57
C LEU A 34 10.90 -6.86 -9.16
N PRO A 35 12.20 -6.74 -9.58
CA PRO A 35 13.22 -7.71 -9.19
C PRO A 35 13.53 -7.67 -7.67
N ARG A 36 13.46 -6.48 -7.07
CA ARG A 36 13.77 -6.32 -5.65
C ARG A 36 12.68 -6.96 -4.78
N VAL A 37 11.42 -6.89 -5.23
CA VAL A 37 10.32 -7.52 -4.48
C VAL A 37 10.48 -9.02 -4.55
N ALA A 38 10.83 -9.49 -5.73
CA ALA A 38 11.06 -10.91 -5.98
C ALA A 38 12.20 -11.40 -5.08
N GLU A 39 13.20 -10.55 -4.94
CA GLU A 39 14.38 -10.77 -4.12
C GLU A 39 13.96 -10.89 -2.64
N LEU A 40 13.10 -9.98 -2.22
CA LEU A 40 12.67 -9.88 -0.84
C LEU A 40 11.77 -11.04 -0.42
N LEU A 41 10.75 -11.31 -1.22
CA LEU A 41 9.77 -12.32 -0.87
C LEU A 41 10.25 -13.71 -1.22
N GLY A 42 11.22 -13.79 -2.09
CA GLY A 42 11.74 -15.06 -2.51
C GLY A 42 10.83 -15.72 -3.52
N VAL A 43 10.10 -14.89 -4.25
CA VAL A 43 9.14 -15.38 -5.25
C VAL A 43 9.52 -14.81 -6.62
N PRO A 44 9.08 -15.39 -7.74
CA PRO A 44 9.41 -14.87 -9.05
C PRO A 44 8.71 -13.54 -9.36
N VAL A 45 9.30 -12.78 -10.26
CA VAL A 45 8.79 -11.46 -10.66
C VAL A 45 7.36 -11.56 -11.22
N SER A 46 7.09 -12.63 -11.94
CA SER A 46 5.78 -12.85 -12.50
C SER A 46 4.72 -12.98 -11.39
N LYS A 47 5.10 -13.60 -10.24
CA LYS A 47 4.14 -13.73 -9.15
C LYS A 47 3.83 -12.35 -8.63
N VAL A 48 4.87 -11.53 -8.54
CA VAL A 48 4.76 -10.17 -8.06
C VAL A 48 3.81 -9.35 -8.96
N ALA A 49 3.93 -9.57 -10.26
CA ALA A 49 3.09 -8.91 -11.24
C ALA A 49 1.62 -9.24 -10.98
N GLN A 50 1.36 -10.49 -10.66
CA GLN A 50 0.03 -10.94 -10.32
C GLN A 50 -0.45 -10.36 -9.00
N GLN A 51 0.44 -10.32 -8.00
CA GLN A 51 0.09 -9.79 -6.66
C GLN A 51 -0.38 -8.35 -6.81
N LEU A 52 0.36 -7.58 -7.58
CA LEU A 52 0.08 -6.18 -7.82
C LEU A 52 -1.26 -5.99 -8.50
N ARG A 53 -1.53 -6.80 -9.49
CA ARG A 53 -2.77 -6.71 -10.23
C ARG A 53 -3.98 -7.17 -9.41
N GLU A 54 -3.75 -7.97 -8.38
CA GLU A 54 -4.86 -8.44 -7.54
C GLU A 54 -5.14 -7.46 -6.44
N GLY A 55 -4.30 -6.45 -6.32
CA GLY A 55 -4.46 -5.47 -5.27
C GLY A 55 -3.95 -6.01 -3.95
N HIS A 56 -2.84 -6.71 -4.02
CA HIS A 56 -2.19 -7.24 -2.83
C HIS A 56 -1.25 -6.16 -2.28
N LEU A 57 -0.75 -5.35 -3.20
CA LEU A 57 0.10 -4.22 -2.92
C LEU A 57 0.05 -3.31 -4.15
N VAL A 58 0.55 -2.09 -4.07
CA VAL A 58 0.43 -1.15 -5.19
C VAL A 58 1.77 -0.56 -5.56
N ALA A 59 1.83 -0.02 -6.77
CA ALA A 59 3.04 0.54 -7.33
C ALA A 59 2.77 1.93 -7.87
N VAL A 60 3.76 2.78 -7.80
CA VAL A 60 3.69 4.13 -8.33
C VAL A 60 4.90 4.41 -9.20
N ARG A 61 4.82 5.43 -10.01
CA ARG A 61 5.87 5.74 -10.94
C ARG A 61 6.56 7.02 -10.52
N ARG A 62 7.84 6.93 -10.21
CA ARG A 62 8.60 8.10 -9.90
C ARG A 62 9.81 8.17 -10.80
N ALA A 63 9.92 9.30 -11.50
CA ALA A 63 11.01 9.57 -12.44
C ALA A 63 11.02 8.54 -13.57
N GLY A 64 9.85 7.99 -13.86
CA GLY A 64 9.70 6.99 -14.90
C GLY A 64 9.83 5.57 -14.39
N GLY A 65 10.33 5.41 -13.19
CA GLY A 65 10.51 4.10 -12.64
C GLY A 65 9.33 3.70 -11.82
N VAL A 66 8.89 2.48 -11.95
CA VAL A 66 7.78 2.00 -11.19
C VAL A 66 8.28 1.26 -9.97
N VAL A 67 7.88 1.75 -8.81
CA VAL A 67 8.35 1.25 -7.55
C VAL A 67 7.22 0.99 -6.58
N ILE A 68 7.52 0.17 -5.62
CA ILE A 68 6.64 -0.26 -4.57
C ILE A 68 7.16 0.37 -3.27
N PRO A 69 6.31 0.98 -2.46
CA PRO A 69 6.73 1.55 -1.19
C PRO A 69 7.18 0.47 -0.19
N GLN A 70 8.43 0.52 0.24
CA GLN A 70 9.00 -0.44 1.19
C GLN A 70 8.28 -0.36 2.53
N VAL A 71 7.71 0.79 2.81
CA VAL A 71 6.98 1.03 4.04
C VAL A 71 5.63 0.27 4.08
N PHE A 72 5.27 -0.38 2.96
CA PHE A 72 4.07 -1.24 2.89
C PHE A 72 4.41 -2.64 3.37
N PHE A 73 5.66 -2.84 3.67
CA PHE A 73 6.14 -4.09 4.16
C PHE A 73 6.55 -3.91 5.59
N THR A 74 6.63 -4.99 6.29
CA THR A 74 7.09 -4.96 7.65
C THR A 74 8.61 -5.00 7.64
N ASN A 75 9.22 -4.70 8.77
CA ASN A 75 10.69 -4.74 8.89
C ASN A 75 11.18 -6.19 8.77
N SER A 76 10.25 -7.12 8.93
CA SER A 76 10.53 -8.52 8.82
C SER A 76 10.62 -8.95 7.33
N GLY A 77 10.21 -8.07 6.43
CA GLY A 77 10.27 -8.38 5.02
C GLY A 77 9.02 -9.05 4.51
N GLN A 78 7.99 -9.04 5.31
CA GLN A 78 6.71 -9.61 4.93
C GLN A 78 5.72 -8.51 4.64
N VAL A 79 4.82 -8.76 3.71
CA VAL A 79 3.71 -7.87 3.41
C VAL A 79 2.84 -7.77 4.66
N VAL A 80 2.42 -6.56 5.00
CA VAL A 80 1.55 -6.33 6.15
C VAL A 80 0.25 -7.13 5.98
N LYS A 81 -0.13 -7.82 7.04
CA LYS A 81 -1.29 -8.73 7.05
C LYS A 81 -2.61 -8.08 6.58
N SER A 82 -2.73 -6.78 6.75
CA SER A 82 -3.96 -6.12 6.38
C SER A 82 -3.73 -5.15 5.20
N LEU A 83 -2.63 -5.35 4.47
CA LEU A 83 -2.28 -4.49 3.33
C LEU A 83 -3.35 -4.59 2.21
N PRO A 84 -3.66 -5.84 1.67
CA PRO A 84 -4.69 -5.99 0.62
C PRO A 84 -6.07 -5.52 1.12
N GLY A 85 -6.29 -5.62 2.42
CA GLY A 85 -7.54 -5.22 3.01
C GLY A 85 -7.80 -3.74 2.87
N LEU A 86 -6.78 -2.92 3.13
CA LEU A 86 -6.93 -1.48 3.05
C LEU A 86 -7.12 -1.08 1.59
N LEU A 87 -6.37 -1.73 0.72
CA LEU A 87 -6.43 -1.46 -0.70
C LEU A 87 -7.80 -1.74 -1.24
N THR A 88 -8.35 -2.86 -0.84
CA THR A 88 -9.64 -3.32 -1.34
C THR A 88 -10.82 -2.34 -1.02
N ILE A 89 -10.81 -1.72 0.15
CA ILE A 89 -11.88 -0.79 0.47
C ILE A 89 -11.81 0.47 -0.43
N LEU A 90 -10.62 1.03 -0.61
CA LEU A 90 -10.45 2.17 -1.53
C LEU A 90 -10.67 1.76 -2.98
N HIS A 91 -10.25 0.54 -3.28
CA HIS A 91 -10.37 -0.04 -4.61
C HIS A 91 -11.85 -0.11 -5.00
N ASP A 92 -12.69 -0.46 -4.03
CA ASP A 92 -14.15 -0.53 -4.22
C ASP A 92 -14.71 0.88 -4.45
N GLY A 93 -14.05 1.86 -3.84
CA GLY A 93 -14.42 3.25 -3.98
C GLY A 93 -13.89 3.85 -5.28
N GLY A 94 -13.15 3.06 -6.04
CA GLY A 94 -12.64 3.47 -7.33
C GLY A 94 -11.40 4.34 -7.22
N TYR A 95 -10.70 4.24 -6.12
CA TYR A 95 -9.51 5.04 -5.92
C TYR A 95 -8.30 4.36 -6.50
N ARG A 96 -7.48 5.13 -7.19
CA ARG A 96 -6.24 4.62 -7.77
C ARG A 96 -5.16 4.47 -6.70
N ASP A 97 -4.07 3.83 -7.09
CA ASP A 97 -2.90 3.56 -6.23
C ASP A 97 -2.34 4.83 -5.60
N THR A 98 -2.31 5.88 -6.38
CA THR A 98 -1.83 7.15 -5.98
C THR A 98 -2.68 7.72 -4.84
N GLU A 99 -3.99 7.57 -4.94
CA GLU A 99 -4.89 8.10 -3.94
C GLU A 99 -4.72 7.37 -2.64
N ILE A 100 -4.40 6.07 -2.69
CA ILE A 100 -4.23 5.29 -1.46
C ILE A 100 -3.08 5.90 -0.68
N MET A 101 -1.97 6.11 -1.38
CA MET A 101 -0.80 6.66 -0.73
C MET A 101 -0.92 8.14 -0.44
N ARG A 102 -1.91 8.78 -1.04
CA ARG A 102 -2.16 10.20 -0.87
C ARG A 102 -2.42 10.49 0.61
N TRP A 103 -3.50 9.98 1.14
CA TRP A 103 -3.82 10.15 2.55
C TRP A 103 -2.85 9.40 3.47
N LEU A 104 -2.36 8.25 2.99
CA LEU A 104 -1.45 7.39 3.75
C LEU A 104 -0.15 8.08 4.15
N PHE A 105 0.41 8.88 3.25
CA PHE A 105 1.67 9.55 3.55
C PHE A 105 1.46 10.93 4.12
N THR A 106 0.22 11.34 4.21
CA THR A 106 -0.12 12.60 4.81
C THR A 106 -0.32 12.40 6.33
N PRO A 107 0.50 13.05 7.17
CA PRO A 107 0.37 12.93 8.63
C PRO A 107 -0.92 13.56 9.18
N ASP A 108 -1.52 12.90 10.15
CA ASP A 108 -2.71 13.41 10.81
C ASP A 108 -2.30 14.06 12.10
N PRO A 109 -2.57 15.37 12.26
CA PRO A 109 -2.14 16.15 13.44
C PRO A 109 -2.69 15.62 14.77
N SER A 110 -3.78 14.90 14.71
CA SER A 110 -4.41 14.39 15.89
C SER A 110 -4.15 12.90 16.10
N LEU A 111 -3.32 12.32 15.27
CA LEU A 111 -3.01 10.91 15.36
C LEU A 111 -1.63 10.72 15.96
N THR A 112 -1.53 9.79 16.87
CA THR A 112 -0.28 9.48 17.52
C THR A 112 0.06 8.03 17.21
N ILE A 113 1.15 7.84 16.53
CA ILE A 113 1.55 6.52 16.09
C ILE A 113 2.95 6.25 16.57
N THR A 114 3.23 5.01 16.81
CA THR A 114 4.52 4.57 17.20
C THR A 114 5.12 3.88 15.98
N ARG A 115 6.29 4.28 15.56
CA ARG A 115 6.86 3.63 14.42
C ARG A 115 7.50 2.33 14.84
N ASP A 116 7.07 1.26 14.22
CA ASP A 116 7.44 -0.09 14.59
C ASP A 116 8.94 -0.30 14.56
N GLY A 117 9.44 -0.75 15.68
CA GLY A 117 10.86 -0.90 15.88
C GLY A 117 11.29 0.02 16.99
N SER A 118 10.53 1.08 17.15
CA SER A 118 10.74 2.06 18.13
C SER A 118 9.49 2.10 19.01
N ARG A 119 9.68 2.27 20.29
CA ARG A 119 8.53 2.40 21.17
C ARG A 119 8.17 3.87 21.33
N ASP A 120 8.99 4.71 20.74
CA ASP A 120 8.81 6.14 20.80
C ASP A 120 7.68 6.56 19.91
N ALA A 121 6.85 7.40 20.43
CA ALA A 121 5.64 7.80 19.76
C ALA A 121 5.83 9.07 18.97
N VAL A 122 5.17 9.14 17.85
CA VAL A 122 5.18 10.29 16.99
C VAL A 122 3.76 10.84 16.94
N SER A 123 3.60 12.04 17.38
CA SER A 123 2.34 12.71 17.27
C SER A 123 2.36 13.43 15.94
N ASN A 124 1.29 13.26 15.18
CA ASN A 124 1.20 13.74 13.81
C ASN A 124 2.02 12.82 12.93
N ALA A 125 1.53 11.61 12.79
CA ALA A 125 2.18 10.63 11.99
C ALA A 125 1.28 10.24 10.84
N ARG A 126 1.86 9.62 9.86
CA ARG A 126 1.16 9.21 8.68
C ARG A 126 0.56 7.81 8.89
N PRO A 127 -0.66 7.55 8.40
CA PRO A 127 -1.32 6.24 8.53
C PRO A 127 -0.49 5.04 7.99
N VAL A 128 0.52 5.31 7.14
CA VAL A 128 1.45 4.24 6.69
C VAL A 128 2.16 3.65 7.90
N ASP A 129 2.58 4.52 8.79
CA ASP A 129 3.31 4.12 9.98
C ASP A 129 2.42 3.29 10.86
N ALA A 130 1.13 3.57 10.80
CA ALA A 130 0.14 2.83 11.55
C ALA A 130 0.06 1.39 11.06
N LEU A 131 -0.07 1.19 9.75
CA LEU A 131 -0.19 -0.17 9.18
C LEU A 131 1.08 -0.97 9.43
N HIS A 132 2.21 -0.28 9.35
CA HIS A 132 3.52 -0.87 9.57
C HIS A 132 3.67 -1.25 11.04
N ALA A 133 2.91 -0.58 11.89
CA ALA A 133 2.98 -0.80 13.32
C ALA A 133 1.81 -1.61 13.84
N HIS A 134 1.06 -2.25 12.93
CA HIS A 134 -0.08 -3.14 13.27
C HIS A 134 -1.28 -2.32 13.84
N GLN A 135 -1.36 -1.08 13.42
CA GLN A 135 -2.44 -0.16 13.77
C GLN A 135 -3.37 0.00 12.56
N ALA A 136 -3.33 -1.02 11.70
CA ALA A 136 -4.04 -1.08 10.43
C ALA A 136 -5.55 -0.81 10.56
N ARG A 137 -6.15 -1.13 11.71
CA ARG A 137 -7.58 -0.86 11.94
C ARG A 137 -7.90 0.63 11.75
N GLU A 138 -7.00 1.49 12.22
CA GLU A 138 -7.17 2.93 12.07
C GLU A 138 -6.93 3.36 10.65
N VAL A 139 -6.15 2.58 9.93
CA VAL A 139 -5.90 2.84 8.53
C VAL A 139 -7.18 2.53 7.75
N VAL A 140 -7.85 1.44 8.11
CA VAL A 140 -9.13 1.08 7.52
C VAL A 140 -10.17 2.15 7.85
N ARG A 141 -10.14 2.61 9.09
CA ARG A 141 -11.03 3.68 9.57
C ARG A 141 -10.81 4.95 8.75
N ARG A 142 -9.55 5.30 8.55
CA ARG A 142 -9.16 6.46 7.78
C ARG A 142 -9.55 6.26 6.30
N ALA A 143 -9.39 5.04 5.83
CA ALA A 143 -9.75 4.66 4.47
C ALA A 143 -11.23 4.89 4.21
N GLN A 144 -12.07 4.47 5.15
CA GLN A 144 -13.50 4.67 5.04
C GLN A 144 -13.83 6.14 5.07
N ALA A 145 -13.12 6.88 5.89
CA ALA A 145 -13.31 8.32 6.00
C ALA A 145 -12.93 9.04 4.70
N MET A 146 -12.11 8.39 3.89
CA MET A 146 -11.74 8.95 2.59
C MET A 146 -12.68 8.47 1.49
N ALA A 147 -13.34 7.36 1.72
CA ALA A 147 -14.26 6.80 0.73
C ALA A 147 -15.67 7.35 0.95
N TYR A 148 -15.97 7.70 2.18
CA TYR A 148 -17.24 8.26 2.51
C TYR A 148 -16.99 9.63 3.13
N MET A 3 -39.82 -17.16 0.49
CA MET A 3 -39.38 -16.05 -0.34
C MET A 3 -37.89 -16.19 -0.62
N PRO A 4 -37.50 -16.33 -1.88
CA PRO A 4 -36.11 -16.42 -2.23
C PRO A 4 -35.47 -15.03 -2.31
N GLY A 5 -34.34 -14.87 -1.65
CA GLY A 5 -33.60 -13.63 -1.72
C GLY A 5 -32.91 -13.54 -3.06
N ARG A 6 -33.52 -12.81 -3.97
CA ARG A 6 -33.07 -12.79 -5.34
C ARG A 6 -31.79 -12.00 -5.53
N ALA A 7 -31.00 -12.50 -6.43
CA ALA A 7 -29.79 -11.89 -6.89
C ALA A 7 -29.57 -12.40 -8.32
N PRO A 8 -30.12 -11.67 -9.31
CA PRO A 8 -30.00 -12.05 -10.72
C PRO A 8 -28.57 -12.00 -11.22
N GLY A 9 -27.94 -13.14 -11.22
CA GLY A 9 -26.60 -13.22 -11.69
C GLY A 9 -25.61 -13.12 -10.56
N SER A 10 -24.92 -14.21 -10.31
CA SER A 10 -23.91 -14.23 -9.29
C SER A 10 -22.68 -13.50 -9.84
N THR A 11 -22.57 -12.24 -9.49
CA THR A 11 -21.55 -11.36 -10.01
C THR A 11 -20.17 -11.66 -9.40
N LEU A 12 -19.14 -11.44 -10.18
CA LEU A 12 -17.78 -11.65 -9.77
C LEU A 12 -17.10 -10.28 -9.69
N ALA A 13 -15.85 -10.25 -9.30
CA ALA A 13 -15.12 -9.00 -9.21
C ALA A 13 -14.48 -8.68 -10.55
N ARG A 14 -14.99 -7.69 -11.22
CA ARG A 14 -14.48 -7.27 -12.50
C ARG A 14 -13.47 -6.16 -12.33
N VAL A 15 -12.22 -6.55 -12.34
CA VAL A 15 -11.13 -5.65 -12.15
C VAL A 15 -10.12 -5.92 -13.24
N GLY A 16 -9.45 -4.91 -13.66
CA GLY A 16 -8.41 -5.08 -14.63
C GLY A 16 -7.11 -5.44 -13.95
N SER A 17 -6.63 -4.50 -13.18
CA SER A 17 -5.41 -4.60 -12.41
C SER A 17 -5.29 -3.25 -11.74
N ILE A 18 -4.53 -3.15 -10.68
CA ILE A 18 -4.28 -1.86 -10.13
C ILE A 18 -3.06 -1.30 -10.84
N PRO A 19 -3.21 -0.15 -11.50
CA PRO A 19 -2.12 0.48 -12.22
C PRO A 19 -1.12 1.18 -11.30
N ALA A 20 0.03 1.52 -11.84
CA ALA A 20 0.99 2.31 -11.11
C ALA A 20 0.91 3.73 -11.63
N GLY A 21 0.70 4.66 -10.75
CA GLY A 21 0.58 6.03 -11.15
C GLY A 21 1.76 6.86 -10.78
N ASP A 22 1.56 7.75 -9.85
CA ASP A 22 2.57 8.71 -9.49
C ASP A 22 3.15 8.46 -8.13
N ASP A 23 4.46 8.50 -8.04
CA ASP A 23 5.19 8.33 -6.78
C ASP A 23 5.00 9.60 -5.95
N VAL A 24 4.34 9.46 -4.82
CA VAL A 24 4.00 10.60 -3.98
C VAL A 24 5.01 10.83 -2.83
N LEU A 25 5.93 9.91 -2.64
CA LEU A 25 6.84 10.05 -1.52
C LEU A 25 8.16 10.73 -1.87
N ASP A 26 9.04 10.74 -0.91
CA ASP A 26 10.37 11.25 -1.05
C ASP A 26 11.28 10.10 -1.35
N PRO A 27 12.15 10.21 -2.38
CA PRO A 27 13.17 9.18 -2.71
C PRO A 27 14.07 8.85 -1.51
N ASP A 28 14.11 9.79 -0.57
CA ASP A 28 14.83 9.62 0.69
C ASP A 28 14.32 8.37 1.41
N GLU A 29 13.02 8.16 1.36
CA GLU A 29 12.40 6.99 1.95
C GLU A 29 12.82 5.75 1.17
N PRO A 30 13.21 4.67 1.87
CA PRO A 30 13.60 3.43 1.23
C PRO A 30 12.47 2.87 0.36
N THR A 31 12.79 2.56 -0.86
CA THR A 31 11.81 2.09 -1.80
C THR A 31 12.35 0.80 -2.48
N TYR A 32 11.45 0.01 -3.02
CA TYR A 32 11.75 -1.24 -3.66
C TYR A 32 11.37 -1.18 -5.11
N ASP A 33 11.90 -2.08 -5.88
CA ASP A 33 11.68 -2.13 -7.30
C ASP A 33 11.36 -3.59 -7.59
N LEU A 34 10.87 -3.90 -8.77
CA LEU A 34 10.37 -5.25 -9.12
C LEU A 34 11.32 -6.39 -8.75
N PRO A 35 12.62 -6.38 -9.21
CA PRO A 35 13.59 -7.43 -8.86
C PRO A 35 13.71 -7.61 -7.35
N ARG A 36 13.84 -6.50 -6.62
CA ARG A 36 13.98 -6.53 -5.20
C ARG A 36 12.74 -7.06 -4.50
N VAL A 37 11.56 -6.71 -4.98
CA VAL A 37 10.33 -7.20 -4.35
C VAL A 37 10.18 -8.68 -4.56
N ALA A 38 10.50 -9.12 -5.76
CA ALA A 38 10.45 -10.51 -6.11
C ALA A 38 11.43 -11.27 -5.23
N GLU A 39 12.56 -10.65 -5.01
CA GLU A 39 13.64 -11.19 -4.23
C GLU A 39 13.23 -11.32 -2.75
N LEU A 40 12.58 -10.30 -2.22
CA LEU A 40 12.13 -10.29 -0.82
C LEU A 40 11.12 -11.38 -0.56
N LEU A 41 10.16 -11.50 -1.42
CA LEU A 41 9.08 -12.43 -1.23
C LEU A 41 9.45 -13.84 -1.69
N GLY A 42 10.49 -13.93 -2.51
CA GLY A 42 10.92 -15.22 -3.01
C GLY A 42 10.00 -15.69 -4.12
N VAL A 43 9.40 -14.74 -4.79
CA VAL A 43 8.45 -15.01 -5.83
C VAL A 43 8.97 -14.43 -7.12
N PRO A 44 8.50 -14.89 -8.29
CA PRO A 44 8.88 -14.28 -9.54
C PRO A 44 8.16 -12.93 -9.72
N VAL A 45 8.68 -12.11 -10.63
CA VAL A 45 8.09 -10.80 -10.96
C VAL A 45 6.64 -10.97 -11.37
N SER A 46 6.35 -12.08 -12.00
CA SER A 46 5.04 -12.45 -12.44
C SER A 46 4.03 -12.49 -11.24
N LYS A 47 4.45 -13.03 -10.09
CA LYS A 47 3.58 -13.03 -8.92
C LYS A 47 3.40 -11.64 -8.38
N VAL A 48 4.43 -10.82 -8.50
CA VAL A 48 4.33 -9.41 -8.12
C VAL A 48 3.28 -8.73 -8.99
N ALA A 49 3.30 -9.05 -10.26
CA ALA A 49 2.32 -8.54 -11.21
C ALA A 49 0.92 -9.02 -10.82
N GLN A 50 0.83 -10.25 -10.33
CA GLN A 50 -0.45 -10.82 -9.87
C GLN A 50 -0.95 -10.08 -8.63
N GLN A 51 -0.03 -9.68 -7.76
CA GLN A 51 -0.39 -8.91 -6.57
C GLN A 51 -0.96 -7.58 -6.98
N LEU A 52 -0.29 -6.96 -7.90
CA LEU A 52 -0.68 -5.67 -8.46
C LEU A 52 -2.05 -5.78 -9.15
N ARG A 53 -2.25 -6.89 -9.81
CA ARG A 53 -3.50 -7.24 -10.42
C ARG A 53 -4.65 -7.38 -9.39
N GLU A 54 -4.40 -8.03 -8.26
CA GLU A 54 -5.48 -8.34 -7.31
C GLU A 54 -5.64 -7.26 -6.25
N GLY A 55 -4.67 -6.38 -6.16
CA GLY A 55 -4.70 -5.36 -5.16
C GLY A 55 -4.17 -5.88 -3.84
N HIS A 56 -3.18 -6.74 -3.93
CA HIS A 56 -2.54 -7.28 -2.73
C HIS A 56 -1.35 -6.39 -2.39
N LEU A 57 -0.93 -5.64 -3.38
CA LEU A 57 0.18 -4.74 -3.29
C LEU A 57 0.00 -3.75 -4.42
N VAL A 58 0.51 -2.53 -4.27
CA VAL A 58 0.40 -1.53 -5.32
C VAL A 58 1.76 -0.93 -5.58
N ALA A 59 1.91 -0.30 -6.71
CA ALA A 59 3.15 0.27 -7.12
C ALA A 59 2.92 1.62 -7.71
N VAL A 60 3.95 2.41 -7.79
CA VAL A 60 3.89 3.73 -8.37
C VAL A 60 5.04 3.91 -9.32
N ARG A 61 4.99 4.92 -10.13
CA ARG A 61 5.99 5.08 -11.13
C ARG A 61 6.69 6.43 -10.95
N ARG A 62 7.99 6.41 -10.93
CA ARG A 62 8.81 7.61 -10.82
C ARG A 62 9.78 7.66 -11.99
N ALA A 63 9.66 8.67 -12.82
CA ALA A 63 10.57 8.91 -13.97
C ALA A 63 10.58 7.75 -14.97
N GLY A 64 9.55 6.93 -14.93
CA GLY A 64 9.45 5.80 -15.84
C GLY A 64 9.62 4.48 -15.14
N GLY A 65 10.16 4.50 -13.94
CA GLY A 65 10.42 3.29 -13.20
C GLY A 65 9.32 2.98 -12.25
N VAL A 66 9.00 1.72 -12.13
CA VAL A 66 7.94 1.30 -11.26
C VAL A 66 8.54 0.83 -9.96
N VAL A 67 8.15 1.45 -8.91
CA VAL A 67 8.70 1.20 -7.61
C VAL A 67 7.61 1.00 -6.58
N ILE A 68 7.93 0.29 -5.55
CA ILE A 68 7.03 0.00 -4.47
C ILE A 68 7.70 0.42 -3.17
N PRO A 69 7.14 1.44 -2.49
CA PRO A 69 7.68 1.96 -1.21
C PRO A 69 7.84 0.87 -0.13
N GLN A 70 9.02 0.85 0.54
CA GLN A 70 9.29 -0.11 1.61
C GLN A 70 8.26 -0.04 2.75
N VAL A 71 7.62 1.10 2.92
CA VAL A 71 6.61 1.28 3.96
C VAL A 71 5.41 0.31 3.81
N PHE A 72 5.27 -0.31 2.64
CA PHE A 72 4.22 -1.29 2.38
C PHE A 72 4.63 -2.67 2.91
N PHE A 73 5.84 -2.76 3.37
CA PHE A 73 6.39 -3.99 3.89
C PHE A 73 6.82 -3.78 5.33
N THR A 74 6.99 -4.83 6.04
CA THR A 74 7.47 -4.78 7.39
C THR A 74 8.99 -4.79 7.41
N ASN A 75 9.57 -4.65 8.59
CA ASN A 75 11.04 -4.66 8.78
C ASN A 75 11.65 -6.01 8.35
N SER A 76 10.81 -7.02 8.22
CA SER A 76 11.25 -8.35 7.84
C SER A 76 11.07 -8.62 6.34
N GLY A 77 10.63 -7.62 5.59
CA GLY A 77 10.42 -7.80 4.16
C GLY A 77 9.18 -8.62 3.87
N GLN A 78 8.21 -8.48 4.72
CA GLN A 78 6.93 -9.17 4.58
C GLN A 78 5.86 -8.14 4.29
N VAL A 79 4.87 -8.51 3.50
CA VAL A 79 3.72 -7.64 3.25
C VAL A 79 2.91 -7.48 4.54
N VAL A 80 2.61 -6.23 4.88
CA VAL A 80 1.83 -5.91 6.07
C VAL A 80 0.49 -6.66 6.00
N LYS A 81 0.15 -7.32 7.09
CA LYS A 81 -1.05 -8.16 7.15
C LYS A 81 -2.36 -7.44 6.83
N SER A 82 -2.40 -6.14 6.99
CA SER A 82 -3.62 -5.40 6.76
C SER A 82 -3.53 -4.61 5.44
N LEU A 83 -2.50 -4.89 4.64
CA LEU A 83 -2.27 -4.18 3.39
C LEU A 83 -3.38 -4.43 2.32
N PRO A 84 -3.65 -5.72 1.91
CA PRO A 84 -4.65 -6.00 0.87
C PRO A 84 -6.03 -5.47 1.21
N GLY A 85 -6.38 -5.49 2.50
CA GLY A 85 -7.67 -5.03 2.94
C GLY A 85 -7.90 -3.57 2.63
N LEU A 86 -6.90 -2.72 2.91
CA LEU A 86 -7.04 -1.29 2.66
C LEU A 86 -7.10 -1.02 1.16
N LEU A 87 -6.28 -1.75 0.43
CA LEU A 87 -6.18 -1.59 -1.02
C LEU A 87 -7.48 -1.98 -1.70
N THR A 88 -8.07 -3.07 -1.24
CA THR A 88 -9.30 -3.59 -1.83
C THR A 88 -10.49 -2.61 -1.66
N ILE A 89 -10.64 -2.06 -0.45
CA ILE A 89 -11.75 -1.14 -0.19
C ILE A 89 -11.58 0.17 -1.00
N LEU A 90 -10.37 0.68 -1.03
CA LEU A 90 -10.09 1.90 -1.76
C LEU A 90 -10.23 1.71 -3.26
N HIS A 91 -9.83 0.55 -3.75
CA HIS A 91 -9.94 0.24 -5.17
C HIS A 91 -11.41 0.21 -5.57
N ASP A 92 -12.23 -0.39 -4.73
CA ASP A 92 -13.67 -0.47 -4.99
C ASP A 92 -14.33 0.89 -4.85
N GLY A 93 -13.74 1.72 -4.02
CA GLY A 93 -14.25 3.06 -3.78
C GLY A 93 -13.88 4.03 -4.88
N GLY A 94 -13.14 3.55 -5.87
CA GLY A 94 -12.80 4.37 -7.00
C GLY A 94 -11.51 5.13 -6.83
N TYR A 95 -10.66 4.64 -5.97
CA TYR A 95 -9.39 5.27 -5.74
C TYR A 95 -8.28 4.53 -6.44
N ARG A 96 -7.32 5.28 -6.93
CA ARG A 96 -6.15 4.73 -7.59
C ARG A 96 -5.01 4.64 -6.59
N ASP A 97 -3.93 4.02 -7.00
CA ASP A 97 -2.71 3.76 -6.20
C ASP A 97 -2.16 5.05 -5.58
N THR A 98 -2.14 6.09 -6.37
CA THR A 98 -1.65 7.37 -5.98
C THR A 98 -2.50 7.93 -4.83
N GLU A 99 -3.82 7.74 -4.93
CA GLU A 99 -4.73 8.25 -3.91
C GLU A 99 -4.52 7.51 -2.59
N ILE A 100 -4.16 6.22 -2.69
CA ILE A 100 -4.01 5.40 -1.49
C ILE A 100 -2.89 6.00 -0.65
N MET A 101 -1.77 6.27 -1.29
CA MET A 101 -0.64 6.85 -0.62
C MET A 101 -0.81 8.32 -0.33
N ARG A 102 -1.74 8.95 -1.02
CA ARG A 102 -1.99 10.39 -0.88
C ARG A 102 -2.31 10.75 0.56
N TRP A 103 -3.44 10.29 1.05
CA TRP A 103 -3.84 10.53 2.42
C TRP A 103 -2.95 9.79 3.43
N LEU A 104 -2.47 8.62 3.04
CA LEU A 104 -1.62 7.78 3.89
C LEU A 104 -0.32 8.46 4.30
N PHE A 105 0.28 9.19 3.39
CA PHE A 105 1.52 9.88 3.70
C PHE A 105 1.27 11.24 4.34
N THR A 106 0.02 11.63 4.43
CA THR A 106 -0.32 12.87 5.06
C THR A 106 -0.49 12.64 6.56
N PRO A 107 0.32 13.33 7.41
CA PRO A 107 0.20 13.23 8.85
C PRO A 107 -1.19 13.67 9.32
N ASP A 108 -1.83 12.85 10.12
CA ASP A 108 -3.18 13.12 10.56
C ASP A 108 -3.16 13.78 11.93
N PRO A 109 -3.79 14.96 12.06
CA PRO A 109 -3.86 15.70 13.32
C PRO A 109 -4.48 14.89 14.46
N SER A 110 -5.44 14.05 14.13
CA SER A 110 -6.13 13.28 15.15
C SER A 110 -5.47 11.93 15.42
N LEU A 111 -4.36 11.67 14.77
CA LEU A 111 -3.69 10.42 14.94
C LEU A 111 -2.48 10.60 15.83
N THR A 112 -2.39 9.76 16.83
CA THR A 112 -1.28 9.73 17.71
C THR A 112 -0.86 8.26 17.81
N ILE A 113 0.31 7.95 17.34
CA ILE A 113 0.77 6.57 17.29
C ILE A 113 2.15 6.40 17.84
N THR A 114 2.33 5.33 18.51
CA THR A 114 3.61 4.95 19.00
C THR A 114 4.29 4.05 17.99
N ARG A 115 5.55 4.30 17.76
CA ARG A 115 6.31 3.50 16.82
C ARG A 115 6.80 2.26 17.43
N ASP A 116 6.99 1.29 16.60
CA ASP A 116 7.48 0.02 17.03
C ASP A 116 8.98 0.11 17.12
N GLY A 117 9.54 -0.50 18.13
CA GLY A 117 10.96 -0.39 18.37
C GLY A 117 11.25 0.84 19.20
N SER A 118 10.19 1.45 19.68
CA SER A 118 10.26 2.63 20.45
C SER A 118 9.04 2.62 21.37
N ARG A 119 8.81 3.68 22.10
CA ARG A 119 7.67 3.76 22.97
C ARG A 119 6.92 5.08 22.85
N ASP A 120 7.60 6.14 22.40
CA ASP A 120 6.98 7.47 22.34
C ASP A 120 5.93 7.55 21.25
N ALA A 121 4.88 8.24 21.57
CA ALA A 121 3.78 8.41 20.67
C ALA A 121 3.94 9.70 19.88
N VAL A 122 3.82 9.60 18.60
CA VAL A 122 3.94 10.72 17.72
C VAL A 122 2.56 11.29 17.44
N SER A 123 2.36 12.52 17.81
CA SER A 123 1.13 13.21 17.51
C SER A 123 1.26 13.78 16.12
N ASN A 124 0.21 13.61 15.31
CA ASN A 124 0.18 14.11 13.93
C ASN A 124 1.21 13.35 13.12
N ALA A 125 0.95 12.09 12.99
CA ALA A 125 1.80 11.20 12.25
C ALA A 125 1.04 10.67 11.06
N ARG A 126 1.75 10.11 10.12
CA ARG A 126 1.11 9.57 8.94
C ARG A 126 0.59 8.15 9.24
N PRO A 127 -0.65 7.82 8.80
CA PRO A 127 -1.26 6.51 9.04
C PRO A 127 -0.43 5.31 8.52
N VAL A 128 0.53 5.59 7.63
CA VAL A 128 1.43 4.54 7.12
C VAL A 128 2.21 3.90 8.28
N ASP A 129 2.64 4.72 9.20
CA ASP A 129 3.37 4.24 10.35
C ASP A 129 2.47 3.46 11.28
N ALA A 130 1.20 3.83 11.31
CA ALA A 130 0.20 3.20 12.17
C ALA A 130 -0.04 1.75 11.75
N LEU A 131 -0.07 1.50 10.46
CA LEU A 131 -0.30 0.15 9.95
C LEU A 131 0.87 -0.78 10.28
N HIS A 132 2.08 -0.23 10.28
CA HIS A 132 3.27 -1.01 10.62
C HIS A 132 3.31 -1.22 12.14
N ALA A 133 2.66 -0.32 12.83
CA ALA A 133 2.60 -0.35 14.29
C ALA A 133 1.44 -1.24 14.76
N HIS A 134 0.82 -1.94 13.81
CA HIS A 134 -0.30 -2.87 14.05
C HIS A 134 -1.53 -2.14 14.59
N GLN A 135 -1.64 -0.89 14.22
CA GLN A 135 -2.77 -0.03 14.56
C GLN A 135 -3.52 0.23 13.28
N ALA A 136 -3.33 -0.69 12.35
CA ALA A 136 -3.87 -0.65 11.01
C ALA A 136 -5.38 -0.46 10.97
N ARG A 137 -6.07 -0.89 12.01
CA ARG A 137 -7.52 -0.75 12.12
C ARG A 137 -7.91 0.74 11.98
N GLU A 138 -7.08 1.62 12.51
CA GLU A 138 -7.29 3.07 12.41
C GLU A 138 -7.15 3.50 10.97
N VAL A 139 -6.21 2.90 10.29
CA VAL A 139 -5.90 3.20 8.90
C VAL A 139 -7.04 2.71 8.02
N VAL A 140 -7.47 1.48 8.26
CA VAL A 140 -8.55 0.86 7.52
C VAL A 140 -9.83 1.65 7.69
N ARG A 141 -10.17 2.01 8.92
CA ARG A 141 -11.38 2.77 9.15
C ARG A 141 -11.29 4.14 8.48
N ARG A 142 -10.09 4.75 8.52
CA ARG A 142 -9.89 6.04 7.88
C ARG A 142 -10.09 5.90 6.37
N ALA A 143 -9.58 4.80 5.81
CA ALA A 143 -9.72 4.49 4.39
C ALA A 143 -11.19 4.33 4.04
N GLN A 144 -11.90 3.60 4.89
CA GLN A 144 -13.33 3.34 4.72
C GLN A 144 -14.14 4.63 4.80
N ALA A 145 -13.75 5.51 5.70
CA ALA A 145 -14.42 6.79 5.87
C ALA A 145 -14.14 7.71 4.68
N MET A 146 -12.95 7.57 4.13
CA MET A 146 -12.51 8.33 2.97
C MET A 146 -13.28 7.89 1.72
N ALA A 147 -13.63 6.63 1.66
CA ALA A 147 -14.32 6.10 0.50
C ALA A 147 -15.83 6.15 0.63
N TYR A 148 -16.37 5.49 1.63
CA TYR A 148 -17.81 5.40 1.78
C TYR A 148 -18.25 6.05 3.07
N MET A 3 -17.94 -37.86 -4.50
CA MET A 3 -18.31 -37.37 -5.83
C MET A 3 -17.13 -36.61 -6.41
N PRO A 4 -16.33 -37.24 -7.26
CA PRO A 4 -15.12 -36.66 -7.79
C PRO A 4 -15.32 -35.91 -9.10
N GLY A 5 -14.25 -35.39 -9.64
CA GLY A 5 -14.30 -34.71 -10.90
C GLY A 5 -13.45 -33.47 -10.89
N ARG A 6 -13.92 -32.45 -11.56
CA ARG A 6 -13.26 -31.17 -11.62
C ARG A 6 -13.42 -30.45 -10.29
N ALA A 7 -12.36 -29.90 -9.78
CA ALA A 7 -12.38 -29.22 -8.50
C ALA A 7 -11.68 -27.87 -8.61
N PRO A 8 -12.16 -26.83 -7.91
CA PRO A 8 -11.54 -25.51 -7.92
C PRO A 8 -10.40 -25.40 -6.89
N GLY A 9 -9.96 -24.19 -6.64
CA GLY A 9 -8.93 -23.94 -5.67
C GLY A 9 -8.83 -22.47 -5.37
N SER A 10 -7.64 -22.01 -5.15
CA SER A 10 -7.42 -20.62 -4.91
C SER A 10 -7.36 -19.88 -6.25
N THR A 11 -8.48 -19.29 -6.60
CA THR A 11 -8.61 -18.54 -7.82
C THR A 11 -8.03 -17.13 -7.60
N LEU A 12 -7.61 -16.48 -8.68
CA LEU A 12 -7.04 -15.14 -8.62
C LEU A 12 -8.02 -14.19 -7.97
N ALA A 13 -7.59 -13.62 -6.89
CA ALA A 13 -8.40 -12.73 -6.10
C ALA A 13 -8.65 -11.45 -6.86
N ARG A 14 -9.88 -11.01 -6.85
CA ARG A 14 -10.23 -9.79 -7.52
C ARG A 14 -10.47 -8.70 -6.54
N VAL A 15 -9.40 -8.18 -6.04
CA VAL A 15 -9.45 -7.06 -5.11
C VAL A 15 -9.38 -5.79 -5.89
N GLY A 16 -8.58 -5.84 -6.87
CA GLY A 16 -8.40 -4.75 -7.75
C GLY A 16 -7.16 -4.93 -8.55
N SER A 17 -7.00 -4.13 -9.52
CA SER A 17 -5.80 -4.08 -10.32
C SER A 17 -5.59 -2.62 -10.67
N ILE A 18 -4.72 -1.99 -9.94
CA ILE A 18 -4.50 -0.58 -10.09
C ILE A 18 -3.16 -0.35 -10.80
N PRO A 19 -3.14 0.43 -11.89
CA PRO A 19 -1.89 0.81 -12.55
C PRO A 19 -1.17 1.89 -11.74
N ALA A 20 0.08 2.12 -12.04
CA ALA A 20 0.86 3.12 -11.34
C ALA A 20 0.64 4.48 -11.96
N GLY A 21 0.43 5.50 -11.13
CA GLY A 21 0.18 6.82 -11.64
C GLY A 21 1.21 7.84 -11.22
N ASP A 22 1.12 8.32 -10.00
CA ASP A 22 2.02 9.36 -9.52
C ASP A 22 2.49 9.02 -8.11
N ASP A 23 3.80 9.08 -7.91
CA ASP A 23 4.40 8.78 -6.59
C ASP A 23 4.07 9.85 -5.57
N VAL A 24 3.79 9.41 -4.38
CA VAL A 24 3.38 10.28 -3.30
C VAL A 24 4.51 10.46 -2.27
N LEU A 25 5.48 9.58 -2.27
CA LEU A 25 6.54 9.73 -1.31
C LEU A 25 7.69 10.59 -1.84
N ASP A 26 8.67 10.79 -1.02
CA ASP A 26 9.81 11.61 -1.39
C ASP A 26 10.94 10.72 -1.86
N PRO A 27 11.83 11.21 -2.75
CA PRO A 27 13.01 10.44 -3.21
C PRO A 27 13.90 9.94 -2.04
N ASP A 28 13.81 10.61 -0.90
CA ASP A 28 14.57 10.20 0.29
C ASP A 28 13.96 8.96 0.95
N GLU A 29 12.67 8.75 0.74
CA GLU A 29 11.98 7.63 1.34
C GLU A 29 12.41 6.33 0.65
N PRO A 30 12.65 5.26 1.43
CA PRO A 30 13.07 3.96 0.90
C PRO A 30 12.01 3.31 -0.02
N THR A 31 12.44 2.77 -1.12
CA THR A 31 11.56 2.19 -2.10
C THR A 31 12.03 0.78 -2.50
N TYR A 32 11.19 0.10 -3.22
CA TYR A 32 11.45 -1.18 -3.79
C TYR A 32 11.07 -1.13 -5.23
N ASP A 33 11.58 -2.02 -5.98
CA ASP A 33 11.36 -2.09 -7.39
C ASP A 33 11.07 -3.55 -7.63
N LEU A 34 10.51 -3.89 -8.76
CA LEU A 34 10.01 -5.25 -9.02
C LEU A 34 11.02 -6.39 -8.69
N PRO A 35 12.28 -6.36 -9.22
CA PRO A 35 13.28 -7.37 -8.88
C PRO A 35 13.59 -7.40 -7.38
N ARG A 36 13.64 -6.22 -6.77
CA ARG A 36 13.92 -6.11 -5.37
C ARG A 36 12.77 -6.63 -4.51
N VAL A 37 11.54 -6.45 -4.98
CA VAL A 37 10.38 -7.00 -4.28
C VAL A 37 10.41 -8.52 -4.36
N ALA A 38 10.76 -9.01 -5.54
CA ALA A 38 10.93 -10.44 -5.77
C ALA A 38 12.01 -10.98 -4.83
N GLU A 39 13.05 -10.19 -4.68
CA GLU A 39 14.18 -10.47 -3.80
C GLU A 39 13.69 -10.58 -2.36
N LEU A 40 12.86 -9.62 -1.98
CA LEU A 40 12.38 -9.49 -0.62
C LEU A 40 11.42 -10.62 -0.25
N LEU A 41 10.49 -10.91 -1.13
CA LEU A 41 9.48 -11.93 -0.88
C LEU A 41 10.02 -13.33 -1.15
N GLY A 42 11.09 -13.42 -1.90
CA GLY A 42 11.67 -14.70 -2.23
C GLY A 42 10.84 -15.41 -3.28
N VAL A 43 10.18 -14.63 -4.10
CA VAL A 43 9.32 -15.15 -5.15
C VAL A 43 9.77 -14.53 -6.48
N PRO A 44 9.37 -15.08 -7.63
CA PRO A 44 9.68 -14.46 -8.91
C PRO A 44 8.88 -13.17 -9.12
N VAL A 45 9.38 -12.31 -9.99
CA VAL A 45 8.74 -11.02 -10.33
C VAL A 45 7.34 -11.27 -10.86
N SER A 46 7.18 -12.37 -11.56
CA SER A 46 5.92 -12.78 -12.10
C SER A 46 4.85 -12.93 -11.01
N LYS A 47 5.22 -13.53 -9.86
CA LYS A 47 4.28 -13.67 -8.76
C LYS A 47 3.97 -12.33 -8.14
N VAL A 48 4.97 -11.46 -8.12
CA VAL A 48 4.79 -10.10 -7.60
C VAL A 48 3.74 -9.37 -8.45
N ALA A 49 3.88 -9.51 -9.75
CA ALA A 49 2.95 -8.92 -10.70
C ALA A 49 1.56 -9.50 -10.51
N GLN A 50 1.49 -10.79 -10.20
CA GLN A 50 0.23 -11.46 -9.92
C GLN A 50 -0.43 -10.87 -8.68
N GLN A 51 0.37 -10.56 -7.67
CA GLN A 51 -0.12 -9.94 -6.43
C GLN A 51 -0.68 -8.57 -6.73
N LEU A 52 0.03 -7.86 -7.56
CA LEU A 52 -0.40 -6.53 -8.02
C LEU A 52 -1.71 -6.67 -8.80
N ARG A 53 -1.79 -7.72 -9.61
CA ARG A 53 -2.99 -8.03 -10.38
C ARG A 53 -4.15 -8.47 -9.52
N GLU A 54 -3.87 -8.95 -8.32
CA GLU A 54 -4.94 -9.38 -7.44
C GLU A 54 -5.37 -8.26 -6.52
N GLY A 55 -4.57 -7.20 -6.45
CA GLY A 55 -4.86 -6.11 -5.55
C GLY A 55 -4.34 -6.38 -4.16
N HIS A 56 -3.28 -7.16 -4.11
CA HIS A 56 -2.63 -7.52 -2.86
C HIS A 56 -1.60 -6.45 -2.53
N LEU A 57 -1.09 -5.82 -3.56
CA LEU A 57 -0.07 -4.82 -3.43
C LEU A 57 -0.31 -3.79 -4.53
N VAL A 58 0.21 -2.59 -4.36
CA VAL A 58 0.07 -1.55 -5.34
C VAL A 58 1.41 -0.82 -5.48
N ALA A 59 1.62 -0.18 -6.61
CA ALA A 59 2.87 0.45 -6.94
C ALA A 59 2.63 1.81 -7.56
N VAL A 60 3.64 2.64 -7.60
CA VAL A 60 3.54 3.98 -8.16
C VAL A 60 4.59 4.22 -9.22
N ARG A 61 4.39 5.27 -9.97
CA ARG A 61 5.24 5.63 -11.09
C ARG A 61 6.01 6.88 -10.73
N ARG A 62 7.32 6.79 -10.82
CA ARG A 62 8.22 7.90 -10.55
C ARG A 62 9.47 7.76 -11.35
N ALA A 63 9.92 8.90 -11.88
CA ALA A 63 11.11 9.05 -12.72
C ALA A 63 10.90 8.42 -14.08
N GLY A 64 10.63 7.17 -14.06
CA GLY A 64 10.39 6.40 -15.23
C GLY A 64 10.26 4.94 -14.91
N GLY A 65 9.87 4.65 -13.68
CA GLY A 65 9.76 3.29 -13.26
C GLY A 65 8.61 3.09 -12.34
N VAL A 66 8.20 1.85 -12.21
CA VAL A 66 7.13 1.48 -11.33
C VAL A 66 7.77 0.87 -10.09
N VAL A 67 7.52 1.46 -8.97
CA VAL A 67 8.15 1.05 -7.74
C VAL A 67 7.15 0.98 -6.61
N ILE A 68 7.49 0.25 -5.61
CA ILE A 68 6.63 0.05 -4.47
C ILE A 68 7.35 0.61 -3.26
N PRO A 69 6.71 1.50 -2.49
CA PRO A 69 7.29 2.02 -1.25
C PRO A 69 7.68 0.89 -0.29
N GLN A 70 8.90 0.96 0.26
CA GLN A 70 9.41 -0.06 1.15
C GLN A 70 8.59 -0.20 2.43
N VAL A 71 7.93 0.88 2.78
CA VAL A 71 7.12 0.94 3.97
C VAL A 71 5.80 0.12 3.83
N PHE A 72 5.57 -0.44 2.65
CA PHE A 72 4.43 -1.33 2.40
C PHE A 72 4.76 -2.74 2.85
N PHE A 73 5.98 -2.94 3.24
CA PHE A 73 6.42 -4.22 3.67
C PHE A 73 6.85 -4.18 5.10
N THR A 74 6.89 -5.33 5.67
CA THR A 74 7.33 -5.49 7.02
C THR A 74 8.83 -5.79 6.99
N ASN A 75 9.48 -5.74 8.14
CA ASN A 75 10.91 -6.06 8.23
C ASN A 75 11.17 -7.53 7.99
N SER A 76 10.12 -8.31 8.06
CA SER A 76 10.19 -9.72 7.77
C SER A 76 10.20 -9.93 6.24
N GLY A 77 9.95 -8.85 5.49
CA GLY A 77 9.95 -8.94 4.06
C GLY A 77 8.64 -9.48 3.56
N GLN A 78 7.62 -9.28 4.34
CA GLN A 78 6.30 -9.77 4.04
C GLN A 78 5.39 -8.58 3.83
N VAL A 79 4.42 -8.71 2.96
CA VAL A 79 3.44 -7.65 2.76
C VAL A 79 2.58 -7.61 4.00
N VAL A 80 2.25 -6.42 4.50
CA VAL A 80 1.43 -6.29 5.70
C VAL A 80 0.07 -6.93 5.43
N LYS A 81 -0.34 -7.84 6.28
CA LYS A 81 -1.60 -8.57 6.10
C LYS A 81 -2.84 -7.66 5.95
N SER A 82 -2.81 -6.51 6.59
CA SER A 82 -3.94 -5.61 6.57
C SER A 82 -3.91 -4.69 5.32
N LEU A 83 -2.82 -4.78 4.57
CA LEU A 83 -2.61 -3.92 3.41
C LEU A 83 -3.62 -4.20 2.26
N PRO A 84 -3.84 -5.49 1.82
CA PRO A 84 -4.85 -5.79 0.79
C PRO A 84 -6.24 -5.28 1.19
N GLY A 85 -6.50 -5.28 2.50
CA GLY A 85 -7.77 -4.82 3.04
C GLY A 85 -8.04 -3.36 2.75
N LEU A 86 -7.02 -2.52 2.90
CA LEU A 86 -7.17 -1.09 2.61
C LEU A 86 -7.39 -0.89 1.12
N LEU A 87 -6.66 -1.67 0.32
CA LEU A 87 -6.78 -1.60 -1.11
C LEU A 87 -8.17 -2.01 -1.55
N THR A 88 -8.73 -2.99 -0.85
CA THR A 88 -10.07 -3.51 -1.16
C THR A 88 -11.11 -2.38 -1.07
N ILE A 89 -11.09 -1.66 0.04
CA ILE A 89 -12.07 -0.62 0.29
C ILE A 89 -11.88 0.57 -0.69
N LEU A 90 -10.64 1.00 -0.88
CA LEU A 90 -10.36 2.11 -1.80
C LEU A 90 -10.64 1.76 -3.26
N HIS A 91 -10.37 0.53 -3.65
CA HIS A 91 -10.62 0.12 -5.03
C HIS A 91 -12.12 0.03 -5.26
N ASP A 92 -12.84 -0.37 -4.22
CA ASP A 92 -14.30 -0.42 -4.27
C ASP A 92 -14.85 0.98 -4.45
N GLY A 93 -14.12 1.95 -3.90
CA GLY A 93 -14.51 3.34 -4.00
C GLY A 93 -14.03 4.00 -5.29
N GLY A 94 -13.18 3.29 -6.02
CA GLY A 94 -12.68 3.81 -7.28
C GLY A 94 -11.50 4.75 -7.13
N TYR A 95 -10.68 4.52 -6.13
CA TYR A 95 -9.50 5.32 -5.89
C TYR A 95 -8.26 4.65 -6.44
N ARG A 96 -7.42 5.43 -7.08
CA ARG A 96 -6.20 4.93 -7.67
C ARG A 96 -5.02 4.96 -6.69
N ASP A 97 -3.90 4.40 -7.13
CA ASP A 97 -2.65 4.19 -6.34
C ASP A 97 -2.18 5.47 -5.70
N THR A 98 -2.24 6.54 -6.44
CA THR A 98 -1.80 7.81 -6.00
C THR A 98 -2.67 8.29 -4.84
N GLU A 99 -3.97 8.06 -4.95
CA GLU A 99 -4.89 8.45 -3.91
C GLU A 99 -4.65 7.63 -2.66
N ILE A 100 -4.33 6.34 -2.85
CA ILE A 100 -4.13 5.42 -1.72
C ILE A 100 -2.98 5.93 -0.86
N MET A 101 -1.90 6.24 -1.52
CA MET A 101 -0.71 6.68 -0.85
C MET A 101 -0.83 8.12 -0.36
N ARG A 102 -1.76 8.85 -0.94
CA ARG A 102 -1.98 10.26 -0.63
C ARG A 102 -2.26 10.45 0.86
N TRP A 103 -3.35 9.88 1.33
CA TRP A 103 -3.69 9.96 2.76
C TRP A 103 -2.72 9.18 3.62
N LEU A 104 -2.23 8.09 3.07
CA LEU A 104 -1.39 7.13 3.75
C LEU A 104 -0.04 7.73 4.18
N PHE A 105 0.52 8.57 3.35
CA PHE A 105 1.82 9.16 3.64
C PHE A 105 1.71 10.51 4.32
N THR A 106 0.51 10.99 4.51
CA THR A 106 0.31 12.27 5.12
C THR A 106 0.28 12.16 6.66
N PRO A 107 1.29 12.75 7.34
CA PRO A 107 1.35 12.77 8.80
C PRO A 107 0.25 13.64 9.38
N ASP A 108 -0.34 13.21 10.46
CA ASP A 108 -1.41 13.99 11.06
C ASP A 108 -0.96 14.54 12.40
N PRO A 109 -1.09 15.87 12.62
CA PRO A 109 -0.71 16.53 13.89
C PRO A 109 -1.45 15.98 15.11
N SER A 110 -2.63 15.48 14.87
CA SER A 110 -3.46 14.96 15.93
C SER A 110 -3.30 13.44 16.04
N LEU A 111 -2.37 12.89 15.30
CA LEU A 111 -2.14 11.49 15.34
C LEU A 111 -0.78 11.20 15.92
N THR A 112 -0.78 10.42 16.93
CA THR A 112 0.40 10.06 17.63
C THR A 112 0.52 8.54 17.56
N ILE A 113 1.61 8.10 17.00
CA ILE A 113 1.83 6.69 16.75
C ILE A 113 3.16 6.33 17.34
N THR A 114 3.31 5.14 17.77
CA THR A 114 4.56 4.68 18.25
C THR A 114 4.96 3.53 17.38
N ARG A 115 6.23 3.35 17.19
CA ARG A 115 6.71 2.34 16.29
C ARG A 115 7.98 1.73 16.86
N ASP A 116 8.47 0.71 16.21
CA ASP A 116 9.71 0.02 16.62
C ASP A 116 10.87 1.00 16.66
N GLY A 117 11.54 1.05 17.78
CA GLY A 117 12.64 1.98 17.93
C GLY A 117 12.19 3.21 18.69
N SER A 118 10.93 3.26 19.01
CA SER A 118 10.39 4.35 19.78
C SER A 118 9.76 3.82 21.05
N ARG A 119 10.32 4.21 22.18
CA ARG A 119 9.75 3.87 23.49
C ARG A 119 8.62 4.84 23.67
N ASP A 120 8.94 6.03 23.26
CA ASP A 120 8.09 7.19 23.27
C ASP A 120 7.10 7.09 22.14
N ALA A 121 6.30 8.08 21.98
CA ALA A 121 5.37 8.12 20.92
C ALA A 121 5.80 9.18 19.93
N VAL A 122 5.50 8.93 18.68
CA VAL A 122 5.85 9.84 17.63
C VAL A 122 4.62 10.65 17.29
N SER A 123 4.70 11.92 17.46
CA SER A 123 3.62 12.78 17.12
C SER A 123 3.73 13.07 15.65
N ASN A 124 2.61 13.39 15.01
CA ASN A 124 2.51 13.64 13.57
C ASN A 124 3.20 12.59 12.74
N ALA A 125 2.70 11.38 12.86
CA ALA A 125 3.21 10.30 12.10
C ALA A 125 2.22 10.00 11.01
N ARG A 126 2.56 9.14 10.12
CA ARG A 126 1.70 8.83 9.01
C ARG A 126 1.03 7.51 9.25
N PRO A 127 -0.20 7.28 8.71
CA PRO A 127 -0.92 6.00 8.86
C PRO A 127 -0.08 4.76 8.50
N VAL A 128 0.97 4.96 7.70
CA VAL A 128 1.90 3.88 7.34
C VAL A 128 2.55 3.32 8.61
N ASP A 129 2.93 4.21 9.52
CA ASP A 129 3.60 3.85 10.77
C ASP A 129 2.68 2.98 11.59
N ALA A 130 1.43 3.33 11.58
CA ALA A 130 0.42 2.61 12.32
C ALA A 130 0.19 1.25 11.70
N LEU A 131 0.07 1.23 10.39
CA LEU A 131 -0.19 0.04 9.62
C LEU A 131 0.91 -1.01 9.81
N HIS A 132 2.14 -0.58 9.79
CA HIS A 132 3.29 -1.48 9.90
C HIS A 132 3.38 -2.02 11.33
N ALA A 133 2.80 -1.29 12.24
CA ALA A 133 2.88 -1.62 13.67
C ALA A 133 1.61 -2.31 14.18
N HIS A 134 0.74 -2.71 13.25
CA HIS A 134 -0.53 -3.42 13.54
C HIS A 134 -1.52 -2.49 14.33
N GLN A 135 -1.37 -1.22 14.11
CA GLN A 135 -2.23 -0.15 14.65
C GLN A 135 -3.15 0.28 13.51
N ALA A 136 -3.31 -0.67 12.59
CA ALA A 136 -3.98 -0.53 11.31
C ALA A 136 -5.39 0.05 11.37
N ARG A 137 -6.11 -0.10 12.47
CA ARG A 137 -7.50 0.39 12.52
C ARG A 137 -7.66 1.88 12.22
N GLU A 138 -6.70 2.73 12.60
CA GLU A 138 -6.77 4.16 12.25
C GLU A 138 -6.61 4.31 10.74
N VAL A 139 -5.79 3.45 10.18
CA VAL A 139 -5.48 3.45 8.76
C VAL A 139 -6.71 3.00 7.99
N VAL A 140 -7.30 1.90 8.45
CA VAL A 140 -8.49 1.35 7.83
C VAL A 140 -9.63 2.36 7.95
N ARG A 141 -9.77 2.95 9.12
CA ARG A 141 -10.79 3.97 9.37
C ARG A 141 -10.62 5.14 8.39
N ARG A 142 -9.40 5.62 8.24
CA ARG A 142 -9.12 6.72 7.33
C ARG A 142 -9.36 6.31 5.88
N ALA A 143 -9.08 5.05 5.58
CA ALA A 143 -9.32 4.49 4.27
C ALA A 143 -10.82 4.48 3.99
N GLN A 144 -11.58 4.02 4.96
CA GLN A 144 -13.03 3.95 4.91
C GLN A 144 -13.62 5.35 4.78
N ALA A 145 -13.15 6.25 5.62
CA ALA A 145 -13.62 7.63 5.65
C ALA A 145 -13.23 8.40 4.40
N MET A 146 -12.25 7.91 3.68
CA MET A 146 -11.81 8.54 2.46
C MET A 146 -12.75 8.16 1.32
N ALA A 147 -13.08 6.89 1.23
CA ALA A 147 -13.91 6.44 0.14
C ALA A 147 -15.39 6.68 0.40
N TYR A 148 -15.84 6.38 1.61
CA TYR A 148 -17.23 6.53 1.96
C TYR A 148 -17.33 7.14 3.33
N MET A 3 -13.93 -37.31 -19.78
CA MET A 3 -13.67 -37.39 -18.35
C MET A 3 -13.36 -35.99 -17.86
N PRO A 4 -13.71 -35.65 -16.60
CA PRO A 4 -13.44 -34.32 -16.05
C PRO A 4 -11.92 -34.02 -15.95
N GLY A 5 -11.57 -32.79 -16.20
CA GLY A 5 -10.19 -32.36 -16.15
C GLY A 5 -10.11 -30.93 -16.58
N ARG A 6 -8.90 -30.39 -16.72
CA ARG A 6 -8.77 -28.99 -17.12
C ARG A 6 -9.18 -28.82 -18.57
N ALA A 7 -9.95 -27.81 -18.82
CA ALA A 7 -10.40 -27.51 -20.13
C ALA A 7 -9.58 -26.38 -20.70
N PRO A 8 -9.08 -26.52 -21.94
CA PRO A 8 -8.31 -25.46 -22.61
C PRO A 8 -9.12 -24.17 -22.70
N GLY A 9 -8.53 -23.10 -22.24
CA GLY A 9 -9.23 -21.86 -22.20
C GLY A 9 -8.49 -20.81 -22.96
N SER A 10 -9.13 -20.30 -23.98
CA SER A 10 -8.55 -19.24 -24.78
C SER A 10 -8.53 -17.96 -23.94
N THR A 11 -9.54 -17.82 -23.11
CA THR A 11 -9.62 -16.71 -22.21
C THR A 11 -9.15 -17.16 -20.83
N LEU A 12 -8.25 -16.41 -20.30
CA LEU A 12 -7.75 -16.61 -18.97
C LEU A 12 -8.50 -15.71 -18.04
N ALA A 13 -8.43 -16.00 -16.79
CA ALA A 13 -8.99 -15.12 -15.80
C ALA A 13 -7.98 -14.05 -15.51
N ARG A 14 -7.91 -13.09 -16.40
CA ARG A 14 -6.95 -12.06 -16.25
C ARG A 14 -7.56 -10.89 -15.52
N VAL A 15 -6.88 -10.46 -14.52
CA VAL A 15 -7.28 -9.35 -13.75
C VAL A 15 -6.25 -8.28 -13.89
N GLY A 16 -6.67 -7.10 -13.72
CA GLY A 16 -5.82 -6.00 -13.87
C GLY A 16 -6.02 -5.06 -12.74
N SER A 17 -5.37 -3.98 -12.81
CA SER A 17 -5.38 -3.01 -11.78
C SER A 17 -5.05 -1.68 -12.44
N ILE A 18 -4.97 -0.64 -11.66
CA ILE A 18 -4.65 0.65 -12.19
C ILE A 18 -3.14 0.75 -12.29
N PRO A 19 -2.59 1.24 -13.42
CA PRO A 19 -1.16 1.45 -13.56
C PRO A 19 -0.66 2.47 -12.55
N ALA A 20 0.62 2.49 -12.34
CA ALA A 20 1.20 3.35 -11.34
C ALA A 20 1.35 4.73 -11.90
N GLY A 21 0.78 5.69 -11.22
CA GLY A 21 0.80 7.04 -11.69
C GLY A 21 1.88 7.87 -11.07
N ASP A 22 1.58 8.46 -9.95
CA ASP A 22 2.50 9.41 -9.34
C ASP A 22 2.86 9.01 -7.93
N ASP A 23 4.12 9.21 -7.59
CA ASP A 23 4.62 8.93 -6.26
C ASP A 23 4.29 10.07 -5.32
N VAL A 24 3.81 9.72 -4.15
CA VAL A 24 3.35 10.68 -3.19
C VAL A 24 4.32 10.77 -1.98
N LEU A 25 5.21 9.79 -1.83
CA LEU A 25 6.10 9.82 -0.69
C LEU A 25 7.31 10.71 -0.94
N ASP A 26 8.20 10.75 0.02
CA ASP A 26 9.32 11.65 -0.04
C ASP A 26 10.47 11.01 -0.80
N PRO A 27 11.14 11.77 -1.71
CA PRO A 27 12.29 11.28 -2.51
C PRO A 27 13.42 10.66 -1.66
N ASP A 28 13.53 11.08 -0.40
CA ASP A 28 14.55 10.57 0.51
C ASP A 28 14.30 9.09 0.82
N GLU A 29 13.04 8.73 0.79
CA GLU A 29 12.62 7.38 1.05
C GLU A 29 12.92 6.49 -0.16
N PRO A 30 13.69 5.41 0.04
CA PRO A 30 13.99 4.47 -1.02
C PRO A 30 12.77 3.63 -1.33
N THR A 31 12.86 2.80 -2.31
CA THR A 31 11.75 1.99 -2.68
C THR A 31 12.16 0.57 -3.05
N TYR A 32 11.18 -0.21 -3.35
CA TYR A 32 11.28 -1.56 -3.79
C TYR A 32 10.90 -1.59 -5.24
N ASP A 33 11.29 -2.61 -5.90
CA ASP A 33 11.02 -2.78 -7.30
C ASP A 33 10.58 -4.23 -7.41
N LEU A 34 10.01 -4.62 -8.53
CA LEU A 34 9.46 -5.97 -8.69
C LEU A 34 10.48 -7.09 -8.39
N PRO A 35 11.70 -7.09 -9.03
CA PRO A 35 12.73 -8.09 -8.74
C PRO A 35 13.15 -8.10 -7.26
N ARG A 36 13.18 -6.92 -6.65
CA ARG A 36 13.53 -6.76 -5.25
C ARG A 36 12.46 -7.39 -4.35
N VAL A 37 11.21 -7.25 -4.74
CA VAL A 37 10.10 -7.85 -3.99
C VAL A 37 10.16 -9.36 -4.14
N ALA A 38 10.47 -9.79 -5.36
CA ALA A 38 10.61 -11.19 -5.69
C ALA A 38 11.72 -11.80 -4.83
N GLU A 39 12.76 -11.02 -4.65
CA GLU A 39 13.95 -11.35 -3.89
C GLU A 39 13.61 -11.52 -2.39
N LEU A 40 12.67 -10.72 -1.93
CA LEU A 40 12.24 -10.78 -0.53
C LEU A 40 11.32 -11.96 -0.28
N LEU A 41 10.33 -12.12 -1.13
CA LEU A 41 9.30 -13.11 -0.93
C LEU A 41 9.68 -14.50 -1.40
N GLY A 42 10.67 -14.59 -2.26
CA GLY A 42 11.04 -15.87 -2.80
C GLY A 42 10.07 -16.30 -3.86
N VAL A 43 9.55 -15.33 -4.55
CA VAL A 43 8.62 -15.55 -5.65
C VAL A 43 9.26 -15.03 -6.92
N PRO A 44 8.83 -15.48 -8.10
CA PRO A 44 9.33 -14.90 -9.34
C PRO A 44 8.72 -13.49 -9.57
N VAL A 45 9.31 -12.75 -10.49
CA VAL A 45 8.84 -11.40 -10.84
C VAL A 45 7.38 -11.48 -11.34
N SER A 46 7.09 -12.60 -11.99
CA SER A 46 5.79 -12.92 -12.51
C SER A 46 4.74 -12.91 -11.39
N LYS A 47 5.08 -13.47 -10.22
CA LYS A 47 4.15 -13.47 -9.10
C LYS A 47 3.94 -12.09 -8.54
N VAL A 48 5.01 -11.29 -8.52
CA VAL A 48 4.91 -9.90 -8.05
C VAL A 48 3.94 -9.13 -8.94
N ALA A 49 4.11 -9.32 -10.25
CA ALA A 49 3.23 -8.72 -11.24
C ALA A 49 1.79 -9.17 -11.01
N GLN A 50 1.62 -10.43 -10.63
CA GLN A 50 0.32 -10.98 -10.34
C GLN A 50 -0.29 -10.34 -9.10
N GLN A 51 0.52 -10.17 -8.05
CA GLN A 51 0.07 -9.53 -6.80
C GLN A 51 -0.44 -8.14 -7.06
N LEU A 52 0.33 -7.43 -7.84
CA LEU A 52 0.01 -6.07 -8.25
C LEU A 52 -1.30 -6.04 -9.05
N ARG A 53 -1.42 -6.96 -9.97
CA ARG A 53 -2.62 -7.07 -10.81
C ARG A 53 -3.83 -7.57 -10.04
N GLU A 54 -3.63 -8.26 -8.92
CA GLU A 54 -4.76 -8.79 -8.15
C GLU A 54 -5.16 -7.83 -7.05
N GLY A 55 -4.43 -6.73 -6.95
CA GLY A 55 -4.74 -5.74 -5.94
C GLY A 55 -4.38 -6.20 -4.57
N HIS A 56 -3.31 -6.96 -4.48
CA HIS A 56 -2.81 -7.45 -3.20
C HIS A 56 -1.60 -6.60 -2.81
N LEU A 57 -1.08 -5.90 -3.81
CA LEU A 57 0.06 -5.02 -3.68
C LEU A 57 -0.10 -3.94 -4.73
N VAL A 58 0.44 -2.75 -4.51
CA VAL A 58 0.31 -1.67 -5.48
C VAL A 58 1.64 -0.90 -5.58
N ALA A 59 1.83 -0.15 -6.65
CA ALA A 59 3.09 0.51 -6.94
C ALA A 59 2.84 1.93 -7.42
N VAL A 60 3.89 2.74 -7.41
CA VAL A 60 3.87 4.12 -7.89
C VAL A 60 4.95 4.30 -8.94
N ARG A 61 4.89 5.38 -9.67
CA ARG A 61 5.84 5.60 -10.73
C ARG A 61 6.52 6.94 -10.49
N ARG A 62 7.83 6.94 -10.58
CA ARG A 62 8.60 8.17 -10.43
C ARG A 62 9.89 8.03 -11.22
N ALA A 63 10.28 9.11 -11.90
CA ALA A 63 11.51 9.19 -12.70
C ALA A 63 11.53 8.16 -13.84
N GLY A 64 10.36 7.66 -14.19
CA GLY A 64 10.25 6.66 -15.25
C GLY A 64 10.38 5.26 -14.74
N GLY A 65 10.37 5.11 -13.43
CA GLY A 65 10.46 3.80 -12.85
C GLY A 65 9.26 3.49 -12.01
N VAL A 66 8.82 2.25 -12.07
CA VAL A 66 7.69 1.81 -11.27
C VAL A 66 8.26 1.14 -10.04
N VAL A 67 7.93 1.65 -8.90
CA VAL A 67 8.48 1.19 -7.64
C VAL A 67 7.40 1.08 -6.58
N ILE A 68 7.72 0.39 -5.52
CA ILE A 68 6.81 0.15 -4.43
C ILE A 68 7.44 0.69 -3.14
N PRO A 69 6.70 1.48 -2.35
CA PRO A 69 7.20 2.03 -1.06
C PRO A 69 7.70 0.96 -0.08
N GLN A 70 8.79 1.31 0.62
CA GLN A 70 9.42 0.47 1.66
C GLN A 70 8.41 0.09 2.72
N VAL A 71 7.57 1.05 3.05
CA VAL A 71 6.58 0.94 4.11
C VAL A 71 5.42 -0.02 3.78
N PHE A 72 5.40 -0.55 2.57
CA PHE A 72 4.36 -1.52 2.19
C PHE A 72 4.74 -2.91 2.63
N PHE A 73 5.92 -3.01 3.16
CA PHE A 73 6.43 -4.23 3.67
C PHE A 73 6.84 -4.02 5.09
N THR A 74 6.72 -5.04 5.86
CA THR A 74 7.12 -5.01 7.22
C THR A 74 8.64 -5.08 7.31
N ASN A 75 9.20 -4.83 8.48
CA ASN A 75 10.66 -4.92 8.68
C ASN A 75 11.16 -6.36 8.40
N SER A 76 10.25 -7.32 8.44
CA SER A 76 10.55 -8.71 8.19
C SER A 76 10.64 -8.98 6.67
N GLY A 77 10.23 -8.00 5.86
CA GLY A 77 10.25 -8.17 4.42
C GLY A 77 8.99 -8.81 3.91
N GLN A 78 7.99 -8.86 4.74
CA GLN A 78 6.72 -9.47 4.38
C GLN A 78 5.67 -8.42 4.11
N VAL A 79 4.78 -8.73 3.21
CA VAL A 79 3.66 -7.85 2.87
C VAL A 79 2.77 -7.67 4.10
N VAL A 80 2.32 -6.45 4.32
CA VAL A 80 1.40 -6.16 5.40
C VAL A 80 0.11 -6.95 5.17
N LYS A 81 -0.32 -7.70 6.15
CA LYS A 81 -1.50 -8.57 6.02
C LYS A 81 -2.78 -7.77 5.76
N SER A 82 -2.79 -6.53 6.15
CA SER A 82 -3.92 -5.66 5.98
C SER A 82 -3.82 -4.89 4.66
N LEU A 83 -2.77 -5.16 3.88
CA LEU A 83 -2.51 -4.44 2.63
C LEU A 83 -3.61 -4.72 1.58
N PRO A 84 -3.92 -6.02 1.22
CA PRO A 84 -4.98 -6.32 0.25
C PRO A 84 -6.33 -5.83 0.74
N GLY A 85 -6.48 -5.78 2.06
CA GLY A 85 -7.71 -5.34 2.66
C GLY A 85 -7.95 -3.87 2.43
N LEU A 86 -6.92 -3.05 2.64
CA LEU A 86 -7.06 -1.62 2.44
C LEU A 86 -7.26 -1.30 0.96
N LEU A 87 -6.52 -1.99 0.11
CA LEU A 87 -6.61 -1.78 -1.32
C LEU A 87 -8.00 -2.10 -1.83
N THR A 88 -8.58 -3.15 -1.30
CA THR A 88 -9.90 -3.57 -1.73
C THR A 88 -11.00 -2.59 -1.24
N ILE A 89 -10.90 -2.12 0.00
CA ILE A 89 -11.91 -1.21 0.52
C ILE A 89 -11.82 0.14 -0.22
N LEU A 90 -10.60 0.59 -0.50
CA LEU A 90 -10.40 1.81 -1.28
C LEU A 90 -10.87 1.64 -2.70
N HIS A 91 -10.69 0.46 -3.24
CA HIS A 91 -11.11 0.16 -4.60
C HIS A 91 -12.62 0.28 -4.72
N ASP A 92 -13.34 -0.14 -3.68
CA ASP A 92 -14.81 -0.05 -3.64
C ASP A 92 -15.24 1.43 -3.57
N GLY A 93 -14.35 2.26 -3.05
CA GLY A 93 -14.60 3.68 -2.97
C GLY A 93 -14.19 4.39 -4.25
N GLY A 94 -13.63 3.64 -5.17
CA GLY A 94 -13.24 4.19 -6.46
C GLY A 94 -11.84 4.77 -6.45
N TYR A 95 -11.03 4.35 -5.50
CA TYR A 95 -9.67 4.86 -5.39
C TYR A 95 -8.68 4.09 -6.25
N ARG A 96 -7.63 4.79 -6.63
CA ARG A 96 -6.55 4.26 -7.43
C ARG A 96 -5.23 4.43 -6.71
N ASP A 97 -4.17 3.92 -7.30
CA ASP A 97 -2.81 3.81 -6.73
C ASP A 97 -2.28 5.15 -6.16
N THR A 98 -2.39 6.21 -6.92
CA THR A 98 -1.93 7.50 -6.51
C THR A 98 -2.79 7.99 -5.36
N GLU A 99 -4.09 7.74 -5.47
CA GLU A 99 -5.03 8.14 -4.44
C GLU A 99 -4.79 7.39 -3.12
N ILE A 100 -4.37 6.12 -3.21
CA ILE A 100 -4.08 5.31 -2.01
C ILE A 100 -2.94 5.98 -1.23
N MET A 101 -1.91 6.33 -1.97
CA MET A 101 -0.72 6.93 -1.42
C MET A 101 -1.00 8.34 -0.93
N ARG A 102 -2.04 8.96 -1.48
CA ARG A 102 -2.42 10.33 -1.19
C ARG A 102 -2.61 10.53 0.32
N TRP A 103 -3.63 9.90 0.85
CA TRP A 103 -3.94 10.02 2.26
C TRP A 103 -2.91 9.33 3.14
N LEU A 104 -2.31 8.26 2.64
CA LEU A 104 -1.33 7.50 3.40
C LEU A 104 -0.08 8.29 3.74
N PHE A 105 0.40 9.07 2.81
CA PHE A 105 1.61 9.79 3.04
C PHE A 105 1.41 11.22 3.46
N THR A 106 0.19 11.68 3.39
CA THR A 106 -0.11 13.00 3.89
C THR A 106 -0.47 12.87 5.38
N PRO A 107 0.40 13.38 6.30
CA PRO A 107 0.16 13.29 7.75
C PRO A 107 -1.19 13.91 8.12
N ASP A 108 -1.97 13.17 8.88
CA ASP A 108 -3.30 13.61 9.25
C ASP A 108 -3.23 14.40 10.53
N PRO A 109 -3.62 15.69 10.51
CA PRO A 109 -3.56 16.57 11.67
C PRO A 109 -4.42 16.08 12.83
N SER A 110 -5.45 15.33 12.48
CA SER A 110 -6.36 14.80 13.45
C SER A 110 -5.97 13.37 13.87
N LEU A 111 -4.80 12.94 13.44
CA LEU A 111 -4.29 11.67 13.85
C LEU A 111 -3.21 11.86 14.87
N THR A 112 -3.35 11.22 15.97
CA THR A 112 -2.38 11.25 17.01
C THR A 112 -2.14 9.83 17.46
N ILE A 113 -0.98 9.33 17.18
CA ILE A 113 -0.63 7.97 17.46
C ILE A 113 0.70 7.89 18.13
N THR A 114 0.97 6.80 18.77
CA THR A 114 2.26 6.55 19.31
C THR A 114 3.01 5.89 18.22
N ARG A 115 4.13 6.43 17.90
CA ARG A 115 4.82 5.99 16.72
C ARG A 115 5.70 4.78 16.92
N ASP A 116 6.15 4.24 15.79
CA ASP A 116 7.07 3.11 15.73
C ASP A 116 8.34 3.44 16.52
N GLY A 117 8.41 2.92 17.73
CA GLY A 117 9.53 3.20 18.59
C GLY A 117 9.51 4.63 19.09
N SER A 118 8.34 5.09 19.45
CA SER A 118 8.17 6.41 20.02
C SER A 118 7.13 6.36 21.12
N ARG A 119 7.58 6.45 22.36
CA ARG A 119 6.69 6.44 23.53
C ARG A 119 5.71 7.59 23.53
N ASP A 120 6.10 8.66 22.90
CA ASP A 120 5.29 9.85 22.81
C ASP A 120 4.32 9.74 21.65
N ALA A 121 3.13 10.29 21.85
CA ALA A 121 2.12 10.29 20.84
C ALA A 121 2.27 11.53 19.99
N VAL A 122 2.34 11.34 18.72
CA VAL A 122 2.57 12.42 17.81
C VAL A 122 1.28 12.79 17.10
N SER A 123 0.90 14.03 17.23
CA SER A 123 -0.21 14.57 16.51
C SER A 123 0.30 14.97 15.13
N ASN A 124 -0.49 14.69 14.12
CA ASN A 124 -0.12 14.92 12.73
C ASN A 124 0.96 13.93 12.35
N ALA A 125 0.57 12.70 12.28
CA ALA A 125 1.47 11.66 11.90
C ALA A 125 1.01 11.02 10.61
N ARG A 126 1.91 10.35 9.96
CA ARG A 126 1.63 9.65 8.73
C ARG A 126 0.87 8.36 9.07
N PRO A 127 -0.33 8.15 8.46
CA PRO A 127 -1.16 6.95 8.68
C PRO A 127 -0.39 5.63 8.46
N VAL A 128 0.65 5.72 7.65
CA VAL A 128 1.51 4.58 7.33
C VAL A 128 2.16 4.00 8.59
N ASP A 129 2.63 4.87 9.46
CA ASP A 129 3.42 4.44 10.62
C ASP A 129 2.58 3.58 11.56
N ALA A 130 1.28 3.88 11.57
CA ALA A 130 0.33 3.19 12.40
C ALA A 130 0.21 1.72 12.03
N LEU A 131 0.31 1.39 10.75
CA LEU A 131 0.16 -0.01 10.32
C LEU A 131 1.35 -0.85 10.75
N HIS A 132 2.55 -0.28 10.70
CA HIS A 132 3.74 -1.01 11.09
C HIS A 132 3.80 -1.11 12.61
N ALA A 133 3.10 -0.18 13.23
CA ALA A 133 3.00 -0.13 14.69
C ALA A 133 1.80 -0.96 15.20
N HIS A 134 1.14 -1.67 14.28
CA HIS A 134 -0.01 -2.58 14.61
C HIS A 134 -1.23 -1.79 15.13
N GLN A 135 -1.34 -0.56 14.69
CA GLN A 135 -2.42 0.36 15.01
C GLN A 135 -3.27 0.53 13.75
N ALA A 136 -3.18 -0.52 12.92
CA ALA A 136 -3.78 -0.63 11.58
C ALA A 136 -5.27 -0.31 11.57
N ARG A 137 -5.95 -0.50 12.70
CA ARG A 137 -7.38 -0.20 12.82
C ARG A 137 -7.64 1.27 12.41
N GLU A 138 -6.74 2.17 12.83
CA GLU A 138 -6.87 3.58 12.48
C GLU A 138 -6.67 3.82 11.01
N VAL A 139 -5.90 2.96 10.39
CA VAL A 139 -5.66 3.04 8.97
C VAL A 139 -6.92 2.58 8.24
N VAL A 140 -7.48 1.47 8.71
CA VAL A 140 -8.71 0.91 8.14
C VAL A 140 -9.85 1.93 8.26
N ARG A 141 -10.03 2.49 9.45
CA ARG A 141 -11.06 3.50 9.65
C ARG A 141 -10.83 4.78 8.82
N ARG A 142 -9.56 5.19 8.68
CA ARG A 142 -9.22 6.32 7.82
C ARG A 142 -9.57 5.97 6.37
N ALA A 143 -9.29 4.74 5.99
CA ALA A 143 -9.58 4.22 4.66
C ALA A 143 -11.07 4.26 4.38
N GLN A 144 -11.86 3.87 5.38
CA GLN A 144 -13.33 3.91 5.30
C GLN A 144 -13.80 5.33 4.99
N ALA A 145 -13.28 6.27 5.75
CA ALA A 145 -13.62 7.68 5.62
C ALA A 145 -13.22 8.23 4.26
N MET A 146 -12.12 7.74 3.71
CA MET A 146 -11.66 8.20 2.41
C MET A 146 -12.49 7.60 1.30
N ALA A 147 -12.70 6.30 1.37
CA ALA A 147 -13.40 5.57 0.33
C ALA A 147 -14.85 5.97 0.24
N TYR A 148 -15.47 6.18 1.37
CA TYR A 148 -16.85 6.53 1.38
C TYR A 148 -17.02 8.00 1.72
N MET A 3 -36.87 -2.74 -30.05
CA MET A 3 -35.44 -2.61 -29.85
C MET A 3 -35.03 -3.29 -28.53
N PRO A 4 -34.67 -4.58 -28.57
CA PRO A 4 -34.20 -5.29 -27.41
C PRO A 4 -32.68 -5.09 -27.22
N GLY A 5 -32.31 -4.22 -26.31
CA GLY A 5 -30.92 -3.90 -26.11
C GLY A 5 -30.29 -4.68 -24.98
N ARG A 6 -30.55 -5.96 -24.94
CA ARG A 6 -29.94 -6.80 -23.94
C ARG A 6 -28.47 -7.02 -24.28
N ALA A 7 -27.62 -6.86 -23.32
CA ALA A 7 -26.21 -7.07 -23.50
C ALA A 7 -25.67 -7.86 -22.31
N PRO A 8 -25.70 -9.17 -22.40
CA PRO A 8 -25.26 -10.03 -21.33
C PRO A 8 -23.80 -10.41 -21.47
N GLY A 9 -23.33 -11.27 -20.60
CA GLY A 9 -21.97 -11.73 -20.65
C GLY A 9 -21.01 -10.70 -20.10
N SER A 10 -21.49 -9.89 -19.19
CA SER A 10 -20.67 -8.90 -18.57
C SER A 10 -19.70 -9.56 -17.59
N THR A 11 -18.44 -9.51 -17.93
CA THR A 11 -17.42 -10.11 -17.14
C THR A 11 -16.99 -9.15 -16.03
N LEU A 12 -16.96 -9.66 -14.80
CA LEU A 12 -16.52 -8.87 -13.67
C LEU A 12 -15.03 -8.58 -13.79
N ALA A 13 -14.60 -7.55 -13.14
CA ALA A 13 -13.23 -7.15 -13.22
C ALA A 13 -12.70 -6.86 -11.83
N ARG A 14 -12.08 -7.85 -11.21
CA ARG A 14 -11.54 -7.66 -9.87
C ARG A 14 -10.05 -7.81 -9.87
N VAL A 15 -9.53 -7.92 -11.04
CA VAL A 15 -8.11 -8.04 -11.22
C VAL A 15 -7.57 -6.62 -11.36
N GLY A 16 -7.00 -6.14 -10.30
CA GLY A 16 -6.55 -4.80 -10.22
C GLY A 16 -5.30 -4.56 -10.98
N SER A 17 -5.44 -4.22 -12.21
CA SER A 17 -4.32 -3.87 -12.99
C SER A 17 -4.12 -2.37 -12.80
N ILE A 18 -3.50 -2.02 -11.67
CA ILE A 18 -3.28 -0.64 -11.34
C ILE A 18 -2.13 -0.08 -12.18
N PRO A 19 -2.39 0.96 -12.99
CA PRO A 19 -1.34 1.69 -13.65
C PRO A 19 -0.67 2.58 -12.62
N ALA A 20 0.61 2.66 -12.65
CA ALA A 20 1.30 3.44 -11.64
C ALA A 20 1.30 4.90 -12.05
N GLY A 21 0.79 5.75 -11.19
CA GLY A 21 0.67 7.13 -11.50
C GLY A 21 1.75 7.94 -10.87
N ASP A 22 1.42 8.66 -9.82
CA ASP A 22 2.38 9.55 -9.21
C ASP A 22 2.69 9.13 -7.78
N ASP A 23 3.96 9.18 -7.45
CA ASP A 23 4.45 8.82 -6.12
C ASP A 23 4.23 9.96 -5.13
N VAL A 24 3.90 9.62 -3.92
CA VAL A 24 3.57 10.58 -2.89
C VAL A 24 4.63 10.58 -1.77
N LEU A 25 5.47 9.56 -1.70
CA LEU A 25 6.48 9.57 -0.66
C LEU A 25 7.72 10.33 -1.08
N ASP A 26 8.66 10.48 -0.20
CA ASP A 26 9.88 11.19 -0.51
C ASP A 26 10.84 10.25 -1.22
N PRO A 27 11.59 10.72 -2.24
CA PRO A 27 12.55 9.89 -2.99
C PRO A 27 13.53 9.09 -2.11
N ASP A 28 13.89 9.63 -0.95
CA ASP A 28 14.85 8.94 -0.08
C ASP A 28 14.23 7.88 0.77
N GLU A 29 12.90 7.82 0.80
CA GLU A 29 12.22 6.76 1.52
C GLU A 29 12.53 5.45 0.81
N PRO A 30 12.83 4.39 1.57
CA PRO A 30 13.16 3.08 1.01
C PRO A 30 12.10 2.56 0.03
N THR A 31 12.54 2.07 -1.10
CA THR A 31 11.68 1.58 -2.14
C THR A 31 12.13 0.22 -2.66
N TYR A 32 11.28 -0.39 -3.42
CA TYR A 32 11.51 -1.64 -4.10
C TYR A 32 11.11 -1.48 -5.53
N ASP A 33 11.59 -2.35 -6.35
CA ASP A 33 11.22 -2.38 -7.75
C ASP A 33 10.94 -3.82 -8.08
N LEU A 34 10.32 -4.08 -9.22
CA LEU A 34 9.80 -5.44 -9.57
C LEU A 34 10.73 -6.63 -9.25
N PRO A 35 11.95 -6.72 -9.85
CA PRO A 35 12.87 -7.81 -9.53
C PRO A 35 13.32 -7.81 -8.06
N ARG A 36 13.36 -6.62 -7.46
CA ARG A 36 13.75 -6.51 -6.08
C ARG A 36 12.66 -7.08 -5.16
N VAL A 37 11.41 -6.88 -5.54
CA VAL A 37 10.29 -7.43 -4.77
C VAL A 37 10.27 -8.94 -4.92
N ALA A 38 10.58 -9.41 -6.11
CA ALA A 38 10.68 -10.83 -6.39
C ALA A 38 11.72 -11.46 -5.47
N GLU A 39 12.79 -10.73 -5.28
CA GLU A 39 13.89 -11.10 -4.41
C GLU A 39 13.42 -11.17 -2.96
N LEU A 40 12.68 -10.17 -2.56
CA LEU A 40 12.20 -10.02 -1.21
C LEU A 40 11.24 -11.13 -0.84
N LEU A 41 10.30 -11.40 -1.72
CA LEU A 41 9.27 -12.38 -1.44
C LEU A 41 9.71 -13.79 -1.76
N GLY A 42 10.73 -13.94 -2.56
CA GLY A 42 11.19 -15.26 -2.92
C GLY A 42 10.30 -15.90 -3.94
N VAL A 43 9.73 -15.08 -4.79
CA VAL A 43 8.87 -15.53 -5.87
C VAL A 43 9.31 -14.86 -7.18
N PRO A 44 8.97 -15.43 -8.35
CA PRO A 44 9.25 -14.77 -9.63
C PRO A 44 8.45 -13.46 -9.81
N VAL A 45 8.94 -12.61 -10.71
CA VAL A 45 8.34 -11.29 -11.00
C VAL A 45 6.90 -11.42 -11.46
N SER A 46 6.62 -12.48 -12.16
CA SER A 46 5.30 -12.79 -12.65
C SER A 46 4.30 -12.86 -11.50
N LYS A 47 4.71 -13.50 -10.41
CA LYS A 47 3.88 -13.59 -9.24
C LYS A 47 3.73 -12.27 -8.55
N VAL A 48 4.78 -11.48 -8.57
CA VAL A 48 4.73 -10.15 -7.98
C VAL A 48 3.67 -9.30 -8.69
N ALA A 49 3.64 -9.45 -10.01
CA ALA A 49 2.68 -8.76 -10.84
C ALA A 49 1.26 -9.19 -10.49
N GLN A 50 1.07 -10.48 -10.24
CA GLN A 50 -0.24 -10.98 -9.88
C GLN A 50 -0.66 -10.54 -8.47
N GLN A 51 0.30 -10.45 -7.54
CA GLN A 51 0.04 -9.94 -6.17
C GLN A 51 -0.54 -8.53 -6.26
N LEU A 52 0.08 -7.74 -7.13
CA LEU A 52 -0.36 -6.37 -7.41
C LEU A 52 -1.79 -6.39 -7.94
N ARG A 53 -2.02 -7.28 -8.86
CA ARG A 53 -3.32 -7.45 -9.48
C ARG A 53 -4.37 -8.05 -8.54
N GLU A 54 -3.93 -8.73 -7.50
CA GLU A 54 -4.85 -9.30 -6.52
C GLU A 54 -5.21 -8.25 -5.47
N GLY A 55 -4.55 -7.12 -5.54
CA GLY A 55 -4.79 -6.06 -4.59
C GLY A 55 -4.02 -6.29 -3.31
N HIS A 56 -2.95 -7.06 -3.41
CA HIS A 56 -2.12 -7.35 -2.25
C HIS A 56 -1.00 -6.33 -2.14
N LEU A 57 -0.76 -5.65 -3.23
CA LEU A 57 0.32 -4.71 -3.31
C LEU A 57 -0.05 -3.63 -4.32
N VAL A 58 0.54 -2.45 -4.18
CA VAL A 58 0.34 -1.33 -5.10
C VAL A 58 1.70 -0.68 -5.36
N ALA A 59 1.89 -0.16 -6.54
CA ALA A 59 3.13 0.45 -6.95
C ALA A 59 2.86 1.82 -7.54
N VAL A 60 3.85 2.68 -7.50
CA VAL A 60 3.75 4.03 -8.02
C VAL A 60 4.87 4.30 -8.99
N ARG A 61 4.76 5.34 -9.73
CA ARG A 61 5.73 5.62 -10.74
C ARG A 61 6.33 6.99 -10.49
N ARG A 62 7.61 7.09 -10.64
CA ARG A 62 8.32 8.33 -10.49
C ARG A 62 9.58 8.25 -11.34
N ALA A 63 9.90 9.34 -12.03
CA ALA A 63 11.07 9.44 -12.92
C ALA A 63 10.95 8.47 -14.11
N GLY A 64 9.73 8.00 -14.33
CA GLY A 64 9.46 7.06 -15.38
C GLY A 64 9.56 5.62 -14.90
N GLY A 65 10.00 5.44 -13.68
CA GLY A 65 10.19 4.11 -13.15
C GLY A 65 9.11 3.75 -12.20
N VAL A 66 8.72 2.51 -12.22
CA VAL A 66 7.70 2.05 -11.33
C VAL A 66 8.34 1.38 -10.13
N VAL A 67 8.01 1.88 -8.98
CA VAL A 67 8.57 1.44 -7.75
C VAL A 67 7.50 1.15 -6.75
N ILE A 68 7.79 0.25 -5.88
CA ILE A 68 6.91 -0.17 -4.85
C ILE A 68 7.42 0.44 -3.55
N PRO A 69 6.56 1.15 -2.81
CA PRO A 69 6.92 1.68 -1.51
C PRO A 69 7.25 0.53 -0.54
N GLN A 70 8.48 0.52 -0.05
CA GLN A 70 8.97 -0.52 0.86
C GLN A 70 8.18 -0.54 2.16
N VAL A 71 7.59 0.59 2.48
CA VAL A 71 6.79 0.78 3.67
C VAL A 71 5.46 -0.04 3.63
N PHE A 72 5.18 -0.67 2.50
CA PHE A 72 4.05 -1.59 2.37
C PHE A 72 4.43 -2.95 2.95
N PHE A 73 5.71 -3.13 3.17
CA PHE A 73 6.22 -4.32 3.74
C PHE A 73 6.67 -4.01 5.14
N THR A 74 6.63 -4.98 5.99
CA THR A 74 7.07 -4.83 7.34
C THR A 74 8.59 -4.84 7.38
N ASN A 75 9.14 -4.60 8.55
CA ASN A 75 10.60 -4.65 8.74
C ASN A 75 11.12 -6.09 8.48
N SER A 76 10.21 -7.05 8.50
CA SER A 76 10.53 -8.44 8.23
C SER A 76 10.55 -8.72 6.72
N GLY A 77 10.20 -7.71 5.92
CA GLY A 77 10.22 -7.86 4.48
C GLY A 77 9.03 -8.63 3.95
N GLN A 78 7.95 -8.59 4.67
CA GLN A 78 6.74 -9.29 4.25
C GLN A 78 5.60 -8.27 4.21
N VAL A 79 4.60 -8.54 3.40
CA VAL A 79 3.43 -7.70 3.29
C VAL A 79 2.70 -7.65 4.63
N VAL A 80 2.30 -6.45 5.05
CA VAL A 80 1.57 -6.28 6.30
C VAL A 80 0.24 -7.06 6.15
N LYS A 81 -0.20 -7.70 7.21
CA LYS A 81 -1.32 -8.65 7.14
C LYS A 81 -2.59 -8.09 6.51
N SER A 82 -2.97 -6.92 6.89
CA SER A 82 -4.19 -6.39 6.39
C SER A 82 -3.97 -5.23 5.41
N LEU A 83 -2.76 -5.21 4.83
CA LEU A 83 -2.40 -4.25 3.78
C LEU A 83 -3.37 -4.39 2.58
N PRO A 84 -3.64 -5.66 2.04
CA PRO A 84 -4.53 -5.86 0.89
C PRO A 84 -5.92 -5.33 1.20
N GLY A 85 -6.29 -5.32 2.47
CA GLY A 85 -7.59 -4.88 2.88
C GLY A 85 -7.83 -3.43 2.55
N LEU A 86 -6.85 -2.57 2.85
CA LEU A 86 -6.99 -1.13 2.58
C LEU A 86 -7.00 -0.89 1.08
N LEU A 87 -6.15 -1.63 0.40
CA LEU A 87 -5.97 -1.50 -1.03
C LEU A 87 -7.25 -1.90 -1.75
N THR A 88 -7.84 -2.99 -1.33
CA THR A 88 -9.02 -3.53 -1.96
C THR A 88 -10.24 -2.59 -1.77
N ILE A 89 -10.45 -2.10 -0.54
CA ILE A 89 -11.60 -1.24 -0.26
C ILE A 89 -11.54 0.06 -1.09
N LEU A 90 -10.37 0.69 -1.13
CA LEU A 90 -10.18 1.90 -1.93
C LEU A 90 -10.29 1.64 -3.42
N HIS A 91 -9.69 0.55 -3.87
CA HIS A 91 -9.69 0.23 -5.30
C HIS A 91 -11.10 -0.03 -5.79
N ASP A 92 -11.84 -0.79 -5.00
CA ASP A 92 -13.23 -1.13 -5.32
C ASP A 92 -14.10 0.14 -5.23
N GLY A 93 -13.65 1.08 -4.39
CA GLY A 93 -14.34 2.34 -4.20
C GLY A 93 -14.06 3.35 -5.32
N GLY A 94 -13.11 3.04 -6.18
CA GLY A 94 -12.80 3.92 -7.30
C GLY A 94 -11.72 4.93 -6.97
N TYR A 95 -10.58 4.45 -6.48
CA TYR A 95 -9.45 5.31 -6.16
C TYR A 95 -8.18 4.80 -6.78
N ARG A 96 -7.42 5.71 -7.32
CA ARG A 96 -6.15 5.41 -7.98
C ARG A 96 -5.03 5.25 -6.94
N ASP A 97 -3.90 4.78 -7.41
CA ASP A 97 -2.68 4.51 -6.60
C ASP A 97 -2.24 5.75 -5.83
N THR A 98 -2.23 6.86 -6.50
CA THR A 98 -1.82 8.11 -5.95
C THR A 98 -2.73 8.52 -4.78
N GLU A 99 -4.04 8.29 -4.92
CA GLU A 99 -4.98 8.65 -3.87
C GLU A 99 -4.75 7.80 -2.63
N ILE A 100 -4.37 6.53 -2.82
CA ILE A 100 -4.12 5.64 -1.67
C ILE A 100 -2.97 6.22 -0.86
N MET A 101 -1.92 6.56 -1.59
CA MET A 101 -0.69 7.07 -1.00
C MET A 101 -0.91 8.46 -0.42
N ARG A 102 -1.94 9.14 -0.93
CA ARG A 102 -2.24 10.52 -0.57
C ARG A 102 -2.44 10.63 0.93
N TRP A 103 -3.51 10.02 1.41
CA TRP A 103 -3.81 10.05 2.83
C TRP A 103 -2.84 9.24 3.66
N LEU A 104 -2.31 8.17 3.08
CA LEU A 104 -1.34 7.32 3.76
C LEU A 104 -0.06 8.05 4.13
N PHE A 105 0.41 8.90 3.26
CA PHE A 105 1.63 9.60 3.51
C PHE A 105 1.43 10.99 4.04
N THR A 106 0.21 11.47 4.03
CA THR A 106 -0.07 12.75 4.60
C THR A 106 -0.34 12.57 6.11
N PRO A 107 0.52 13.15 6.97
CA PRO A 107 0.41 13.00 8.41
C PRO A 107 -0.82 13.66 8.98
N ASP A 108 -1.27 13.16 10.11
CA ASP A 108 -2.40 13.74 10.79
C ASP A 108 -1.88 14.61 11.92
N PRO A 109 -2.21 15.91 11.89
CA PRO A 109 -1.72 16.88 12.88
C PRO A 109 -2.12 16.55 14.32
N SER A 110 -3.21 15.86 14.47
CA SER A 110 -3.75 15.55 15.77
C SER A 110 -3.40 14.13 16.22
N LEU A 111 -2.62 13.44 15.42
CA LEU A 111 -2.28 12.07 15.70
C LEU A 111 -0.86 12.02 16.26
N THR A 112 -0.66 11.20 17.24
CA THR A 112 0.65 11.01 17.81
C THR A 112 0.94 9.51 17.88
N ILE A 113 1.97 9.10 17.18
CA ILE A 113 2.34 7.71 17.03
C ILE A 113 3.80 7.57 17.39
N THR A 114 4.20 6.42 17.82
CA THR A 114 5.59 6.13 18.05
C THR A 114 6.12 5.59 16.74
N ARG A 115 7.18 6.17 16.25
CA ARG A 115 7.63 5.81 14.93
C ARG A 115 8.78 4.81 15.04
N ASP A 116 8.62 3.68 14.33
CA ASP A 116 9.64 2.61 14.29
C ASP A 116 11.00 3.15 13.98
N GLY A 117 11.90 2.92 14.87
CA GLY A 117 13.21 3.48 14.80
C GLY A 117 13.56 4.01 16.15
N SER A 118 12.54 4.43 16.85
CA SER A 118 12.65 4.92 18.17
C SER A 118 11.39 4.49 18.90
N ARG A 119 11.36 4.68 20.18
CA ARG A 119 10.17 4.37 20.96
C ARG A 119 9.49 5.68 21.34
N ASP A 120 10.02 6.74 20.80
CA ASP A 120 9.55 8.09 21.03
C ASP A 120 8.25 8.37 20.31
N ALA A 121 7.42 9.16 20.94
CA ALA A 121 6.14 9.52 20.40
C ALA A 121 6.29 10.75 19.53
N VAL A 122 5.86 10.64 18.32
CA VAL A 122 5.94 11.69 17.35
C VAL A 122 4.54 12.16 17.02
N SER A 123 4.29 13.42 17.26
CA SER A 123 3.04 13.99 16.89
C SER A 123 3.11 14.36 15.43
N ASN A 124 2.02 14.11 14.74
CA ASN A 124 1.90 14.32 13.32
C ASN A 124 2.72 13.29 12.54
N ALA A 125 2.23 12.05 12.61
CA ALA A 125 2.83 10.96 11.88
C ALA A 125 1.87 10.52 10.78
N ARG A 126 2.34 9.73 9.86
CA ARG A 126 1.51 9.30 8.73
C ARG A 126 0.86 7.96 9.07
N PRO A 127 -0.36 7.69 8.54
CA PRO A 127 -1.07 6.40 8.76
C PRO A 127 -0.19 5.16 8.47
N VAL A 128 0.78 5.31 7.58
CA VAL A 128 1.74 4.23 7.29
C VAL A 128 2.53 3.85 8.55
N ASP A 129 2.85 4.84 9.36
CA ASP A 129 3.58 4.60 10.61
C ASP A 129 2.69 3.86 11.57
N ALA A 130 1.43 4.21 11.55
CA ALA A 130 0.44 3.62 12.41
C ALA A 130 0.18 2.15 12.04
N LEU A 131 0.12 1.85 10.76
CA LEU A 131 -0.14 0.47 10.33
C LEU A 131 0.99 -0.48 10.71
N HIS A 132 2.24 -0.01 10.58
CA HIS A 132 3.38 -0.86 10.95
C HIS A 132 3.50 -0.93 12.46
N ALA A 133 2.85 -0.01 13.12
CA ALA A 133 2.80 0.02 14.57
C ALA A 133 1.66 -0.87 15.08
N HIS A 134 1.01 -1.56 14.14
CA HIS A 134 -0.10 -2.48 14.39
C HIS A 134 -1.34 -1.76 14.89
N GLN A 135 -1.46 -0.51 14.47
CA GLN A 135 -2.60 0.35 14.74
C GLN A 135 -3.46 0.45 13.48
N ALA A 136 -3.31 -0.58 12.65
CA ALA A 136 -3.96 -0.70 11.34
C ALA A 136 -5.48 -0.50 11.42
N ARG A 137 -6.06 -0.81 12.57
CA ARG A 137 -7.49 -0.66 12.82
C ARG A 137 -7.97 0.79 12.52
N GLU A 138 -7.19 1.77 12.99
CA GLU A 138 -7.51 3.17 12.81
C GLU A 138 -7.26 3.56 11.33
N VAL A 139 -6.27 2.91 10.72
CA VAL A 139 -5.95 3.16 9.31
C VAL A 139 -7.11 2.68 8.41
N VAL A 140 -7.66 1.51 8.73
CA VAL A 140 -8.83 0.96 8.03
C VAL A 140 -10.00 1.93 8.14
N ARG A 141 -10.15 2.48 9.33
CA ARG A 141 -11.19 3.46 9.64
C ARG A 141 -11.10 4.67 8.68
N ARG A 142 -9.87 5.17 8.50
CA ARG A 142 -9.64 6.30 7.61
C ARG A 142 -9.82 5.92 6.16
N ALA A 143 -9.45 4.70 5.81
CA ALA A 143 -9.59 4.21 4.46
C ALA A 143 -11.06 4.18 4.05
N GLN A 144 -11.90 3.71 4.96
CA GLN A 144 -13.35 3.69 4.76
C GLN A 144 -13.87 5.10 4.54
N ALA A 145 -13.40 6.02 5.39
CA ALA A 145 -13.82 7.41 5.37
C ALA A 145 -13.40 8.11 4.08
N MET A 146 -12.25 7.76 3.58
CA MET A 146 -11.70 8.37 2.37
C MET A 146 -12.36 7.81 1.12
N ALA A 147 -12.83 6.58 1.19
CA ALA A 147 -13.40 5.95 0.03
C ALA A 147 -14.84 6.34 -0.21
N TYR A 148 -15.69 5.97 0.71
CA TYR A 148 -17.10 6.10 0.50
C TYR A 148 -17.61 7.44 0.95
N MET A 3 -0.69 17.47 -4.32
CA MET A 3 -0.78 16.69 -5.56
C MET A 3 -2.16 16.06 -5.68
N PRO A 4 -2.64 15.82 -6.90
CA PRO A 4 -3.84 15.05 -7.11
C PRO A 4 -3.51 13.55 -7.14
N GLY A 5 -4.30 12.76 -6.48
CA GLY A 5 -4.08 11.34 -6.49
C GLY A 5 -4.72 10.73 -7.70
N ARG A 6 -5.95 11.12 -7.93
CA ARG A 6 -6.65 10.72 -9.12
C ARG A 6 -6.09 11.51 -10.31
N ALA A 7 -5.79 10.83 -11.40
CA ALA A 7 -5.21 11.47 -12.57
C ALA A 7 -5.14 10.51 -13.76
N PRO A 8 -6.05 10.64 -14.72
CA PRO A 8 -5.99 9.86 -15.94
C PRO A 8 -4.99 10.50 -16.91
N GLY A 9 -3.94 9.80 -17.22
CA GLY A 9 -2.92 10.36 -18.07
C GLY A 9 -2.36 9.36 -19.04
N SER A 10 -1.07 9.24 -19.06
CA SER A 10 -0.34 8.40 -19.97
C SER A 10 -0.57 6.90 -19.67
N THR A 11 -1.35 6.26 -20.51
CA THR A 11 -1.59 4.85 -20.38
C THR A 11 -0.68 4.09 -21.35
N LEU A 12 -0.04 3.05 -20.89
CA LEU A 12 0.86 2.26 -21.71
C LEU A 12 0.06 1.19 -22.45
N ALA A 13 0.69 0.53 -23.40
CA ALA A 13 0.08 -0.60 -24.06
C ALA A 13 0.11 -1.74 -23.06
N ARG A 14 -1.05 -2.09 -22.55
CA ARG A 14 -1.13 -3.05 -21.48
C ARG A 14 -1.02 -4.48 -21.92
N VAL A 15 0.19 -4.93 -22.03
CA VAL A 15 0.49 -6.31 -22.31
C VAL A 15 1.30 -6.80 -21.13
N GLY A 16 0.59 -7.12 -20.08
CA GLY A 16 1.23 -7.52 -18.85
C GLY A 16 1.75 -6.31 -18.11
N SER A 17 1.23 -5.16 -18.46
CA SER A 17 1.64 -3.92 -17.88
C SER A 17 0.66 -3.54 -16.77
N ILE A 18 1.19 -3.22 -15.62
CA ILE A 18 0.38 -2.83 -14.49
C ILE A 18 0.33 -1.31 -14.46
N PRO A 19 -0.85 -0.70 -14.43
CA PRO A 19 -0.94 0.76 -14.36
C PRO A 19 -0.45 1.27 -13.01
N ALA A 20 0.35 2.29 -13.07
CA ALA A 20 0.89 2.95 -11.92
C ALA A 20 0.67 4.42 -12.11
N GLY A 21 0.30 5.09 -11.05
CA GLY A 21 0.09 6.50 -11.14
C GLY A 21 1.35 7.28 -10.88
N ASP A 22 1.26 8.23 -10.00
CA ASP A 22 2.38 9.08 -9.72
C ASP A 22 2.93 8.79 -8.36
N ASP A 23 4.21 8.94 -8.19
CA ASP A 23 4.86 8.62 -6.94
C ASP A 23 4.66 9.70 -5.92
N VAL A 24 4.15 9.31 -4.80
CA VAL A 24 3.87 10.22 -3.70
C VAL A 24 5.10 10.30 -2.78
N LEU A 25 5.99 9.36 -2.95
CA LEU A 25 7.14 9.24 -2.11
C LEU A 25 8.32 10.08 -2.52
N ASP A 26 9.30 10.01 -1.65
CA ASP A 26 10.57 10.60 -1.84
C ASP A 26 11.54 9.46 -2.14
N PRO A 27 12.51 9.65 -3.04
CA PRO A 27 13.49 8.61 -3.41
C PRO A 27 14.28 8.03 -2.21
N ASP A 28 14.42 8.82 -1.14
CA ASP A 28 15.21 8.41 0.02
C ASP A 28 14.31 7.72 1.06
N GLU A 29 13.00 7.87 0.89
CA GLU A 29 12.05 7.21 1.76
C GLU A 29 12.00 5.76 1.27
N PRO A 30 12.15 4.78 2.21
CA PRO A 30 12.19 3.34 1.93
C PRO A 30 11.35 2.88 0.71
N THR A 31 12.04 2.54 -0.35
CA THR A 31 11.40 2.09 -1.56
C THR A 31 12.05 0.83 -2.13
N TYR A 32 11.27 0.11 -2.88
CA TYR A 32 11.66 -1.10 -3.58
C TYR A 32 11.25 -0.96 -5.01
N ASP A 33 11.81 -1.75 -5.85
CA ASP A 33 11.43 -1.77 -7.25
C ASP A 33 11.32 -3.21 -7.64
N LEU A 34 10.82 -3.48 -8.83
CA LEU A 34 10.46 -4.86 -9.28
C LEU A 34 11.47 -5.98 -8.90
N PRO A 35 12.76 -5.94 -9.37
CA PRO A 35 13.75 -6.96 -9.00
C PRO A 35 13.97 -7.04 -7.47
N ARG A 36 13.89 -5.91 -6.79
CA ARG A 36 14.09 -5.88 -5.33
C ARG A 36 12.94 -6.54 -4.59
N VAL A 37 11.74 -6.37 -5.09
CA VAL A 37 10.60 -7.02 -4.49
C VAL A 37 10.66 -8.52 -4.73
N ALA A 38 11.05 -8.89 -5.93
CA ALA A 38 11.24 -10.28 -6.29
C ALA A 38 12.34 -10.90 -5.43
N GLU A 39 13.37 -10.11 -5.19
CA GLU A 39 14.51 -10.48 -4.35
C GLU A 39 14.05 -10.72 -2.91
N LEU A 40 13.23 -9.80 -2.44
CA LEU A 40 12.79 -9.77 -1.07
C LEU A 40 11.81 -10.90 -0.77
N LEU A 41 10.87 -11.11 -1.65
CA LEU A 41 9.84 -12.12 -1.43
C LEU A 41 10.29 -13.51 -1.86
N GLY A 42 11.31 -13.56 -2.70
CA GLY A 42 11.79 -14.83 -3.21
C GLY A 42 10.87 -15.38 -4.27
N VAL A 43 10.23 -14.47 -4.97
CA VAL A 43 9.25 -14.82 -6.00
C VAL A 43 9.63 -14.12 -7.30
N PRO A 44 9.07 -14.53 -8.45
CA PRO A 44 9.33 -13.85 -9.71
C PRO A 44 8.53 -12.57 -9.83
N VAL A 45 8.93 -11.74 -10.77
CA VAL A 45 8.28 -10.46 -11.02
C VAL A 45 6.84 -10.69 -11.46
N SER A 46 6.64 -11.77 -12.18
CA SER A 46 5.33 -12.18 -12.63
C SER A 46 4.37 -12.41 -11.44
N LYS A 47 4.86 -12.99 -10.34
CA LYS A 47 4.01 -13.20 -9.17
C LYS A 47 3.69 -11.85 -8.51
N VAL A 48 4.66 -10.96 -8.51
CA VAL A 48 4.47 -9.61 -7.97
C VAL A 48 3.42 -8.89 -8.81
N ALA A 49 3.53 -9.06 -10.11
CA ALA A 49 2.60 -8.50 -11.08
C ALA A 49 1.18 -8.99 -10.81
N GLN A 50 1.06 -10.24 -10.40
CA GLN A 50 -0.22 -10.81 -10.03
C GLN A 50 -0.78 -10.15 -8.80
N GLN A 51 0.07 -9.99 -7.78
CA GLN A 51 -0.33 -9.35 -6.53
C GLN A 51 -0.81 -7.94 -6.79
N LEU A 52 -0.04 -7.24 -7.60
CA LEU A 52 -0.32 -5.85 -7.97
C LEU A 52 -1.66 -5.77 -8.70
N ARG A 53 -1.88 -6.70 -9.59
CA ARG A 53 -3.11 -6.75 -10.35
C ARG A 53 -4.32 -7.16 -9.54
N GLU A 54 -4.12 -7.96 -8.52
CA GLU A 54 -5.25 -8.46 -7.77
C GLU A 54 -5.59 -7.59 -6.59
N GLY A 55 -4.71 -6.68 -6.28
CA GLY A 55 -4.95 -5.77 -5.20
C GLY A 55 -4.42 -6.30 -3.89
N HIS A 56 -3.29 -6.97 -3.96
CA HIS A 56 -2.61 -7.42 -2.76
C HIS A 56 -1.48 -6.42 -2.44
N LEU A 57 -1.06 -5.70 -3.47
CA LEU A 57 0.01 -4.75 -3.37
C LEU A 57 -0.19 -3.75 -4.53
N VAL A 58 0.32 -2.54 -4.39
CA VAL A 58 0.22 -1.52 -5.46
C VAL A 58 1.58 -0.86 -5.69
N ALA A 59 1.74 -0.22 -6.84
CA ALA A 59 3.00 0.38 -7.24
C ALA A 59 2.76 1.74 -7.87
N VAL A 60 3.78 2.57 -7.88
CA VAL A 60 3.73 3.89 -8.47
C VAL A 60 4.88 4.08 -9.44
N ARG A 61 4.81 5.11 -10.25
CA ARG A 61 5.81 5.34 -11.27
C ARG A 61 6.47 6.72 -11.09
N ARG A 62 7.78 6.73 -11.07
CA ARG A 62 8.55 7.96 -10.99
C ARG A 62 9.71 7.90 -11.96
N ALA A 63 9.79 8.89 -12.85
CA ALA A 63 10.84 9.00 -13.88
C ALA A 63 10.85 7.78 -14.82
N GLY A 64 9.70 7.14 -14.96
CA GLY A 64 9.58 5.95 -15.77
C GLY A 64 9.90 4.68 -15.00
N GLY A 65 10.27 4.84 -13.76
CA GLY A 65 10.59 3.72 -12.92
C GLY A 65 9.43 3.33 -12.08
N VAL A 66 9.19 2.07 -11.96
CA VAL A 66 8.11 1.56 -11.17
C VAL A 66 8.67 1.18 -9.82
N VAL A 67 8.12 1.74 -8.79
CA VAL A 67 8.58 1.52 -7.45
C VAL A 67 7.43 1.18 -6.53
N ILE A 68 7.73 0.42 -5.53
CA ILE A 68 6.79 0.00 -4.54
C ILE A 68 7.35 0.41 -3.18
N PRO A 69 6.58 1.16 -2.40
CA PRO A 69 7.00 1.59 -1.05
C PRO A 69 7.36 0.41 -0.16
N GLN A 70 8.53 0.50 0.45
CA GLN A 70 9.03 -0.53 1.36
C GLN A 70 8.16 -0.65 2.60
N VAL A 71 7.48 0.43 2.91
CA VAL A 71 6.58 0.49 4.06
C VAL A 71 5.29 -0.33 3.83
N PHE A 72 5.14 -0.90 2.65
CA PHE A 72 4.04 -1.82 2.36
C PHE A 72 4.47 -3.22 2.76
N PHE A 73 5.69 -3.31 3.17
CA PHE A 73 6.29 -4.50 3.63
C PHE A 73 6.67 -4.29 5.06
N THR A 74 6.67 -5.33 5.80
CA THR A 74 7.05 -5.30 7.16
C THR A 74 8.57 -5.38 7.23
N ASN A 75 9.10 -5.22 8.43
CA ASN A 75 10.56 -5.30 8.65
C ASN A 75 11.08 -6.72 8.37
N SER A 76 10.16 -7.66 8.33
CA SER A 76 10.48 -9.04 8.05
C SER A 76 10.61 -9.28 6.54
N GLY A 77 10.36 -8.26 5.74
CA GLY A 77 10.51 -8.37 4.31
C GLY A 77 9.32 -9.04 3.65
N GLN A 78 8.18 -8.98 4.29
CA GLN A 78 6.97 -9.53 3.71
C GLN A 78 5.91 -8.46 3.72
N VAL A 79 4.95 -8.56 2.83
CA VAL A 79 3.88 -7.57 2.73
C VAL A 79 3.07 -7.54 4.02
N VAL A 80 2.64 -6.34 4.42
CA VAL A 80 1.82 -6.14 5.61
C VAL A 80 0.60 -7.04 5.55
N LYS A 81 0.30 -7.69 6.65
CA LYS A 81 -0.77 -8.68 6.73
C LYS A 81 -2.11 -8.12 6.25
N SER A 82 -2.42 -6.93 6.67
CA SER A 82 -3.69 -6.31 6.35
C SER A 82 -3.58 -5.32 5.16
N LEU A 83 -2.51 -5.44 4.37
CA LEU A 83 -2.30 -4.59 3.19
C LEU A 83 -3.45 -4.78 2.17
N PRO A 84 -3.79 -6.05 1.74
CA PRO A 84 -4.89 -6.28 0.78
C PRO A 84 -6.22 -5.77 1.31
N GLY A 85 -6.35 -5.74 2.64
CA GLY A 85 -7.58 -5.31 3.28
C GLY A 85 -7.85 -3.84 3.02
N LEU A 86 -6.83 -3.01 3.15
CA LEU A 86 -6.99 -1.58 2.93
C LEU A 86 -7.26 -1.32 1.45
N LEU A 87 -6.56 -2.07 0.60
CA LEU A 87 -6.72 -1.94 -0.83
C LEU A 87 -8.13 -2.35 -1.24
N THR A 88 -8.66 -3.35 -0.57
CA THR A 88 -10.00 -3.86 -0.87
C THR A 88 -11.09 -2.78 -0.65
N ILE A 89 -11.03 -2.09 0.48
CA ILE A 89 -12.03 -1.07 0.78
C ILE A 89 -11.89 0.13 -0.19
N LEU A 90 -10.65 0.55 -0.45
CA LEU A 90 -10.39 1.63 -1.40
C LEU A 90 -10.73 1.26 -2.84
N HIS A 91 -10.50 0.00 -3.19
CA HIS A 91 -10.79 -0.49 -4.53
C HIS A 91 -12.29 -0.42 -4.80
N ASP A 92 -13.08 -0.62 -3.75
CA ASP A 92 -14.55 -0.56 -3.87
C ASP A 92 -14.98 0.87 -4.16
N GLY A 93 -14.21 1.82 -3.65
CA GLY A 93 -14.51 3.22 -3.87
C GLY A 93 -13.92 3.69 -5.19
N GLY A 94 -13.11 2.85 -5.80
CA GLY A 94 -12.50 3.16 -7.06
C GLY A 94 -11.33 4.10 -6.92
N TYR A 95 -10.37 3.72 -6.11
CA TYR A 95 -9.19 4.53 -5.88
C TYR A 95 -7.94 3.88 -6.41
N ARG A 96 -7.11 4.68 -7.04
CA ARG A 96 -5.85 4.23 -7.61
C ARG A 96 -4.72 4.29 -6.59
N ASP A 97 -3.60 3.74 -6.97
CA ASP A 97 -2.38 3.63 -6.15
C ASP A 97 -1.94 4.98 -5.58
N THR A 98 -1.94 6.00 -6.40
CA THR A 98 -1.56 7.33 -6.03
C THR A 98 -2.47 7.84 -4.90
N GLU A 99 -3.77 7.56 -5.02
CA GLU A 99 -4.76 7.94 -4.02
C GLU A 99 -4.46 7.25 -2.70
N ILE A 100 -4.16 5.96 -2.78
CA ILE A 100 -3.93 5.15 -1.57
C ILE A 100 -2.74 5.72 -0.80
N MET A 101 -1.68 5.97 -1.52
CA MET A 101 -0.45 6.45 -0.93
C MET A 101 -0.55 7.92 -0.53
N ARG A 102 -1.50 8.62 -1.13
CA ARG A 102 -1.72 10.03 -0.88
C ARG A 102 -1.99 10.27 0.62
N TRP A 103 -3.10 9.77 1.11
CA TRP A 103 -3.43 9.93 2.51
C TRP A 103 -2.50 9.16 3.45
N LEU A 104 -2.03 8.00 2.99
CA LEU A 104 -1.14 7.13 3.77
C LEU A 104 0.14 7.85 4.21
N PHE A 105 0.69 8.62 3.34
CA PHE A 105 1.94 9.29 3.64
C PHE A 105 1.74 10.71 4.08
N THR A 106 0.50 11.11 4.20
CA THR A 106 0.21 12.43 4.66
C THR A 106 0.12 12.44 6.18
N PRO A 107 0.97 13.23 6.85
CA PRO A 107 0.88 13.41 8.28
C PRO A 107 -0.46 14.06 8.60
N ASP A 108 -1.19 13.49 9.49
CA ASP A 108 -2.49 13.99 9.79
C ASP A 108 -2.44 14.84 11.05
N PRO A 109 -2.87 16.12 10.95
CA PRO A 109 -2.82 17.08 12.06
C PRO A 109 -3.64 16.64 13.28
N SER A 110 -4.56 15.75 13.08
CA SER A 110 -5.40 15.28 14.14
C SER A 110 -5.04 13.86 14.57
N LEU A 111 -4.00 13.30 13.98
CA LEU A 111 -3.62 11.93 14.26
C LEU A 111 -2.42 11.89 15.20
N THR A 112 -2.55 11.12 16.22
CA THR A 112 -1.53 10.87 17.17
C THR A 112 -1.41 9.35 17.35
N ILE A 113 -0.25 8.79 17.03
CA ILE A 113 -0.06 7.32 17.05
C ILE A 113 1.24 6.91 17.68
N THR A 114 1.32 5.65 18.02
CA THR A 114 2.43 5.08 18.74
C THR A 114 3.22 4.18 17.81
N ARG A 115 4.46 3.90 18.13
CA ARG A 115 5.26 2.96 17.34
C ARG A 115 5.91 1.98 18.30
N ASP A 116 6.79 1.13 17.80
CA ASP A 116 7.52 0.19 18.65
C ASP A 116 8.81 0.85 19.12
N GLY A 117 9.27 0.47 20.30
CA GLY A 117 10.45 1.06 20.88
C GLY A 117 10.07 2.28 21.66
N SER A 118 9.67 3.28 20.95
CA SER A 118 9.17 4.47 21.54
C SER A 118 7.64 4.36 21.50
N ARG A 119 7.07 4.02 22.62
CA ARG A 119 5.64 3.73 22.71
C ARG A 119 4.82 4.97 23.01
N ASP A 120 5.48 6.09 23.08
CA ASP A 120 4.81 7.37 23.29
C ASP A 120 4.10 7.74 22.00
N ALA A 121 2.93 8.32 22.11
CA ALA A 121 2.18 8.65 20.93
C ALA A 121 2.65 9.96 20.32
N VAL A 122 3.02 9.88 19.08
CA VAL A 122 3.54 10.98 18.33
C VAL A 122 2.42 11.60 17.53
N SER A 123 2.30 12.88 17.66
CA SER A 123 1.31 13.66 16.98
C SER A 123 1.75 14.02 15.55
N ASN A 124 0.77 14.26 14.67
CA ASN A 124 0.99 14.70 13.28
C ASN A 124 1.75 13.65 12.49
N ALA A 125 1.41 12.41 12.71
CA ALA A 125 2.09 11.33 12.05
C ALA A 125 1.27 10.81 10.87
N ARG A 126 1.85 9.90 10.11
CA ARG A 126 1.21 9.36 8.93
C ARG A 126 0.63 7.96 9.20
N PRO A 127 -0.54 7.64 8.59
CA PRO A 127 -1.22 6.32 8.75
C PRO A 127 -0.32 5.09 8.44
N VAL A 128 0.72 5.28 7.63
CA VAL A 128 1.69 4.19 7.32
C VAL A 128 2.37 3.70 8.61
N ASP A 129 2.67 4.63 9.44
CA ASP A 129 3.33 4.35 10.70
C ASP A 129 2.37 3.64 11.64
N ALA A 130 1.09 3.95 11.50
CA ALA A 130 0.05 3.35 12.30
C ALA A 130 -0.14 1.88 11.98
N LEU A 131 -0.07 1.53 10.70
CA LEU A 131 -0.28 0.15 10.29
C LEU A 131 0.82 -0.79 10.81
N HIS A 132 2.06 -0.27 10.85
CA HIS A 132 3.18 -1.03 11.40
C HIS A 132 2.99 -1.22 12.89
N ALA A 133 2.31 -0.28 13.48
CA ALA A 133 2.05 -0.28 14.92
C ALA A 133 0.82 -1.09 15.27
N HIS A 134 0.20 -1.67 14.25
CA HIS A 134 -1.04 -2.45 14.36
C HIS A 134 -2.19 -1.54 14.82
N GLN A 135 -2.06 -0.29 14.48
CA GLN A 135 -3.08 0.71 14.70
C GLN A 135 -3.91 0.84 13.42
N ALA A 136 -3.91 -0.26 12.68
CA ALA A 136 -4.59 -0.44 11.42
C ALA A 136 -6.09 -0.11 11.48
N ARG A 137 -6.73 -0.30 12.66
CA ARG A 137 -8.18 0.00 12.79
C ARG A 137 -8.39 1.51 12.57
N GLU A 138 -7.44 2.29 13.08
CA GLU A 138 -7.42 3.74 12.90
C GLU A 138 -7.28 4.07 11.42
N VAL A 139 -6.40 3.33 10.75
CA VAL A 139 -6.15 3.50 9.33
C VAL A 139 -7.41 3.16 8.52
N VAL A 140 -8.03 2.02 8.83
CA VAL A 140 -9.22 1.56 8.12
C VAL A 140 -10.35 2.57 8.25
N ARG A 141 -10.58 3.09 9.45
CA ARG A 141 -11.66 4.04 9.64
C ARG A 141 -11.44 5.32 8.82
N ARG A 142 -10.18 5.77 8.76
CA ARG A 142 -9.84 6.94 7.97
C ARG A 142 -9.99 6.63 6.47
N ALA A 143 -9.64 5.40 6.11
CA ALA A 143 -9.77 4.90 4.75
C ALA A 143 -11.25 4.90 4.34
N GLN A 144 -12.11 4.44 5.25
CA GLN A 144 -13.55 4.44 5.04
C GLN A 144 -14.07 5.84 4.81
N ALA A 145 -13.59 6.77 5.59
CA ALA A 145 -14.00 8.16 5.49
C ALA A 145 -13.51 8.79 4.18
N MET A 146 -12.45 8.26 3.64
CA MET A 146 -11.87 8.74 2.40
C MET A 146 -12.64 8.13 1.21
N ALA A 147 -12.99 6.87 1.33
CA ALA A 147 -13.67 6.17 0.26
C ALA A 147 -15.17 6.44 0.23
N TYR A 148 -15.78 6.49 1.38
CA TYR A 148 -17.19 6.70 1.46
C TYR A 148 -17.47 8.07 2.06
N MET A 3 -37.34 -6.98 2.84
CA MET A 3 -36.57 -6.61 4.02
C MET A 3 -35.25 -6.01 3.58
N PRO A 4 -34.83 -4.88 4.17
CA PRO A 4 -33.53 -4.28 3.85
C PRO A 4 -32.39 -5.17 4.35
N GLY A 5 -31.61 -5.68 3.43
CA GLY A 5 -30.52 -6.54 3.78
C GLY A 5 -29.31 -6.31 2.90
N ARG A 6 -28.16 -6.21 3.52
CA ARG A 6 -26.91 -6.02 2.80
C ARG A 6 -26.51 -7.31 2.11
N ALA A 7 -25.92 -7.19 0.96
CA ALA A 7 -25.42 -8.34 0.24
C ALA A 7 -24.06 -8.72 0.82
N PRO A 8 -23.78 -10.03 1.02
CA PRO A 8 -22.48 -10.51 1.52
C PRO A 8 -21.30 -9.99 0.71
N GLY A 9 -20.14 -9.91 1.36
CA GLY A 9 -18.95 -9.35 0.76
C GLY A 9 -18.38 -10.22 -0.34
N SER A 10 -18.93 -10.09 -1.50
CA SER A 10 -18.47 -10.77 -2.68
C SER A 10 -18.67 -9.83 -3.85
N THR A 11 -17.96 -10.07 -4.90
CA THR A 11 -18.02 -9.24 -6.07
C THR A 11 -17.40 -10.04 -7.22
N LEU A 12 -17.01 -9.38 -8.27
CA LEU A 12 -16.39 -10.04 -9.39
C LEU A 12 -14.99 -10.45 -9.02
N ALA A 13 -14.57 -11.56 -9.54
CA ALA A 13 -13.27 -12.14 -9.17
C ALA A 13 -12.21 -11.79 -10.19
N ARG A 14 -12.55 -10.90 -11.06
CA ARG A 14 -11.65 -10.44 -12.05
C ARG A 14 -10.85 -9.28 -11.51
N VAL A 15 -9.63 -9.52 -11.25
CA VAL A 15 -8.73 -8.52 -10.79
C VAL A 15 -7.65 -8.35 -11.84
N GLY A 16 -7.61 -7.17 -12.41
CA GLY A 16 -6.68 -6.89 -13.44
C GLY A 16 -5.57 -6.03 -12.95
N SER A 17 -4.85 -5.50 -13.86
CA SER A 17 -3.66 -4.73 -13.62
C SER A 17 -3.94 -3.41 -12.88
N ILE A 18 -3.55 -3.34 -11.62
CA ILE A 18 -3.58 -2.08 -10.91
C ILE A 18 -2.42 -1.23 -11.45
N PRO A 19 -2.73 -0.03 -11.94
CA PRO A 19 -1.74 0.86 -12.54
C PRO A 19 -0.83 1.52 -11.51
N ALA A 20 0.25 2.09 -11.99
CA ALA A 20 1.10 2.87 -11.15
C ALA A 20 1.05 4.28 -11.70
N GLY A 21 0.69 5.21 -10.89
CA GLY A 21 0.55 6.54 -11.33
C GLY A 21 1.55 7.48 -10.74
N ASP A 22 1.09 8.35 -9.90
CA ASP A 22 1.90 9.43 -9.39
C ASP A 22 2.52 9.09 -8.06
N ASP A 23 3.83 9.16 -8.01
CA ASP A 23 4.60 8.94 -6.79
C ASP A 23 4.24 9.95 -5.70
N VAL A 24 4.00 9.45 -4.50
CA VAL A 24 3.67 10.27 -3.35
C VAL A 24 4.81 10.20 -2.32
N LEU A 25 5.78 9.37 -2.62
CA LEU A 25 6.89 9.10 -1.72
C LEU A 25 7.90 10.21 -1.67
N ASP A 26 8.71 10.12 -0.66
CA ASP A 26 9.85 10.96 -0.50
C ASP A 26 11.02 10.17 -1.10
N PRO A 27 11.87 10.81 -1.92
CA PRO A 27 12.99 10.14 -2.62
C PRO A 27 13.95 9.35 -1.70
N ASP A 28 13.97 9.69 -0.44
CA ASP A 28 14.89 9.04 0.49
C ASP A 28 14.27 7.77 1.10
N GLU A 29 12.96 7.70 1.13
CA GLU A 29 12.29 6.58 1.77
C GLU A 29 12.55 5.28 1.03
N PRO A 30 12.77 4.18 1.78
CA PRO A 30 13.11 2.88 1.21
C PRO A 30 12.08 2.37 0.19
N THR A 31 12.56 2.00 -0.96
CA THR A 31 11.71 1.53 -2.00
C THR A 31 12.11 0.14 -2.46
N TYR A 32 11.26 -0.41 -3.24
CA TYR A 32 11.41 -1.66 -3.89
C TYR A 32 11.09 -1.46 -5.33
N ASP A 33 11.52 -2.37 -6.11
CA ASP A 33 11.29 -2.38 -7.53
C ASP A 33 10.90 -3.81 -7.81
N LEU A 34 10.28 -4.07 -8.93
CA LEU A 34 9.74 -5.40 -9.24
C LEU A 34 10.80 -6.53 -9.08
N PRO A 35 12.01 -6.41 -9.73
CA PRO A 35 13.10 -7.38 -9.53
C PRO A 35 13.51 -7.51 -8.05
N ARG A 36 13.47 -6.40 -7.32
CA ARG A 36 13.86 -6.37 -5.93
C ARG A 36 12.83 -7.11 -5.07
N VAL A 37 11.56 -6.95 -5.39
CA VAL A 37 10.49 -7.63 -4.65
C VAL A 37 10.57 -9.13 -4.90
N ALA A 38 10.90 -9.47 -6.13
CA ALA A 38 11.10 -10.85 -6.53
C ALA A 38 12.19 -11.49 -5.65
N GLU A 39 13.25 -10.71 -5.41
CA GLU A 39 14.37 -11.13 -4.59
C GLU A 39 13.91 -11.30 -3.14
N LEU A 40 13.15 -10.32 -2.66
CA LEU A 40 12.68 -10.26 -1.29
C LEU A 40 11.76 -11.43 -0.94
N LEU A 41 10.78 -11.67 -1.77
CA LEU A 41 9.80 -12.69 -1.47
C LEU A 41 10.22 -14.06 -1.96
N GLY A 42 11.22 -14.10 -2.79
CA GLY A 42 11.68 -15.36 -3.33
C GLY A 42 10.73 -15.87 -4.39
N VAL A 43 10.13 -14.95 -5.08
CA VAL A 43 9.17 -15.26 -6.14
C VAL A 43 9.67 -14.62 -7.43
N PRO A 44 9.18 -15.06 -8.60
CA PRO A 44 9.55 -14.40 -9.85
C PRO A 44 8.81 -13.06 -10.03
N VAL A 45 9.30 -12.24 -10.95
CA VAL A 45 8.75 -10.91 -11.26
C VAL A 45 7.30 -11.06 -11.70
N SER A 46 7.04 -12.16 -12.36
CA SER A 46 5.72 -12.50 -12.84
C SER A 46 4.72 -12.54 -11.67
N LYS A 47 5.11 -13.15 -10.54
CA LYS A 47 4.22 -13.20 -9.38
C LYS A 47 4.06 -11.83 -8.75
N VAL A 48 5.09 -11.02 -8.84
CA VAL A 48 5.01 -9.64 -8.34
C VAL A 48 3.95 -8.87 -9.13
N ALA A 49 3.99 -9.05 -10.45
CA ALA A 49 3.00 -8.45 -11.32
C ALA A 49 1.61 -8.97 -10.97
N GLN A 50 1.52 -10.24 -10.60
CA GLN A 50 0.25 -10.85 -10.22
C GLN A 50 -0.31 -10.22 -8.96
N GLN A 51 0.55 -9.94 -7.97
CA GLN A 51 0.12 -9.32 -6.71
C GLN A 51 -0.47 -7.96 -6.99
N LEU A 52 0.19 -7.26 -7.87
CA LEU A 52 -0.24 -5.96 -8.33
C LEU A 52 -1.59 -6.08 -9.03
N ARG A 53 -1.75 -7.11 -9.82
CA ARG A 53 -3.00 -7.42 -10.51
C ARG A 53 -4.09 -7.91 -9.56
N GLU A 54 -3.70 -8.41 -8.40
CA GLU A 54 -4.67 -8.90 -7.42
C GLU A 54 -5.23 -7.76 -6.61
N GLY A 55 -4.58 -6.61 -6.72
CA GLY A 55 -4.96 -5.49 -5.92
C GLY A 55 -4.52 -5.69 -4.49
N HIS A 56 -3.51 -6.53 -4.32
CA HIS A 56 -3.00 -6.84 -3.00
C HIS A 56 -1.62 -6.23 -2.82
N LEU A 57 -1.21 -5.45 -3.79
CA LEU A 57 0.03 -4.74 -3.75
C LEU A 57 -0.16 -3.53 -4.65
N VAL A 58 0.54 -2.44 -4.37
CA VAL A 58 0.39 -1.20 -5.13
C VAL A 58 1.78 -0.59 -5.38
N ALA A 59 1.93 0.10 -6.49
CA ALA A 59 3.18 0.69 -6.90
C ALA A 59 2.91 2.03 -7.54
N VAL A 60 3.91 2.87 -7.63
CA VAL A 60 3.79 4.19 -8.27
C VAL A 60 4.90 4.40 -9.27
N ARG A 61 4.71 5.33 -10.18
CA ARG A 61 5.66 5.57 -11.22
C ARG A 61 6.29 6.96 -11.10
N ARG A 62 7.57 7.00 -10.89
CA ARG A 62 8.31 8.24 -10.82
C ARG A 62 9.48 8.19 -11.76
N ALA A 63 9.61 9.23 -12.60
CA ALA A 63 10.67 9.34 -13.61
C ALA A 63 10.51 8.23 -14.67
N GLY A 64 9.32 7.70 -14.77
CA GLY A 64 9.05 6.64 -15.71
C GLY A 64 9.18 5.26 -15.09
N GLY A 65 9.80 5.18 -13.93
CA GLY A 65 10.04 3.91 -13.29
C GLY A 65 8.98 3.58 -12.26
N VAL A 66 8.62 2.33 -12.18
CA VAL A 66 7.62 1.88 -11.23
C VAL A 66 8.31 1.32 -10.00
N VAL A 67 8.01 1.90 -8.88
CA VAL A 67 8.59 1.51 -7.62
C VAL A 67 7.52 1.32 -6.57
N ILE A 68 7.82 0.47 -5.63
CA ILE A 68 6.92 0.13 -4.55
C ILE A 68 7.55 0.62 -3.24
N PRO A 69 6.79 1.28 -2.37
CA PRO A 69 7.31 1.70 -1.07
C PRO A 69 7.56 0.50 -0.16
N GLN A 70 8.75 0.42 0.44
CA GLN A 70 9.09 -0.66 1.36
C GLN A 70 8.18 -0.66 2.58
N VAL A 71 7.64 0.50 2.87
CA VAL A 71 6.74 0.68 4.00
C VAL A 71 5.38 -0.06 3.82
N PHE A 72 5.17 -0.63 2.63
CA PHE A 72 4.00 -1.49 2.36
C PHE A 72 4.28 -2.89 2.89
N PHE A 73 5.51 -3.10 3.23
CA PHE A 73 5.97 -4.34 3.75
C PHE A 73 6.38 -4.14 5.18
N THR A 74 6.52 -5.19 5.88
CA THR A 74 6.94 -5.16 7.24
C THR A 74 8.45 -5.05 7.29
N ASN A 75 8.96 -4.72 8.44
CA ASN A 75 10.40 -4.68 8.67
C ASN A 75 10.99 -6.08 8.53
N SER A 76 10.12 -7.09 8.64
CA SER A 76 10.49 -8.47 8.52
C SER A 76 10.63 -8.86 7.03
N GLY A 77 10.04 -8.07 6.15
CA GLY A 77 10.17 -8.34 4.73
C GLY A 77 8.90 -8.91 4.10
N GLN A 78 7.91 -9.20 4.90
CA GLN A 78 6.66 -9.74 4.36
C GLN A 78 5.66 -8.60 4.19
N VAL A 79 4.60 -8.86 3.46
CA VAL A 79 3.51 -7.91 3.32
C VAL A 79 2.83 -7.74 4.68
N VAL A 80 2.46 -6.51 5.02
CA VAL A 80 1.78 -6.23 6.26
C VAL A 80 0.39 -6.86 6.20
N LYS A 81 -0.02 -7.50 7.28
CA LYS A 81 -1.30 -8.19 7.35
C LYS A 81 -2.48 -7.28 7.00
N SER A 82 -2.40 -6.05 7.39
CA SER A 82 -3.45 -5.11 7.20
C SER A 82 -3.37 -4.39 5.82
N LEU A 83 -2.34 -4.71 5.04
CA LEU A 83 -2.15 -4.09 3.74
C LEU A 83 -3.29 -4.46 2.75
N PRO A 84 -3.59 -5.79 2.53
CA PRO A 84 -4.67 -6.18 1.60
C PRO A 84 -6.02 -5.62 2.04
N GLY A 85 -6.17 -5.47 3.34
CA GLY A 85 -7.39 -4.96 3.90
C GLY A 85 -7.66 -3.52 3.52
N LEU A 86 -6.64 -2.67 3.61
CA LEU A 86 -6.81 -1.27 3.25
C LEU A 86 -7.03 -1.17 1.74
N LEU A 87 -6.27 -1.96 1.00
CA LEU A 87 -6.36 -1.95 -0.44
C LEU A 87 -7.73 -2.39 -0.90
N THR A 88 -8.27 -3.40 -0.26
CA THR A 88 -9.60 -3.93 -0.60
C THR A 88 -10.68 -2.84 -0.51
N ILE A 89 -10.68 -2.09 0.58
CA ILE A 89 -11.71 -1.09 0.79
C ILE A 89 -11.55 0.09 -0.22
N LEU A 90 -10.32 0.53 -0.47
CA LEU A 90 -10.09 1.58 -1.47
C LEU A 90 -10.39 1.12 -2.87
N HIS A 91 -10.07 -0.12 -3.18
CA HIS A 91 -10.35 -0.69 -4.49
C HIS A 91 -11.83 -0.82 -4.72
N ASP A 92 -12.58 -1.07 -3.64
CA ASP A 92 -14.04 -1.14 -3.71
C ASP A 92 -14.61 0.22 -4.12
N GLY A 93 -13.89 1.27 -3.76
CA GLY A 93 -14.29 2.62 -4.12
C GLY A 93 -13.58 3.13 -5.36
N GLY A 94 -12.83 2.24 -6.00
CA GLY A 94 -12.13 2.56 -7.24
C GLY A 94 -11.02 3.60 -7.09
N TYR A 95 -10.34 3.61 -5.96
CA TYR A 95 -9.28 4.57 -5.76
C TYR A 95 -7.96 4.07 -6.31
N ARG A 96 -7.31 4.94 -7.05
CA ARG A 96 -6.03 4.62 -7.68
C ARG A 96 -4.90 4.59 -6.65
N ASP A 97 -3.77 4.12 -7.11
CA ASP A 97 -2.55 3.91 -6.33
C ASP A 97 -2.10 5.17 -5.62
N THR A 98 -2.15 6.26 -6.35
CA THR A 98 -1.72 7.53 -5.89
C THR A 98 -2.57 7.99 -4.71
N GLU A 99 -3.88 7.77 -4.82
CA GLU A 99 -4.79 8.22 -3.79
C GLU A 99 -4.55 7.46 -2.51
N ILE A 100 -4.19 6.17 -2.63
CA ILE A 100 -3.96 5.33 -1.45
C ILE A 100 -2.82 5.91 -0.64
N MET A 101 -1.75 6.23 -1.33
CA MET A 101 -0.55 6.74 -0.70
C MET A 101 -0.71 8.20 -0.28
N ARG A 102 -1.69 8.86 -0.86
CA ARG A 102 -1.91 10.28 -0.66
C ARG A 102 -2.19 10.57 0.82
N TRP A 103 -3.26 10.04 1.34
CA TRP A 103 -3.59 10.20 2.75
C TRP A 103 -2.63 9.43 3.66
N LEU A 104 -2.13 8.29 3.17
CA LEU A 104 -1.22 7.44 3.93
C LEU A 104 0.09 8.12 4.32
N PHE A 105 0.64 8.90 3.44
CA PHE A 105 1.91 9.53 3.71
C PHE A 105 1.78 10.94 4.25
N THR A 106 0.56 11.41 4.35
CA THR A 106 0.30 12.70 4.92
C THR A 106 0.10 12.58 6.45
N PRO A 107 1.05 13.07 7.27
CA PRO A 107 0.97 13.03 8.73
C PRO A 107 -0.27 13.77 9.25
N ASP A 108 -0.86 13.27 10.29
CA ASP A 108 -2.04 13.91 10.86
C ASP A 108 -1.68 14.58 12.17
N PRO A 109 -1.95 15.89 12.29
CA PRO A 109 -1.59 16.68 13.48
C PRO A 109 -2.25 16.21 14.79
N SER A 110 -3.37 15.55 14.67
CA SER A 110 -4.14 15.14 15.82
C SER A 110 -3.93 13.66 16.09
N LEU A 111 -3.11 13.04 15.27
CA LEU A 111 -2.89 11.63 15.37
C LEU A 111 -1.58 11.37 16.07
N THR A 112 -1.62 10.51 17.04
CA THR A 112 -0.47 10.16 17.81
C THR A 112 -0.33 8.64 17.83
N ILE A 113 0.68 8.17 17.16
CA ILE A 113 0.90 6.76 16.93
C ILE A 113 2.27 6.35 17.47
N THR A 114 2.37 5.14 17.89
CA THR A 114 3.63 4.58 18.33
C THR A 114 4.15 3.70 17.21
N ARG A 115 5.43 3.51 17.10
CA ARG A 115 5.97 2.83 15.94
C ARG A 115 7.01 1.80 16.36
N ASP A 116 7.18 0.76 15.56
CA ASP A 116 8.23 -0.24 15.79
C ASP A 116 9.58 0.44 15.65
N GLY A 117 10.16 0.78 16.76
CA GLY A 117 11.41 1.51 16.76
C GLY A 117 11.31 2.70 17.69
N SER A 118 10.15 3.31 17.70
CA SER A 118 9.87 4.41 18.58
C SER A 118 8.66 4.07 19.44
N ARG A 119 8.92 3.58 20.65
CA ARG A 119 7.87 3.19 21.59
C ARG A 119 7.15 4.40 22.08
N ASP A 120 7.90 5.46 22.21
CA ASP A 120 7.35 6.77 22.54
C ASP A 120 6.37 7.14 21.47
N ALA A 121 5.24 7.60 21.87
CA ALA A 121 4.20 7.97 20.94
C ALA A 121 4.63 9.19 20.12
N VAL A 122 4.40 9.11 18.85
CA VAL A 122 4.75 10.15 17.93
C VAL A 122 3.50 10.88 17.48
N SER A 123 3.43 12.15 17.77
CA SER A 123 2.36 12.97 17.33
C SER A 123 2.69 13.40 15.91
N ASN A 124 1.66 13.60 15.08
CA ASN A 124 1.82 13.95 13.68
C ASN A 124 2.43 12.79 12.93
N ALA A 125 1.98 11.59 13.26
CA ALA A 125 2.53 10.42 12.63
C ALA A 125 1.88 10.17 11.28
N ARG A 126 2.63 9.57 10.39
CA ARG A 126 2.13 9.18 9.09
C ARG A 126 1.35 7.86 9.24
N PRO A 127 0.10 7.81 8.74
CA PRO A 127 -0.79 6.61 8.84
C PRO A 127 -0.14 5.28 8.41
N VAL A 128 0.89 5.34 7.55
CA VAL A 128 1.60 4.13 7.12
C VAL A 128 2.23 3.41 8.32
N ASP A 129 2.75 4.18 9.25
CA ASP A 129 3.38 3.61 10.43
C ASP A 129 2.36 2.98 11.34
N ALA A 130 1.16 3.53 11.32
CA ALA A 130 0.08 3.03 12.13
C ALA A 130 -0.32 1.62 11.72
N LEU A 131 -0.47 1.39 10.41
CA LEU A 131 -0.88 0.08 9.91
C LEU A 131 0.15 -0.99 10.23
N HIS A 132 1.42 -0.60 10.13
CA HIS A 132 2.54 -1.51 10.40
C HIS A 132 2.56 -1.86 11.87
N ALA A 133 2.25 -0.89 12.67
CA ALA A 133 2.31 -1.03 14.13
C ALA A 133 0.99 -1.50 14.75
N HIS A 134 0.14 -2.12 13.92
CA HIS A 134 -1.14 -2.76 14.33
C HIS A 134 -2.15 -1.70 14.88
N GLN A 135 -2.01 -0.50 14.40
CA GLN A 135 -2.88 0.62 14.72
C GLN A 135 -3.68 0.96 13.47
N ALA A 136 -3.80 -0.09 12.66
CA ALA A 136 -4.49 -0.12 11.37
C ALA A 136 -5.91 0.41 11.45
N ARG A 137 -6.52 0.30 12.63
CA ARG A 137 -7.91 0.74 12.87
C ARG A 137 -8.10 2.20 12.44
N GLU A 138 -7.11 3.06 12.72
CA GLU A 138 -7.14 4.46 12.29
C GLU A 138 -7.03 4.57 10.79
N VAL A 139 -6.28 3.67 10.21
CA VAL A 139 -6.04 3.65 8.79
C VAL A 139 -7.31 3.19 8.07
N VAL A 140 -7.96 2.18 8.62
CA VAL A 140 -9.19 1.65 8.06
C VAL A 140 -10.28 2.71 8.08
N ARG A 141 -10.45 3.37 9.21
CA ARG A 141 -11.46 4.42 9.31
C ARG A 141 -11.16 5.60 8.38
N ARG A 142 -9.87 5.91 8.26
CA ARG A 142 -9.42 6.98 7.38
C ARG A 142 -9.72 6.59 5.93
N ALA A 143 -9.48 5.33 5.63
CA ALA A 143 -9.73 4.76 4.32
C ALA A 143 -11.21 4.79 4.01
N GLN A 144 -12.02 4.39 4.98
CA GLN A 144 -13.47 4.37 4.86
C GLN A 144 -14.01 5.75 4.62
N ALA A 145 -13.44 6.74 5.28
CA ALA A 145 -13.86 8.12 5.12
C ALA A 145 -13.51 8.62 3.72
N MET A 146 -12.36 8.21 3.23
CA MET A 146 -11.89 8.58 1.91
C MET A 146 -12.74 7.92 0.81
N ALA A 147 -13.12 6.68 1.03
CA ALA A 147 -13.86 5.93 0.04
C ALA A 147 -15.36 6.18 0.10
N TYR A 148 -15.95 6.00 1.25
CA TYR A 148 -17.38 6.12 1.39
C TYR A 148 -17.71 7.50 1.93
N MET A 3 -5.88 -21.46 18.94
CA MET A 3 -7.22 -20.87 18.97
C MET A 3 -8.17 -21.73 18.15
N PRO A 4 -9.32 -22.13 18.73
CA PRO A 4 -10.30 -22.94 18.02
C PRO A 4 -11.09 -22.09 17.04
N GLY A 5 -11.06 -22.44 15.80
CA GLY A 5 -11.75 -21.69 14.81
C GLY A 5 -11.83 -22.45 13.54
N ARG A 6 -13.02 -22.61 13.03
CA ARG A 6 -13.20 -23.29 11.77
C ARG A 6 -12.76 -22.38 10.65
N ALA A 7 -12.09 -22.95 9.68
CA ALA A 7 -11.61 -22.19 8.55
C ALA A 7 -12.74 -22.03 7.55
N PRO A 8 -13.13 -20.79 7.22
CA PRO A 8 -14.18 -20.55 6.26
C PRO A 8 -13.73 -20.97 4.86
N GLY A 9 -14.44 -21.91 4.28
CA GLY A 9 -14.13 -22.39 2.97
C GLY A 9 -14.51 -21.39 1.92
N SER A 10 -15.68 -20.82 2.10
CA SER A 10 -16.15 -19.81 1.21
C SER A 10 -15.34 -18.52 1.41
N THR A 11 -14.40 -18.31 0.53
CA THR A 11 -13.52 -17.17 0.59
C THR A 11 -13.69 -16.38 -0.70
N LEU A 12 -13.72 -15.07 -0.64
CA LEU A 12 -13.88 -14.26 -1.82
C LEU A 12 -12.56 -14.14 -2.52
N ALA A 13 -12.60 -14.09 -3.83
CA ALA A 13 -11.40 -14.01 -4.62
C ALA A 13 -10.96 -12.58 -4.74
N ARG A 14 -9.68 -12.36 -4.79
CA ARG A 14 -9.15 -11.03 -4.94
C ARG A 14 -8.49 -10.93 -6.29
N VAL A 15 -9.11 -10.21 -7.18
CA VAL A 15 -8.55 -9.91 -8.46
C VAL A 15 -8.66 -8.42 -8.73
N GLY A 16 -7.55 -7.76 -8.71
CA GLY A 16 -7.56 -6.35 -8.89
C GLY A 16 -6.34 -5.89 -9.59
N SER A 17 -6.45 -5.68 -10.87
CA SER A 17 -5.36 -5.16 -11.64
C SER A 17 -5.14 -3.70 -11.29
N ILE A 18 -4.23 -3.46 -10.38
CA ILE A 18 -3.93 -2.14 -9.92
C ILE A 18 -2.96 -1.45 -10.87
N PRO A 19 -3.35 -0.31 -11.44
CA PRO A 19 -2.47 0.49 -12.26
C PRO A 19 -1.49 1.28 -11.39
N ALA A 20 -0.46 1.80 -11.99
CA ALA A 20 0.45 2.66 -11.29
C ALA A 20 0.50 3.99 -12.02
N GLY A 21 0.23 5.05 -11.31
CA GLY A 21 0.21 6.34 -11.93
C GLY A 21 1.41 7.16 -11.58
N ASP A 22 1.33 7.87 -10.48
CA ASP A 22 2.38 8.78 -10.07
C ASP A 22 2.83 8.51 -8.66
N ASP A 23 4.10 8.65 -8.41
CA ASP A 23 4.69 8.43 -7.11
C ASP A 23 4.40 9.57 -6.14
N VAL A 24 4.12 9.21 -4.91
CA VAL A 24 3.76 10.15 -3.89
C VAL A 24 4.85 10.21 -2.79
N LEU A 25 5.76 9.25 -2.77
CA LEU A 25 6.79 9.29 -1.76
C LEU A 25 8.06 9.92 -2.28
N ASP A 26 9.04 9.99 -1.44
CA ASP A 26 10.32 10.46 -1.84
C ASP A 26 11.25 9.29 -1.92
N PRO A 27 12.10 9.19 -2.97
CA PRO A 27 13.05 8.07 -3.15
C PRO A 27 13.97 7.83 -1.93
N ASP A 28 14.13 8.83 -1.08
CA ASP A 28 14.96 8.70 0.13
C ASP A 28 14.28 7.83 1.19
N GLU A 29 12.98 7.68 1.08
CA GLU A 29 12.24 6.89 2.03
C GLU A 29 12.22 5.41 1.59
N PRO A 30 12.05 4.45 2.53
CA PRO A 30 12.03 3.00 2.24
C PRO A 30 11.14 2.59 1.03
N THR A 31 11.79 2.16 -0.03
CA THR A 31 11.14 1.77 -1.26
C THR A 31 11.57 0.35 -1.66
N TYR A 32 10.86 -0.20 -2.61
CA TYR A 32 11.22 -1.43 -3.28
C TYR A 32 11.09 -1.20 -4.76
N ASP A 33 11.77 -2.00 -5.52
CA ASP A 33 11.74 -1.92 -6.97
C ASP A 33 11.65 -3.37 -7.41
N LEU A 34 11.37 -3.61 -8.68
CA LEU A 34 11.13 -4.96 -9.20
C LEU A 34 12.21 -5.99 -8.81
N PRO A 35 13.52 -5.76 -9.13
CA PRO A 35 14.60 -6.69 -8.77
C PRO A 35 14.67 -6.93 -7.26
N ARG A 36 14.47 -5.88 -6.47
CA ARG A 36 14.56 -5.98 -5.05
C ARG A 36 13.39 -6.77 -4.46
N VAL A 37 12.19 -6.60 -5.01
CA VAL A 37 11.05 -7.37 -4.52
C VAL A 37 11.22 -8.82 -4.89
N ALA A 38 11.77 -9.04 -6.06
CA ALA A 38 12.08 -10.35 -6.53
C ALA A 38 13.04 -11.04 -5.56
N GLU A 39 14.02 -10.28 -5.09
CA GLU A 39 15.00 -10.73 -4.12
C GLU A 39 14.31 -11.06 -2.77
N LEU A 40 13.45 -10.16 -2.36
CA LEU A 40 12.74 -10.21 -1.08
C LEU A 40 11.85 -11.45 -0.98
N LEU A 41 11.14 -11.74 -2.05
CA LEU A 41 10.21 -12.84 -2.03
C LEU A 41 10.80 -14.10 -2.64
N GLY A 42 11.94 -13.97 -3.30
CA GLY A 42 12.60 -15.11 -3.92
C GLY A 42 11.92 -15.52 -5.21
N VAL A 43 11.11 -14.62 -5.73
CA VAL A 43 10.29 -14.88 -6.89
C VAL A 43 10.80 -14.03 -8.04
N PRO A 44 10.50 -14.38 -9.29
CA PRO A 44 10.90 -13.55 -10.41
C PRO A 44 9.98 -12.32 -10.55
N VAL A 45 10.38 -11.39 -11.41
CA VAL A 45 9.63 -10.15 -11.67
C VAL A 45 8.21 -10.46 -12.11
N SER A 46 8.08 -11.57 -12.83
CA SER A 46 6.84 -12.05 -13.34
C SER A 46 5.82 -12.24 -12.18
N LYS A 47 6.26 -12.86 -11.08
CA LYS A 47 5.40 -13.07 -9.93
C LYS A 47 5.10 -11.77 -9.21
N VAL A 48 6.08 -10.87 -9.17
CA VAL A 48 5.92 -9.57 -8.51
C VAL A 48 4.80 -8.79 -9.18
N ALA A 49 4.79 -8.81 -10.51
CA ALA A 49 3.76 -8.17 -11.29
C ALA A 49 2.40 -8.78 -10.96
N GLN A 50 2.39 -10.10 -10.78
CA GLN A 50 1.18 -10.81 -10.42
C GLN A 50 0.68 -10.46 -9.05
N GLN A 51 1.59 -10.23 -8.09
CA GLN A 51 1.20 -9.87 -6.71
C GLN A 51 0.35 -8.61 -6.76
N LEU A 52 0.80 -7.68 -7.59
CA LEU A 52 0.11 -6.42 -7.81
C LEU A 52 -1.29 -6.66 -8.43
N ARG A 53 -1.37 -7.60 -9.35
CA ARG A 53 -2.63 -7.96 -10.02
C ARG A 53 -3.61 -8.69 -9.10
N GLU A 54 -3.10 -9.29 -8.04
CA GLU A 54 -3.96 -10.02 -7.12
C GLU A 54 -4.73 -9.05 -6.23
N GLY A 55 -4.33 -7.78 -6.26
CA GLY A 55 -4.97 -6.78 -5.42
C GLY A 55 -4.50 -6.87 -3.99
N HIS A 56 -3.35 -7.49 -3.83
CA HIS A 56 -2.73 -7.67 -2.53
C HIS A 56 -1.56 -6.73 -2.35
N LEU A 57 -1.36 -5.86 -3.33
CA LEU A 57 -0.24 -4.94 -3.31
C LEU A 57 -0.54 -3.80 -4.28
N VAL A 58 0.11 -2.66 -4.08
CA VAL A 58 -0.03 -1.48 -4.95
C VAL A 58 1.35 -0.95 -5.29
N ALA A 59 1.51 -0.41 -6.46
CA ALA A 59 2.76 0.11 -6.92
C ALA A 59 2.54 1.49 -7.52
N VAL A 60 3.58 2.28 -7.57
CA VAL A 60 3.53 3.61 -8.14
C VAL A 60 4.66 3.80 -9.12
N ARG A 61 4.58 4.84 -9.89
CA ARG A 61 5.56 5.09 -10.92
C ARG A 61 6.22 6.44 -10.71
N ARG A 62 7.54 6.45 -10.65
CA ARG A 62 8.24 7.69 -10.50
C ARG A 62 9.10 7.92 -11.73
N ALA A 63 8.78 8.98 -12.45
CA ALA A 63 9.47 9.44 -13.67
C ALA A 63 9.15 8.54 -14.87
N GLY A 64 9.27 7.28 -14.64
CA GLY A 64 9.01 6.27 -15.62
C GLY A 64 9.14 4.86 -15.05
N GLY A 65 9.69 4.74 -13.84
CA GLY A 65 9.90 3.44 -13.27
C GLY A 65 8.90 3.12 -12.21
N VAL A 66 8.53 1.88 -12.10
CA VAL A 66 7.54 1.44 -11.16
C VAL A 66 8.23 0.91 -9.90
N VAL A 67 7.79 1.42 -8.78
CA VAL A 67 8.30 1.08 -7.47
C VAL A 67 7.17 0.78 -6.54
N ILE A 68 7.48 0.07 -5.52
CA ILE A 68 6.53 -0.31 -4.54
C ILE A 68 7.05 0.16 -3.20
N PRO A 69 6.30 0.99 -2.47
CA PRO A 69 6.72 1.46 -1.15
C PRO A 69 6.97 0.29 -0.20
N GLN A 70 8.16 0.25 0.42
CA GLN A 70 8.54 -0.82 1.32
C GLN A 70 7.62 -0.88 2.54
N VAL A 71 7.02 0.25 2.84
CA VAL A 71 6.10 0.40 3.95
C VAL A 71 4.77 -0.38 3.73
N PHE A 72 4.61 -0.99 2.55
CA PHE A 72 3.48 -1.87 2.27
C PHE A 72 3.77 -3.28 2.75
N PHE A 73 4.99 -3.47 3.15
CA PHE A 73 5.45 -4.71 3.67
C PHE A 73 5.85 -4.51 5.10
N THR A 74 5.91 -5.57 5.83
CA THR A 74 6.37 -5.50 7.17
C THR A 74 7.88 -5.68 7.15
N ASN A 75 8.54 -5.32 8.23
CA ASN A 75 9.99 -5.50 8.34
C ASN A 75 10.34 -7.00 8.35
N SER A 76 9.34 -7.82 8.61
CA SER A 76 9.48 -9.25 8.58
C SER A 76 9.43 -9.79 7.11
N GLY A 77 9.09 -8.92 6.16
CA GLY A 77 9.06 -9.31 4.76
C GLY A 77 7.69 -9.74 4.28
N GLN A 78 6.75 -9.77 5.19
CA GLN A 78 5.40 -10.22 4.87
C GLN A 78 4.57 -9.04 4.42
N VAL A 79 3.58 -9.30 3.62
CA VAL A 79 2.61 -8.28 3.29
C VAL A 79 1.74 -8.07 4.52
N VAL A 80 1.47 -6.83 4.83
CA VAL A 80 0.66 -6.49 5.98
C VAL A 80 -0.73 -7.10 5.78
N LYS A 81 -1.23 -7.82 6.77
CA LYS A 81 -2.54 -8.49 6.66
C LYS A 81 -3.69 -7.49 6.48
N SER A 82 -3.46 -6.28 6.88
CA SER A 82 -4.43 -5.24 6.77
C SER A 82 -4.33 -4.54 5.40
N LEU A 83 -3.28 -4.87 4.63
CA LEU A 83 -3.03 -4.24 3.35
C LEU A 83 -4.17 -4.53 2.35
N PRO A 84 -4.51 -5.84 2.05
CA PRO A 84 -5.58 -6.16 1.11
C PRO A 84 -6.92 -5.62 1.60
N GLY A 85 -7.02 -5.48 2.92
CA GLY A 85 -8.22 -4.99 3.52
C GLY A 85 -8.46 -3.53 3.21
N LEU A 86 -7.42 -2.71 3.31
CA LEU A 86 -7.54 -1.31 2.98
C LEU A 86 -7.74 -1.16 1.49
N LEU A 87 -7.00 -1.97 0.73
CA LEU A 87 -7.06 -1.93 -0.72
C LEU A 87 -8.47 -2.22 -1.21
N THR A 88 -9.12 -3.16 -0.55
CA THR A 88 -10.48 -3.53 -0.91
C THR A 88 -11.45 -2.34 -0.75
N ILE A 89 -11.39 -1.66 0.38
CA ILE A 89 -12.33 -0.59 0.67
C ILE A 89 -12.11 0.63 -0.27
N LEU A 90 -10.86 1.04 -0.49
CA LEU A 90 -10.60 2.15 -1.42
C LEU A 90 -10.92 1.77 -2.86
N HIS A 91 -10.66 0.53 -3.21
CA HIS A 91 -10.93 0.04 -4.55
C HIS A 91 -12.43 0.10 -4.80
N ASP A 92 -13.18 -0.30 -3.77
CA ASP A 92 -14.63 -0.30 -3.78
C ASP A 92 -15.18 1.11 -3.90
N GLY A 93 -14.43 2.05 -3.34
CA GLY A 93 -14.82 3.43 -3.38
C GLY A 93 -14.41 4.13 -4.66
N GLY A 94 -13.60 3.47 -5.46
CA GLY A 94 -13.16 4.02 -6.72
C GLY A 94 -12.03 5.01 -6.59
N TYR A 95 -11.01 4.66 -5.82
CA TYR A 95 -9.83 5.50 -5.67
C TYR A 95 -8.63 4.84 -6.33
N ARG A 96 -7.78 5.63 -6.94
CA ARG A 96 -6.62 5.11 -7.69
C ARG A 96 -5.40 4.93 -6.76
N ASP A 97 -4.36 4.30 -7.29
CA ASP A 97 -3.10 3.96 -6.56
C ASP A 97 -2.46 5.19 -5.94
N THR A 98 -2.40 6.24 -6.70
CA THR A 98 -1.81 7.46 -6.32
C THR A 98 -2.61 8.11 -5.17
N GLU A 99 -3.94 8.00 -5.25
CA GLU A 99 -4.81 8.56 -4.22
C GLU A 99 -4.65 7.82 -2.89
N ILE A 100 -4.40 6.51 -2.95
CA ILE A 100 -4.21 5.72 -1.72
C ILE A 100 -3.00 6.28 -0.98
N MET A 101 -1.95 6.49 -1.76
CA MET A 101 -0.69 7.00 -1.25
C MET A 101 -0.83 8.43 -0.75
N ARG A 102 -1.78 9.18 -1.35
CA ARG A 102 -1.99 10.60 -1.03
C ARG A 102 -2.18 10.81 0.46
N TRP A 103 -3.28 10.31 0.99
CA TRP A 103 -3.57 10.47 2.40
C TRP A 103 -2.62 9.66 3.30
N LEU A 104 -2.18 8.51 2.81
CA LEU A 104 -1.28 7.63 3.55
C LEU A 104 0.05 8.30 3.89
N PHE A 105 0.61 9.03 2.97
CA PHE A 105 1.90 9.66 3.16
C PHE A 105 1.79 11.05 3.75
N THR A 106 0.58 11.54 3.87
CA THR A 106 0.35 12.84 4.46
C THR A 106 0.46 12.73 5.98
N PRO A 107 1.39 13.46 6.63
CA PRO A 107 1.50 13.46 8.07
C PRO A 107 0.26 14.13 8.67
N ASP A 108 -0.34 13.46 9.60
CA ASP A 108 -1.58 13.91 10.19
C ASP A 108 -1.36 14.47 11.57
N PRO A 109 -1.62 15.78 11.78
CA PRO A 109 -1.45 16.44 13.08
C PRO A 109 -2.32 15.81 14.16
N SER A 110 -3.42 15.21 13.73
CA SER A 110 -4.39 14.62 14.62
C SER A 110 -3.87 13.28 15.17
N LEU A 111 -2.88 12.72 14.51
CA LEU A 111 -2.38 11.43 14.87
C LEU A 111 -1.09 11.54 15.66
N THR A 112 -1.09 10.93 16.79
CA THR A 112 0.05 10.88 17.66
C THR A 112 0.25 9.43 18.07
N ILE A 113 1.31 8.83 17.60
CA ILE A 113 1.52 7.41 17.83
C ILE A 113 2.92 7.09 18.21
N THR A 114 3.09 5.95 18.73
CA THR A 114 4.35 5.46 19.11
C THR A 114 4.94 4.71 17.92
N ARG A 115 6.15 5.06 17.55
CA ARG A 115 6.72 4.52 16.34
C ARG A 115 7.29 3.11 16.59
N ASP A 116 6.93 2.18 15.73
CA ASP A 116 7.41 0.80 15.77
C ASP A 116 8.93 0.75 15.69
N GLY A 117 9.53 0.21 16.72
CA GLY A 117 10.95 0.12 16.81
C GLY A 117 11.48 1.13 17.80
N SER A 118 10.63 2.05 18.18
CA SER A 118 10.97 3.08 19.07
C SER A 118 10.00 3.07 20.25
N ARG A 119 10.39 3.70 21.30
CA ARG A 119 9.55 3.81 22.47
C ARG A 119 8.82 5.16 22.44
N ASP A 120 9.41 6.07 21.69
CA ASP A 120 8.96 7.46 21.57
C ASP A 120 7.61 7.59 20.88
N ALA A 121 6.92 8.65 21.25
CA ALA A 121 5.66 8.99 20.65
C ALA A 121 5.91 10.10 19.64
N VAL A 122 5.38 9.92 18.47
CA VAL A 122 5.54 10.87 17.40
C VAL A 122 4.22 11.56 17.14
N SER A 123 4.24 12.85 17.25
CA SER A 123 3.09 13.65 16.98
C SER A 123 3.12 14.03 15.50
N ASN A 124 1.96 14.00 14.85
CA ASN A 124 1.83 14.41 13.45
C ASN A 124 2.55 13.39 12.56
N ALA A 125 2.09 12.17 12.66
CA ALA A 125 2.67 11.06 11.90
C ALA A 125 1.77 10.72 10.72
N ARG A 126 2.28 9.99 9.78
CA ARG A 126 1.50 9.60 8.62
C ARG A 126 0.76 8.30 8.92
N PRO A 127 -0.48 8.13 8.38
CA PRO A 127 -1.29 6.91 8.59
C PRO A 127 -0.54 5.60 8.26
N VAL A 128 0.43 5.66 7.33
CA VAL A 128 1.23 4.47 6.99
C VAL A 128 1.98 3.98 8.20
N ASP A 129 2.52 4.90 8.96
CA ASP A 129 3.39 4.58 10.07
C ASP A 129 2.60 3.83 11.15
N ALA A 130 1.31 4.12 11.22
CA ALA A 130 0.39 3.50 12.15
C ALA A 130 0.30 1.98 11.94
N LEU A 131 0.39 1.52 10.69
CA LEU A 131 0.27 0.09 10.41
C LEU A 131 1.47 -0.67 10.98
N HIS A 132 2.63 -0.02 10.95
CA HIS A 132 3.86 -0.59 11.52
C HIS A 132 3.68 -0.71 13.01
N ALA A 133 2.91 0.20 13.56
CA ALA A 133 2.68 0.27 15.00
C ALA A 133 1.53 -0.65 15.43
N HIS A 134 1.03 -1.48 14.50
CA HIS A 134 -0.09 -2.42 14.73
C HIS A 134 -1.39 -1.62 15.03
N GLN A 135 -1.43 -0.44 14.51
CA GLN A 135 -2.57 0.45 14.64
C GLN A 135 -3.24 0.60 13.29
N ALA A 136 -3.06 -0.44 12.47
CA ALA A 136 -3.56 -0.53 11.10
C ALA A 136 -5.07 -0.26 11.01
N ARG A 137 -5.79 -0.53 12.09
CA ARG A 137 -7.21 -0.20 12.19
C ARG A 137 -7.47 1.29 11.95
N GLU A 138 -6.52 2.13 12.33
CA GLU A 138 -6.64 3.57 12.13
C GLU A 138 -6.43 3.93 10.67
N VAL A 139 -5.68 3.09 9.96
CA VAL A 139 -5.46 3.28 8.54
C VAL A 139 -6.77 3.01 7.83
N VAL A 140 -7.40 1.92 8.24
CA VAL A 140 -8.70 1.52 7.72
C VAL A 140 -9.74 2.59 8.04
N ARG A 141 -9.68 3.11 9.26
CA ARG A 141 -10.58 4.16 9.74
C ARG A 141 -10.45 5.40 8.85
N ARG A 142 -9.21 5.78 8.55
CA ARG A 142 -8.92 6.93 7.70
C ARG A 142 -9.42 6.65 6.29
N ALA A 143 -9.20 5.43 5.83
CA ALA A 143 -9.62 4.98 4.52
C ALA A 143 -11.12 5.10 4.35
N GLN A 144 -11.87 4.65 5.35
CA GLN A 144 -13.32 4.72 5.31
C GLN A 144 -13.78 6.18 5.27
N ALA A 145 -13.12 7.02 6.04
CA ALA A 145 -13.44 8.44 6.11
C ALA A 145 -13.15 9.16 4.80
N MET A 146 -12.19 8.64 4.05
CA MET A 146 -11.85 9.24 2.77
C MET A 146 -12.75 8.69 1.67
N ALA A 147 -13.15 7.45 1.82
CA ALA A 147 -13.97 6.81 0.82
C ALA A 147 -15.43 7.18 0.95
N TYR A 148 -16.02 6.88 2.07
CA TYR A 148 -17.41 7.12 2.27
C TYR A 148 -17.61 8.00 3.48
N MET A 3 17.66 1.31 4.02
CA MET A 3 18.23 2.09 2.92
C MET A 3 17.25 2.17 1.78
N PRO A 4 17.09 3.35 1.18
CA PRO A 4 16.26 3.51 0.00
C PRO A 4 17.00 3.00 -1.24
N GLY A 5 16.59 1.85 -1.74
CA GLY A 5 17.25 1.25 -2.86
C GLY A 5 16.80 1.85 -4.17
N ARG A 6 17.58 2.76 -4.67
CA ARG A 6 17.37 3.32 -5.99
C ARG A 6 17.82 2.33 -7.07
N ALA A 7 17.00 2.16 -8.06
CA ALA A 7 17.32 1.36 -9.21
C ALA A 7 16.70 2.03 -10.41
N PRO A 8 17.47 2.27 -11.47
CA PRO A 8 16.91 2.85 -12.68
C PRO A 8 16.04 1.82 -13.41
N GLY A 9 14.75 1.99 -13.35
CA GLY A 9 13.89 1.04 -13.94
C GLY A 9 13.14 1.65 -15.07
N SER A 10 12.20 0.91 -15.54
CA SER A 10 11.39 1.29 -16.64
C SER A 10 10.14 0.41 -16.57
N THR A 11 9.11 0.78 -17.29
CA THR A 11 7.91 0.01 -17.32
C THR A 11 8.14 -1.23 -18.18
N LEU A 12 8.00 -2.38 -17.57
CA LEU A 12 8.20 -3.66 -18.24
C LEU A 12 7.17 -3.90 -19.33
N ALA A 13 7.57 -4.68 -20.32
CA ALA A 13 6.71 -5.03 -21.45
C ALA A 13 5.51 -5.80 -20.96
N ARG A 14 4.43 -5.69 -21.71
CA ARG A 14 3.13 -6.27 -21.36
C ARG A 14 3.14 -7.79 -21.17
N VAL A 15 3.23 -8.18 -19.92
CA VAL A 15 3.17 -9.59 -19.50
C VAL A 15 2.11 -9.71 -18.41
N GLY A 16 1.28 -8.70 -18.37
CA GLY A 16 0.31 -8.57 -17.32
C GLY A 16 0.68 -7.38 -16.46
N SER A 17 1.25 -6.40 -17.12
CA SER A 17 1.77 -5.21 -16.51
C SER A 17 0.64 -4.37 -15.89
N ILE A 18 0.97 -3.60 -14.89
CA ILE A 18 0.01 -2.78 -14.21
C ILE A 18 0.48 -1.35 -14.36
N PRO A 19 -0.40 -0.40 -14.71
CA PRO A 19 -0.03 1.00 -14.73
C PRO A 19 0.35 1.44 -13.31
N ALA A 20 1.41 2.18 -13.21
CA ALA A 20 1.88 2.62 -11.95
C ALA A 20 1.57 4.08 -11.80
N GLY A 21 1.19 4.46 -10.62
CA GLY A 21 0.80 5.82 -10.39
C GLY A 21 1.98 6.76 -10.21
N ASP A 22 1.72 7.84 -9.56
CA ASP A 22 2.69 8.89 -9.35
C ASP A 22 3.35 8.71 -8.01
N ASP A 23 4.66 8.86 -7.97
CA ASP A 23 5.42 8.71 -6.73
C ASP A 23 5.00 9.73 -5.67
N VAL A 24 4.19 9.27 -4.73
CA VAL A 24 3.69 10.10 -3.64
C VAL A 24 4.81 10.52 -2.69
N LEU A 25 5.71 9.59 -2.42
CA LEU A 25 6.85 9.89 -1.61
C LEU A 25 7.95 10.47 -2.47
N ASP A 26 8.99 10.92 -1.85
CA ASP A 26 10.12 11.43 -2.59
C ASP A 26 10.96 10.25 -3.07
N PRO A 27 11.46 10.28 -4.33
CA PRO A 27 12.26 9.19 -4.91
C PRO A 27 13.46 8.70 -4.05
N ASP A 28 13.94 9.53 -3.12
CA ASP A 28 15.06 9.13 -2.24
C ASP A 28 14.56 8.57 -0.91
N GLU A 29 13.28 8.42 -0.77
CA GLU A 29 12.68 7.83 0.42
C GLU A 29 12.68 6.30 0.30
N PRO A 30 12.60 5.57 1.45
CA PRO A 30 12.58 4.09 1.49
C PRO A 30 11.68 3.44 0.42
N THR A 31 12.32 2.88 -0.58
CA THR A 31 11.63 2.29 -1.70
C THR A 31 12.19 0.91 -2.09
N TYR A 32 11.30 0.11 -2.60
CA TYR A 32 11.56 -1.19 -3.18
C TYR A 32 11.17 -1.10 -4.62
N ASP A 33 11.63 -2.01 -5.41
CA ASP A 33 11.42 -1.96 -6.85
C ASP A 33 10.96 -3.32 -7.21
N LEU A 34 10.34 -3.46 -8.38
CA LEU A 34 9.80 -4.77 -8.83
C LEU A 34 10.78 -5.95 -8.61
N PRO A 35 12.04 -5.92 -9.14
CA PRO A 35 13.01 -7.00 -8.92
C PRO A 35 13.34 -7.17 -7.42
N ARG A 36 13.38 -6.05 -6.68
CA ARG A 36 13.73 -6.08 -5.29
C ARG A 36 12.60 -6.74 -4.48
N VAL A 37 11.38 -6.50 -4.87
CA VAL A 37 10.23 -7.12 -4.20
C VAL A 37 10.20 -8.62 -4.50
N ALA A 38 10.56 -8.98 -5.72
CA ALA A 38 10.67 -10.38 -6.10
C ALA A 38 11.73 -11.06 -5.24
N GLU A 39 12.76 -10.29 -4.93
CA GLU A 39 13.83 -10.68 -4.00
C GLU A 39 13.30 -10.90 -2.59
N LEU A 40 12.48 -9.98 -2.13
CA LEU A 40 11.90 -10.03 -0.79
C LEU A 40 11.01 -11.24 -0.62
N LEU A 41 10.10 -11.41 -1.57
CA LEU A 41 9.09 -12.44 -1.49
C LEU A 41 9.61 -13.79 -1.94
N GLY A 42 10.71 -13.79 -2.68
CA GLY A 42 11.28 -15.02 -3.19
C GLY A 42 10.41 -15.62 -4.26
N VAL A 43 9.74 -14.77 -5.01
CA VAL A 43 8.83 -15.19 -6.06
C VAL A 43 9.20 -14.47 -7.35
N PRO A 44 8.76 -14.96 -8.54
CA PRO A 44 9.02 -14.27 -9.80
C PRO A 44 8.31 -12.91 -9.87
N VAL A 45 8.88 -12.02 -10.67
CA VAL A 45 8.37 -10.67 -10.85
C VAL A 45 6.92 -10.70 -11.37
N SER A 46 6.64 -11.66 -12.23
CA SER A 46 5.32 -11.81 -12.80
C SER A 46 4.29 -12.14 -11.70
N LYS A 47 4.69 -12.88 -10.67
CA LYS A 47 3.79 -13.19 -9.58
C LYS A 47 3.51 -11.92 -8.77
N VAL A 48 4.52 -11.07 -8.66
CA VAL A 48 4.36 -9.76 -8.02
C VAL A 48 3.37 -8.93 -8.82
N ALA A 49 3.50 -9.01 -10.14
CA ALA A 49 2.59 -8.33 -11.04
C ALA A 49 1.16 -8.84 -10.84
N GLN A 50 1.03 -10.13 -10.60
CA GLN A 50 -0.28 -10.72 -10.37
C GLN A 50 -0.87 -10.23 -9.03
N GLN A 51 -0.01 -10.05 -8.05
CA GLN A 51 -0.41 -9.50 -6.74
C GLN A 51 -0.90 -8.08 -6.92
N LEU A 52 -0.16 -7.36 -7.71
CA LEU A 52 -0.49 -5.99 -8.04
C LEU A 52 -1.84 -5.94 -8.77
N ARG A 53 -2.06 -6.91 -9.66
CA ARG A 53 -3.34 -7.07 -10.37
C ARG A 53 -4.50 -7.35 -9.41
N GLU A 54 -4.20 -8.01 -8.32
CA GLU A 54 -5.23 -8.36 -7.34
C GLU A 54 -5.47 -7.24 -6.35
N GLY A 55 -4.61 -6.25 -6.34
CA GLY A 55 -4.71 -5.22 -5.35
C GLY A 55 -4.20 -5.73 -4.02
N HIS A 56 -3.25 -6.66 -4.09
CA HIS A 56 -2.62 -7.23 -2.92
C HIS A 56 -1.52 -6.28 -2.48
N LEU A 57 -1.06 -5.49 -3.44
CA LEU A 57 -0.02 -4.52 -3.25
C LEU A 57 -0.20 -3.49 -4.35
N VAL A 58 0.33 -2.29 -4.18
CA VAL A 58 0.24 -1.23 -5.19
C VAL A 58 1.61 -0.66 -5.47
N ALA A 59 1.78 -0.03 -6.64
CA ALA A 59 3.07 0.48 -7.04
C ALA A 59 2.94 1.80 -7.79
N VAL A 60 4.02 2.57 -7.77
CA VAL A 60 4.10 3.85 -8.44
C VAL A 60 5.36 3.95 -9.25
N ARG A 61 5.44 4.91 -10.12
CA ARG A 61 6.56 5.02 -11.01
C ARG A 61 7.38 6.27 -10.76
N ARG A 62 8.69 6.07 -10.54
CA ARG A 62 9.64 7.15 -10.30
C ARG A 62 10.64 7.18 -11.45
N ALA A 63 10.61 8.26 -12.22
CA ALA A 63 11.50 8.49 -13.38
C ALA A 63 11.44 7.35 -14.45
N GLY A 64 10.48 6.46 -14.29
CA GLY A 64 10.35 5.35 -15.20
C GLY A 64 10.25 4.03 -14.46
N GLY A 65 10.85 3.96 -13.29
CA GLY A 65 10.90 2.72 -12.54
C GLY A 65 9.68 2.52 -11.72
N VAL A 66 9.22 1.29 -11.66
CA VAL A 66 8.04 0.96 -10.90
C VAL A 66 8.48 0.46 -9.53
N VAL A 67 8.04 1.15 -8.51
CA VAL A 67 8.48 0.93 -7.17
C VAL A 67 7.34 0.86 -6.18
N ILE A 68 7.64 0.27 -5.05
CA ILE A 68 6.72 0.13 -3.96
C ILE A 68 7.46 0.62 -2.71
N PRO A 69 6.89 1.55 -1.95
CA PRO A 69 7.51 2.05 -0.71
C PRO A 69 7.73 0.96 0.33
N GLN A 70 8.96 0.90 0.87
CA GLN A 70 9.34 -0.06 1.93
C GLN A 70 8.42 -0.02 3.14
N VAL A 71 7.78 1.11 3.34
CA VAL A 71 6.86 1.31 4.45
C VAL A 71 5.59 0.44 4.33
N PHE A 72 5.40 -0.17 3.15
CA PHE A 72 4.30 -1.11 2.89
C PHE A 72 4.69 -2.51 3.34
N PHE A 73 5.91 -2.65 3.75
CA PHE A 73 6.43 -3.92 4.12
C PHE A 73 6.81 -3.91 5.58
N THR A 74 6.81 -5.07 6.15
CA THR A 74 7.16 -5.25 7.52
C THR A 74 8.68 -5.15 7.66
N ASN A 75 9.13 -5.21 8.88
CA ASN A 75 10.57 -5.20 9.20
C ASN A 75 11.31 -6.38 8.53
N SER A 76 10.54 -7.40 8.15
CA SER A 76 11.07 -8.58 7.50
C SER A 76 11.13 -8.36 5.96
N GLY A 77 10.55 -7.26 5.49
CA GLY A 77 10.52 -7.00 4.07
C GLY A 77 9.42 -7.77 3.39
N GLN A 78 8.39 -8.10 4.13
CA GLN A 78 7.30 -8.86 3.60
C GLN A 78 6.05 -8.00 3.63
N VAL A 79 5.09 -8.34 2.80
CA VAL A 79 3.86 -7.56 2.70
C VAL A 79 3.04 -7.74 3.96
N VAL A 80 2.64 -6.64 4.57
CA VAL A 80 1.81 -6.68 5.77
C VAL A 80 0.50 -7.37 5.42
N LYS A 81 0.19 -8.45 6.10
CA LYS A 81 -1.02 -9.24 5.81
C LYS A 81 -2.34 -8.44 5.95
N SER A 82 -2.31 -7.38 6.71
CA SER A 82 -3.47 -6.56 6.93
C SER A 82 -3.60 -5.48 5.83
N LEU A 83 -2.51 -5.26 5.11
CA LEU A 83 -2.41 -4.22 4.10
C LEU A 83 -3.34 -4.43 2.85
N PRO A 84 -3.40 -5.67 2.23
CA PRO A 84 -4.30 -5.93 1.07
C PRO A 84 -5.76 -5.58 1.37
N GLY A 85 -6.12 -5.69 2.64
CA GLY A 85 -7.46 -5.36 3.08
C GLY A 85 -7.79 -3.89 2.87
N LEU A 86 -6.83 -3.01 3.19
CA LEU A 86 -7.04 -1.58 3.03
C LEU A 86 -7.12 -1.24 1.55
N LEU A 87 -6.27 -1.86 0.76
CA LEU A 87 -6.24 -1.61 -0.67
C LEU A 87 -7.54 -1.99 -1.32
N THR A 88 -8.11 -3.07 -0.85
CA THR A 88 -9.34 -3.58 -1.41
C THR A 88 -10.54 -2.64 -1.13
N ILE A 89 -10.62 -2.08 0.09
CA ILE A 89 -11.73 -1.16 0.39
C ILE A 89 -11.63 0.12 -0.46
N LEU A 90 -10.42 0.67 -0.59
CA LEU A 90 -10.25 1.85 -1.44
C LEU A 90 -10.47 1.53 -2.91
N HIS A 91 -10.06 0.35 -3.33
CA HIS A 91 -10.20 -0.07 -4.71
C HIS A 91 -11.68 -0.18 -5.04
N ASP A 92 -12.46 -0.65 -4.08
CA ASP A 92 -13.91 -0.75 -4.21
C ASP A 92 -14.53 0.64 -4.27
N GLY A 93 -13.87 1.57 -3.60
CA GLY A 93 -14.32 2.96 -3.58
C GLY A 93 -13.91 3.71 -4.83
N GLY A 94 -13.06 3.10 -5.64
CA GLY A 94 -12.64 3.71 -6.89
C GLY A 94 -11.40 4.57 -6.73
N TYR A 95 -10.62 4.31 -5.72
CA TYR A 95 -9.41 5.06 -5.49
C TYR A 95 -8.20 4.29 -6.02
N ARG A 96 -7.33 4.98 -6.75
CA ARG A 96 -6.15 4.34 -7.31
C ARG A 96 -4.98 4.39 -6.32
N ASP A 97 -3.90 3.72 -6.68
CA ASP A 97 -2.69 3.54 -5.85
C ASP A 97 -2.11 4.86 -5.30
N THR A 98 -2.02 5.84 -6.14
CA THR A 98 -1.53 7.14 -5.78
C THR A 98 -2.45 7.80 -4.73
N GLU A 99 -3.74 7.64 -4.93
CA GLU A 99 -4.75 8.23 -4.07
C GLU A 99 -4.68 7.64 -2.67
N ILE A 100 -4.42 6.33 -2.60
CA ILE A 100 -4.35 5.62 -1.32
C ILE A 100 -3.22 6.24 -0.52
N MET A 101 -2.10 6.39 -1.19
CA MET A 101 -0.91 6.88 -0.57
C MET A 101 -0.94 8.36 -0.29
N ARG A 102 -1.88 9.07 -0.90
CA ARG A 102 -2.03 10.49 -0.65
C ARG A 102 -2.25 10.75 0.84
N TRP A 103 -3.36 10.27 1.35
CA TRP A 103 -3.69 10.43 2.76
C TRP A 103 -2.80 9.59 3.67
N LEU A 104 -2.37 8.43 3.17
CA LEU A 104 -1.50 7.52 3.94
C LEU A 104 -0.15 8.15 4.31
N PHE A 105 0.45 8.90 3.40
CA PHE A 105 1.76 9.51 3.66
C PHE A 105 1.64 10.86 4.32
N THR A 106 0.46 11.35 4.39
CA THR A 106 0.20 12.59 5.05
C THR A 106 -0.07 12.31 6.54
N PRO A 107 0.71 12.92 7.46
CA PRO A 107 0.43 12.79 8.88
C PRO A 107 -1.00 13.24 9.15
N ASP A 108 -1.72 12.43 9.84
CA ASP A 108 -3.11 12.71 10.07
C ASP A 108 -3.26 13.51 11.34
N PRO A 109 -3.86 14.72 11.25
CA PRO A 109 -4.05 15.61 12.39
C PRO A 109 -4.93 15.02 13.50
N SER A 110 -5.67 13.99 13.20
CA SER A 110 -6.54 13.39 14.17
C SER A 110 -6.05 12.01 14.58
N LEU A 111 -4.89 11.63 14.12
CA LEU A 111 -4.40 10.32 14.42
C LEU A 111 -3.35 10.37 15.49
N THR A 112 -3.57 9.60 16.50
CA THR A 112 -2.65 9.43 17.57
C THR A 112 -2.43 7.94 17.69
N ILE A 113 -1.22 7.51 17.48
CA ILE A 113 -0.90 6.10 17.46
C ILE A 113 0.35 5.80 18.21
N THR A 114 0.51 4.56 18.52
CA THR A 114 1.65 4.10 19.19
C THR A 114 2.62 3.71 18.10
N ARG A 115 3.80 4.25 18.10
CA ARG A 115 4.63 4.02 16.95
C ARG A 115 6.05 3.73 17.29
N ASP A 116 6.80 3.37 16.25
CA ASP A 116 8.23 3.01 16.28
C ASP A 116 8.51 2.04 17.41
N GLY A 117 8.03 0.84 17.22
CA GLY A 117 8.14 -0.18 18.26
C GLY A 117 6.89 -0.18 19.12
N SER A 118 6.07 0.87 18.93
CA SER A 118 4.80 1.09 19.63
C SER A 118 5.00 1.39 21.12
N ARG A 119 6.19 1.91 21.42
CA ARG A 119 6.62 2.19 22.79
C ARG A 119 5.79 3.28 23.46
N ASP A 120 5.23 4.17 22.66
CA ASP A 120 4.43 5.29 23.17
C ASP A 120 3.61 5.86 22.03
N ALA A 121 2.63 6.66 22.38
CA ALA A 121 1.74 7.27 21.44
C ALA A 121 2.29 8.60 20.97
N VAL A 122 2.15 8.84 19.70
CA VAL A 122 2.57 10.05 19.06
C VAL A 122 1.38 10.60 18.30
N SER A 123 1.13 11.86 18.45
CA SER A 123 0.06 12.54 17.78
C SER A 123 0.52 13.04 16.43
N ASN A 124 -0.40 13.03 15.47
CA ASN A 124 -0.17 13.48 14.11
C ASN A 124 0.87 12.65 13.42
N ALA A 125 0.52 11.43 13.18
CA ALA A 125 1.42 10.51 12.52
C ALA A 125 0.81 10.01 11.22
N ARG A 126 1.61 9.32 10.44
CA ARG A 126 1.19 8.79 9.16
C ARG A 126 0.37 7.54 9.38
N PRO A 127 -0.77 7.40 8.70
CA PRO A 127 -1.53 6.16 8.72
C PRO A 127 -0.67 4.95 8.25
N VAL A 128 0.33 5.20 7.39
CA VAL A 128 1.25 4.13 6.97
C VAL A 128 2.08 3.65 8.16
N ASP A 129 2.39 4.58 9.04
CA ASP A 129 3.19 4.26 10.20
C ASP A 129 2.35 3.40 11.16
N ALA A 130 1.04 3.66 11.15
CA ALA A 130 0.06 2.95 11.97
C ALA A 130 -0.14 1.50 11.52
N LEU A 131 -0.08 1.26 10.21
CA LEU A 131 -0.31 -0.10 9.72
C LEU A 131 0.82 -1.03 10.12
N HIS A 132 2.04 -0.53 10.13
CA HIS A 132 3.20 -1.32 10.55
C HIS A 132 3.21 -1.40 12.08
N ALA A 133 2.44 -0.52 12.70
CA ALA A 133 2.28 -0.51 14.17
C ALA A 133 1.14 -1.43 14.57
N HIS A 134 0.58 -2.15 13.58
CA HIS A 134 -0.54 -3.10 13.75
C HIS A 134 -1.81 -2.39 14.22
N GLN A 135 -1.88 -1.14 13.86
CA GLN A 135 -2.99 -0.26 14.17
C GLN A 135 -3.83 0.00 12.94
N ALA A 136 -3.78 -0.97 12.05
CA ALA A 136 -4.43 -0.92 10.76
C ALA A 136 -5.92 -0.56 10.83
N ARG A 137 -6.61 -0.88 11.94
CA ARG A 137 -8.04 -0.51 12.05
C ARG A 137 -8.25 1.00 11.97
N GLU A 138 -7.35 1.76 12.59
CA GLU A 138 -7.40 3.21 12.53
C GLU A 138 -7.19 3.69 11.09
N VAL A 139 -6.40 2.93 10.36
CA VAL A 139 -6.12 3.23 8.97
C VAL A 139 -7.35 2.91 8.13
N VAL A 140 -7.91 1.73 8.35
CA VAL A 140 -9.08 1.27 7.64
C VAL A 140 -10.26 2.20 7.85
N ARG A 141 -10.49 2.61 9.08
CA ARG A 141 -11.59 3.53 9.36
C ARG A 141 -11.41 4.88 8.67
N ARG A 142 -10.18 5.39 8.62
CA ARG A 142 -9.89 6.60 7.86
C ARG A 142 -10.14 6.37 6.37
N ALA A 143 -9.76 5.20 5.90
CA ALA A 143 -9.97 4.79 4.52
C ALA A 143 -11.45 4.77 4.19
N GLN A 144 -12.23 4.17 5.07
CA GLN A 144 -13.66 4.08 4.94
C GLN A 144 -14.29 5.45 4.91
N ALA A 145 -13.85 6.31 5.82
CA ALA A 145 -14.36 7.68 5.90
C ALA A 145 -13.92 8.52 4.69
N MET A 146 -12.89 8.07 4.02
CA MET A 146 -12.39 8.74 2.82
C MET A 146 -13.19 8.28 1.61
N ALA A 147 -13.48 7.01 1.55
CA ALA A 147 -14.18 6.42 0.42
C ALA A 147 -15.68 6.63 0.51
N TYR A 148 -16.27 6.26 1.61
CA TYR A 148 -17.70 6.33 1.79
C TYR A 148 -18.06 7.25 2.94
N MET A 3 -35.65 -34.62 -9.57
CA MET A 3 -35.54 -33.54 -8.60
C MET A 3 -35.48 -32.23 -9.33
N PRO A 4 -36.13 -31.18 -8.81
CA PRO A 4 -36.00 -29.85 -9.36
C PRO A 4 -34.57 -29.35 -9.17
N GLY A 5 -33.90 -29.08 -10.27
CA GLY A 5 -32.54 -28.69 -10.21
C GLY A 5 -32.37 -27.24 -9.92
N ARG A 6 -32.06 -26.93 -8.68
CA ARG A 6 -31.80 -25.55 -8.29
C ARG A 6 -30.44 -25.16 -8.83
N ALA A 7 -30.31 -23.92 -9.24
CA ALA A 7 -29.06 -23.44 -9.76
C ALA A 7 -28.28 -22.70 -8.69
N PRO A 8 -27.19 -23.29 -8.16
CA PRO A 8 -26.29 -22.61 -7.23
C PRO A 8 -25.36 -21.67 -8.00
N GLY A 9 -24.51 -20.98 -7.30
CA GLY A 9 -23.64 -20.07 -7.97
C GLY A 9 -22.41 -19.75 -7.17
N SER A 10 -21.31 -19.73 -7.83
CA SER A 10 -20.06 -19.34 -7.24
C SER A 10 -19.74 -17.90 -7.68
N THR A 11 -19.84 -16.97 -6.77
CA THR A 11 -19.60 -15.57 -7.06
C THR A 11 -18.12 -15.24 -6.86
N LEU A 12 -17.57 -14.46 -7.76
CA LEU A 12 -16.18 -14.07 -7.67
C LEU A 12 -16.04 -12.73 -6.96
N ALA A 13 -14.93 -12.57 -6.30
CA ALA A 13 -14.61 -11.35 -5.61
C ALA A 13 -13.79 -10.47 -6.52
N ARG A 14 -14.41 -9.45 -7.07
CA ARG A 14 -13.74 -8.57 -8.02
C ARG A 14 -12.79 -7.60 -7.35
N VAL A 15 -11.60 -8.07 -7.09
CA VAL A 15 -10.52 -7.29 -6.58
C VAL A 15 -9.39 -7.51 -7.57
N GLY A 16 -8.96 -6.46 -8.21
CA GLY A 16 -7.98 -6.62 -9.25
C GLY A 16 -6.85 -5.64 -9.18
N SER A 17 -6.30 -5.36 -10.32
CA SER A 17 -5.13 -4.55 -10.45
C SER A 17 -5.44 -3.06 -10.44
N ILE A 18 -4.77 -2.35 -9.57
CA ILE A 18 -4.83 -0.91 -9.58
C ILE A 18 -3.57 -0.45 -10.32
N PRO A 19 -3.71 0.29 -11.43
CA PRO A 19 -2.56 0.76 -12.21
C PRO A 19 -1.79 1.87 -11.49
N ALA A 20 -0.50 1.93 -11.73
CA ALA A 20 0.37 2.90 -11.10
C ALA A 20 0.32 4.22 -11.85
N GLY A 21 0.17 5.29 -11.11
CA GLY A 21 0.11 6.59 -11.70
C GLY A 21 1.21 7.51 -11.21
N ASP A 22 0.96 8.22 -10.13
CA ASP A 22 1.92 9.18 -9.62
C ASP A 22 2.32 8.84 -8.19
N ASP A 23 3.61 8.74 -7.99
CA ASP A 23 4.17 8.41 -6.67
C ASP A 23 4.23 9.64 -5.78
N VAL A 24 3.95 9.44 -4.51
CA VAL A 24 3.86 10.51 -3.52
C VAL A 24 5.09 10.46 -2.58
N LEU A 25 5.87 9.39 -2.70
CA LEU A 25 7.05 9.17 -1.87
C LEU A 25 8.15 10.19 -2.09
N ASP A 26 9.01 10.27 -1.10
CA ASP A 26 10.23 11.02 -1.19
C ASP A 26 11.20 10.14 -1.96
N PRO A 27 11.98 10.70 -2.90
CA PRO A 27 12.88 9.92 -3.78
C PRO A 27 13.81 8.92 -3.04
N ASP A 28 14.16 9.20 -1.81
CA ASP A 28 15.02 8.29 -1.06
C ASP A 28 14.38 7.78 0.20
N GLU A 29 13.06 7.79 0.23
CA GLU A 29 12.32 7.19 1.32
C GLU A 29 12.44 5.68 1.10
N PRO A 30 12.56 4.85 2.17
CA PRO A 30 12.62 3.39 2.08
C PRO A 30 11.67 2.82 1.02
N THR A 31 12.23 2.37 -0.07
CA THR A 31 11.47 1.92 -1.19
C THR A 31 11.90 0.56 -1.68
N TYR A 32 11.09 0.00 -2.52
CA TYR A 32 11.33 -1.19 -3.23
C TYR A 32 11.03 -0.93 -4.67
N ASP A 33 11.54 -1.73 -5.50
CA ASP A 33 11.42 -1.63 -6.92
C ASP A 33 11.12 -3.03 -7.33
N LEU A 34 10.56 -3.23 -8.50
CA LEU A 34 10.06 -4.56 -8.92
C LEU A 34 11.07 -5.73 -8.70
N PRO A 35 12.31 -5.68 -9.26
CA PRO A 35 13.31 -6.73 -9.02
C PRO A 35 13.73 -6.83 -7.54
N ARG A 36 13.70 -5.70 -6.86
CA ARG A 36 14.08 -5.61 -5.45
C ARG A 36 13.00 -6.30 -4.59
N VAL A 37 11.74 -6.21 -5.00
CA VAL A 37 10.65 -6.87 -4.28
C VAL A 37 10.77 -8.37 -4.47
N ALA A 38 11.14 -8.74 -5.67
CA ALA A 38 11.37 -10.13 -6.01
C ALA A 38 12.49 -10.68 -5.14
N GLU A 39 13.48 -9.85 -4.91
CA GLU A 39 14.63 -10.15 -4.08
C GLU A 39 14.22 -10.34 -2.61
N LEU A 40 13.39 -9.42 -2.14
CA LEU A 40 12.92 -9.41 -0.76
C LEU A 40 12.14 -10.68 -0.41
N LEU A 41 11.21 -11.02 -1.26
CA LEU A 41 10.33 -12.13 -1.00
C LEU A 41 10.92 -13.45 -1.53
N GLY A 42 11.87 -13.35 -2.43
CA GLY A 42 12.48 -14.54 -3.01
C GLY A 42 11.62 -15.10 -4.12
N VAL A 43 10.70 -14.29 -4.58
CA VAL A 43 9.73 -14.69 -5.58
C VAL A 43 10.14 -14.08 -6.90
N PRO A 44 9.64 -14.56 -8.03
CA PRO A 44 9.90 -13.92 -9.30
C PRO A 44 9.05 -12.64 -9.45
N VAL A 45 9.48 -11.77 -10.36
CA VAL A 45 8.81 -10.49 -10.65
C VAL A 45 7.37 -10.76 -11.10
N SER A 46 7.20 -11.86 -11.77
CA SER A 46 5.93 -12.31 -12.22
C SER A 46 4.94 -12.52 -11.05
N LYS A 47 5.43 -13.01 -9.90
CA LYS A 47 4.57 -13.13 -8.73
C LYS A 47 4.25 -11.76 -8.18
N VAL A 48 5.18 -10.83 -8.30
CA VAL A 48 4.92 -9.45 -7.90
C VAL A 48 3.78 -8.90 -8.76
N ALA A 49 3.82 -9.22 -10.04
CA ALA A 49 2.76 -8.86 -10.95
C ALA A 49 1.44 -9.54 -10.52
N GLN A 50 1.53 -10.77 -10.02
CA GLN A 50 0.34 -11.51 -9.55
C GLN A 50 -0.29 -10.84 -8.35
N GLN A 51 0.55 -10.26 -7.48
CA GLN A 51 0.07 -9.54 -6.31
C GLN A 51 -0.79 -8.39 -6.79
N LEU A 52 -0.27 -7.68 -7.77
CA LEU A 52 -0.96 -6.59 -8.42
C LEU A 52 -2.24 -7.09 -9.10
N ARG A 53 -2.17 -8.27 -9.70
CA ARG A 53 -3.31 -8.90 -10.37
C ARG A 53 -4.44 -9.27 -9.41
N GLU A 54 -4.10 -9.55 -8.18
CA GLU A 54 -5.10 -9.97 -7.21
C GLU A 54 -5.49 -8.87 -6.25
N GLY A 55 -4.87 -7.70 -6.40
CA GLY A 55 -5.12 -6.59 -5.51
C GLY A 55 -4.59 -6.89 -4.13
N HIS A 56 -3.47 -7.55 -4.10
CA HIS A 56 -2.83 -7.94 -2.85
C HIS A 56 -1.77 -6.93 -2.49
N LEU A 57 -1.34 -6.18 -3.48
CA LEU A 57 -0.30 -5.21 -3.31
C LEU A 57 -0.41 -4.23 -4.47
N VAL A 58 0.04 -3.01 -4.26
CA VAL A 58 -0.01 -1.99 -5.30
C VAL A 58 1.34 -1.34 -5.47
N ALA A 59 1.52 -0.69 -6.59
CA ALA A 59 2.75 -0.06 -6.92
C ALA A 59 2.47 1.33 -7.45
N VAL A 60 3.47 2.17 -7.41
CA VAL A 60 3.39 3.54 -7.88
C VAL A 60 4.56 3.82 -8.80
N ARG A 61 4.50 4.91 -9.51
CA ARG A 61 5.53 5.23 -10.46
C ARG A 61 6.32 6.48 -10.05
N ARG A 62 7.61 6.30 -9.77
CA ARG A 62 8.51 7.40 -9.43
C ARG A 62 9.63 7.43 -10.45
N ALA A 63 9.98 8.61 -10.93
CA ALA A 63 11.13 8.85 -11.82
C ALA A 63 11.18 7.89 -13.04
N GLY A 64 10.02 7.46 -13.50
CA GLY A 64 9.95 6.56 -14.64
C GLY A 64 10.17 5.11 -14.26
N GLY A 65 9.93 4.78 -13.01
CA GLY A 65 10.06 3.41 -12.55
C GLY A 65 8.88 3.00 -11.72
N VAL A 66 8.58 1.72 -11.72
CA VAL A 66 7.46 1.21 -10.96
C VAL A 66 8.02 0.67 -9.65
N VAL A 67 7.56 1.22 -8.58
CA VAL A 67 8.09 0.95 -7.28
C VAL A 67 7.01 0.71 -6.28
N ILE A 68 7.40 0.16 -5.18
CA ILE A 68 6.51 -0.12 -4.09
C ILE A 68 7.21 0.38 -2.83
N PRO A 69 6.51 1.14 -1.98
CA PRO A 69 7.11 1.63 -0.74
C PRO A 69 7.55 0.48 0.16
N GLN A 70 8.74 0.56 0.75
CA GLN A 70 9.22 -0.46 1.67
C GLN A 70 8.39 -0.42 2.93
N VAL A 71 7.96 0.77 3.24
CA VAL A 71 7.11 1.04 4.39
C VAL A 71 5.69 0.44 4.21
N PHE A 72 5.45 -0.16 3.04
CA PHE A 72 4.18 -0.82 2.75
C PHE A 72 4.24 -2.25 3.25
N PHE A 73 5.42 -2.66 3.61
CA PHE A 73 5.66 -3.96 4.12
C PHE A 73 5.90 -3.84 5.60
N THR A 74 5.77 -4.93 6.30
CA THR A 74 5.99 -4.95 7.73
C THR A 74 7.48 -4.90 8.00
N ASN A 75 7.86 -4.52 9.22
CA ASN A 75 9.28 -4.47 9.62
C ASN A 75 9.97 -5.83 9.51
N SER A 76 9.18 -6.89 9.43
CA SER A 76 9.68 -8.21 9.34
C SER A 76 9.78 -8.69 7.87
N GLY A 77 9.38 -7.84 6.92
CA GLY A 77 9.51 -8.18 5.51
C GLY A 77 8.30 -8.87 4.92
N GLN A 78 7.25 -9.01 5.70
CA GLN A 78 6.03 -9.66 5.22
C GLN A 78 5.08 -8.59 4.69
N VAL A 79 4.17 -8.96 3.82
CA VAL A 79 3.16 -8.05 3.34
C VAL A 79 2.13 -7.87 4.47
N VAL A 80 1.67 -6.66 4.68
CA VAL A 80 0.68 -6.37 5.68
C VAL A 80 -0.62 -7.13 5.34
N LYS A 81 -1.17 -7.81 6.32
CA LYS A 81 -2.34 -8.64 6.11
C LYS A 81 -3.57 -7.82 5.67
N SER A 82 -3.78 -6.69 6.27
CA SER A 82 -4.93 -5.89 5.94
C SER A 82 -4.62 -4.92 4.77
N LEU A 83 -3.50 -5.13 4.09
CA LEU A 83 -3.13 -4.32 2.94
C LEU A 83 -4.14 -4.58 1.78
N PRO A 84 -4.37 -5.88 1.35
CA PRO A 84 -5.40 -6.18 0.34
C PRO A 84 -6.77 -5.69 0.81
N GLY A 85 -6.97 -5.72 2.13
CA GLY A 85 -8.21 -5.29 2.74
C GLY A 85 -8.48 -3.82 2.51
N LEU A 86 -7.45 -2.99 2.68
CA LEU A 86 -7.61 -1.56 2.43
C LEU A 86 -7.83 -1.34 0.94
N LEU A 87 -7.08 -2.08 0.12
CA LEU A 87 -7.21 -1.98 -1.32
C LEU A 87 -8.60 -2.32 -1.76
N THR A 88 -9.21 -3.29 -1.09
CA THR A 88 -10.56 -3.70 -1.42
C THR A 88 -11.56 -2.54 -1.26
N ILE A 89 -11.50 -1.86 -0.12
CA ILE A 89 -12.40 -0.74 0.16
C ILE A 89 -12.15 0.44 -0.77
N LEU A 90 -10.88 0.81 -0.99
CA LEU A 90 -10.57 1.91 -1.90
C LEU A 90 -10.89 1.60 -3.35
N HIS A 91 -10.63 0.38 -3.77
CA HIS A 91 -10.92 -0.02 -5.15
C HIS A 91 -12.43 -0.01 -5.38
N ASP A 92 -13.17 -0.36 -4.36
CA ASP A 92 -14.63 -0.34 -4.41
C ASP A 92 -15.15 1.10 -4.38
N GLY A 93 -14.40 1.98 -3.70
CA GLY A 93 -14.75 3.40 -3.64
C GLY A 93 -14.25 4.17 -4.85
N GLY A 94 -13.44 3.50 -5.66
CA GLY A 94 -12.94 4.10 -6.87
C GLY A 94 -11.75 5.02 -6.64
N TYR A 95 -10.86 4.63 -5.76
CA TYR A 95 -9.66 5.39 -5.49
C TYR A 95 -8.44 4.67 -6.04
N ARG A 96 -7.67 5.37 -6.83
CA ARG A 96 -6.47 4.83 -7.44
C ARG A 96 -5.25 4.95 -6.51
N ASP A 97 -4.16 4.36 -6.95
CA ASP A 97 -2.88 4.24 -6.22
C ASP A 97 -2.38 5.61 -5.70
N THR A 98 -2.46 6.60 -6.55
CA THR A 98 -2.04 7.93 -6.26
C THR A 98 -2.85 8.52 -5.09
N GLU A 99 -4.14 8.22 -5.11
CA GLU A 99 -5.05 8.68 -4.09
C GLU A 99 -4.67 8.04 -2.77
N ILE A 100 -4.39 6.73 -2.82
CA ILE A 100 -4.11 5.92 -1.64
C ILE A 100 -2.88 6.48 -0.94
N MET A 101 -1.84 6.71 -1.71
CA MET A 101 -0.56 7.17 -1.18
C MET A 101 -0.65 8.58 -0.64
N ARG A 102 -1.58 9.37 -1.17
CA ARG A 102 -1.73 10.74 -0.75
C ARG A 102 -2.05 10.84 0.74
N TRP A 103 -3.18 10.32 1.14
CA TRP A 103 -3.56 10.35 2.55
C TRP A 103 -2.69 9.46 3.40
N LEU A 104 -2.22 8.37 2.82
CA LEU A 104 -1.34 7.43 3.50
C LEU A 104 -0.03 8.07 3.95
N PHE A 105 0.52 8.91 3.12
CA PHE A 105 1.78 9.52 3.45
C PHE A 105 1.63 10.88 4.09
N THR A 106 0.41 11.32 4.22
CA THR A 106 0.15 12.54 4.92
C THR A 106 -0.03 12.23 6.42
N PRO A 107 0.86 12.75 7.29
CA PRO A 107 0.77 12.55 8.75
C PRO A 107 -0.60 12.92 9.29
N ASP A 108 -1.18 12.03 10.03
CA ASP A 108 -2.54 12.21 10.51
C ASP A 108 -2.55 12.92 11.86
N PRO A 109 -3.30 14.03 11.97
CA PRO A 109 -3.42 14.81 13.21
C PRO A 109 -4.00 14.02 14.38
N SER A 110 -4.81 13.04 14.09
CA SER A 110 -5.49 12.29 15.11
C SER A 110 -4.78 10.95 15.37
N LEU A 111 -3.64 10.75 14.75
CA LEU A 111 -2.96 9.51 14.94
C LEU A 111 -1.80 9.64 15.91
N THR A 112 -1.89 8.88 16.95
CA THR A 112 -0.88 8.78 17.96
C THR A 112 -0.68 7.29 18.19
N ILE A 113 0.46 6.76 17.80
CA ILE A 113 0.66 5.33 17.86
C ILE A 113 1.95 4.93 18.43
N THR A 114 2.00 3.69 18.81
CA THR A 114 3.19 3.07 19.25
C THR A 114 3.86 2.48 18.02
N ARG A 115 5.10 2.80 17.81
CA ARG A 115 5.75 2.42 16.58
C ARG A 115 6.52 1.13 16.76
N ASP A 116 6.38 0.25 15.77
CA ASP A 116 7.09 -1.07 15.70
C ASP A 116 6.89 -1.93 16.93
N GLY A 117 5.80 -1.72 17.62
CA GLY A 117 5.52 -2.49 18.81
C GLY A 117 6.35 -2.05 20.00
N SER A 118 6.95 -0.88 19.92
CA SER A 118 7.70 -0.34 20.98
C SER A 118 6.74 0.33 21.93
N ARG A 119 7.26 0.75 23.03
CA ARG A 119 6.47 1.45 24.00
C ARG A 119 6.44 2.93 23.67
N ASP A 120 7.29 3.33 22.73
CA ASP A 120 7.37 4.72 22.30
C ASP A 120 6.17 5.11 21.49
N ALA A 121 5.66 6.27 21.77
CA ALA A 121 4.48 6.77 21.11
C ALA A 121 4.85 7.90 20.18
N VAL A 122 4.44 7.78 18.96
CA VAL A 122 4.71 8.77 17.95
C VAL A 122 3.41 9.49 17.63
N SER A 123 3.40 10.77 17.86
CA SER A 123 2.26 11.59 17.58
C SER A 123 2.35 12.16 16.17
N ASN A 124 1.22 12.16 15.45
CA ASN A 124 1.11 12.72 14.11
C ASN A 124 1.99 11.93 13.15
N ALA A 125 1.70 10.67 13.06
CA ALA A 125 2.42 9.77 12.20
C ALA A 125 1.63 9.60 10.92
N ARG A 126 2.28 9.13 9.89
CA ARG A 126 1.60 8.92 8.64
C ARG A 126 1.00 7.51 8.68
N PRO A 127 -0.23 7.33 8.17
CA PRO A 127 -0.93 6.02 8.15
C PRO A 127 -0.08 4.84 7.60
N VAL A 128 0.86 5.11 6.68
CA VAL A 128 1.71 4.03 6.17
C VAL A 128 2.64 3.52 7.25
N ASP A 129 3.10 4.41 8.07
CA ASP A 129 4.04 4.06 9.12
C ASP A 129 3.29 3.24 10.16
N ALA A 130 2.00 3.54 10.28
CA ALA A 130 1.10 2.82 11.15
C ALA A 130 0.94 1.37 10.70
N LEU A 131 0.74 1.13 9.41
CA LEU A 131 0.57 -0.23 8.91
C LEU A 131 1.88 -1.01 9.02
N HIS A 132 2.99 -0.30 8.86
CA HIS A 132 4.33 -0.86 9.04
C HIS A 132 4.48 -1.28 10.50
N ALA A 133 3.85 -0.50 11.35
CA ALA A 133 3.89 -0.70 12.80
C ALA A 133 2.77 -1.63 13.28
N HIS A 134 2.08 -2.27 12.33
CA HIS A 134 1.00 -3.27 12.59
C HIS A 134 -0.25 -2.62 13.19
N GLN A 135 -0.44 -1.37 12.87
CA GLN A 135 -1.58 -0.57 13.31
C GLN A 135 -2.52 -0.38 12.12
N ALA A 136 -2.42 -1.32 11.17
CA ALA A 136 -3.12 -1.27 9.88
C ALA A 136 -4.62 -1.07 9.99
N ARG A 137 -5.24 -1.55 11.07
CA ARG A 137 -6.69 -1.37 11.28
C ARG A 137 -7.05 0.11 11.32
N GLU A 138 -6.19 0.89 11.94
CA GLU A 138 -6.40 2.32 12.07
C GLU A 138 -6.29 2.99 10.69
N VAL A 139 -5.48 2.40 9.86
CA VAL A 139 -5.23 2.87 8.51
C VAL A 139 -6.46 2.64 7.64
N VAL A 140 -7.03 1.45 7.75
CA VAL A 140 -8.23 1.08 7.01
C VAL A 140 -9.37 2.02 7.39
N ARG A 141 -9.47 2.27 8.67
CA ARG A 141 -10.45 3.18 9.22
C ARG A 141 -10.29 4.60 8.66
N ARG A 142 -9.04 5.02 8.50
CA ARG A 142 -8.71 6.33 7.96
C ARG A 142 -9.14 6.36 6.46
N ALA A 143 -8.95 5.23 5.80
CA ALA A 143 -9.32 5.05 4.40
C ALA A 143 -10.83 5.16 4.22
N GLN A 144 -11.57 4.54 5.15
CA GLN A 144 -13.03 4.59 5.13
C GLN A 144 -13.51 6.03 5.20
N ALA A 145 -12.87 6.81 6.06
CA ALA A 145 -13.22 8.22 6.26
C ALA A 145 -13.01 9.03 4.97
N MET A 146 -11.99 8.70 4.21
CA MET A 146 -11.71 9.36 2.93
C MET A 146 -12.68 8.88 1.84
N ALA A 147 -13.16 7.68 1.97
CA ALA A 147 -14.06 7.13 0.98
C ALA A 147 -15.50 7.59 1.22
N TYR A 148 -15.96 7.49 2.44
CA TYR A 148 -17.32 7.85 2.78
C TYR A 148 -17.31 8.78 3.95
N MET A 3 -5.55 -1.59 -19.50
CA MET A 3 -5.00 -2.75 -18.78
C MET A 3 -5.95 -3.94 -18.98
N PRO A 4 -5.47 -5.20 -18.74
CA PRO A 4 -6.32 -6.43 -18.83
C PRO A 4 -7.30 -6.54 -17.63
N GLY A 5 -8.06 -5.50 -17.41
CA GLY A 5 -8.98 -5.45 -16.33
C GLY A 5 -10.27 -4.84 -16.78
N ARG A 6 -11.22 -5.69 -17.12
CA ARG A 6 -12.56 -5.28 -17.52
C ARG A 6 -13.22 -4.53 -16.36
N ALA A 7 -14.04 -3.52 -16.69
CA ALA A 7 -14.77 -2.68 -15.73
C ALA A 7 -15.25 -3.48 -14.52
N PRO A 8 -14.77 -3.12 -13.33
CA PRO A 8 -15.03 -3.87 -12.11
C PRO A 8 -16.51 -3.96 -11.74
N GLY A 9 -17.00 -5.15 -11.80
CA GLY A 9 -18.34 -5.44 -11.43
C GLY A 9 -18.31 -6.38 -10.28
N SER A 10 -18.77 -5.96 -9.16
CA SER A 10 -18.77 -6.77 -7.97
C SER A 10 -19.99 -6.47 -7.13
N THR A 11 -20.61 -7.50 -6.57
CA THR A 11 -21.73 -7.27 -5.70
C THR A 11 -21.26 -7.39 -4.23
N LEU A 12 -20.07 -7.89 -4.12
CA LEU A 12 -19.31 -7.93 -2.90
C LEU A 12 -18.42 -6.69 -2.92
N ALA A 13 -17.37 -6.68 -2.12
CA ALA A 13 -16.45 -5.56 -2.17
C ALA A 13 -15.75 -5.54 -3.51
N ARG A 14 -15.82 -4.44 -4.17
CA ARG A 14 -15.25 -4.27 -5.45
C ARG A 14 -13.75 -4.14 -5.35
N VAL A 15 -13.08 -4.97 -6.05
CA VAL A 15 -11.68 -5.00 -6.06
C VAL A 15 -11.22 -4.47 -7.38
N GLY A 16 -10.01 -4.08 -7.43
CA GLY A 16 -9.50 -3.45 -8.58
C GLY A 16 -8.08 -3.85 -8.88
N SER A 17 -7.79 -3.79 -10.11
CA SER A 17 -6.48 -4.00 -10.63
C SER A 17 -5.96 -2.61 -11.00
N ILE A 18 -4.99 -2.13 -10.26
CA ILE A 18 -4.54 -0.77 -10.43
C ILE A 18 -3.11 -0.74 -10.97
N PRO A 19 -2.91 -0.05 -12.10
CA PRO A 19 -1.58 0.18 -12.68
C PRO A 19 -0.83 1.25 -11.86
N ALA A 20 0.46 1.40 -12.07
CA ALA A 20 1.24 2.33 -11.26
C ALA A 20 1.10 3.74 -11.79
N GLY A 21 0.69 4.65 -10.94
CA GLY A 21 0.46 5.99 -11.37
C GLY A 21 1.46 6.99 -10.84
N ASP A 22 0.99 7.92 -10.03
CA ASP A 22 1.81 9.04 -9.59
C ASP A 22 2.47 8.78 -8.26
N ASP A 23 3.77 8.99 -8.24
CA ASP A 23 4.61 8.85 -7.05
C ASP A 23 4.23 9.87 -5.99
N VAL A 24 3.85 9.39 -4.83
CA VAL A 24 3.38 10.25 -3.77
C VAL A 24 4.46 10.56 -2.74
N LEU A 25 5.36 9.61 -2.51
CA LEU A 25 6.35 9.80 -1.47
C LEU A 25 7.56 10.63 -1.88
N ASP A 26 8.25 11.14 -0.89
CA ASP A 26 9.45 11.95 -1.06
C ASP A 26 10.55 11.13 -1.77
N PRO A 27 11.40 11.78 -2.61
CA PRO A 27 12.46 11.13 -3.37
C PRO A 27 13.37 10.18 -2.59
N ASP A 28 13.70 10.50 -1.35
CA ASP A 28 14.61 9.67 -0.61
C ASP A 28 13.94 8.71 0.37
N GLU A 29 12.61 8.58 0.28
CA GLU A 29 11.89 7.58 1.07
C GLU A 29 12.26 6.19 0.59
N PRO A 30 12.34 5.20 1.49
CA PRO A 30 12.73 3.84 1.15
C PRO A 30 11.76 3.20 0.13
N THR A 31 12.32 2.65 -0.92
CA THR A 31 11.55 2.07 -1.98
C THR A 31 12.05 0.66 -2.34
N TYR A 32 11.25 -0.03 -3.08
CA TYR A 32 11.55 -1.32 -3.65
C TYR A 32 11.18 -1.29 -5.10
N ASP A 33 11.74 -2.19 -5.83
CA ASP A 33 11.51 -2.31 -7.25
C ASP A 33 11.31 -3.77 -7.51
N LEU A 34 10.68 -4.12 -8.63
CA LEU A 34 10.26 -5.50 -8.93
C LEU A 34 11.33 -6.57 -8.65
N PRO A 35 12.55 -6.50 -9.26
CA PRO A 35 13.61 -7.47 -8.98
C PRO A 35 14.00 -7.50 -7.47
N ARG A 36 14.00 -6.34 -6.84
CA ARG A 36 14.34 -6.23 -5.43
C ARG A 36 13.25 -6.88 -4.57
N VAL A 37 12.01 -6.72 -4.98
CA VAL A 37 10.88 -7.32 -4.29
C VAL A 37 10.87 -8.82 -4.48
N ALA A 38 11.20 -9.25 -5.68
CA ALA A 38 11.27 -10.67 -6.01
C ALA A 38 12.29 -11.33 -5.10
N GLU A 39 13.36 -10.60 -4.88
CA GLU A 39 14.44 -11.01 -4.04
C GLU A 39 13.98 -11.04 -2.58
N LEU A 40 13.26 -10.01 -2.17
CA LEU A 40 12.79 -9.85 -0.81
C LEU A 40 11.79 -10.93 -0.42
N LEU A 41 10.86 -11.22 -1.30
CA LEU A 41 9.83 -12.19 -1.02
C LEU A 41 10.30 -13.62 -1.32
N GLY A 42 11.33 -13.74 -2.11
CA GLY A 42 11.84 -15.06 -2.46
C GLY A 42 11.02 -15.72 -3.56
N VAL A 43 10.31 -14.91 -4.31
CA VAL A 43 9.46 -15.39 -5.39
C VAL A 43 9.81 -14.62 -6.66
N PRO A 44 9.61 -15.21 -7.84
CA PRO A 44 9.92 -14.55 -9.10
C PRO A 44 9.02 -13.32 -9.36
N VAL A 45 9.47 -12.47 -10.30
CA VAL A 45 8.79 -11.23 -10.69
C VAL A 45 7.36 -11.48 -11.11
N SER A 46 7.14 -12.62 -11.72
CA SER A 46 5.86 -13.04 -12.20
C SER A 46 4.83 -13.10 -11.05
N LYS A 47 5.22 -13.70 -9.92
CA LYS A 47 4.34 -13.79 -8.77
C LYS A 47 4.10 -12.43 -8.14
N VAL A 48 5.13 -11.60 -8.14
CA VAL A 48 5.04 -10.23 -7.61
C VAL A 48 4.04 -9.44 -8.45
N ALA A 49 4.19 -9.53 -9.76
CA ALA A 49 3.31 -8.84 -10.69
C ALA A 49 1.87 -9.29 -10.48
N GLN A 50 1.69 -10.58 -10.23
CA GLN A 50 0.37 -11.15 -10.00
C GLN A 50 -0.31 -10.55 -8.76
N GLN A 51 0.48 -10.27 -7.72
CA GLN A 51 -0.05 -9.69 -6.49
C GLN A 51 -0.60 -8.32 -6.79
N LEU A 52 0.21 -7.55 -7.46
CA LEU A 52 -0.15 -6.20 -7.86
C LEU A 52 -1.33 -6.19 -8.83
N ARG A 53 -1.34 -7.13 -9.76
CA ARG A 53 -2.44 -7.27 -10.73
C ARG A 53 -3.75 -7.63 -10.03
N GLU A 54 -3.68 -8.28 -8.88
CA GLU A 54 -4.87 -8.63 -8.12
C GLU A 54 -5.22 -7.56 -7.09
N GLY A 55 -4.41 -6.53 -7.04
CA GLY A 55 -4.63 -5.45 -6.13
C GLY A 55 -4.34 -5.84 -4.70
N HIS A 56 -3.31 -6.64 -4.51
CA HIS A 56 -2.86 -7.01 -3.16
C HIS A 56 -1.76 -6.08 -2.74
N LEU A 57 -1.22 -5.38 -3.71
CA LEU A 57 -0.13 -4.48 -3.50
C LEU A 57 -0.19 -3.51 -4.67
N VAL A 58 0.30 -2.30 -4.48
CA VAL A 58 0.27 -1.27 -5.51
C VAL A 58 1.65 -0.62 -5.65
N ALA A 59 1.88 0.04 -6.76
CA ALA A 59 3.16 0.61 -7.08
C ALA A 59 2.96 1.95 -7.73
N VAL A 60 4.00 2.76 -7.78
CA VAL A 60 3.96 4.06 -8.42
C VAL A 60 5.06 4.20 -9.43
N ARG A 61 4.90 5.13 -10.35
CA ARG A 61 5.86 5.31 -11.41
C ARG A 61 6.56 6.66 -11.29
N ARG A 62 7.86 6.59 -11.17
CA ARG A 62 8.73 7.74 -11.01
C ARG A 62 10.00 7.49 -11.77
N ALA A 63 10.44 8.52 -12.52
CA ALA A 63 11.67 8.47 -13.34
C ALA A 63 11.56 7.39 -14.43
N GLY A 64 10.35 7.05 -14.79
CA GLY A 64 10.12 6.03 -15.79
C GLY A 64 10.22 4.64 -15.21
N GLY A 65 10.36 4.55 -13.91
CA GLY A 65 10.45 3.28 -13.26
C GLY A 65 9.28 3.04 -12.37
N VAL A 66 8.85 1.83 -12.31
CA VAL A 66 7.77 1.44 -11.45
C VAL A 66 8.37 0.87 -10.18
N VAL A 67 8.05 1.47 -9.08
CA VAL A 67 8.59 1.08 -7.79
C VAL A 67 7.50 1.02 -6.76
N ILE A 68 7.76 0.30 -5.72
CA ILE A 68 6.84 0.11 -4.65
C ILE A 68 7.43 0.73 -3.40
N PRO A 69 6.69 1.54 -2.65
CA PRO A 69 7.16 2.06 -1.37
C PRO A 69 7.49 0.91 -0.41
N GLN A 70 8.70 0.93 0.12
CA GLN A 70 9.19 -0.12 1.02
C GLN A 70 8.35 -0.25 2.29
N VAL A 71 7.70 0.84 2.65
CA VAL A 71 6.84 0.90 3.83
C VAL A 71 5.53 0.06 3.66
N PHE A 72 5.34 -0.53 2.48
CA PHE A 72 4.22 -1.43 2.23
C PHE A 72 4.58 -2.85 2.65
N PHE A 73 5.79 -3.01 3.10
CA PHE A 73 6.31 -4.27 3.53
C PHE A 73 6.71 -4.17 4.98
N THR A 74 6.89 -5.29 5.60
CA THR A 74 7.31 -5.33 6.96
C THR A 74 8.82 -5.51 6.98
N ASN A 75 9.45 -5.21 8.11
CA ASN A 75 10.90 -5.39 8.28
C ASN A 75 11.27 -6.88 8.20
N SER A 76 10.27 -7.72 8.35
CA SER A 76 10.44 -9.15 8.31
C SER A 76 10.53 -9.65 6.85
N GLY A 77 10.28 -8.74 5.89
CA GLY A 77 10.37 -9.10 4.49
C GLY A 77 9.06 -9.64 3.96
N GLN A 78 8.01 -9.46 4.72
CA GLN A 78 6.70 -9.94 4.33
C GLN A 78 5.82 -8.76 3.97
N VAL A 79 4.85 -9.00 3.14
CA VAL A 79 3.85 -7.99 2.84
C VAL A 79 2.96 -7.84 4.07
N VAL A 80 2.58 -6.62 4.39
CA VAL A 80 1.69 -6.38 5.51
C VAL A 80 0.35 -7.05 5.20
N LYS A 81 -0.16 -7.85 6.11
CA LYS A 81 -1.41 -8.57 5.87
C LYS A 81 -2.60 -7.61 5.70
N SER A 82 -2.51 -6.47 6.33
CA SER A 82 -3.53 -5.47 6.30
C SER A 82 -3.48 -4.68 4.96
N LEU A 83 -2.46 -4.95 4.15
CA LEU A 83 -2.22 -4.21 2.91
C LEU A 83 -3.35 -4.43 1.88
N PRO A 84 -3.68 -5.71 1.46
CA PRO A 84 -4.76 -5.94 0.51
C PRO A 84 -6.11 -5.50 1.09
N GLY A 85 -6.22 -5.56 2.41
CA GLY A 85 -7.43 -5.18 3.11
C GLY A 85 -7.75 -3.72 2.96
N LEU A 86 -6.75 -2.88 3.12
CA LEU A 86 -6.93 -1.45 2.99
C LEU A 86 -7.24 -1.11 1.54
N LEU A 87 -6.54 -1.78 0.63
CA LEU A 87 -6.76 -1.56 -0.78
C LEU A 87 -8.17 -1.95 -1.18
N THR A 88 -8.68 -3.00 -0.57
CA THR A 88 -10.02 -3.50 -0.89
C THR A 88 -11.10 -2.41 -0.66
N ILE A 89 -11.05 -1.73 0.48
CA ILE A 89 -12.06 -0.72 0.79
C ILE A 89 -11.94 0.50 -0.16
N LEU A 90 -10.72 0.94 -0.43
CA LEU A 90 -10.52 2.07 -1.33
C LEU A 90 -10.89 1.74 -2.76
N HIS A 91 -10.57 0.54 -3.20
CA HIS A 91 -10.88 0.11 -4.57
C HIS A 91 -12.38 0.00 -4.75
N ASP A 92 -13.05 -0.39 -3.68
CA ASP A 92 -14.50 -0.48 -3.65
C ASP A 92 -15.12 0.92 -3.75
N GLY A 93 -14.37 1.91 -3.30
CA GLY A 93 -14.80 3.29 -3.36
C GLY A 93 -14.38 3.97 -4.66
N GLY A 94 -13.64 3.25 -5.49
CA GLY A 94 -13.21 3.77 -6.77
C GLY A 94 -11.98 4.65 -6.68
N TYR A 95 -11.10 4.32 -5.76
CA TYR A 95 -9.86 5.04 -5.58
C TYR A 95 -8.74 4.44 -6.42
N ARG A 96 -7.72 5.23 -6.67
CA ARG A 96 -6.53 4.77 -7.38
C ARG A 96 -5.33 4.73 -6.42
N ASP A 97 -4.25 4.16 -6.91
CA ASP A 97 -2.98 3.91 -6.17
C ASP A 97 -2.42 5.19 -5.53
N THR A 98 -2.41 6.24 -6.30
CA THR A 98 -1.89 7.51 -5.91
C THR A 98 -2.68 8.06 -4.72
N GLU A 99 -3.99 7.90 -4.78
CA GLU A 99 -4.88 8.40 -3.76
C GLU A 99 -4.68 7.69 -2.45
N ILE A 100 -4.41 6.38 -2.54
CA ILE A 100 -4.23 5.56 -1.34
C ILE A 100 -3.05 6.11 -0.56
N MET A 101 -1.98 6.36 -1.28
CA MET A 101 -0.75 6.82 -0.70
C MET A 101 -0.85 8.27 -0.27
N ARG A 102 -1.78 9.01 -0.87
CA ARG A 102 -1.94 10.44 -0.60
C ARG A 102 -2.18 10.69 0.89
N TRP A 103 -3.27 10.18 1.40
CA TRP A 103 -3.55 10.28 2.82
C TRP A 103 -2.62 9.43 3.68
N LEU A 104 -2.19 8.27 3.15
CA LEU A 104 -1.31 7.35 3.89
C LEU A 104 0.01 7.98 4.32
N PHE A 105 0.61 8.76 3.46
CA PHE A 105 1.91 9.35 3.76
C PHE A 105 1.80 10.67 4.48
N THR A 106 0.66 11.27 4.44
CA THR A 106 0.45 12.54 5.07
C THR A 106 0.03 12.34 6.54
N PRO A 107 0.83 12.83 7.51
CA PRO A 107 0.49 12.75 8.94
C PRO A 107 -0.87 13.39 9.22
N ASP A 108 -1.71 12.66 9.92
CA ASP A 108 -3.05 13.13 10.21
C ASP A 108 -3.09 13.77 11.58
N PRO A 109 -3.61 15.02 11.67
CA PRO A 109 -3.65 15.79 12.92
C PRO A 109 -4.47 15.14 14.04
N SER A 110 -5.35 14.23 13.69
CA SER A 110 -6.20 13.61 14.67
C SER A 110 -5.86 12.14 14.88
N LEU A 111 -4.79 11.70 14.28
CA LEU A 111 -4.40 10.33 14.38
C LEU A 111 -3.24 10.19 15.35
N THR A 112 -3.37 9.25 16.25
CA THR A 112 -2.36 8.99 17.23
C THR A 112 -1.85 7.55 17.05
N ILE A 113 -0.56 7.42 16.83
CA ILE A 113 0.07 6.14 16.52
C ILE A 113 1.27 5.94 17.42
N THR A 114 1.62 4.72 17.64
CA THR A 114 2.83 4.39 18.29
C THR A 114 3.62 3.51 17.35
N ARG A 115 4.84 3.88 17.10
CA ARG A 115 5.69 3.16 16.17
C ARG A 115 7.05 2.87 16.76
N ASP A 116 7.51 1.64 16.54
CA ASP A 116 8.83 1.13 16.92
C ASP A 116 9.19 1.40 18.36
N GLY A 117 8.82 0.49 19.21
CA GLY A 117 9.10 0.63 20.58
C GLY A 117 8.05 1.44 21.24
N SER A 118 7.58 0.96 22.31
CA SER A 118 6.63 1.67 23.09
C SER A 118 7.31 2.84 23.79
N ARG A 119 7.45 3.93 23.06
CA ARG A 119 8.08 5.14 23.56
C ARG A 119 7.03 5.88 24.34
N ASP A 120 5.92 6.05 23.68
CA ASP A 120 4.74 6.76 24.12
C ASP A 120 3.88 6.80 22.87
N ALA A 121 2.76 7.46 22.92
CA ALA A 121 1.93 7.59 21.76
C ALA A 121 2.33 8.87 21.03
N VAL A 122 2.36 8.82 19.73
CA VAL A 122 2.74 9.94 18.92
C VAL A 122 1.53 10.46 18.16
N SER A 123 1.18 11.69 18.42
CA SER A 123 0.08 12.31 17.75
C SER A 123 0.58 12.93 16.47
N ASN A 124 -0.23 12.85 15.43
CA ASN A 124 0.07 13.37 14.11
C ASN A 124 1.21 12.59 13.47
N ALA A 125 0.90 11.36 13.10
CA ALA A 125 1.82 10.51 12.36
C ALA A 125 1.10 10.07 11.10
N ARG A 126 1.80 9.38 10.21
CA ARG A 126 1.19 8.97 8.97
C ARG A 126 0.60 7.57 9.15
N PRO A 127 -0.62 7.33 8.62
CA PRO A 127 -1.32 6.03 8.73
C PRO A 127 -0.47 4.80 8.33
N VAL A 128 0.57 5.01 7.53
CA VAL A 128 1.48 3.93 7.14
C VAL A 128 2.16 3.33 8.38
N ASP A 129 2.50 4.18 9.32
CA ASP A 129 3.17 3.74 10.55
C ASP A 129 2.26 2.81 11.33
N ALA A 130 0.97 3.14 11.30
CA ALA A 130 -0.03 2.39 12.03
C ALA A 130 -0.26 1.02 11.43
N LEU A 131 -0.27 0.91 10.12
CA LEU A 131 -0.53 -0.38 9.48
C LEU A 131 0.59 -1.39 9.75
N HIS A 132 1.81 -0.88 9.81
CA HIS A 132 2.98 -1.72 10.09
C HIS A 132 3.01 -2.06 11.59
N ALA A 133 2.34 -1.26 12.37
CA ALA A 133 2.33 -1.41 13.81
C ALA A 133 1.12 -2.19 14.34
N HIS A 134 0.28 -2.70 13.42
CA HIS A 134 -0.97 -3.45 13.76
C HIS A 134 -1.97 -2.49 14.44
N GLN A 135 -1.99 -1.30 13.94
CA GLN A 135 -2.89 -0.25 14.36
C GLN A 135 -3.71 0.14 13.14
N ALA A 136 -3.78 -0.83 12.24
CA ALA A 136 -4.43 -0.76 10.93
C ALA A 136 -5.88 -0.31 11.02
N ARG A 137 -6.53 -0.58 12.15
CA ARG A 137 -7.93 -0.18 12.37
C ARG A 137 -8.11 1.31 12.18
N GLU A 138 -7.14 2.08 12.65
CA GLU A 138 -7.17 3.53 12.53
C GLU A 138 -6.92 3.97 11.07
N VAL A 139 -6.20 3.14 10.35
CA VAL A 139 -5.89 3.39 8.95
C VAL A 139 -7.15 3.16 8.14
N VAL A 140 -7.79 2.03 8.40
CA VAL A 140 -9.03 1.65 7.77
C VAL A 140 -10.08 2.72 8.08
N ARG A 141 -10.09 3.18 9.31
CA ARG A 141 -10.98 4.24 9.77
C ARG A 141 -10.80 5.52 8.93
N ARG A 142 -9.55 5.92 8.68
CA ARG A 142 -9.30 7.09 7.82
C ARG A 142 -9.75 6.80 6.40
N ALA A 143 -9.50 5.57 5.96
CA ALA A 143 -9.90 5.13 4.63
C ALA A 143 -11.43 5.21 4.48
N GLN A 144 -12.16 4.76 5.50
CA GLN A 144 -13.63 4.81 5.55
C GLN A 144 -14.10 6.24 5.39
N ALA A 145 -13.47 7.12 6.14
CA ALA A 145 -13.81 8.54 6.14
C ALA A 145 -13.60 9.17 4.76
N MET A 146 -12.56 8.73 4.08
CA MET A 146 -12.25 9.28 2.78
C MET A 146 -13.14 8.71 1.69
N ALA A 147 -13.47 7.44 1.81
CA ALA A 147 -14.25 6.77 0.77
C ALA A 147 -15.74 7.03 0.91
N TYR A 148 -16.26 6.97 2.11
CA TYR A 148 -17.67 7.13 2.31
C TYR A 148 -17.93 8.43 3.06
N MET A 3 -37.26 -9.68 -3.94
CA MET A 3 -36.50 -8.87 -2.97
C MET A 3 -35.06 -8.71 -3.44
N PRO A 4 -34.58 -7.46 -3.58
CA PRO A 4 -33.22 -7.20 -4.01
C PRO A 4 -32.20 -7.38 -2.88
N GLY A 5 -31.02 -7.83 -3.23
CA GLY A 5 -29.98 -7.99 -2.26
C GLY A 5 -28.87 -7.03 -2.57
N ARG A 6 -27.85 -7.52 -3.24
CA ARG A 6 -26.78 -6.68 -3.70
C ARG A 6 -27.31 -5.88 -4.87
N ALA A 7 -27.06 -4.60 -4.87
CA ALA A 7 -27.54 -3.76 -5.94
C ALA A 7 -26.67 -3.91 -7.17
N PRO A 8 -27.26 -4.36 -8.28
CA PRO A 8 -26.55 -4.50 -9.54
C PRO A 8 -26.60 -3.18 -10.32
N GLY A 9 -26.59 -2.10 -9.57
CA GLY A 9 -26.65 -0.78 -10.14
C GLY A 9 -25.30 -0.17 -10.34
N SER A 10 -24.28 -0.91 -10.05
CA SER A 10 -22.94 -0.46 -10.22
C SER A 10 -22.26 -1.32 -11.26
N THR A 11 -21.22 -0.81 -11.86
CA THR A 11 -20.51 -1.55 -12.84
C THR A 11 -19.63 -2.58 -12.12
N LEU A 12 -19.69 -3.82 -12.55
CA LEU A 12 -18.83 -4.83 -11.98
C LEU A 12 -17.43 -4.60 -12.50
N ALA A 13 -16.45 -4.91 -11.70
CA ALA A 13 -15.09 -4.61 -12.09
C ALA A 13 -14.20 -5.82 -12.17
N ARG A 14 -13.63 -6.00 -13.34
CA ARG A 14 -12.58 -6.96 -13.56
C ARG A 14 -11.31 -6.13 -13.65
N VAL A 15 -10.37 -6.41 -12.82
CA VAL A 15 -9.21 -5.56 -12.76
C VAL A 15 -8.00 -6.29 -12.25
N GLY A 16 -6.90 -6.09 -12.91
CA GLY A 16 -5.66 -6.63 -12.49
C GLY A 16 -4.89 -5.60 -11.74
N SER A 17 -3.69 -5.31 -12.18
CA SER A 17 -2.89 -4.35 -11.51
C SER A 17 -3.29 -2.94 -11.97
N ILE A 18 -3.28 -2.03 -11.04
CA ILE A 18 -3.60 -0.66 -11.32
C ILE A 18 -2.34 0.02 -11.84
N PRO A 19 -2.44 0.76 -12.97
CA PRO A 19 -1.30 1.47 -13.53
C PRO A 19 -0.77 2.49 -12.53
N ALA A 20 0.52 2.66 -12.50
CA ALA A 20 1.14 3.52 -11.54
C ALA A 20 1.09 4.96 -12.02
N GLY A 21 0.54 5.81 -11.21
CA GLY A 21 0.41 7.20 -11.56
C GLY A 21 1.55 8.01 -11.01
N ASP A 22 1.42 8.44 -9.79
CA ASP A 22 2.46 9.23 -9.15
C ASP A 22 2.65 8.76 -7.73
N ASP A 23 3.86 8.91 -7.25
CA ASP A 23 4.20 8.54 -5.89
C ASP A 23 3.88 9.72 -4.96
N VAL A 24 3.79 9.45 -3.68
CA VAL A 24 3.47 10.50 -2.71
C VAL A 24 4.61 10.60 -1.66
N LEU A 25 5.70 9.99 -1.98
CA LEU A 25 6.86 10.03 -1.10
C LEU A 25 7.97 10.83 -1.72
N ASP A 26 9.11 10.82 -1.12
CA ASP A 26 10.27 11.45 -1.69
C ASP A 26 11.06 10.34 -2.32
N PRO A 27 11.62 10.51 -3.53
CA PRO A 27 12.35 9.45 -4.24
C PRO A 27 13.49 8.81 -3.42
N ASP A 28 13.99 9.52 -2.40
CA ASP A 28 15.07 9.01 -1.56
C ASP A 28 14.56 8.00 -0.52
N GLU A 29 13.26 7.99 -0.29
CA GLU A 29 12.68 7.06 0.68
C GLU A 29 12.93 5.62 0.25
N PRO A 30 13.22 4.72 1.22
CA PRO A 30 13.48 3.32 0.95
C PRO A 30 12.34 2.70 0.16
N THR A 31 12.64 2.26 -1.00
CA THR A 31 11.67 1.72 -1.88
C THR A 31 12.15 0.41 -2.49
N TYR A 32 11.21 -0.30 -3.00
CA TYR A 32 11.42 -1.55 -3.65
C TYR A 32 11.08 -1.40 -5.10
N ASP A 33 11.57 -2.28 -5.89
CA ASP A 33 11.42 -2.28 -7.32
C ASP A 33 11.08 -3.70 -7.67
N LEU A 34 10.68 -3.95 -8.90
CA LEU A 34 10.26 -5.30 -9.31
C LEU A 34 11.34 -6.39 -9.04
N PRO A 35 12.59 -6.25 -9.57
CA PRO A 35 13.67 -7.20 -9.29
C PRO A 35 14.01 -7.28 -7.78
N ARG A 36 13.87 -6.17 -7.09
CA ARG A 36 14.15 -6.08 -5.67
C ARG A 36 13.12 -6.87 -4.86
N VAL A 37 11.86 -6.80 -5.25
CA VAL A 37 10.81 -7.54 -4.56
C VAL A 37 10.98 -9.03 -4.82
N ALA A 38 11.38 -9.34 -6.04
CA ALA A 38 11.66 -10.71 -6.42
C ALA A 38 12.80 -11.25 -5.58
N GLU A 39 13.78 -10.38 -5.31
CA GLU A 39 14.95 -10.71 -4.51
C GLU A 39 14.53 -10.95 -3.06
N LEU A 40 13.70 -10.05 -2.55
CA LEU A 40 13.26 -10.03 -1.16
C LEU A 40 12.38 -11.23 -0.83
N LEU A 41 11.38 -11.47 -1.64
CA LEU A 41 10.45 -12.54 -1.36
C LEU A 41 10.99 -13.88 -1.85
N GLY A 42 11.96 -13.83 -2.73
CA GLY A 42 12.51 -15.03 -3.29
C GLY A 42 11.58 -15.64 -4.30
N VAL A 43 10.82 -14.78 -4.95
CA VAL A 43 9.83 -15.19 -5.91
C VAL A 43 10.15 -14.56 -7.26
N PRO A 44 9.64 -15.13 -8.36
CA PRO A 44 9.78 -14.53 -9.68
C PRO A 44 8.91 -13.25 -9.82
N VAL A 45 9.23 -12.46 -10.82
CA VAL A 45 8.51 -11.21 -11.12
C VAL A 45 7.03 -11.51 -11.39
N SER A 46 6.77 -12.67 -11.98
CA SER A 46 5.42 -13.14 -12.27
C SER A 46 4.59 -13.17 -10.98
N LYS A 47 5.16 -13.68 -9.88
CA LYS A 47 4.45 -13.71 -8.60
C LYS A 47 4.25 -12.32 -8.02
N VAL A 48 5.20 -11.43 -8.28
CA VAL A 48 5.06 -10.03 -7.85
C VAL A 48 3.88 -9.41 -8.59
N ALA A 49 3.82 -9.67 -9.89
CA ALA A 49 2.72 -9.21 -10.72
C ALA A 49 1.39 -9.79 -10.24
N GLN A 50 1.43 -11.04 -9.77
CA GLN A 50 0.24 -11.71 -9.25
C GLN A 50 -0.32 -10.98 -8.04
N GLN A 51 0.57 -10.57 -7.15
CA GLN A 51 0.18 -9.81 -5.96
C GLN A 51 -0.51 -8.53 -6.38
N LEU A 52 0.15 -7.83 -7.29
CA LEU A 52 -0.27 -6.55 -7.80
C LEU A 52 -1.62 -6.65 -8.50
N ARG A 53 -1.80 -7.68 -9.30
CA ARG A 53 -3.01 -7.86 -10.08
C ARG A 53 -4.22 -8.23 -9.22
N GLU A 54 -4.00 -8.78 -8.05
CA GLU A 54 -5.13 -9.14 -7.22
C GLU A 54 -5.35 -8.14 -6.12
N GLY A 55 -4.58 -7.07 -6.17
CA GLY A 55 -4.71 -6.02 -5.20
C GLY A 55 -4.24 -6.43 -3.84
N HIS A 56 -3.17 -7.21 -3.79
CA HIS A 56 -2.57 -7.62 -2.54
C HIS A 56 -1.43 -6.69 -2.20
N LEU A 57 -1.03 -5.93 -3.19
CA LEU A 57 0.03 -4.97 -3.09
C LEU A 57 -0.16 -4.01 -4.24
N VAL A 58 0.29 -2.78 -4.11
CA VAL A 58 0.15 -1.84 -5.19
C VAL A 58 1.47 -1.11 -5.39
N ALA A 59 1.71 -0.68 -6.60
CA ALA A 59 2.95 -0.03 -6.96
C ALA A 59 2.66 1.35 -7.52
N VAL A 60 3.62 2.22 -7.41
CA VAL A 60 3.51 3.60 -7.85
C VAL A 60 4.69 3.99 -8.70
N ARG A 61 4.59 5.12 -9.32
CA ARG A 61 5.59 5.59 -10.21
C ARG A 61 6.34 6.73 -9.56
N ARG A 62 7.62 6.52 -9.44
CA ARG A 62 8.55 7.44 -8.80
C ARG A 62 9.49 7.92 -9.85
N ALA A 63 9.39 9.22 -10.16
CA ALA A 63 10.20 9.93 -11.18
C ALA A 63 9.96 9.39 -12.61
N GLY A 64 10.08 8.12 -12.73
CA GLY A 64 9.91 7.42 -13.97
C GLY A 64 10.07 5.91 -13.82
N GLY A 65 10.02 5.41 -12.59
CA GLY A 65 10.12 3.99 -12.36
C GLY A 65 8.99 3.51 -11.52
N VAL A 66 8.64 2.25 -11.64
CA VAL A 66 7.54 1.69 -10.89
C VAL A 66 8.13 1.00 -9.66
N VAL A 67 7.72 1.46 -8.52
CA VAL A 67 8.28 1.03 -7.26
C VAL A 67 7.21 0.78 -6.22
N ILE A 68 7.59 0.09 -5.18
CA ILE A 68 6.73 -0.21 -4.07
C ILE A 68 7.42 0.32 -2.81
N PRO A 69 6.78 1.18 -2.02
CA PRO A 69 7.39 1.75 -0.80
C PRO A 69 7.72 0.69 0.28
N GLN A 70 8.85 0.91 0.98
CA GLN A 70 9.31 0.08 2.13
C GLN A 70 8.19 -0.15 3.13
N VAL A 71 7.46 0.90 3.38
CA VAL A 71 6.39 0.94 4.34
C VAL A 71 5.19 0.03 3.97
N PHE A 72 5.20 -0.55 2.78
CA PHE A 72 4.16 -1.49 2.36
C PHE A 72 4.54 -2.91 2.77
N PHE A 73 5.72 -3.02 3.30
CA PHE A 73 6.22 -4.27 3.79
C PHE A 73 6.47 -4.14 5.26
N THR A 74 6.52 -5.25 5.94
CA THR A 74 6.82 -5.27 7.33
C THR A 74 8.35 -5.33 7.51
N ASN A 75 8.83 -5.28 8.74
CA ASN A 75 10.27 -5.36 9.03
C ASN A 75 10.83 -6.72 8.58
N SER A 76 9.96 -7.71 8.48
CA SER A 76 10.36 -9.03 8.05
C SER A 76 10.51 -9.08 6.52
N GLY A 77 10.07 -8.05 5.84
CA GLY A 77 10.14 -8.02 4.40
C GLY A 77 9.00 -8.78 3.79
N GLN A 78 7.89 -8.80 4.49
CA GLN A 78 6.72 -9.48 4.00
C GLN A 78 5.62 -8.44 3.83
N VAL A 79 4.72 -8.69 2.91
CA VAL A 79 3.61 -7.78 2.66
C VAL A 79 2.65 -7.84 3.82
N VAL A 80 2.25 -6.68 4.33
CA VAL A 80 1.33 -6.58 5.45
C VAL A 80 0.02 -7.28 5.10
N LYS A 81 -0.39 -8.21 5.94
CA LYS A 81 -1.58 -9.03 5.71
C LYS A 81 -2.85 -8.19 5.61
N SER A 82 -2.93 -7.16 6.40
CA SER A 82 -4.11 -6.32 6.46
C SER A 82 -4.10 -5.24 5.36
N LEU A 83 -3.01 -5.16 4.62
CA LEU A 83 -2.84 -4.17 3.57
C LEU A 83 -3.82 -4.39 2.37
N PRO A 84 -3.97 -5.64 1.81
CA PRO A 84 -4.95 -5.91 0.75
C PRO A 84 -6.36 -5.48 1.17
N GLY A 85 -6.62 -5.54 2.46
CA GLY A 85 -7.89 -5.15 3.02
C GLY A 85 -8.19 -3.68 2.80
N LEU A 86 -7.17 -2.83 2.97
CA LEU A 86 -7.36 -1.40 2.75
C LEU A 86 -7.58 -1.15 1.27
N LEU A 87 -6.83 -1.87 0.44
CA LEU A 87 -6.95 -1.73 -1.00
C LEU A 87 -8.35 -2.11 -1.44
N THR A 88 -8.88 -3.15 -0.84
CA THR A 88 -10.22 -3.65 -1.18
C THR A 88 -11.29 -2.55 -0.99
N ILE A 89 -11.26 -1.87 0.15
CA ILE A 89 -12.22 -0.81 0.43
C ILE A 89 -12.00 0.41 -0.50
N LEU A 90 -10.76 0.81 -0.70
CA LEU A 90 -10.46 1.95 -1.57
C LEU A 90 -10.79 1.66 -3.03
N HIS A 91 -10.55 0.44 -3.45
CA HIS A 91 -10.87 0.03 -4.81
C HIS A 91 -12.37 0.02 -5.02
N ASP A 92 -13.11 -0.28 -3.97
CA ASP A 92 -14.57 -0.23 -4.00
C ASP A 92 -15.06 1.21 -4.15
N GLY A 93 -14.28 2.14 -3.62
CA GLY A 93 -14.60 3.54 -3.69
C GLY A 93 -14.11 4.20 -4.98
N GLY A 94 -13.31 3.48 -5.73
CA GLY A 94 -12.79 3.98 -7.00
C GLY A 94 -11.51 4.78 -6.86
N TYR A 95 -10.70 4.41 -5.90
CA TYR A 95 -9.45 5.10 -5.66
C TYR A 95 -8.27 4.38 -6.30
N ARG A 96 -7.47 5.12 -7.04
CA ARG A 96 -6.29 4.60 -7.70
C ARG A 96 -5.07 4.63 -6.78
N ASP A 97 -3.98 4.08 -7.25
CA ASP A 97 -2.71 3.89 -6.51
C ASP A 97 -2.20 5.20 -5.90
N THR A 98 -2.22 6.25 -6.68
CA THR A 98 -1.77 7.54 -6.27
C THR A 98 -2.67 8.07 -5.15
N GLU A 99 -3.96 7.84 -5.32
CA GLU A 99 -4.98 8.30 -4.38
C GLU A 99 -4.78 7.66 -3.02
N ILE A 100 -4.47 6.36 -3.02
CA ILE A 100 -4.32 5.60 -1.78
C ILE A 100 -3.19 6.22 -0.97
N MET A 101 -2.09 6.47 -1.64
CA MET A 101 -0.91 6.97 -0.99
C MET A 101 -1.01 8.43 -0.61
N ARG A 102 -1.95 9.18 -1.20
CA ARG A 102 -2.12 10.61 -0.89
C ARG A 102 -2.33 10.84 0.60
N TRP A 103 -3.44 10.34 1.11
CA TRP A 103 -3.75 10.47 2.53
C TRP A 103 -2.81 9.63 3.41
N LEU A 104 -2.35 8.50 2.88
CA LEU A 104 -1.45 7.59 3.59
C LEU A 104 -0.06 8.17 3.87
N PHE A 105 0.49 8.89 2.93
CA PHE A 105 1.85 9.39 3.09
C PHE A 105 1.94 10.74 3.72
N THR A 106 0.83 11.42 3.84
CA THR A 106 0.82 12.72 4.44
C THR A 106 0.97 12.59 5.98
N PRO A 107 2.09 13.09 6.56
CA PRO A 107 2.32 13.04 8.00
C PRO A 107 1.29 13.87 8.74
N ASP A 108 0.72 13.30 9.75
CA ASP A 108 -0.32 13.98 10.49
C ASP A 108 0.08 14.20 11.92
N PRO A 109 0.17 15.48 12.35
CA PRO A 109 0.49 15.85 13.72
C PRO A 109 -0.53 15.30 14.71
N SER A 110 -1.74 15.08 14.22
CA SER A 110 -2.83 14.59 15.02
C SER A 110 -2.69 13.08 15.25
N LEU A 111 -1.76 12.47 14.54
CA LEU A 111 -1.56 11.06 14.61
C LEU A 111 -0.23 10.75 15.30
N THR A 112 -0.30 9.89 16.28
CA THR A 112 0.84 9.46 17.04
C THR A 112 1.00 7.96 16.86
N ILE A 113 2.16 7.55 16.43
CA ILE A 113 2.42 6.18 16.06
C ILE A 113 3.70 5.67 16.73
N THR A 114 3.81 4.36 16.87
CA THR A 114 4.94 3.69 17.46
C THR A 114 5.31 2.48 16.60
N ARG A 115 6.60 2.29 16.34
CA ARG A 115 7.03 1.13 15.54
C ARG A 115 7.69 0.11 16.42
N ASP A 116 7.87 -1.07 15.89
CA ASP A 116 8.52 -2.17 16.59
C ASP A 116 10.00 -1.85 16.68
N GLY A 117 10.42 -1.47 17.86
CA GLY A 117 11.79 -1.06 18.07
C GLY A 117 11.84 0.33 18.67
N SER A 118 10.74 1.04 18.56
CA SER A 118 10.62 2.36 19.13
C SER A 118 9.33 2.43 19.92
N ARG A 119 9.43 2.15 21.22
CA ARG A 119 8.27 2.12 22.09
C ARG A 119 7.78 3.53 22.44
N ASP A 120 8.64 4.50 22.23
CA ASP A 120 8.29 5.88 22.51
C ASP A 120 7.32 6.37 21.47
N ALA A 121 6.36 7.13 21.91
CA ALA A 121 5.30 7.58 21.05
C ALA A 121 5.77 8.71 20.16
N VAL A 122 5.62 8.53 18.87
CA VAL A 122 6.05 9.54 17.94
C VAL A 122 4.83 10.22 17.36
N SER A 123 4.72 11.50 17.61
CA SER A 123 3.64 12.26 17.08
C SER A 123 4.07 12.83 15.74
N ASN A 124 3.12 12.87 14.81
CA ASN A 124 3.34 13.31 13.44
C ASN A 124 4.08 12.24 12.67
N ALA A 125 3.38 11.18 12.36
CA ALA A 125 3.88 10.20 11.48
C ALA A 125 2.88 10.06 10.37
N ARG A 126 3.20 9.31 9.36
CA ARG A 126 2.29 9.15 8.27
C ARG A 126 1.45 7.92 8.56
N PRO A 127 0.16 7.91 8.20
CA PRO A 127 -0.75 6.78 8.46
C PRO A 127 -0.20 5.39 8.03
N VAL A 128 0.71 5.35 7.05
CA VAL A 128 1.29 4.06 6.62
C VAL A 128 2.10 3.44 7.79
N ASP A 129 2.69 4.30 8.62
CA ASP A 129 3.48 3.85 9.77
C ASP A 129 2.62 3.06 10.72
N ALA A 130 1.33 3.41 10.76
CA ALA A 130 0.39 2.75 11.62
C ALA A 130 0.13 1.32 11.15
N LEU A 131 -0.06 1.12 9.85
CA LEU A 131 -0.34 -0.22 9.33
C LEU A 131 0.89 -1.13 9.43
N HIS A 132 2.06 -0.51 9.27
CA HIS A 132 3.35 -1.20 9.41
C HIS A 132 3.56 -1.61 10.89
N ALA A 133 2.83 -0.95 11.73
CA ALA A 133 2.88 -1.19 13.17
C ALA A 133 1.65 -1.96 13.67
N HIS A 134 0.84 -2.45 12.74
CA HIS A 134 -0.40 -3.21 13.04
C HIS A 134 -1.42 -2.38 13.83
N GLN A 135 -1.37 -1.09 13.62
CA GLN A 135 -2.28 -0.08 14.18
C GLN A 135 -3.19 0.38 13.05
N ALA A 136 -3.34 -0.53 12.10
CA ALA A 136 -4.06 -0.37 10.84
C ALA A 136 -5.49 0.14 10.99
N ARG A 137 -6.13 -0.12 12.12
CA ARG A 137 -7.51 0.32 12.32
C ARG A 137 -7.70 1.82 12.12
N GLU A 138 -6.74 2.63 12.54
CA GLU A 138 -6.83 4.08 12.31
C GLU A 138 -6.73 4.40 10.82
N VAL A 139 -5.97 3.58 10.11
CA VAL A 139 -5.80 3.72 8.68
C VAL A 139 -7.11 3.37 7.99
N VAL A 140 -7.68 2.22 8.39
CA VAL A 140 -8.97 1.75 7.88
C VAL A 140 -10.04 2.80 8.15
N ARG A 141 -10.01 3.36 9.35
CA ARG A 141 -10.94 4.41 9.77
C ARG A 141 -10.88 5.61 8.81
N ARG A 142 -9.67 6.05 8.51
CA ARG A 142 -9.48 7.17 7.62
C ARG A 142 -9.88 6.82 6.19
N ALA A 143 -9.64 5.57 5.82
CA ALA A 143 -9.99 5.08 4.49
C ALA A 143 -11.52 5.03 4.32
N GLN A 144 -12.21 4.49 5.31
CA GLN A 144 -13.68 4.40 5.31
C GLN A 144 -14.29 5.80 5.22
N ALA A 145 -13.68 6.74 5.92
CA ALA A 145 -14.12 8.13 5.95
C ALA A 145 -13.85 8.81 4.62
N MET A 146 -12.81 8.38 3.94
CA MET A 146 -12.44 8.97 2.69
C MET A 146 -13.33 8.47 1.55
N ALA A 147 -13.52 7.16 1.49
CA ALA A 147 -14.24 6.54 0.39
C ALA A 147 -15.76 6.63 0.53
N TYR A 148 -16.26 6.67 1.74
CA TYR A 148 -17.69 6.74 1.92
C TYR A 148 -18.07 8.09 2.48
N MET A 3 -23.51 -21.07 -27.62
CA MET A 3 -23.44 -20.89 -26.17
C MET A 3 -24.39 -19.79 -25.75
N PRO A 4 -25.32 -20.08 -24.82
CA PRO A 4 -26.20 -19.06 -24.31
C PRO A 4 -25.47 -18.15 -23.32
N GLY A 5 -24.98 -17.04 -23.84
CA GLY A 5 -24.27 -16.10 -23.03
C GLY A 5 -25.21 -15.24 -22.25
N ARG A 6 -25.46 -15.63 -21.03
CA ARG A 6 -26.35 -14.91 -20.16
C ARG A 6 -25.70 -13.64 -19.69
N ALA A 7 -26.45 -12.58 -19.70
CA ALA A 7 -26.00 -11.32 -19.19
C ALA A 7 -26.23 -11.32 -17.70
N PRO A 8 -25.18 -11.11 -16.90
CA PRO A 8 -25.30 -11.10 -15.46
C PRO A 8 -26.08 -9.87 -14.97
N GLY A 9 -26.80 -10.02 -13.87
CA GLY A 9 -27.57 -8.93 -13.32
C GLY A 9 -26.73 -8.01 -12.47
N SER A 10 -25.61 -7.59 -13.04
CA SER A 10 -24.65 -6.71 -12.45
C SER A 10 -23.52 -6.57 -13.46
N THR A 11 -23.08 -5.37 -13.67
CA THR A 11 -21.95 -5.13 -14.51
C THR A 11 -20.73 -5.73 -13.82
N LEU A 12 -19.95 -6.51 -14.54
CA LEU A 12 -18.81 -7.19 -13.96
C LEU A 12 -17.81 -6.22 -13.41
N ALA A 13 -17.18 -6.60 -12.35
CA ALA A 13 -16.20 -5.77 -11.72
C ALA A 13 -14.86 -6.08 -12.33
N ARG A 14 -14.03 -5.09 -12.47
CA ARG A 14 -12.72 -5.28 -13.01
C ARG A 14 -11.68 -5.22 -11.92
N VAL A 15 -11.36 -6.37 -11.40
CA VAL A 15 -10.36 -6.47 -10.39
C VAL A 15 -9.09 -6.96 -11.04
N GLY A 16 -8.40 -6.03 -11.63
CA GLY A 16 -7.20 -6.34 -12.31
C GLY A 16 -6.11 -5.44 -11.85
N SER A 17 -5.07 -5.38 -12.65
CA SER A 17 -3.87 -4.63 -12.33
C SER A 17 -4.16 -3.17 -12.01
N ILE A 18 -3.82 -2.79 -10.79
CA ILE A 18 -3.96 -1.44 -10.32
C ILE A 18 -2.87 -0.58 -11.00
N PRO A 19 -3.23 0.59 -11.52
CA PRO A 19 -2.26 1.50 -12.16
C PRO A 19 -1.31 2.14 -11.14
N ALA A 20 -0.24 2.71 -11.62
CA ALA A 20 0.68 3.49 -10.83
C ALA A 20 0.68 4.88 -11.41
N GLY A 21 0.38 5.86 -10.61
CA GLY A 21 0.31 7.19 -11.12
C GLY A 21 1.33 8.10 -10.54
N ASP A 22 0.87 9.13 -9.86
CA ASP A 22 1.75 10.17 -9.40
C ASP A 22 2.33 9.90 -8.05
N ASP A 23 3.59 9.58 -8.08
CA ASP A 23 4.44 9.31 -6.92
C ASP A 23 4.26 10.33 -5.79
N VAL A 24 3.72 9.86 -4.70
CA VAL A 24 3.48 10.71 -3.54
C VAL A 24 4.64 10.62 -2.54
N LEU A 25 5.28 9.45 -2.41
CA LEU A 25 6.32 9.31 -1.41
C LEU A 25 7.59 10.13 -1.66
N ASP A 26 8.09 10.66 -0.56
CA ASP A 26 9.25 11.54 -0.51
C ASP A 26 10.50 10.83 -1.07
N PRO A 27 11.42 11.57 -1.73
CA PRO A 27 12.68 11.02 -2.28
C PRO A 27 13.51 10.18 -1.30
N ASP A 28 13.34 10.37 0.00
CA ASP A 28 14.11 9.61 0.97
C ASP A 28 13.35 8.41 1.52
N GLU A 29 12.16 8.17 1.02
CA GLU A 29 11.40 7.00 1.39
C GLU A 29 11.93 5.80 0.62
N PRO A 30 12.25 4.71 1.32
CA PRO A 30 12.81 3.51 0.70
C PRO A 30 11.80 2.79 -0.20
N THR A 31 12.29 2.18 -1.25
CA THR A 31 11.47 1.49 -2.20
C THR A 31 12.05 0.11 -2.54
N TYR A 32 11.29 -0.62 -3.28
CA TYR A 32 11.63 -1.90 -3.84
C TYR A 32 11.30 -1.83 -5.29
N ASP A 33 11.85 -2.69 -6.06
CA ASP A 33 11.65 -2.66 -7.49
C ASP A 33 11.36 -4.09 -7.87
N LEU A 34 10.89 -4.32 -9.06
CA LEU A 34 10.42 -5.62 -9.52
C LEU A 34 11.41 -6.76 -9.23
N PRO A 35 12.69 -6.69 -9.72
CA PRO A 35 13.67 -7.73 -9.43
C PRO A 35 14.03 -7.80 -7.94
N ARG A 36 14.01 -6.65 -7.25
CA ARG A 36 14.33 -6.61 -5.87
C ARG A 36 13.24 -7.28 -5.00
N VAL A 37 11.98 -7.10 -5.36
CA VAL A 37 10.89 -7.75 -4.61
C VAL A 37 10.97 -9.25 -4.81
N ALA A 38 11.30 -9.61 -6.04
CA ALA A 38 11.50 -10.99 -6.41
C ALA A 38 12.63 -11.60 -5.57
N GLU A 39 13.73 -10.88 -5.50
CA GLU A 39 14.92 -11.29 -4.75
C GLU A 39 14.58 -11.39 -3.25
N LEU A 40 13.84 -10.41 -2.77
CA LEU A 40 13.46 -10.30 -1.37
C LEU A 40 12.61 -11.49 -0.93
N LEU A 41 11.58 -11.80 -1.69
CA LEU A 41 10.65 -12.86 -1.33
C LEU A 41 11.10 -14.23 -1.81
N GLY A 42 12.01 -14.25 -2.77
CA GLY A 42 12.46 -15.52 -3.30
C GLY A 42 11.48 -16.07 -4.29
N VAL A 43 10.75 -15.18 -4.91
CA VAL A 43 9.73 -15.53 -5.89
C VAL A 43 10.09 -14.81 -7.19
N PRO A 44 9.56 -15.23 -8.34
CA PRO A 44 9.81 -14.50 -9.58
C PRO A 44 8.96 -13.23 -9.66
N VAL A 45 9.35 -12.33 -10.57
CA VAL A 45 8.63 -11.06 -10.80
C VAL A 45 7.20 -11.35 -11.20
N SER A 46 7.03 -12.46 -11.88
CA SER A 46 5.76 -12.94 -12.32
C SER A 46 4.80 -13.11 -11.11
N LYS A 47 5.29 -13.68 -10.00
CA LYS A 47 4.46 -13.83 -8.80
C LYS A 47 4.19 -12.48 -8.17
N VAL A 48 5.14 -11.57 -8.28
CA VAL A 48 4.97 -10.22 -7.77
C VAL A 48 3.82 -9.54 -8.51
N ALA A 49 3.83 -9.68 -9.81
CA ALA A 49 2.79 -9.14 -10.67
C ALA A 49 1.43 -9.78 -10.33
N GLN A 50 1.44 -11.07 -10.00
CA GLN A 50 0.23 -11.79 -9.63
C GLN A 50 -0.37 -11.21 -8.34
N GLN A 51 0.50 -10.83 -7.41
CA GLN A 51 0.05 -10.23 -6.15
C GLN A 51 -0.53 -8.85 -6.44
N LEU A 52 0.20 -8.13 -7.26
CA LEU A 52 -0.10 -6.75 -7.61
C LEU A 52 -1.46 -6.67 -8.31
N ARG A 53 -1.70 -7.57 -9.24
CA ARG A 53 -2.90 -7.53 -10.04
C ARG A 53 -4.17 -7.79 -9.23
N GLU A 54 -4.05 -8.43 -8.10
CA GLU A 54 -5.22 -8.70 -7.31
C GLU A 54 -5.37 -7.77 -6.13
N GLY A 55 -4.57 -6.72 -6.13
CA GLY A 55 -4.65 -5.71 -5.09
C GLY A 55 -4.07 -6.16 -3.78
N HIS A 56 -3.06 -6.99 -3.83
CA HIS A 56 -2.41 -7.45 -2.62
C HIS A 56 -1.19 -6.59 -2.33
N LEU A 57 -0.89 -5.70 -3.26
CA LEU A 57 0.23 -4.81 -3.17
C LEU A 57 -0.01 -3.70 -4.20
N VAL A 58 0.60 -2.54 -4.03
CA VAL A 58 0.45 -1.48 -5.00
C VAL A 58 1.82 -0.83 -5.27
N ALA A 59 2.02 -0.38 -6.49
CA ALA A 59 3.28 0.18 -6.94
C ALA A 59 3.08 1.62 -7.41
N VAL A 60 4.16 2.36 -7.50
CA VAL A 60 4.13 3.75 -7.92
C VAL A 60 5.07 3.97 -9.08
N ARG A 61 4.83 5.01 -9.83
CA ARG A 61 5.63 5.35 -10.98
C ARG A 61 6.41 6.63 -10.69
N ARG A 62 7.72 6.52 -10.71
CA ARG A 62 8.59 7.66 -10.42
C ARG A 62 9.88 7.56 -11.20
N ALA A 63 10.24 8.66 -11.86
CA ALA A 63 11.50 8.79 -12.62
C ALA A 63 11.60 7.78 -13.76
N GLY A 64 10.45 7.35 -14.26
CA GLY A 64 10.41 6.41 -15.36
C GLY A 64 10.49 4.98 -14.87
N GLY A 65 10.43 4.79 -13.58
CA GLY A 65 10.52 3.47 -13.01
C GLY A 65 9.34 3.18 -12.13
N VAL A 66 8.86 1.97 -12.20
CA VAL A 66 7.76 1.55 -11.38
C VAL A 66 8.35 0.79 -10.22
N VAL A 67 8.10 1.27 -9.04
CA VAL A 67 8.66 0.71 -7.84
C VAL A 67 7.60 0.55 -6.77
N ILE A 68 7.87 -0.25 -5.81
CA ILE A 68 6.94 -0.51 -4.74
C ILE A 68 7.50 0.12 -3.47
N PRO A 69 6.70 0.93 -2.76
CA PRO A 69 7.09 1.51 -1.48
C PRO A 69 7.52 0.42 -0.45
N GLN A 70 8.74 0.53 0.05
CA GLN A 70 9.29 -0.44 0.99
C GLN A 70 8.55 -0.42 2.32
N VAL A 71 7.94 0.72 2.60
CA VAL A 71 7.15 0.91 3.83
C VAL A 71 5.89 0.02 3.87
N PHE A 72 5.58 -0.64 2.75
CA PHE A 72 4.47 -1.58 2.68
C PHE A 72 4.89 -2.98 3.13
N PHE A 73 6.15 -3.11 3.44
CA PHE A 73 6.70 -4.37 3.89
C PHE A 73 7.20 -4.23 5.30
N THR A 74 7.13 -5.29 6.03
CA THR A 74 7.61 -5.31 7.38
C THR A 74 9.12 -5.57 7.35
N ASN A 75 9.77 -5.54 8.50
CA ASN A 75 11.22 -5.81 8.58
C ASN A 75 11.54 -7.25 8.17
N SER A 76 10.54 -8.10 8.17
CA SER A 76 10.70 -9.47 7.75
C SER A 76 10.69 -9.55 6.21
N GLY A 77 10.36 -8.43 5.57
CA GLY A 77 10.29 -8.38 4.13
C GLY A 77 8.99 -8.94 3.64
N GLN A 78 8.01 -8.95 4.52
CA GLN A 78 6.73 -9.51 4.21
C GLN A 78 5.73 -8.38 4.04
N VAL A 79 4.81 -8.54 3.13
CA VAL A 79 3.76 -7.56 2.89
C VAL A 79 2.91 -7.46 4.16
N VAL A 80 2.60 -6.25 4.59
CA VAL A 80 1.74 -6.04 5.75
C VAL A 80 0.42 -6.74 5.51
N LYS A 81 0.00 -7.57 6.44
CA LYS A 81 -1.21 -8.37 6.22
C LYS A 81 -2.48 -7.52 6.15
N SER A 82 -2.43 -6.35 6.72
CA SER A 82 -3.55 -5.46 6.71
C SER A 82 -3.55 -4.56 5.45
N LEU A 83 -2.51 -4.72 4.62
CA LEU A 83 -2.35 -3.91 3.42
C LEU A 83 -3.47 -4.16 2.37
N PRO A 84 -3.73 -5.45 1.93
CA PRO A 84 -4.75 -5.71 0.91
C PRO A 84 -6.13 -5.27 1.40
N GLY A 85 -6.31 -5.33 2.71
CA GLY A 85 -7.55 -4.92 3.33
C GLY A 85 -7.85 -3.45 3.08
N LEU A 86 -6.84 -2.58 3.17
CA LEU A 86 -7.04 -1.18 2.93
C LEU A 86 -7.34 -0.94 1.46
N LEU A 87 -6.60 -1.64 0.60
CA LEU A 87 -6.78 -1.50 -0.84
C LEU A 87 -8.17 -1.93 -1.25
N THR A 88 -8.67 -2.97 -0.60
CA THR A 88 -10.00 -3.50 -0.88
C THR A 88 -11.11 -2.45 -0.68
N ILE A 89 -11.07 -1.74 0.45
CA ILE A 89 -12.10 -0.76 0.74
C ILE A 89 -12.01 0.45 -0.22
N LEU A 90 -10.82 0.92 -0.50
CA LEU A 90 -10.67 2.01 -1.47
C LEU A 90 -11.04 1.59 -2.86
N HIS A 91 -10.74 0.35 -3.20
CA HIS A 91 -11.07 -0.22 -4.50
C HIS A 91 -12.59 -0.26 -4.68
N ASP A 92 -13.29 -0.46 -3.58
CA ASP A 92 -14.77 -0.48 -3.57
C ASP A 92 -15.31 0.92 -3.87
N GLY A 93 -14.57 1.93 -3.45
CA GLY A 93 -14.96 3.29 -3.67
C GLY A 93 -14.35 3.86 -4.93
N GLY A 94 -13.51 3.07 -5.57
CA GLY A 94 -12.89 3.46 -6.80
C GLY A 94 -11.80 4.50 -6.63
N TYR A 95 -11.04 4.41 -5.57
CA TYR A 95 -9.95 5.35 -5.36
C TYR A 95 -8.66 4.83 -5.94
N ARG A 96 -8.05 5.63 -6.79
CA ARG A 96 -6.83 5.29 -7.50
C ARG A 96 -5.62 5.24 -6.54
N ASP A 97 -4.53 4.71 -7.07
CA ASP A 97 -3.27 4.49 -6.34
C ASP A 97 -2.75 5.76 -5.67
N THR A 98 -2.80 6.84 -6.42
CA THR A 98 -2.32 8.10 -6.01
C THR A 98 -3.08 8.60 -4.79
N GLU A 99 -4.41 8.40 -4.80
CA GLU A 99 -5.22 8.84 -3.69
C GLU A 99 -4.88 8.04 -2.44
N ILE A 100 -4.61 6.73 -2.61
CA ILE A 100 -4.36 5.85 -1.47
C ILE A 100 -3.15 6.35 -0.72
N MET A 101 -2.09 6.59 -1.45
CA MET A 101 -0.84 7.03 -0.88
C MET A 101 -0.86 8.49 -0.46
N ARG A 102 -1.82 9.22 -0.97
CA ARG A 102 -1.96 10.64 -0.69
C ARG A 102 -2.22 10.85 0.81
N TRP A 103 -3.35 10.38 1.28
CA TRP A 103 -3.68 10.48 2.71
C TRP A 103 -2.82 9.57 3.60
N LEU A 104 -2.43 8.44 3.05
CA LEU A 104 -1.74 7.38 3.79
C LEU A 104 -0.32 7.78 4.20
N PHE A 105 0.38 8.44 3.33
CA PHE A 105 1.76 8.79 3.59
C PHE A 105 1.92 10.10 4.34
N THR A 106 0.91 10.91 4.34
CA THR A 106 0.99 12.23 4.92
C THR A 106 0.81 12.20 6.46
N PRO A 107 1.76 12.81 7.23
CA PRO A 107 1.65 12.92 8.69
C PRO A 107 0.48 13.82 9.09
N ASP A 108 -0.32 13.35 10.02
CA ASP A 108 -1.48 14.10 10.46
C ASP A 108 -1.41 14.47 11.93
N PRO A 109 -1.45 15.79 12.25
CA PRO A 109 -1.44 16.28 13.65
C PRO A 109 -2.62 15.76 14.46
N SER A 110 -3.70 15.44 13.78
CA SER A 110 -4.88 14.94 14.44
C SER A 110 -4.81 13.41 14.62
N LEU A 111 -3.72 12.80 14.18
CA LEU A 111 -3.51 11.39 14.36
C LEU A 111 -2.44 11.19 15.42
N THR A 112 -2.76 10.41 16.40
CA THR A 112 -1.86 10.10 17.47
C THR A 112 -1.86 8.59 17.67
N ILE A 113 -0.74 7.97 17.41
CA ILE A 113 -0.62 6.52 17.46
C ILE A 113 0.65 6.12 18.13
N THR A 114 0.72 4.90 18.55
CA THR A 114 1.89 4.41 19.18
C THR A 114 2.65 3.60 18.17
N ARG A 115 3.87 3.93 18.00
CA ARG A 115 4.63 3.33 16.93
C ARG A 115 5.57 2.25 17.37
N ASP A 116 5.98 1.50 16.39
CA ASP A 116 6.97 0.45 16.52
C ASP A 116 8.29 1.08 16.88
N GLY A 117 8.79 0.75 18.05
CA GLY A 117 10.04 1.31 18.50
C GLY A 117 9.82 2.36 19.59
N SER A 118 8.58 2.63 19.91
CA SER A 118 8.24 3.56 20.93
C SER A 118 7.23 2.90 21.84
N ARG A 119 7.14 3.36 23.05
CA ARG A 119 6.20 2.80 24.02
C ARG A 119 4.95 3.64 24.13
N ASP A 120 5.10 4.91 23.87
CA ASP A 120 4.02 5.86 24.09
C ASP A 120 3.38 6.20 22.75
N ALA A 121 2.53 7.18 22.73
CA ALA A 121 1.83 7.58 21.55
C ALA A 121 2.43 8.84 20.99
N VAL A 122 2.66 8.85 19.72
CA VAL A 122 3.25 9.97 19.04
C VAL A 122 2.16 10.63 18.20
N SER A 123 1.99 11.90 18.38
CA SER A 123 1.03 12.64 17.63
C SER A 123 1.72 13.16 16.37
N ASN A 124 0.93 13.55 15.36
CA ASN A 124 1.44 14.08 14.08
C ASN A 124 2.12 12.94 13.33
N ALA A 125 1.48 11.80 13.34
CA ALA A 125 2.01 10.64 12.71
C ALA A 125 1.34 10.38 11.39
N ARG A 126 2.00 9.65 10.54
CA ARG A 126 1.49 9.31 9.23
C ARG A 126 0.83 7.92 9.30
N PRO A 127 -0.33 7.74 8.66
CA PRO A 127 -1.06 6.44 8.63
C PRO A 127 -0.19 5.21 8.24
N VAL A 128 0.89 5.43 7.47
CA VAL A 128 1.84 4.35 7.13
C VAL A 128 2.47 3.78 8.40
N ASP A 129 2.77 4.66 9.33
CA ASP A 129 3.39 4.30 10.60
C ASP A 129 2.41 3.45 11.42
N ALA A 130 1.12 3.76 11.27
CA ALA A 130 0.06 3.04 11.95
C ALA A 130 -0.09 1.62 11.41
N LEU A 131 -0.13 1.47 10.10
CA LEU A 131 -0.32 0.16 9.48
C LEU A 131 0.87 -0.74 9.78
N HIS A 132 2.04 -0.13 9.82
CA HIS A 132 3.27 -0.83 10.11
C HIS A 132 3.24 -1.33 11.55
N ALA A 133 2.56 -0.58 12.39
CA ALA A 133 2.44 -0.90 13.80
C ALA A 133 1.17 -1.73 14.07
N HIS A 134 0.56 -2.25 12.99
CA HIS A 134 -0.64 -3.13 13.04
C HIS A 134 -1.87 -2.34 13.60
N GLN A 135 -1.86 -1.05 13.39
CA GLN A 135 -2.92 -0.14 13.81
C GLN A 135 -3.67 0.35 12.60
N ALA A 136 -3.56 -0.48 11.56
CA ALA A 136 -4.18 -0.29 10.26
C ALA A 136 -5.67 -0.05 10.36
N ARG A 137 -6.29 -0.52 11.43
CA ARG A 137 -7.72 -0.35 11.67
C ARG A 137 -8.11 1.12 11.63
N GLU A 138 -7.28 2.01 12.19
CA GLU A 138 -7.56 3.45 12.14
C GLU A 138 -7.34 3.99 10.74
N VAL A 139 -6.45 3.35 10.01
CA VAL A 139 -6.17 3.72 8.63
C VAL A 139 -7.37 3.38 7.77
N VAL A 140 -7.87 2.16 7.93
CA VAL A 140 -9.07 1.68 7.25
C VAL A 140 -10.26 2.55 7.62
N ARG A 141 -10.33 2.90 8.89
CA ARG A 141 -11.36 3.78 9.43
C ARG A 141 -11.36 5.12 8.66
N ARG A 142 -10.17 5.69 8.48
CA ARG A 142 -10.00 6.92 7.71
C ARG A 142 -10.27 6.70 6.23
N ALA A 143 -9.87 5.55 5.74
CA ALA A 143 -10.11 5.16 4.37
C ALA A 143 -11.60 5.17 4.08
N GLN A 144 -12.37 4.64 5.03
CA GLN A 144 -13.83 4.62 4.94
C GLN A 144 -14.39 6.03 4.92
N ALA A 145 -13.76 6.92 5.68
CA ALA A 145 -14.16 8.32 5.75
C ALA A 145 -13.86 9.04 4.43
N MET A 146 -12.76 8.67 3.81
CA MET A 146 -12.37 9.26 2.53
C MET A 146 -13.20 8.69 1.39
N ALA A 147 -13.52 7.41 1.49
CA ALA A 147 -14.24 6.72 0.44
C ALA A 147 -15.73 7.04 0.42
N TYR A 148 -16.39 6.95 1.57
CA TYR A 148 -17.83 7.12 1.61
C TYR A 148 -18.20 8.49 2.15
N MET A 3 -37.32 -25.56 -20.38
CA MET A 3 -36.36 -26.04 -19.40
C MET A 3 -35.17 -25.11 -19.38
N PRO A 4 -34.61 -24.80 -18.19
CA PRO A 4 -33.37 -24.01 -18.09
C PRO A 4 -32.26 -24.69 -18.91
N GLY A 5 -31.85 -24.03 -19.95
CA GLY A 5 -30.88 -24.59 -20.85
C GLY A 5 -29.47 -24.30 -20.44
N ARG A 6 -28.58 -24.43 -21.38
CA ARG A 6 -27.16 -24.25 -21.18
C ARG A 6 -26.83 -22.79 -20.86
N ALA A 7 -26.01 -22.62 -19.86
CA ALA A 7 -25.58 -21.31 -19.44
C ALA A 7 -24.07 -21.21 -19.58
N PRO A 8 -23.59 -20.18 -20.29
CA PRO A 8 -22.15 -19.94 -20.44
C PRO A 8 -21.55 -19.30 -19.18
N GLY A 9 -20.32 -18.83 -19.30
CA GLY A 9 -19.67 -18.20 -18.18
C GLY A 9 -19.98 -16.72 -18.16
N SER A 10 -18.96 -15.93 -18.26
CA SER A 10 -19.10 -14.50 -18.25
C SER A 10 -17.86 -13.93 -18.91
N THR A 11 -17.97 -12.74 -19.43
CA THR A 11 -16.87 -12.10 -20.07
C THR A 11 -16.08 -11.30 -18.99
N LEU A 12 -14.78 -11.26 -19.12
CA LEU A 12 -13.93 -10.63 -18.14
C LEU A 12 -13.61 -9.19 -18.51
N ALA A 13 -13.02 -8.46 -17.60
CA ALA A 13 -12.64 -7.08 -17.82
C ALA A 13 -11.35 -6.79 -17.07
N ARG A 14 -10.89 -5.55 -17.13
CA ARG A 14 -9.70 -5.16 -16.42
C ARG A 14 -9.92 -4.89 -14.97
N VAL A 15 -9.96 -5.96 -14.24
CA VAL A 15 -9.99 -5.91 -12.80
C VAL A 15 -8.69 -6.53 -12.37
N GLY A 16 -7.66 -5.74 -12.40
CA GLY A 16 -6.37 -6.24 -12.11
C GLY A 16 -5.48 -5.20 -11.55
N SER A 17 -4.41 -4.94 -12.21
CA SER A 17 -3.43 -4.03 -11.74
C SER A 17 -3.76 -2.63 -12.19
N ILE A 18 -3.60 -1.71 -11.31
CA ILE A 18 -3.83 -0.34 -11.61
C ILE A 18 -2.51 0.23 -12.05
N PRO A 19 -2.45 0.90 -13.22
CA PRO A 19 -1.22 1.52 -13.71
C PRO A 19 -0.67 2.50 -12.69
N ALA A 20 0.63 2.48 -12.48
CA ALA A 20 1.24 3.30 -11.45
C ALA A 20 1.42 4.70 -12.00
N GLY A 21 0.87 5.65 -11.29
CA GLY A 21 0.87 7.01 -11.74
C GLY A 21 1.80 7.91 -10.98
N ASP A 22 1.26 8.68 -10.08
CA ASP A 22 2.05 9.68 -9.37
C ASP A 22 2.46 9.18 -8.02
N ASP A 23 3.76 9.15 -7.81
CA ASP A 23 4.33 8.76 -6.54
C ASP A 23 4.09 9.85 -5.51
N VAL A 24 3.90 9.46 -4.28
CA VAL A 24 3.57 10.39 -3.24
C VAL A 24 4.68 10.45 -2.17
N LEU A 25 5.62 9.52 -2.19
CA LEU A 25 6.66 9.53 -1.15
C LEU A 25 7.89 10.37 -1.48
N ASP A 26 8.72 10.55 -0.48
CA ASP A 26 9.94 11.32 -0.59
C ASP A 26 11.08 10.35 -0.72
N PRO A 27 12.17 10.70 -1.45
CA PRO A 27 13.35 9.84 -1.58
C PRO A 27 13.90 9.34 -0.22
N ASP A 28 13.60 10.06 0.87
CA ASP A 28 14.03 9.65 2.22
C ASP A 28 13.36 8.33 2.59
N GLU A 29 12.15 8.12 2.09
CA GLU A 29 11.45 6.87 2.28
C GLU A 29 12.11 5.81 1.40
N PRO A 30 12.54 4.66 1.97
CA PRO A 30 13.16 3.59 1.18
C PRO A 30 12.12 2.88 0.29
N THR A 31 12.57 2.28 -0.78
CA THR A 31 11.66 1.64 -1.69
C THR A 31 12.16 0.28 -2.15
N TYR A 32 11.27 -0.41 -2.78
CA TYR A 32 11.46 -1.67 -3.40
C TYR A 32 11.17 -1.49 -4.84
N ASP A 33 11.62 -2.35 -5.63
CA ASP A 33 11.49 -2.24 -7.05
C ASP A 33 11.03 -3.59 -7.45
N LEU A 34 10.38 -3.74 -8.59
CA LEU A 34 9.79 -5.04 -8.96
C LEU A 34 10.79 -6.21 -8.94
N PRO A 35 11.97 -6.11 -9.61
CA PRO A 35 13.01 -7.14 -9.52
C PRO A 35 13.52 -7.33 -8.07
N ARG A 36 13.52 -6.25 -7.28
CA ARG A 36 13.94 -6.32 -5.90
C ARG A 36 12.91 -7.09 -5.06
N VAL A 37 11.64 -6.89 -5.36
CA VAL A 37 10.58 -7.62 -4.67
C VAL A 37 10.65 -9.09 -5.08
N ALA A 38 10.96 -9.29 -6.34
CA ALA A 38 11.16 -10.60 -6.89
C ALA A 38 12.31 -11.31 -6.15
N GLU A 39 13.33 -10.53 -5.79
CA GLU A 39 14.50 -11.00 -5.04
C GLU A 39 14.07 -11.37 -3.61
N LEU A 40 13.31 -10.46 -3.01
CA LEU A 40 12.85 -10.56 -1.62
C LEU A 40 11.92 -11.74 -1.42
N LEU A 41 10.97 -11.88 -2.31
CA LEU A 41 10.02 -12.96 -2.19
C LEU A 41 10.51 -14.23 -2.85
N GLY A 42 11.48 -14.11 -3.71
CA GLY A 42 12.02 -15.27 -4.39
C GLY A 42 11.10 -15.77 -5.47
N VAL A 43 10.33 -14.87 -6.03
CA VAL A 43 9.36 -15.20 -7.06
C VAL A 43 9.63 -14.36 -8.30
N PRO A 44 9.13 -14.75 -9.48
CA PRO A 44 9.28 -13.95 -10.69
C PRO A 44 8.43 -12.66 -10.63
N VAL A 45 8.83 -11.68 -11.44
CA VAL A 45 8.16 -10.38 -11.52
C VAL A 45 6.71 -10.55 -11.96
N SER A 46 6.47 -11.52 -12.78
CA SER A 46 5.16 -11.84 -13.24
C SER A 46 4.21 -12.21 -12.07
N LYS A 47 4.74 -12.96 -11.10
CA LYS A 47 3.95 -13.32 -9.92
C LYS A 47 3.72 -12.06 -9.09
N VAL A 48 4.71 -11.18 -9.08
CA VAL A 48 4.60 -9.91 -8.38
C VAL A 48 3.48 -9.07 -9.01
N ALA A 49 3.46 -9.06 -10.32
CA ALA A 49 2.44 -8.36 -11.09
C ALA A 49 1.07 -8.96 -10.81
N GLN A 50 1.02 -10.27 -10.63
CA GLN A 50 -0.22 -10.96 -10.33
C GLN A 50 -0.77 -10.57 -8.96
N GLN A 51 0.12 -10.31 -8.00
CA GLN A 51 -0.31 -9.84 -6.69
C GLN A 51 -0.98 -8.47 -6.85
N LEU A 52 -0.36 -7.66 -7.68
CA LEU A 52 -0.88 -6.35 -8.04
C LEU A 52 -2.24 -6.49 -8.78
N ARG A 53 -2.35 -7.56 -9.56
CA ARG A 53 -3.58 -7.91 -10.30
C ARG A 53 -4.72 -8.31 -9.36
N GLU A 54 -4.41 -8.87 -8.21
CA GLU A 54 -5.45 -9.30 -7.29
C GLU A 54 -5.62 -8.32 -6.13
N GLY A 55 -4.92 -7.19 -6.22
CA GLY A 55 -5.04 -6.17 -5.20
C GLY A 55 -4.44 -6.62 -3.88
N HIS A 56 -3.29 -7.25 -3.95
CA HIS A 56 -2.57 -7.68 -2.77
C HIS A 56 -1.38 -6.74 -2.52
N LEU A 57 -1.02 -6.00 -3.54
CA LEU A 57 0.11 -5.09 -3.48
C LEU A 57 -0.18 -3.91 -4.40
N VAL A 58 0.48 -2.77 -4.18
CA VAL A 58 0.29 -1.56 -4.99
C VAL A 58 1.65 -0.95 -5.30
N ALA A 59 1.77 -0.32 -6.47
CA ALA A 59 3.02 0.26 -6.92
C ALA A 59 2.81 1.72 -7.30
N VAL A 60 3.89 2.46 -7.38
CA VAL A 60 3.89 3.86 -7.79
C VAL A 60 5.04 4.09 -8.74
N ARG A 61 5.03 5.19 -9.44
CA ARG A 61 6.08 5.49 -10.37
C ARG A 61 6.82 6.75 -9.93
N ARG A 62 8.07 6.59 -9.61
CA ARG A 62 8.90 7.68 -9.15
C ARG A 62 10.03 7.90 -10.15
N ALA A 63 10.13 9.12 -10.65
CA ALA A 63 11.18 9.52 -11.61
C ALA A 63 11.22 8.64 -12.87
N GLY A 64 10.11 7.98 -13.17
CA GLY A 64 10.05 7.11 -14.32
C GLY A 64 9.99 5.64 -13.96
N GLY A 65 10.47 5.29 -12.79
CA GLY A 65 10.53 3.90 -12.41
C GLY A 65 9.38 3.50 -11.54
N VAL A 66 8.90 2.29 -11.71
CA VAL A 66 7.80 1.81 -10.92
C VAL A 66 8.35 0.99 -9.75
N VAL A 67 7.96 1.40 -8.57
CA VAL A 67 8.50 0.88 -7.33
C VAL A 67 7.38 0.61 -6.34
N ILE A 68 7.74 -0.08 -5.28
CA ILE A 68 6.86 -0.42 -4.19
C ILE A 68 7.45 0.25 -2.95
N PRO A 69 6.67 0.89 -2.09
CA PRO A 69 7.22 1.49 -0.87
C PRO A 69 7.69 0.43 0.17
N GLN A 70 8.85 0.69 0.83
CA GLN A 70 9.40 -0.18 1.91
C GLN A 70 8.35 -0.41 2.99
N VAL A 71 7.59 0.63 3.24
CA VAL A 71 6.58 0.67 4.28
C VAL A 71 5.34 -0.22 4.00
N PHE A 72 5.31 -0.87 2.84
CA PHE A 72 4.25 -1.82 2.51
C PHE A 72 4.65 -3.21 3.01
N PHE A 73 5.85 -3.28 3.48
CA PHE A 73 6.42 -4.49 4.01
C PHE A 73 6.88 -4.21 5.42
N THR A 74 6.94 -5.23 6.21
CA THR A 74 7.47 -5.12 7.53
C THR A 74 8.98 -5.21 7.43
N ASN A 75 9.68 -4.83 8.48
CA ASN A 75 11.15 -4.90 8.46
C ASN A 75 11.62 -6.35 8.42
N SER A 76 10.70 -7.26 8.74
CA SER A 76 10.95 -8.67 8.72
C SER A 76 10.88 -9.23 7.27
N GLY A 77 10.54 -8.37 6.32
CA GLY A 77 10.53 -8.76 4.92
C GLY A 77 9.24 -9.43 4.51
N GLN A 78 8.20 -9.18 5.27
CA GLN A 78 6.90 -9.73 4.96
C GLN A 78 5.93 -8.66 4.60
N VAL A 79 4.87 -9.02 3.95
CA VAL A 79 3.79 -8.11 3.67
C VAL A 79 3.01 -7.89 4.97
N VAL A 80 2.62 -6.64 5.23
CA VAL A 80 1.83 -6.33 6.41
C VAL A 80 0.50 -7.07 6.29
N LYS A 81 0.11 -7.79 7.33
CA LYS A 81 -1.07 -8.65 7.32
C LYS A 81 -2.37 -7.89 6.97
N SER A 82 -2.39 -6.62 7.26
CA SER A 82 -3.56 -5.82 7.05
C SER A 82 -3.46 -5.01 5.73
N LEU A 83 -2.42 -5.27 4.94
CA LEU A 83 -2.20 -4.55 3.68
C LEU A 83 -3.37 -4.75 2.68
N PRO A 84 -3.76 -6.03 2.33
CA PRO A 84 -4.86 -6.26 1.38
C PRO A 84 -6.20 -5.74 1.92
N GLY A 85 -6.27 -5.60 3.25
CA GLY A 85 -7.47 -5.13 3.90
C GLY A 85 -7.79 -3.69 3.54
N LEU A 86 -6.77 -2.84 3.57
CA LEU A 86 -6.97 -1.43 3.23
C LEU A 86 -7.34 -1.32 1.76
N LEU A 87 -6.68 -2.14 0.97
CA LEU A 87 -6.91 -2.19 -0.44
C LEU A 87 -8.32 -2.61 -0.77
N THR A 88 -8.87 -3.51 0.02
CA THR A 88 -10.22 -4.04 -0.25
C THR A 88 -11.27 -2.89 -0.28
N ILE A 89 -11.26 -2.03 0.73
CA ILE A 89 -12.20 -0.91 0.79
C ILE A 89 -11.91 0.12 -0.31
N LEU A 90 -10.65 0.44 -0.51
CA LEU A 90 -10.25 1.43 -1.50
C LEU A 90 -10.52 0.98 -2.93
N HIS A 91 -10.28 -0.28 -3.18
CA HIS A 91 -10.52 -0.87 -4.49
C HIS A 91 -12.00 -0.94 -4.78
N ASP A 92 -12.80 -1.20 -3.74
CA ASP A 92 -14.26 -1.22 -3.90
C ASP A 92 -14.76 0.19 -4.21
N GLY A 93 -14.05 1.17 -3.67
CA GLY A 93 -14.39 2.57 -3.90
C GLY A 93 -13.81 3.12 -5.18
N GLY A 94 -13.09 2.28 -5.91
CA GLY A 94 -12.54 2.66 -7.18
C GLY A 94 -11.35 3.59 -7.05
N TYR A 95 -10.54 3.41 -6.02
CA TYR A 95 -9.38 4.25 -5.81
C TYR A 95 -8.13 3.62 -6.38
N ARG A 96 -7.49 4.37 -7.24
CA ARG A 96 -6.26 3.97 -7.91
C ARG A 96 -5.05 4.04 -6.97
N ASP A 97 -3.94 3.57 -7.48
CA ASP A 97 -2.64 3.47 -6.79
C ASP A 97 -2.23 4.81 -6.17
N THR A 98 -2.38 5.85 -6.94
CA THR A 98 -2.04 7.17 -6.55
C THR A 98 -2.93 7.63 -5.38
N GLU A 99 -4.20 7.27 -5.47
CA GLU A 99 -5.16 7.64 -4.44
C GLU A 99 -4.87 6.94 -3.12
N ILE A 100 -4.43 5.67 -3.20
CA ILE A 100 -4.13 4.89 -2.00
C ILE A 100 -3.02 5.60 -1.23
N MET A 101 -1.99 5.96 -1.96
CA MET A 101 -0.79 6.58 -1.41
C MET A 101 -1.07 8.04 -1.02
N ARG A 102 -2.09 8.63 -1.63
CA ARG A 102 -2.43 10.04 -1.48
C ARG A 102 -2.59 10.43 -0.01
N TRP A 103 -3.64 9.95 0.61
CA TRP A 103 -3.86 10.21 2.01
C TRP A 103 -2.85 9.49 2.92
N LEU A 104 -2.42 8.31 2.47
CA LEU A 104 -1.50 7.47 3.22
C LEU A 104 -0.15 8.09 3.51
N PHE A 105 0.41 8.80 2.57
CA PHE A 105 1.73 9.40 2.78
C PHE A 105 1.67 10.82 3.27
N THR A 106 0.53 11.41 3.20
CA THR A 106 0.38 12.76 3.66
C THR A 106 0.19 12.75 5.18
N PRO A 107 0.97 13.57 5.93
CA PRO A 107 0.84 13.64 7.38
C PRO A 107 -0.56 14.07 7.74
N ASP A 108 -1.18 13.33 8.61
CA ASP A 108 -2.54 13.63 8.97
C ASP A 108 -2.54 14.46 10.23
N PRO A 109 -3.08 15.69 10.16
CA PRO A 109 -3.09 16.62 11.31
C PRO A 109 -3.86 16.09 12.52
N SER A 110 -4.73 15.14 12.29
CA SER A 110 -5.54 14.59 13.33
C SER A 110 -4.98 13.25 13.81
N LEU A 111 -3.83 12.88 13.28
CA LEU A 111 -3.25 11.62 13.64
C LEU A 111 -2.03 11.81 14.51
N THR A 112 -2.08 11.20 15.64
CA THR A 112 -1.01 11.19 16.57
C THR A 112 -0.80 9.74 16.99
N ILE A 113 0.32 9.19 16.61
CA ILE A 113 0.59 7.77 16.80
C ILE A 113 1.92 7.52 17.44
N THR A 114 2.08 6.34 17.93
CA THR A 114 3.33 5.89 18.45
C THR A 114 4.00 5.11 17.31
N ARG A 115 5.29 4.95 17.38
CA ARG A 115 6.04 4.33 16.30
C ARG A 115 6.91 3.20 16.83
N ASP A 116 7.37 2.33 15.94
CA ASP A 116 8.26 1.22 16.29
C ASP A 116 9.52 1.74 16.95
N GLY A 117 9.68 1.46 18.23
CA GLY A 117 10.84 1.90 18.96
C GLY A 117 10.68 3.30 19.54
N SER A 118 9.55 3.90 19.28
CA SER A 118 9.25 5.21 19.76
C SER A 118 7.93 5.20 20.50
N ARG A 119 8.00 5.17 21.82
CA ARG A 119 6.80 5.15 22.65
C ARG A 119 6.30 6.56 22.80
N ASP A 120 7.12 7.44 22.37
CA ASP A 120 6.79 8.84 22.26
C ASP A 120 5.84 9.01 21.09
N ALA A 121 4.88 9.86 21.26
CA ALA A 121 3.85 10.06 20.25
C ALA A 121 4.30 11.03 19.20
N VAL A 122 4.04 10.70 17.97
CA VAL A 122 4.38 11.52 16.84
C VAL A 122 3.09 12.13 16.30
N SER A 123 3.04 13.43 16.29
CA SER A 123 1.91 14.16 15.76
C SER A 123 2.16 14.43 14.28
N ASN A 124 1.10 14.53 13.48
CA ASN A 124 1.19 14.75 12.04
C ASN A 124 2.06 13.71 11.36
N ALA A 125 1.63 12.49 11.43
CA ALA A 125 2.37 11.42 10.81
C ALA A 125 1.55 10.84 9.68
N ARG A 126 2.20 10.22 8.73
CA ARG A 126 1.49 9.56 7.66
C ARG A 126 0.83 8.27 8.18
N PRO A 127 -0.44 8.02 7.82
CA PRO A 127 -1.16 6.82 8.26
C PRO A 127 -0.46 5.48 7.91
N VAL A 128 0.46 5.48 6.91
CA VAL A 128 1.21 4.23 6.58
C VAL A 128 2.03 3.78 7.80
N ASP A 129 2.55 4.76 8.49
CA ASP A 129 3.44 4.55 9.64
C ASP A 129 2.66 3.86 10.75
N ALA A 130 1.37 4.18 10.82
CA ALA A 130 0.46 3.62 11.78
C ALA A 130 0.19 2.14 11.50
N LEU A 131 -0.05 1.80 10.23
CA LEU A 131 -0.38 0.41 9.85
C LEU A 131 0.81 -0.51 10.06
N HIS A 132 2.02 0.01 9.85
CA HIS A 132 3.27 -0.75 10.05
C HIS A 132 3.40 -1.09 11.53
N ALA A 133 2.83 -0.22 12.34
CA ALA A 133 2.88 -0.38 13.79
C ALA A 133 1.56 -0.99 14.29
N HIS A 134 0.80 -1.57 13.37
CA HIS A 134 -0.47 -2.26 13.65
C HIS A 134 -1.52 -1.39 14.34
N GLN A 135 -1.51 -0.14 13.97
CA GLN A 135 -2.54 0.83 14.36
C GLN A 135 -3.42 1.04 13.14
N ALA A 136 -3.40 0.02 12.28
CA ALA A 136 -4.06 -0.05 10.98
C ALA A 136 -5.55 0.26 11.02
N ARG A 137 -6.19 0.00 12.16
CA ARG A 137 -7.64 0.23 12.32
C ARG A 137 -8.02 1.68 12.00
N GLU A 138 -7.18 2.61 12.42
CA GLU A 138 -7.43 4.02 12.20
C GLU A 138 -7.19 4.36 10.72
N VAL A 139 -6.31 3.60 10.11
CA VAL A 139 -5.96 3.77 8.71
C VAL A 139 -7.14 3.31 7.85
N VAL A 140 -7.75 2.21 8.26
CA VAL A 140 -8.95 1.69 7.62
C VAL A 140 -10.03 2.75 7.67
N ARG A 141 -10.18 3.32 8.84
CA ARG A 141 -11.15 4.36 9.06
C ARG A 141 -10.85 5.62 8.24
N ARG A 142 -9.58 5.97 8.10
CA ARG A 142 -9.19 7.09 7.24
C ARG A 142 -9.53 6.77 5.77
N ALA A 143 -9.38 5.51 5.38
CA ALA A 143 -9.72 5.05 4.04
C ALA A 143 -11.22 5.22 3.82
N GLN A 144 -12.00 4.84 4.83
CA GLN A 144 -13.45 4.99 4.81
C GLN A 144 -13.81 6.45 4.64
N ALA A 145 -13.13 7.30 5.38
CA ALA A 145 -13.33 8.74 5.34
C ALA A 145 -13.04 9.33 3.96
N MET A 146 -12.18 8.67 3.21
CA MET A 146 -11.84 9.10 1.87
C MET A 146 -12.89 8.62 0.86
N ALA A 147 -13.46 7.47 1.11
CA ALA A 147 -14.46 6.90 0.21
C ALA A 147 -15.84 7.46 0.49
N TYR A 148 -16.18 7.55 1.74
CA TYR A 148 -17.46 8.01 2.17
C TYR A 148 -17.28 9.14 3.17
N MET A 3 -35.89 -28.85 -1.53
CA MET A 3 -36.62 -27.72 -2.09
C MET A 3 -35.88 -27.22 -3.32
N PRO A 4 -36.59 -27.01 -4.43
CA PRO A 4 -35.96 -26.57 -5.68
C PRO A 4 -35.45 -25.13 -5.61
N GLY A 5 -34.15 -24.96 -5.47
CA GLY A 5 -33.60 -23.64 -5.43
C GLY A 5 -32.13 -23.60 -5.07
N ARG A 6 -31.42 -24.67 -5.34
CA ARG A 6 -29.99 -24.72 -5.04
C ARG A 6 -29.23 -23.88 -6.06
N ALA A 7 -28.33 -23.06 -5.59
CA ALA A 7 -27.57 -22.20 -6.45
C ALA A 7 -26.10 -22.60 -6.43
N PRO A 8 -25.44 -22.66 -7.60
CA PRO A 8 -24.04 -23.01 -7.69
C PRO A 8 -23.15 -21.89 -7.15
N GLY A 9 -22.07 -22.28 -6.51
CA GLY A 9 -21.18 -21.33 -5.91
C GLY A 9 -20.25 -20.70 -6.91
N SER A 10 -20.66 -19.60 -7.48
CA SER A 10 -19.82 -18.88 -8.39
C SER A 10 -19.10 -17.76 -7.65
N THR A 11 -17.82 -17.96 -7.39
CA THR A 11 -17.02 -16.99 -6.68
C THR A 11 -16.44 -15.97 -7.69
N LEU A 12 -16.33 -14.73 -7.29
CA LEU A 12 -15.81 -13.70 -8.16
C LEU A 12 -14.29 -13.70 -8.11
N ALA A 13 -13.68 -13.16 -9.13
CA ALA A 13 -12.24 -13.12 -9.23
C ALA A 13 -11.69 -12.06 -8.30
N ARG A 14 -10.52 -12.30 -7.77
CA ARG A 14 -9.92 -11.33 -6.88
C ARG A 14 -9.05 -10.39 -7.70
N VAL A 15 -9.69 -9.39 -8.20
CA VAL A 15 -9.04 -8.44 -9.03
C VAL A 15 -8.95 -7.12 -8.34
N GLY A 16 -7.79 -6.61 -8.36
CA GLY A 16 -7.52 -5.31 -7.84
C GLY A 16 -6.38 -4.74 -8.61
N SER A 17 -6.47 -4.91 -9.90
CA SER A 17 -5.42 -4.53 -10.79
C SER A 17 -5.37 -3.03 -10.96
N ILE A 18 -4.48 -2.41 -10.27
CA ILE A 18 -4.27 -1.01 -10.39
C ILE A 18 -2.88 -0.80 -10.98
N PRO A 19 -2.77 -0.13 -12.14
CA PRO A 19 -1.48 0.19 -12.75
C PRO A 19 -0.69 1.15 -11.87
N ALA A 20 0.57 1.33 -12.12
CA ALA A 20 1.37 2.17 -11.28
C ALA A 20 1.19 3.63 -11.67
N GLY A 21 0.79 4.44 -10.71
CA GLY A 21 0.52 5.81 -10.97
C GLY A 21 1.67 6.74 -10.70
N ASP A 22 1.46 7.66 -9.82
CA ASP A 22 2.43 8.71 -9.57
C ASP A 22 3.09 8.54 -8.21
N ASP A 23 4.41 8.58 -8.21
CA ASP A 23 5.21 8.41 -6.99
C ASP A 23 5.00 9.57 -6.01
N VAL A 24 4.33 9.27 -4.92
CA VAL A 24 3.93 10.26 -3.93
C VAL A 24 5.02 10.53 -2.88
N LEU A 25 5.83 9.55 -2.55
CA LEU A 25 6.84 9.77 -1.55
C LEU A 25 8.08 10.44 -2.12
N ASP A 26 8.98 10.83 -1.25
CA ASP A 26 10.19 11.51 -1.67
C ASP A 26 11.14 10.50 -2.31
N PRO A 27 11.80 10.86 -3.42
CA PRO A 27 12.75 9.98 -4.13
C PRO A 27 13.89 9.47 -3.23
N ASP A 28 14.17 10.17 -2.14
CA ASP A 28 15.23 9.78 -1.22
C ASP A 28 14.83 8.57 -0.38
N GLU A 29 13.53 8.35 -0.25
CA GLU A 29 13.01 7.25 0.55
C GLU A 29 13.44 5.92 -0.06
N PRO A 30 13.84 4.96 0.79
CA PRO A 30 14.29 3.66 0.32
C PRO A 30 13.14 2.89 -0.29
N THR A 31 13.12 2.81 -1.56
CA THR A 31 12.07 2.18 -2.25
C THR A 31 12.43 0.80 -2.72
N TYR A 32 11.46 0.10 -3.18
CA TYR A 32 11.62 -1.17 -3.74
C TYR A 32 11.36 -1.06 -5.21
N ASP A 33 11.85 -1.98 -5.92
CA ASP A 33 11.74 -2.00 -7.37
C ASP A 33 11.39 -3.43 -7.66
N LEU A 34 10.92 -3.71 -8.85
CA LEU A 34 10.46 -5.06 -9.19
C LEU A 34 11.53 -6.16 -8.98
N PRO A 35 12.77 -6.03 -9.56
CA PRO A 35 13.84 -7.00 -9.31
C PRO A 35 14.17 -7.11 -7.82
N ARG A 36 14.11 -5.98 -7.10
CA ARG A 36 14.41 -5.93 -5.68
C ARG A 36 13.36 -6.71 -4.87
N VAL A 37 12.12 -6.58 -5.25
CA VAL A 37 11.05 -7.32 -4.56
C VAL A 37 11.15 -8.80 -4.87
N ALA A 38 11.53 -9.10 -6.10
CA ALA A 38 11.78 -10.48 -6.50
C ALA A 38 12.83 -11.09 -5.56
N GLU A 39 13.79 -10.26 -5.19
CA GLU A 39 14.82 -10.61 -4.24
C GLU A 39 14.27 -10.78 -2.84
N LEU A 40 13.43 -9.86 -2.45
CA LEU A 40 12.86 -9.81 -1.10
C LEU A 40 11.96 -11.02 -0.82
N LEU A 41 11.09 -11.33 -1.76
CA LEU A 41 10.14 -12.42 -1.56
C LEU A 41 10.65 -13.75 -2.11
N GLY A 42 11.73 -13.70 -2.86
CA GLY A 42 12.29 -14.89 -3.46
C GLY A 42 11.40 -15.44 -4.55
N VAL A 43 10.68 -14.55 -5.19
CA VAL A 43 9.72 -14.91 -6.23
C VAL A 43 10.06 -14.15 -7.50
N PRO A 44 9.66 -14.63 -8.68
CA PRO A 44 9.90 -13.91 -9.92
C PRO A 44 9.10 -12.59 -9.98
N VAL A 45 9.58 -11.66 -10.78
CA VAL A 45 8.92 -10.36 -10.99
C VAL A 45 7.48 -10.57 -11.49
N SER A 46 7.30 -11.62 -12.27
CA SER A 46 6.02 -11.98 -12.80
C SER A 46 4.99 -12.20 -11.65
N LYS A 47 5.41 -12.85 -10.55
CA LYS A 47 4.52 -13.07 -9.41
C LYS A 47 4.25 -11.76 -8.70
N VAL A 48 5.26 -10.90 -8.64
CA VAL A 48 5.14 -9.59 -8.01
C VAL A 48 4.08 -8.78 -8.76
N ALA A 49 4.15 -8.83 -10.08
CA ALA A 49 3.18 -8.18 -10.96
C ALA A 49 1.79 -8.74 -10.71
N GLN A 50 1.72 -10.04 -10.45
CA GLN A 50 0.46 -10.69 -10.15
C GLN A 50 -0.16 -10.15 -8.89
N GLN A 51 0.66 -9.95 -7.86
CA GLN A 51 0.19 -9.44 -6.54
C GLN A 51 -0.48 -8.09 -6.71
N LEU A 52 0.14 -7.28 -7.54
CA LEU A 52 -0.39 -5.96 -7.88
C LEU A 52 -1.75 -6.12 -8.55
N ARG A 53 -1.83 -7.07 -9.44
CA ARG A 53 -3.05 -7.36 -10.16
C ARG A 53 -4.14 -8.01 -9.27
N GLU A 54 -3.70 -8.65 -8.18
CA GLU A 54 -4.63 -9.31 -7.27
C GLU A 54 -5.19 -8.30 -6.29
N GLY A 55 -4.60 -7.12 -6.25
CA GLY A 55 -4.99 -6.13 -5.28
C GLY A 55 -4.42 -6.44 -3.91
N HIS A 56 -3.24 -7.04 -3.90
CA HIS A 56 -2.58 -7.37 -2.63
C HIS A 56 -1.53 -6.32 -2.31
N LEU A 57 -1.19 -5.53 -3.30
CA LEU A 57 -0.14 -4.56 -3.18
C LEU A 57 -0.32 -3.55 -4.30
N VAL A 58 0.20 -2.35 -4.14
CA VAL A 58 0.14 -1.32 -5.16
C VAL A 58 1.53 -0.75 -5.38
N ALA A 59 1.73 -0.19 -6.54
CA ALA A 59 3.02 0.33 -6.93
C ALA A 59 2.84 1.63 -7.66
N VAL A 60 3.90 2.39 -7.75
CA VAL A 60 3.89 3.67 -8.43
C VAL A 60 5.01 3.75 -9.44
N ARG A 61 4.93 4.72 -10.28
CA ARG A 61 5.90 4.88 -11.33
C ARG A 61 6.77 6.10 -11.06
N ARG A 62 8.05 5.83 -10.96
CA ARG A 62 9.06 6.84 -10.75
C ARG A 62 10.07 6.76 -11.88
N ALA A 63 10.14 7.82 -12.68
CA ALA A 63 11.09 7.94 -13.80
C ALA A 63 10.83 6.87 -14.85
N GLY A 64 9.65 6.30 -14.81
CA GLY A 64 9.31 5.25 -15.71
C GLY A 64 9.43 3.89 -15.07
N GLY A 65 10.09 3.84 -13.93
CA GLY A 65 10.26 2.58 -13.26
C GLY A 65 9.12 2.32 -12.33
N VAL A 66 8.84 1.08 -12.10
CA VAL A 66 7.78 0.72 -11.21
C VAL A 66 8.41 0.44 -9.88
N VAL A 67 8.02 1.18 -8.90
CA VAL A 67 8.61 1.12 -7.60
C VAL A 67 7.53 1.01 -6.54
N ILE A 68 7.89 0.42 -5.44
CA ILE A 68 6.99 0.19 -4.35
C ILE A 68 7.60 0.77 -3.09
N PRO A 69 6.85 1.55 -2.30
CA PRO A 69 7.36 2.13 -1.05
C PRO A 69 7.76 1.05 -0.02
N GLN A 70 8.86 1.33 0.70
CA GLN A 70 9.43 0.44 1.76
C GLN A 70 8.35 0.01 2.76
N VAL A 71 7.52 0.97 3.09
CA VAL A 71 6.50 0.85 4.12
C VAL A 71 5.27 0.02 3.69
N PHE A 72 5.30 -0.57 2.52
CA PHE A 72 4.23 -1.49 2.13
C PHE A 72 4.61 -2.89 2.50
N PHE A 73 5.83 -3.02 2.96
CA PHE A 73 6.35 -4.25 3.42
C PHE A 73 6.76 -4.10 4.85
N THR A 74 6.58 -5.14 5.61
CA THR A 74 6.98 -5.16 6.99
C THR A 74 8.49 -5.34 7.03
N ASN A 75 9.07 -5.22 8.21
CA ASN A 75 10.51 -5.41 8.35
C ASN A 75 10.86 -6.89 8.12
N SER A 76 9.83 -7.73 8.21
CA SER A 76 9.96 -9.14 7.97
C SER A 76 9.97 -9.44 6.45
N GLY A 77 9.73 -8.42 5.64
CA GLY A 77 9.81 -8.57 4.21
C GLY A 77 8.47 -8.86 3.56
N GLN A 78 7.49 -9.21 4.36
CA GLN A 78 6.18 -9.55 3.84
C GLN A 78 5.25 -8.39 3.87
N VAL A 79 4.26 -8.43 3.01
CA VAL A 79 3.24 -7.40 2.92
C VAL A 79 2.46 -7.37 4.23
N VAL A 80 2.10 -6.19 4.68
CA VAL A 80 1.34 -6.01 5.90
C VAL A 80 -0.01 -6.75 5.78
N LYS A 81 -0.36 -7.49 6.81
CA LYS A 81 -1.55 -8.36 6.81
C LYS A 81 -2.86 -7.62 6.47
N SER A 82 -3.04 -6.47 7.03
CA SER A 82 -4.27 -5.72 6.82
C SER A 82 -4.15 -4.75 5.62
N LEU A 83 -3.01 -4.79 4.94
CA LEU A 83 -2.79 -3.90 3.79
C LEU A 83 -3.72 -4.22 2.60
N PRO A 84 -3.84 -5.51 2.15
CA PRO A 84 -4.80 -5.87 1.07
C PRO A 84 -6.23 -5.48 1.46
N GLY A 85 -6.50 -5.50 2.77
CA GLY A 85 -7.79 -5.13 3.30
C GLY A 85 -8.11 -3.67 3.06
N LEU A 86 -7.11 -2.80 3.27
CA LEU A 86 -7.31 -1.37 3.05
C LEU A 86 -7.49 -1.12 1.55
N LEU A 87 -6.72 -1.82 0.74
CA LEU A 87 -6.81 -1.69 -0.69
C LEU A 87 -8.18 -2.09 -1.18
N THR A 88 -8.76 -3.08 -0.53
CA THR A 88 -10.07 -3.59 -0.89
C THR A 88 -11.16 -2.50 -0.76
N ILE A 89 -11.19 -1.82 0.39
CA ILE A 89 -12.20 -0.80 0.63
C ILE A 89 -12.03 0.38 -0.34
N LEU A 90 -10.81 0.82 -0.56
CA LEU A 90 -10.54 1.89 -1.51
C LEU A 90 -10.83 1.48 -2.95
N HIS A 91 -10.54 0.23 -3.29
CA HIS A 91 -10.78 -0.30 -4.63
C HIS A 91 -12.28 -0.23 -4.95
N ASP A 92 -13.08 -0.64 -4.00
CA ASP A 92 -14.54 -0.60 -4.15
C ASP A 92 -15.05 0.84 -4.08
N GLY A 93 -14.28 1.68 -3.40
CA GLY A 93 -14.59 3.10 -3.28
C GLY A 93 -14.20 3.90 -4.53
N GLY A 94 -13.47 3.25 -5.42
CA GLY A 94 -13.08 3.89 -6.67
C GLY A 94 -11.83 4.74 -6.58
N TYR A 95 -10.92 4.36 -5.71
CA TYR A 95 -9.67 5.10 -5.54
C TYR A 95 -8.50 4.34 -6.14
N ARG A 96 -7.54 5.08 -6.64
CA ARG A 96 -6.35 4.55 -7.30
C ARG A 96 -5.15 4.54 -6.33
N ASP A 97 -4.07 3.92 -6.76
CA ASP A 97 -2.82 3.68 -5.97
C ASP A 97 -2.25 4.98 -5.39
N THR A 98 -2.20 5.99 -6.21
CA THR A 98 -1.66 7.25 -5.85
C THR A 98 -2.52 7.89 -4.76
N GLU A 99 -3.82 7.77 -4.89
CA GLU A 99 -4.76 8.31 -3.92
C GLU A 99 -4.61 7.60 -2.59
N ILE A 100 -4.37 6.29 -2.64
CA ILE A 100 -4.26 5.49 -1.40
C ILE A 100 -3.09 6.02 -0.59
N MET A 101 -1.96 6.17 -1.25
CA MET A 101 -0.76 6.62 -0.60
C MET A 101 -0.77 8.11 -0.30
N ARG A 102 -1.68 8.84 -0.93
CA ARG A 102 -1.78 10.28 -0.76
C ARG A 102 -2.06 10.60 0.71
N TRP A 103 -3.20 10.13 1.20
CA TRP A 103 -3.54 10.31 2.61
C TRP A 103 -2.68 9.46 3.55
N LEU A 104 -2.27 8.28 3.10
CA LEU A 104 -1.45 7.35 3.92
C LEU A 104 -0.12 7.95 4.36
N PHE A 105 0.52 8.69 3.49
CA PHE A 105 1.81 9.28 3.81
C PHE A 105 1.67 10.60 4.51
N THR A 106 0.49 11.13 4.52
CA THR A 106 0.24 12.36 5.18
C THR A 106 -0.09 12.08 6.65
N PRO A 107 0.68 12.65 7.60
CA PRO A 107 0.44 12.47 9.03
C PRO A 107 -0.95 12.96 9.43
N ASP A 108 -1.67 12.12 10.15
CA ASP A 108 -3.00 12.47 10.62
C ASP A 108 -2.86 13.36 11.85
N PRO A 109 -3.44 14.56 11.81
CA PRO A 109 -3.32 15.55 12.88
C PRO A 109 -3.87 15.09 14.23
N SER A 110 -4.68 14.06 14.23
CA SER A 110 -5.34 13.65 15.42
C SER A 110 -4.92 12.22 15.82
N LEU A 111 -3.98 11.65 15.11
CA LEU A 111 -3.60 10.28 15.34
C LEU A 111 -2.33 10.22 16.15
N THR A 112 -2.37 9.41 17.18
CA THR A 112 -1.26 9.21 18.06
C THR A 112 -1.08 7.70 18.25
N ILE A 113 0.02 7.16 17.78
CA ILE A 113 0.21 5.71 17.80
C ILE A 113 1.53 5.28 18.39
N THR A 114 1.57 4.06 18.82
CA THR A 114 2.74 3.42 19.31
C THR A 114 3.02 2.26 18.37
N ARG A 115 4.21 2.22 17.88
CA ARG A 115 4.57 1.26 16.84
C ARG A 115 5.49 0.19 17.41
N ASP A 116 5.71 -0.84 16.62
CA ASP A 116 6.68 -1.86 16.96
C ASP A 116 8.05 -1.24 16.75
N GLY A 117 8.65 -0.80 17.82
CA GLY A 117 9.90 -0.11 17.75
C GLY A 117 9.89 1.15 18.60
N SER A 118 8.70 1.60 18.98
CA SER A 118 8.56 2.77 19.83
C SER A 118 7.36 2.57 20.73
N ARG A 119 7.61 2.34 22.01
CA ARG A 119 6.55 2.13 22.98
C ARG A 119 5.84 3.43 23.30
N ASP A 120 6.52 4.53 23.05
CA ASP A 120 5.94 5.84 23.25
C ASP A 120 5.01 6.14 22.13
N ALA A 121 3.94 6.81 22.42
CA ALA A 121 2.98 7.14 21.41
C ALA A 121 3.35 8.44 20.71
N VAL A 122 3.47 8.37 19.41
CA VAL A 122 3.86 9.48 18.60
C VAL A 122 2.61 10.14 18.03
N SER A 123 2.49 11.42 18.28
CA SER A 123 1.37 12.19 17.80
C SER A 123 1.66 12.74 16.41
N ASN A 124 0.61 12.86 15.59
CA ASN A 124 0.68 13.33 14.20
C ASN A 124 1.48 12.35 13.40
N ALA A 125 1.01 11.13 13.41
CA ALA A 125 1.67 10.06 12.72
C ALA A 125 0.90 9.71 11.47
N ARG A 126 1.56 9.07 10.56
CA ARG A 126 0.94 8.68 9.30
C ARG A 126 0.14 7.42 9.54
N PRO A 127 -0.98 7.22 8.83
CA PRO A 127 -1.74 5.97 8.92
C PRO A 127 -0.85 4.73 8.58
N VAL A 128 0.17 4.95 7.75
CA VAL A 128 1.14 3.88 7.40
C VAL A 128 1.91 3.44 8.65
N ASP A 129 2.19 4.39 9.51
CA ASP A 129 2.92 4.10 10.73
C ASP A 129 2.02 3.28 11.65
N ALA A 130 0.75 3.68 11.68
CA ALA A 130 -0.30 3.05 12.48
C ALA A 130 -0.59 1.60 12.06
N LEU A 131 -0.51 1.30 10.78
CA LEU A 131 -0.76 -0.07 10.32
C LEU A 131 0.37 -1.01 10.77
N HIS A 132 1.59 -0.47 10.83
CA HIS A 132 2.74 -1.20 11.36
C HIS A 132 2.68 -1.25 12.86
N ALA A 133 1.83 -0.43 13.40
CA ALA A 133 1.58 -0.35 14.83
C ALA A 133 0.48 -1.32 15.24
N HIS A 134 -0.02 -2.10 14.24
CA HIS A 134 -1.08 -3.11 14.41
C HIS A 134 -2.41 -2.40 14.82
N GLN A 135 -2.50 -1.17 14.40
CA GLN A 135 -3.65 -0.33 14.63
C GLN A 135 -4.30 -0.03 13.29
N ALA A 136 -4.04 -0.94 12.38
CA ALA A 136 -4.52 -0.90 11.00
C ALA A 136 -6.03 -0.71 10.91
N ARG A 137 -6.76 -1.16 11.93
CA ARG A 137 -8.22 -1.01 11.99
C ARG A 137 -8.59 0.47 11.87
N GLU A 138 -7.82 1.31 12.57
CA GLU A 138 -8.03 2.74 12.58
C GLU A 138 -7.75 3.28 11.20
N VAL A 139 -6.73 2.75 10.57
CA VAL A 139 -6.31 3.15 9.23
C VAL A 139 -7.44 2.89 8.24
N VAL A 140 -8.02 1.70 8.33
CA VAL A 140 -9.13 1.32 7.50
C VAL A 140 -10.32 2.27 7.75
N ARG A 141 -10.56 2.59 8.99
CA ARG A 141 -11.62 3.53 9.37
C ARG A 141 -11.36 4.94 8.78
N ARG A 142 -10.11 5.38 8.82
CA ARG A 142 -9.73 6.67 8.23
C ARG A 142 -9.92 6.61 6.72
N ALA A 143 -9.64 5.44 6.16
CA ALA A 143 -9.84 5.17 4.74
C ALA A 143 -11.32 5.29 4.40
N GLN A 144 -12.16 4.78 5.28
CA GLN A 144 -13.62 4.90 5.13
C GLN A 144 -14.03 6.36 5.14
N ALA A 145 -13.38 7.14 5.99
CA ALA A 145 -13.65 8.57 6.07
C ALA A 145 -13.19 9.31 4.81
N MET A 146 -12.28 8.72 4.07
CA MET A 146 -11.81 9.30 2.81
C MET A 146 -12.69 8.80 1.65
N ALA A 147 -13.21 7.61 1.80
CA ALA A 147 -14.02 7.01 0.75
C ALA A 147 -15.46 7.45 0.82
N TYR A 148 -16.01 7.46 2.01
CA TYR A 148 -17.38 7.85 2.22
C TYR A 148 -17.38 9.23 2.82
N MET A 3 -12.82 -35.70 -7.11
CA MET A 3 -12.31 -34.51 -6.45
C MET A 3 -11.75 -33.59 -7.51
N PRO A 4 -11.92 -32.27 -7.40
CA PRO A 4 -11.28 -31.35 -8.31
C PRO A 4 -9.82 -31.15 -7.89
N GLY A 5 -8.97 -32.05 -8.31
CA GLY A 5 -7.58 -31.97 -7.99
C GLY A 5 -6.88 -31.03 -8.93
N ARG A 6 -7.20 -29.77 -8.80
CA ARG A 6 -6.69 -28.74 -9.67
C ARG A 6 -5.20 -28.58 -9.51
N ALA A 7 -4.53 -28.54 -10.61
CA ALA A 7 -3.11 -28.29 -10.63
C ALA A 7 -2.93 -26.87 -11.11
N PRO A 8 -1.86 -26.18 -10.72
CA PRO A 8 -1.61 -24.82 -11.17
C PRO A 8 -1.25 -24.76 -12.64
N GLY A 9 -2.26 -24.71 -13.46
CA GLY A 9 -2.09 -24.58 -14.88
C GLY A 9 -2.44 -23.19 -15.30
N SER A 10 -3.43 -22.65 -14.64
CA SER A 10 -3.88 -21.30 -14.86
C SER A 10 -3.21 -20.40 -13.82
N THR A 11 -3.54 -19.14 -13.85
CA THR A 11 -3.02 -18.19 -12.91
C THR A 11 -4.11 -17.16 -12.63
N LEU A 12 -4.13 -16.59 -11.45
CA LEU A 12 -5.10 -15.59 -11.12
C LEU A 12 -4.90 -14.33 -11.94
N ALA A 13 -6.00 -13.70 -12.26
CA ALA A 13 -6.00 -12.54 -13.10
C ALA A 13 -6.04 -11.28 -12.28
N ARG A 14 -5.80 -10.15 -12.93
CA ARG A 14 -5.81 -8.89 -12.30
C ARG A 14 -7.24 -8.43 -12.06
N VAL A 15 -7.70 -8.70 -10.85
CA VAL A 15 -9.02 -8.31 -10.39
C VAL A 15 -8.94 -7.07 -9.53
N GLY A 16 -7.72 -6.65 -9.30
CA GLY A 16 -7.45 -5.47 -8.55
C GLY A 16 -6.65 -4.51 -9.40
N SER A 17 -7.28 -4.00 -10.42
CA SER A 17 -6.60 -3.13 -11.33
C SER A 17 -6.57 -1.69 -10.84
N ILE A 18 -5.68 -1.42 -9.90
CA ILE A 18 -5.45 -0.06 -9.49
C ILE A 18 -4.28 0.43 -10.32
N PRO A 19 -4.48 1.48 -11.12
CA PRO A 19 -3.45 2.01 -12.00
C PRO A 19 -2.39 2.78 -11.25
N ALA A 20 -1.16 2.71 -11.72
CA ALA A 20 -0.07 3.45 -11.12
C ALA A 20 -0.06 4.85 -11.69
N GLY A 21 -0.02 5.81 -10.82
CA GLY A 21 -0.03 7.17 -11.20
C GLY A 21 1.21 7.85 -10.73
N ASP A 22 1.07 8.68 -9.74
CA ASP A 22 2.19 9.46 -9.26
C ASP A 22 2.46 9.10 -7.80
N ASP A 23 3.71 9.05 -7.46
CA ASP A 23 4.12 8.66 -6.12
C ASP A 23 3.86 9.78 -5.11
N VAL A 24 3.77 9.38 -3.86
CA VAL A 24 3.60 10.29 -2.74
C VAL A 24 4.81 10.04 -1.81
N LEU A 25 5.88 9.71 -2.44
CA LEU A 25 7.10 9.33 -1.79
C LEU A 25 8.11 10.44 -1.86
N ASP A 26 9.24 10.18 -1.27
CA ASP A 26 10.40 11.01 -1.41
C ASP A 26 11.16 10.45 -2.59
N PRO A 27 11.66 11.31 -3.51
CA PRO A 27 12.35 10.88 -4.74
C PRO A 27 13.46 9.84 -4.54
N ASP A 28 14.08 9.79 -3.38
CA ASP A 28 15.12 8.81 -3.16
C ASP A 28 14.88 8.03 -1.88
N GLU A 29 13.63 7.81 -1.55
CA GLU A 29 13.29 6.96 -0.43
C GLU A 29 13.60 5.55 -0.88
N PRO A 30 14.36 4.75 -0.10
CA PRO A 30 14.66 3.36 -0.45
C PRO A 30 13.39 2.54 -0.68
N THR A 31 13.04 2.39 -1.91
CA THR A 31 11.85 1.71 -2.28
C THR A 31 12.12 0.35 -2.86
N TYR A 32 11.08 -0.30 -3.26
CA TYR A 32 11.13 -1.55 -3.88
C TYR A 32 10.73 -1.44 -5.30
N ASP A 33 11.11 -2.38 -6.05
CA ASP A 33 10.87 -2.47 -7.46
C ASP A 33 10.48 -3.92 -7.60
N LEU A 34 9.85 -4.30 -8.69
CA LEU A 34 9.44 -5.70 -8.88
C LEU A 34 10.60 -6.71 -8.65
N PRO A 35 11.81 -6.52 -9.30
CA PRO A 35 12.97 -7.40 -9.05
C PRO A 35 13.44 -7.35 -7.59
N ARG A 36 13.36 -6.19 -6.97
CA ARG A 36 13.78 -6.01 -5.59
C ARG A 36 12.81 -6.73 -4.63
N VAL A 37 11.52 -6.71 -4.96
CA VAL A 37 10.53 -7.41 -4.14
C VAL A 37 10.71 -8.92 -4.29
N ALA A 38 11.03 -9.34 -5.50
CA ALA A 38 11.32 -10.73 -5.78
C ALA A 38 12.51 -11.17 -4.94
N GLU A 39 13.46 -10.28 -4.83
CA GLU A 39 14.68 -10.49 -4.08
C GLU A 39 14.38 -10.56 -2.58
N LEU A 40 13.43 -9.76 -2.15
CA LEU A 40 13.02 -9.68 -0.77
C LEU A 40 12.23 -10.93 -0.35
N LEU A 41 11.31 -11.33 -1.20
CA LEU A 41 10.43 -12.45 -0.87
C LEU A 41 11.05 -13.80 -1.23
N GLY A 42 12.04 -13.79 -2.09
CA GLY A 42 12.68 -15.02 -2.50
C GLY A 42 11.81 -15.75 -3.51
N VAL A 43 11.03 -14.99 -4.24
CA VAL A 43 10.11 -15.53 -5.25
C VAL A 43 10.45 -14.90 -6.58
N PRO A 44 10.06 -15.50 -7.71
CA PRO A 44 10.28 -14.88 -9.00
C PRO A 44 9.44 -13.61 -9.19
N VAL A 45 9.92 -12.71 -10.05
CA VAL A 45 9.22 -11.45 -10.36
C VAL A 45 7.79 -11.73 -10.82
N SER A 46 7.60 -12.86 -11.48
CA SER A 46 6.30 -13.28 -11.95
C SER A 46 5.32 -13.39 -10.77
N LYS A 47 5.75 -14.02 -9.66
CA LYS A 47 4.86 -14.14 -8.50
C LYS A 47 4.55 -12.79 -7.92
N VAL A 48 5.52 -11.90 -7.92
CA VAL A 48 5.30 -10.53 -7.45
C VAL A 48 4.27 -9.83 -8.33
N ALA A 49 4.42 -9.99 -9.64
CA ALA A 49 3.50 -9.44 -10.62
C ALA A 49 2.10 -10.02 -10.43
N GLN A 50 2.05 -11.30 -10.06
CA GLN A 50 0.79 -11.98 -9.78
C GLN A 50 0.10 -11.30 -8.61
N GLN A 51 0.85 -11.05 -7.55
CA GLN A 51 0.36 -10.39 -6.32
C GLN A 51 -0.18 -9.02 -6.64
N LEU A 52 0.54 -8.32 -7.48
CA LEU A 52 0.16 -7.00 -7.96
C LEU A 52 -1.15 -7.09 -8.73
N ARG A 53 -1.31 -8.15 -9.50
CA ARG A 53 -2.53 -8.41 -10.22
C ARG A 53 -3.68 -8.82 -9.28
N GLU A 54 -3.35 -9.44 -8.16
CA GLU A 54 -4.35 -9.91 -7.20
C GLU A 54 -4.89 -8.74 -6.39
N GLY A 55 -4.23 -7.60 -6.49
CA GLY A 55 -4.62 -6.44 -5.72
C GLY A 55 -4.12 -6.55 -4.29
N HIS A 56 -3.09 -7.36 -4.11
CA HIS A 56 -2.51 -7.59 -2.80
C HIS A 56 -1.34 -6.66 -2.55
N LEU A 57 -1.06 -5.85 -3.52
CA LEU A 57 0.01 -4.89 -3.45
C LEU A 57 -0.25 -3.88 -4.56
N VAL A 58 0.22 -2.66 -4.40
CA VAL A 58 0.04 -1.65 -5.41
C VAL A 58 1.37 -0.95 -5.67
N ALA A 59 1.56 -0.52 -6.88
CA ALA A 59 2.79 0.11 -7.28
C ALA A 59 2.51 1.50 -7.82
N VAL A 60 3.49 2.36 -7.73
CA VAL A 60 3.41 3.74 -8.19
C VAL A 60 4.59 4.03 -9.09
N ARG A 61 4.55 5.12 -9.79
CA ARG A 61 5.63 5.49 -10.65
C ARG A 61 6.34 6.71 -10.10
N ARG A 62 7.64 6.63 -10.01
CA ARG A 62 8.41 7.78 -9.63
C ARG A 62 9.45 7.96 -10.71
N ALA A 63 9.47 9.15 -11.30
CA ALA A 63 10.41 9.52 -12.38
C ALA A 63 10.14 8.79 -13.71
N GLY A 64 9.36 7.73 -13.65
CA GLY A 64 9.09 6.94 -14.81
C GLY A 64 9.22 5.49 -14.50
N GLY A 65 9.83 5.20 -13.37
CA GLY A 65 10.01 3.83 -12.98
C GLY A 65 8.88 3.38 -12.10
N VAL A 66 8.60 2.10 -12.12
CA VAL A 66 7.54 1.55 -11.33
C VAL A 66 8.15 1.01 -10.05
N VAL A 67 7.69 1.53 -8.95
CA VAL A 67 8.22 1.20 -7.66
C VAL A 67 7.12 0.98 -6.66
N ILE A 68 7.47 0.30 -5.63
CA ILE A 68 6.59 -0.02 -4.56
C ILE A 68 7.21 0.54 -3.28
N PRO A 69 6.48 1.35 -2.52
CA PRO A 69 6.99 1.96 -1.28
C PRO A 69 7.48 0.93 -0.26
N GLN A 70 8.61 1.25 0.39
CA GLN A 70 9.24 0.42 1.44
C GLN A 70 8.23 0.12 2.53
N VAL A 71 7.42 1.10 2.78
CA VAL A 71 6.44 1.11 3.85
C VAL A 71 5.24 0.18 3.62
N PHE A 72 5.25 -0.54 2.52
CA PHE A 72 4.20 -1.53 2.27
C PHE A 72 4.69 -2.88 2.72
N PHE A 73 5.91 -2.91 3.19
CA PHE A 73 6.52 -4.11 3.67
C PHE A 73 6.92 -3.93 5.11
N THR A 74 6.70 -4.96 5.86
CA THR A 74 7.01 -4.97 7.26
C THR A 74 8.50 -5.19 7.47
N ASN A 75 8.97 -5.01 8.70
CA ASN A 75 10.39 -5.27 9.07
C ASN A 75 10.77 -6.74 8.79
N SER A 76 9.77 -7.61 8.73
CA SER A 76 9.99 -9.02 8.50
C SER A 76 10.20 -9.28 6.99
N GLY A 77 10.00 -8.26 6.17
CA GLY A 77 10.20 -8.39 4.75
C GLY A 77 9.02 -9.01 4.04
N GLN A 78 7.89 -8.98 4.68
CA GLN A 78 6.68 -9.52 4.10
C GLN A 78 5.65 -8.42 3.97
N VAL A 79 4.66 -8.63 3.14
CA VAL A 79 3.62 -7.64 2.93
C VAL A 79 2.69 -7.65 4.15
N VAL A 80 2.18 -6.50 4.51
CA VAL A 80 1.24 -6.39 5.61
C VAL A 80 -0.04 -7.16 5.24
N LYS A 81 -0.42 -8.10 6.08
CA LYS A 81 -1.55 -9.00 5.81
C LYS A 81 -2.87 -8.29 5.48
N SER A 82 -3.20 -7.29 6.23
CA SER A 82 -4.46 -6.62 6.05
C SER A 82 -4.34 -5.35 5.18
N LEU A 83 -3.18 -5.17 4.57
CA LEU A 83 -2.96 -4.05 3.66
C LEU A 83 -3.83 -4.16 2.39
N PRO A 84 -3.94 -5.36 1.72
CA PRO A 84 -4.85 -5.55 0.56
C PRO A 84 -6.30 -5.18 0.92
N GLY A 85 -6.61 -5.31 2.21
CA GLY A 85 -7.93 -4.97 2.70
C GLY A 85 -8.25 -3.50 2.50
N LEU A 86 -7.24 -2.63 2.70
CA LEU A 86 -7.45 -1.21 2.48
C LEU A 86 -7.65 -0.95 0.99
N LEU A 87 -6.85 -1.64 0.17
CA LEU A 87 -6.93 -1.49 -1.27
C LEU A 87 -8.30 -1.90 -1.78
N THR A 88 -8.87 -2.89 -1.13
CA THR A 88 -10.18 -3.40 -1.48
C THR A 88 -11.26 -2.29 -1.32
N ILE A 89 -11.24 -1.61 -0.17
CA ILE A 89 -12.23 -0.56 0.11
C ILE A 89 -12.01 0.67 -0.80
N LEU A 90 -10.77 1.08 -1.01
CA LEU A 90 -10.52 2.22 -1.89
C LEU A 90 -10.87 1.93 -3.34
N HIS A 91 -10.65 0.70 -3.77
CA HIS A 91 -11.02 0.29 -5.12
C HIS A 91 -12.55 0.37 -5.28
N ASP A 92 -13.25 0.05 -4.20
CA ASP A 92 -14.72 0.10 -4.16
C ASP A 92 -15.19 1.55 -4.17
N GLY A 93 -14.38 2.42 -3.59
CA GLY A 93 -14.71 3.82 -3.51
C GLY A 93 -14.22 4.61 -4.71
N GLY A 94 -13.44 3.96 -5.56
CA GLY A 94 -12.95 4.60 -6.77
C GLY A 94 -11.77 5.52 -6.56
N TYR A 95 -10.76 5.05 -5.85
CA TYR A 95 -9.57 5.85 -5.63
C TYR A 95 -8.35 5.24 -6.27
N ARG A 96 -7.53 6.09 -6.86
CA ARG A 96 -6.29 5.68 -7.50
C ARG A 96 -5.17 5.57 -6.46
N ASP A 97 -4.06 5.01 -6.89
CA ASP A 97 -2.86 4.73 -6.08
C ASP A 97 -2.34 5.98 -5.38
N THR A 98 -2.32 7.07 -6.13
CA THR A 98 -1.83 8.33 -5.69
C THR A 98 -2.67 8.83 -4.51
N GLU A 99 -3.97 8.66 -4.60
CA GLU A 99 -4.86 9.07 -3.54
C GLU A 99 -4.63 8.25 -2.29
N ILE A 100 -4.36 6.95 -2.47
CA ILE A 100 -4.21 6.03 -1.33
C ILE A 100 -3.04 6.50 -0.49
N MET A 101 -1.95 6.76 -1.16
CA MET A 101 -0.74 7.15 -0.49
C MET A 101 -0.78 8.59 -0.01
N ARG A 102 -1.67 9.38 -0.60
CA ARG A 102 -1.83 10.79 -0.27
C ARG A 102 -2.15 10.93 1.21
N TRP A 103 -3.26 10.37 1.64
CA TRP A 103 -3.63 10.40 3.05
C TRP A 103 -2.73 9.53 3.92
N LEU A 104 -2.22 8.42 3.38
CA LEU A 104 -1.33 7.51 4.12
C LEU A 104 -0.06 8.19 4.61
N PHE A 105 0.53 9.01 3.77
CA PHE A 105 1.79 9.66 4.13
C PHE A 105 1.56 10.92 4.92
N THR A 106 0.35 11.41 4.91
CA THR A 106 0.03 12.61 5.61
C THR A 106 -0.34 12.27 7.07
N PRO A 107 0.44 12.81 8.05
CA PRO A 107 0.16 12.62 9.48
C PRO A 107 -1.28 12.99 9.82
N ASP A 108 -1.95 12.13 10.51
CA ASP A 108 -3.35 12.33 10.81
C ASP A 108 -3.53 13.08 12.12
N PRO A 109 -4.22 14.23 12.08
CA PRO A 109 -4.47 15.09 13.25
C PRO A 109 -5.27 14.41 14.39
N SER A 110 -5.92 13.30 14.11
CA SER A 110 -6.72 12.65 15.09
C SER A 110 -6.18 11.24 15.38
N LEU A 111 -5.00 10.94 14.89
CA LEU A 111 -4.46 9.61 15.07
C LEU A 111 -3.41 9.57 16.18
N THR A 112 -3.56 8.62 17.05
CA THR A 112 -2.63 8.35 18.10
C THR A 112 -2.25 6.87 17.99
N ILE A 113 -0.99 6.58 17.79
CA ILE A 113 -0.52 5.22 17.64
C ILE A 113 0.65 4.95 18.52
N THR A 114 0.95 3.69 18.68
CA THR A 114 2.11 3.30 19.43
C THR A 114 3.32 3.23 18.46
N ARG A 115 4.51 3.29 18.98
CA ARG A 115 5.71 3.35 18.17
C ARG A 115 6.70 2.26 18.60
N ASP A 116 7.72 1.99 17.78
CA ASP A 116 8.73 0.97 18.07
C ASP A 116 9.85 1.55 18.87
N GLY A 117 10.34 0.79 19.82
CA GLY A 117 11.41 1.23 20.71
C GLY A 117 10.83 2.11 21.77
N SER A 118 10.46 3.26 21.34
CA SER A 118 9.78 4.19 22.14
C SER A 118 8.29 3.91 22.00
N ARG A 119 7.87 2.88 22.73
CA ARG A 119 6.52 2.28 22.69
C ARG A 119 5.40 3.17 23.23
N ASP A 120 5.70 4.42 23.34
CA ASP A 120 4.78 5.40 23.87
C ASP A 120 3.73 5.75 22.83
N ALA A 121 2.81 6.61 23.19
CA ALA A 121 1.77 7.02 22.29
C ALA A 121 2.22 8.24 21.52
N VAL A 122 2.16 8.13 20.21
CA VAL A 122 2.54 9.19 19.34
C VAL A 122 1.31 9.83 18.73
N SER A 123 1.12 11.09 19.01
CA SER A 123 0.02 11.84 18.49
C SER A 123 0.42 12.48 17.15
N ASN A 124 -0.51 12.47 16.21
CA ASN A 124 -0.31 12.99 14.86
C ASN A 124 0.81 12.25 14.16
N ALA A 125 0.55 11.00 13.90
CA ALA A 125 1.49 10.18 13.21
C ALA A 125 0.93 9.81 11.85
N ARG A 126 1.69 9.06 11.10
CA ARG A 126 1.31 8.69 9.75
C ARG A 126 0.48 7.43 9.81
N PRO A 127 -0.61 7.33 9.03
CA PRO A 127 -1.34 6.08 8.86
C PRO A 127 -0.39 4.97 8.38
N VAL A 128 0.64 5.36 7.62
CA VAL A 128 1.69 4.44 7.20
C VAL A 128 2.42 3.86 8.41
N ASP A 129 2.70 4.70 9.37
CA ASP A 129 3.40 4.23 10.56
C ASP A 129 2.47 3.30 11.36
N ALA A 130 1.18 3.63 11.33
CA ALA A 130 0.14 2.88 12.02
C ALA A 130 -0.02 1.46 11.50
N LEU A 131 0.12 1.27 10.20
CA LEU A 131 -0.02 -0.07 9.61
C LEU A 131 1.12 -0.98 10.03
N HIS A 132 2.30 -0.39 10.22
CA HIS A 132 3.47 -1.14 10.70
C HIS A 132 3.29 -1.48 12.16
N ALA A 133 2.46 -0.71 12.80
CA ALA A 133 2.17 -0.88 14.22
C ALA A 133 1.06 -1.91 14.40
N HIS A 134 0.56 -2.43 13.27
CA HIS A 134 -0.53 -3.40 13.20
C HIS A 134 -1.82 -2.76 13.73
N GLN A 135 -1.88 -1.47 13.57
CA GLN A 135 -3.02 -0.65 13.92
C GLN A 135 -3.74 -0.32 12.62
N ALA A 136 -3.54 -1.20 11.65
CA ALA A 136 -4.09 -1.11 10.30
C ALA A 136 -5.60 -0.89 10.29
N ARG A 137 -6.30 -1.39 11.33
CA ARG A 137 -7.74 -1.19 11.44
C ARG A 137 -8.08 0.31 11.42
N GLU A 138 -7.28 1.10 12.11
CA GLU A 138 -7.43 2.54 12.16
C GLU A 138 -7.17 3.14 10.77
N VAL A 139 -6.26 2.52 10.04
CA VAL A 139 -5.93 2.94 8.69
C VAL A 139 -7.12 2.65 7.77
N VAL A 140 -7.69 1.46 7.93
CA VAL A 140 -8.88 1.06 7.17
C VAL A 140 -10.03 2.01 7.49
N ARG A 141 -10.17 2.34 8.76
CA ARG A 141 -11.17 3.29 9.22
C ARG A 141 -10.98 4.65 8.53
N ARG A 142 -9.73 5.10 8.42
CA ARG A 142 -9.42 6.34 7.71
C ARG A 142 -9.73 6.22 6.23
N ALA A 143 -9.43 5.06 5.66
CA ALA A 143 -9.70 4.78 4.26
C ALA A 143 -11.20 4.92 3.98
N GLN A 144 -12.00 4.36 4.87
CA GLN A 144 -13.46 4.47 4.78
C GLN A 144 -13.89 5.92 4.91
N ALA A 145 -13.27 6.62 5.84
CA ALA A 145 -13.57 8.02 6.11
C ALA A 145 -13.11 8.95 5.00
N MET A 146 -12.18 8.48 4.18
CA MET A 146 -11.74 9.25 3.02
C MET A 146 -12.62 8.95 1.83
N ALA A 147 -13.29 7.82 1.88
CA ALA A 147 -14.19 7.44 0.84
C ALA A 147 -15.52 8.11 1.06
N TYR A 148 -16.13 7.82 2.17
CA TYR A 148 -17.41 8.37 2.50
C TYR A 148 -17.34 9.06 3.82
N MET A 3 17.03 -7.24 7.22
CA MET A 3 17.04 -5.83 7.59
C MET A 3 17.32 -4.97 6.37
N PRO A 4 16.80 -3.73 6.33
CA PRO A 4 17.08 -2.80 5.24
C PRO A 4 18.50 -2.22 5.38
N GLY A 5 19.07 -1.77 4.29
CA GLY A 5 20.39 -1.20 4.34
C GLY A 5 20.76 -0.63 3.00
N ARG A 6 20.78 -1.48 1.99
CA ARG A 6 21.08 -1.07 0.63
C ARG A 6 19.97 -0.21 0.09
N ALA A 7 20.33 0.75 -0.71
CA ALA A 7 19.37 1.59 -1.37
C ALA A 7 18.87 0.85 -2.61
N PRO A 8 17.60 0.43 -2.63
CA PRO A 8 17.03 -0.31 -3.76
C PRO A 8 16.90 0.53 -5.02
N GLY A 9 16.38 -0.08 -6.04
CA GLY A 9 16.37 0.51 -7.33
C GLY A 9 17.48 -0.13 -8.09
N SER A 10 17.58 -1.44 -7.88
CA SER A 10 18.61 -2.27 -8.45
C SER A 10 18.42 -2.28 -9.97
N THR A 11 17.22 -2.51 -10.36
CA THR A 11 16.81 -2.48 -11.71
C THR A 11 15.40 -1.92 -11.74
N LEU A 12 15.18 -0.93 -12.57
CA LEU A 12 13.87 -0.35 -12.69
C LEU A 12 13.00 -1.28 -13.51
N ALA A 13 11.77 -1.35 -13.14
CA ALA A 13 10.88 -2.31 -13.74
C ALA A 13 10.25 -1.79 -15.03
N ARG A 14 10.86 -2.13 -16.13
CA ARG A 14 10.29 -1.83 -17.42
C ARG A 14 9.70 -3.08 -18.02
N VAL A 15 8.56 -3.45 -17.49
CA VAL A 15 7.79 -4.59 -17.93
C VAL A 15 6.33 -4.17 -17.87
N GLY A 16 5.54 -4.73 -18.71
CA GLY A 16 4.16 -4.30 -18.83
C GLY A 16 3.16 -5.17 -18.10
N SER A 17 3.53 -5.66 -16.95
CA SER A 17 2.64 -6.50 -16.17
C SER A 17 2.38 -5.88 -14.81
N ILE A 18 2.75 -4.65 -14.67
CA ILE A 18 2.65 -3.95 -13.41
C ILE A 18 1.76 -2.73 -13.53
N PRO A 19 0.70 -2.64 -12.74
CA PRO A 19 -0.04 -1.39 -12.60
C PRO A 19 0.74 -0.45 -11.65
N ALA A 20 0.90 0.80 -12.03
CA ALA A 20 1.58 1.75 -11.17
C ALA A 20 0.80 3.02 -11.03
N GLY A 21 0.97 3.66 -9.91
CA GLY A 21 0.36 4.93 -9.70
C GLY A 21 1.40 6.00 -9.62
N ASP A 22 1.01 7.19 -9.26
CA ASP A 22 1.94 8.29 -9.15
C ASP A 22 2.53 8.29 -7.77
N ASP A 23 3.82 8.53 -7.69
CA ASP A 23 4.53 8.42 -6.42
C ASP A 23 4.18 9.56 -5.46
N VAL A 24 3.49 9.23 -4.40
CA VAL A 24 3.25 10.19 -3.33
C VAL A 24 4.33 9.92 -2.26
N LEU A 25 5.53 9.75 -2.73
CA LEU A 25 6.66 9.45 -1.91
C LEU A 25 7.57 10.65 -1.81
N ASP A 26 8.39 10.61 -0.82
CA ASP A 26 9.45 11.57 -0.65
C ASP A 26 10.69 10.88 -1.20
N PRO A 27 11.61 11.61 -1.88
CA PRO A 27 12.84 11.02 -2.47
C PRO A 27 13.65 10.13 -1.52
N ASP A 28 13.53 10.34 -0.23
CA ASP A 28 14.29 9.54 0.72
C ASP A 28 13.50 8.39 1.30
N GLU A 29 12.27 8.21 0.84
CA GLU A 29 11.50 7.06 1.27
C GLU A 29 11.98 5.83 0.51
N PRO A 30 12.32 4.77 1.25
CA PRO A 30 12.83 3.55 0.66
C PRO A 30 11.79 2.82 -0.19
N THR A 31 12.25 2.26 -1.26
CA THR A 31 11.44 1.52 -2.15
C THR A 31 11.97 0.12 -2.33
N TYR A 32 11.36 -0.58 -3.20
CA TYR A 32 11.72 -1.86 -3.69
C TYR A 32 11.61 -1.81 -5.16
N ASP A 33 12.21 -2.71 -5.80
CA ASP A 33 12.18 -2.81 -7.21
C ASP A 33 11.91 -4.23 -7.48
N LEU A 34 11.37 -4.54 -8.62
CA LEU A 34 10.90 -5.90 -8.91
C LEU A 34 11.91 -7.03 -8.66
N PRO A 35 13.15 -6.98 -9.20
CA PRO A 35 14.15 -7.98 -8.86
C PRO A 35 14.43 -8.03 -7.35
N ARG A 36 14.35 -6.88 -6.68
CA ARG A 36 14.58 -6.82 -5.24
C ARG A 36 13.43 -7.52 -4.51
N VAL A 37 12.22 -7.28 -4.96
CA VAL A 37 11.03 -7.88 -4.34
C VAL A 37 11.03 -9.37 -4.57
N ALA A 38 11.43 -9.77 -5.75
CA ALA A 38 11.54 -11.16 -6.10
C ALA A 38 12.53 -11.85 -5.16
N GLU A 39 13.61 -11.15 -4.89
CA GLU A 39 14.65 -11.64 -4.04
C GLU A 39 14.16 -11.72 -2.58
N LEU A 40 13.41 -10.70 -2.19
CA LEU A 40 12.91 -10.56 -0.84
C LEU A 40 11.85 -11.62 -0.51
N LEU A 41 10.93 -11.83 -1.44
CA LEU A 41 9.84 -12.78 -1.25
C LEU A 41 10.22 -14.20 -1.66
N GLY A 42 11.31 -14.32 -2.38
CA GLY A 42 11.79 -15.62 -2.78
C GLY A 42 10.98 -16.20 -3.92
N VAL A 43 10.35 -15.34 -4.66
CA VAL A 43 9.52 -15.75 -5.78
C VAL A 43 9.87 -14.90 -6.98
N PRO A 44 9.85 -15.46 -8.18
CA PRO A 44 10.16 -14.72 -9.40
C PRO A 44 9.20 -13.54 -9.64
N VAL A 45 9.71 -12.54 -10.39
CA VAL A 45 8.98 -11.31 -10.74
C VAL A 45 7.58 -11.62 -11.31
N SER A 46 7.48 -12.70 -12.07
CA SER A 46 6.22 -13.13 -12.66
C SER A 46 5.14 -13.35 -11.58
N LYS A 47 5.52 -14.00 -10.47
CA LYS A 47 4.60 -14.25 -9.38
C LYS A 47 4.23 -12.96 -8.66
N VAL A 48 5.19 -12.06 -8.55
CA VAL A 48 4.95 -10.76 -7.93
C VAL A 48 3.96 -9.96 -8.79
N ALA A 49 4.13 -10.06 -10.09
CA ALA A 49 3.25 -9.41 -11.07
C ALA A 49 1.81 -9.88 -10.91
N GLN A 50 1.64 -11.16 -10.58
CA GLN A 50 0.31 -11.73 -10.36
C GLN A 50 -0.35 -11.11 -9.13
N GLN A 51 0.44 -10.90 -8.09
CA GLN A 51 -0.03 -10.24 -6.86
C GLN A 51 -0.44 -8.83 -7.19
N LEU A 52 0.40 -8.18 -7.95
CA LEU A 52 0.19 -6.81 -8.41
C LEU A 52 -1.08 -6.72 -9.27
N ARG A 53 -1.34 -7.77 -10.04
CA ARG A 53 -2.55 -7.84 -10.85
C ARG A 53 -3.81 -7.90 -10.01
N GLU A 54 -3.74 -8.54 -8.85
CA GLU A 54 -4.92 -8.66 -8.01
C GLU A 54 -5.09 -7.44 -7.12
N GLY A 55 -4.07 -6.62 -7.06
CA GLY A 55 -4.10 -5.48 -6.19
C GLY A 55 -3.75 -5.89 -4.78
N HIS A 56 -2.85 -6.86 -4.68
CA HIS A 56 -2.35 -7.32 -3.39
C HIS A 56 -1.25 -6.38 -2.91
N LEU A 57 -0.68 -5.68 -3.86
CA LEU A 57 0.41 -4.79 -3.65
C LEU A 57 0.30 -3.73 -4.73
N VAL A 58 0.89 -2.57 -4.53
CA VAL A 58 0.81 -1.49 -5.49
C VAL A 58 2.22 -1.00 -5.79
N ALA A 59 2.43 -0.59 -7.02
CA ALA A 59 3.70 -0.07 -7.43
C ALA A 59 3.49 1.36 -7.89
N VAL A 60 4.54 2.13 -7.89
CA VAL A 60 4.45 3.51 -8.30
C VAL A 60 5.54 3.85 -9.27
N ARG A 61 5.33 4.92 -9.94
CA ARG A 61 6.23 5.37 -10.94
C ARG A 61 6.90 6.65 -10.41
N ARG A 62 8.19 6.58 -10.22
CA ARG A 62 8.95 7.71 -9.75
C ARG A 62 10.14 7.86 -10.68
N ALA A 63 10.36 9.08 -11.18
CA ALA A 63 11.43 9.40 -12.13
C ALA A 63 11.27 8.61 -13.44
N GLY A 64 10.06 8.11 -13.66
CA GLY A 64 9.77 7.33 -14.83
C GLY A 64 9.89 5.85 -14.58
N GLY A 65 10.52 5.48 -13.49
CA GLY A 65 10.75 4.10 -13.18
C GLY A 65 9.69 3.53 -12.29
N VAL A 66 9.39 2.28 -12.48
CA VAL A 66 8.38 1.62 -11.68
C VAL A 66 9.06 0.84 -10.56
N VAL A 67 8.69 1.18 -9.35
CA VAL A 67 9.19 0.61 -8.12
C VAL A 67 8.04 0.44 -7.15
N ILE A 68 8.25 -0.28 -6.11
CA ILE A 68 7.22 -0.53 -5.12
C ILE A 68 7.66 0.11 -3.81
N PRO A 69 6.81 0.89 -3.13
CA PRO A 69 7.18 1.52 -1.86
C PRO A 69 7.45 0.49 -0.74
N GLN A 70 8.63 0.59 -0.10
CA GLN A 70 9.03 -0.31 0.98
C GLN A 70 8.10 -0.18 2.20
N VAL A 71 7.47 0.98 2.32
CA VAL A 71 6.52 1.23 3.40
C VAL A 71 5.22 0.36 3.26
N PHE A 72 5.10 -0.36 2.13
CA PHE A 72 3.98 -1.30 1.92
C PHE A 72 4.36 -2.69 2.46
N PHE A 73 5.58 -2.78 2.92
CA PHE A 73 6.14 -3.97 3.50
C PHE A 73 6.48 -3.69 4.92
N THR A 74 6.46 -4.70 5.74
CA THR A 74 6.79 -4.58 7.12
C THR A 74 8.32 -4.63 7.30
N ASN A 75 8.78 -4.43 8.53
CA ASN A 75 10.22 -4.41 8.87
C ASN A 75 10.88 -5.72 8.48
N SER A 76 10.14 -6.81 8.59
CA SER A 76 10.65 -8.13 8.29
C SER A 76 10.69 -8.43 6.78
N GLY A 77 10.21 -7.50 5.97
CA GLY A 77 10.20 -7.70 4.55
C GLY A 77 9.04 -8.55 4.12
N GLN A 78 7.96 -8.43 4.85
CA GLN A 78 6.74 -9.14 4.56
C GLN A 78 5.70 -8.13 4.10
N VAL A 79 4.84 -8.51 3.18
CA VAL A 79 3.74 -7.65 2.78
C VAL A 79 2.77 -7.55 3.94
N VAL A 80 2.33 -6.33 4.26
CA VAL A 80 1.37 -6.12 5.33
C VAL A 80 0.11 -6.94 5.01
N LYS A 81 -0.34 -7.74 5.96
CA LYS A 81 -1.48 -8.61 5.70
C LYS A 81 -2.78 -7.83 5.53
N SER A 82 -2.83 -6.66 6.11
CA SER A 82 -3.99 -5.80 5.96
C SER A 82 -3.85 -4.87 4.75
N LEU A 83 -2.79 -5.07 3.95
CA LEU A 83 -2.52 -4.25 2.79
C LEU A 83 -3.67 -4.34 1.76
N PRO A 84 -4.10 -5.58 1.31
CA PRO A 84 -5.19 -5.71 0.33
C PRO A 84 -6.49 -5.17 0.90
N GLY A 85 -6.63 -5.27 2.22
CA GLY A 85 -7.83 -4.81 2.88
C GLY A 85 -8.00 -3.32 2.77
N LEU A 86 -6.93 -2.57 2.99
CA LEU A 86 -6.99 -1.12 2.90
C LEU A 86 -7.21 -0.71 1.46
N LEU A 87 -6.55 -1.41 0.55
CA LEU A 87 -6.67 -1.14 -0.86
C LEU A 87 -8.09 -1.40 -1.33
N THR A 88 -8.64 -2.53 -0.91
CA THR A 88 -9.96 -2.93 -1.35
C THR A 88 -11.06 -1.94 -0.91
N ILE A 89 -11.03 -1.48 0.34
CA ILE A 89 -12.06 -0.55 0.83
C ILE A 89 -12.08 0.76 0.03
N LEU A 90 -10.92 1.37 -0.17
CA LEU A 90 -10.82 2.61 -0.96
C LEU A 90 -11.16 2.38 -2.41
N HIS A 91 -10.66 1.30 -2.96
CA HIS A 91 -10.84 0.98 -4.36
C HIS A 91 -12.33 0.74 -4.63
N ASP A 92 -12.99 0.15 -3.66
CA ASP A 92 -14.44 -0.08 -3.72
C ASP A 92 -15.20 1.23 -3.60
N GLY A 93 -14.62 2.18 -2.87
CA GLY A 93 -15.24 3.48 -2.70
C GLY A 93 -15.01 4.41 -3.88
N GLY A 94 -14.17 3.99 -4.81
CA GLY A 94 -13.91 4.79 -6.00
C GLY A 94 -12.69 5.67 -5.87
N TYR A 95 -11.65 5.15 -5.27
CA TYR A 95 -10.40 5.86 -5.15
C TYR A 95 -9.31 5.08 -5.84
N ARG A 96 -8.47 5.77 -6.58
CA ARG A 96 -7.38 5.12 -7.30
C ARG A 96 -6.17 4.93 -6.41
N ASP A 97 -5.20 4.20 -6.92
CA ASP A 97 -3.96 3.84 -6.20
C ASP A 97 -3.21 5.07 -5.63
N THR A 98 -3.09 6.09 -6.44
CA THR A 98 -2.43 7.29 -6.08
C THR A 98 -3.16 7.96 -4.90
N GLU A 99 -4.48 7.93 -4.95
CA GLU A 99 -5.29 8.51 -3.90
C GLU A 99 -5.13 7.78 -2.59
N ILE A 100 -4.92 6.45 -2.65
CA ILE A 100 -4.81 5.67 -1.41
C ILE A 100 -3.61 6.17 -0.64
N MET A 101 -2.49 6.27 -1.34
CA MET A 101 -1.28 6.72 -0.73
C MET A 101 -1.27 8.24 -0.49
N ARG A 102 -2.17 8.96 -1.14
CA ARG A 102 -2.27 10.42 -1.06
C ARG A 102 -2.48 10.85 0.40
N TRP A 103 -3.62 10.48 0.95
CA TRP A 103 -3.93 10.80 2.34
C TRP A 103 -3.03 10.04 3.32
N LEU A 104 -2.63 8.83 2.93
CA LEU A 104 -1.76 7.99 3.75
C LEU A 104 -0.43 8.66 4.09
N PHE A 105 0.14 9.36 3.15
CA PHE A 105 1.40 10.05 3.38
C PHE A 105 1.21 11.43 4.00
N THR A 106 -0.03 11.82 4.16
CA THR A 106 -0.36 13.07 4.77
C THR A 106 -0.41 12.84 6.29
N PRO A 107 0.34 13.63 7.09
CA PRO A 107 0.35 13.49 8.56
C PRO A 107 -1.06 13.66 9.14
N ASP A 108 -1.45 12.79 10.03
CA ASP A 108 -2.79 12.83 10.59
C ASP A 108 -2.78 13.68 11.84
N PRO A 109 -3.58 14.75 11.87
CA PRO A 109 -3.63 15.71 12.99
C PRO A 109 -4.04 15.10 14.35
N SER A 110 -4.61 13.92 14.33
CA SER A 110 -5.08 13.31 15.54
C SER A 110 -4.44 11.93 15.74
N LEU A 111 -3.39 11.65 15.01
CA LEU A 111 -2.76 10.37 15.13
C LEU A 111 -1.48 10.45 15.93
N THR A 112 -1.50 9.83 17.05
CA THR A 112 -0.36 9.76 17.92
C THR A 112 -0.03 8.30 18.12
N ILE A 113 1.08 7.88 17.58
CA ILE A 113 1.41 6.47 17.54
C ILE A 113 2.87 6.23 17.82
N THR A 114 3.18 5.00 18.11
CA THR A 114 4.51 4.55 18.18
C THR A 114 4.85 4.11 16.76
N ARG A 115 6.08 4.16 16.40
CA ARG A 115 6.46 3.93 15.05
C ARG A 115 7.34 2.69 15.01
N ASP A 116 7.71 2.23 13.84
CA ASP A 116 8.65 1.13 13.77
C ASP A 116 10.03 1.71 13.83
N GLY A 117 10.56 1.77 15.02
CA GLY A 117 11.84 2.37 15.25
C GLY A 117 11.70 3.40 16.34
N SER A 118 10.84 4.37 16.11
CA SER A 118 10.56 5.35 17.12
C SER A 118 9.57 4.71 18.10
N ARG A 119 10.09 4.25 19.23
CA ARG A 119 9.29 3.53 20.20
C ARG A 119 8.41 4.48 20.99
N ASP A 120 8.87 5.69 21.11
CA ASP A 120 8.16 6.73 21.84
C ASP A 120 7.02 7.24 20.97
N ALA A 121 5.97 7.75 21.60
CA ALA A 121 4.79 8.19 20.89
C ALA A 121 5.05 9.46 20.09
N VAL A 122 4.74 9.39 18.83
CA VAL A 122 4.89 10.50 17.92
C VAL A 122 3.51 11.03 17.57
N SER A 123 3.29 12.29 17.83
CA SER A 123 2.03 12.94 17.55
C SER A 123 2.03 13.48 16.11
N ASN A 124 0.84 13.52 15.50
CA ASN A 124 0.65 14.00 14.12
C ASN A 124 1.50 13.22 13.14
N ALA A 125 1.53 11.92 13.34
CA ALA A 125 2.35 11.05 12.55
C ALA A 125 1.67 10.65 11.23
N ARG A 126 2.41 9.93 10.42
CA ARG A 126 1.93 9.46 9.13
C ARG A 126 1.17 8.13 9.28
N PRO A 127 -0.10 8.06 8.81
CA PRO A 127 -0.95 6.85 8.87
C PRO A 127 -0.28 5.57 8.31
N VAL A 128 0.63 5.74 7.34
CA VAL A 128 1.36 4.59 6.76
C VAL A 128 2.14 3.87 7.85
N ASP A 129 2.71 4.63 8.75
CA ASP A 129 3.51 4.08 9.83
C ASP A 129 2.65 3.33 10.81
N ALA A 130 1.40 3.77 10.94
CA ALA A 130 0.45 3.10 11.83
C ALA A 130 0.16 1.71 11.33
N LEU A 131 -0.06 1.56 10.03
CA LEU A 131 -0.33 0.24 9.46
C LEU A 131 0.92 -0.62 9.49
N HIS A 132 2.07 0.03 9.33
CA HIS A 132 3.37 -0.61 9.37
C HIS A 132 3.67 -1.07 10.80
N ALA A 133 3.03 -0.41 11.75
CA ALA A 133 3.16 -0.72 13.16
C ALA A 133 2.03 -1.66 13.62
N HIS A 134 1.23 -2.13 12.65
CA HIS A 134 0.12 -3.07 12.90
C HIS A 134 -1.05 -2.43 13.67
N GLN A 135 -1.25 -1.17 13.42
CA GLN A 135 -2.37 -0.39 13.96
C GLN A 135 -3.29 -0.03 12.80
N ALA A 136 -3.20 -0.85 11.75
CA ALA A 136 -3.86 -0.66 10.47
C ALA A 136 -5.36 -0.42 10.59
N ARG A 137 -6.00 -0.98 11.61
CA ARG A 137 -7.47 -0.80 11.82
C ARG A 137 -7.83 0.68 11.94
N GLU A 138 -6.95 1.45 12.55
CA GLU A 138 -7.17 2.88 12.75
C GLU A 138 -7.06 3.60 11.42
N VAL A 139 -6.18 3.08 10.58
CA VAL A 139 -5.98 3.60 9.26
C VAL A 139 -7.20 3.28 8.41
N VAL A 140 -7.69 2.05 8.56
CA VAL A 140 -8.89 1.60 7.86
C VAL A 140 -10.07 2.47 8.25
N ARG A 141 -10.18 2.79 9.52
CA ARG A 141 -11.25 3.65 10.01
C ARG A 141 -11.20 5.04 9.34
N ARG A 142 -10.01 5.66 9.29
CA ARG A 142 -9.83 6.95 8.62
C ARG A 142 -10.18 6.81 7.13
N ALA A 143 -9.78 5.68 6.56
CA ALA A 143 -10.03 5.35 5.18
C ALA A 143 -11.53 5.30 4.90
N GLN A 144 -12.27 4.64 5.78
CA GLN A 144 -13.73 4.52 5.66
C GLN A 144 -14.41 5.89 5.66
N ALA A 145 -13.92 6.78 6.51
CA ALA A 145 -14.44 8.13 6.61
C ALA A 145 -14.16 8.93 5.34
N MET A 146 -13.02 8.68 4.74
CA MET A 146 -12.61 9.37 3.54
C MET A 146 -13.29 8.76 2.31
N ALA A 147 -13.48 7.46 2.34
CA ALA A 147 -14.04 6.72 1.22
C ALA A 147 -15.52 6.97 1.02
N TYR A 148 -16.29 6.86 2.07
CA TYR A 148 -17.72 6.99 1.96
C TYR A 148 -18.16 8.31 2.54
N MET A 3 13.46 4.51 -16.31
CA MET A 3 13.50 5.30 -17.55
C MET A 3 12.18 6.01 -17.77
N PRO A 4 12.14 7.34 -17.67
CA PRO A 4 10.91 8.09 -17.96
C PRO A 4 10.66 8.12 -19.47
N GLY A 5 9.73 7.31 -19.92
CA GLY A 5 9.50 7.21 -21.32
C GLY A 5 8.04 7.23 -21.66
N ARG A 6 7.66 8.21 -22.43
CA ARG A 6 6.30 8.33 -22.92
C ARG A 6 6.08 7.26 -23.99
N ALA A 7 4.93 6.64 -23.99
CA ALA A 7 4.68 5.57 -24.93
C ALA A 7 3.42 5.80 -25.73
N PRO A 8 3.54 6.43 -26.91
CA PRO A 8 2.42 6.63 -27.79
C PRO A 8 2.03 5.33 -28.49
N GLY A 9 0.84 4.89 -28.24
CA GLY A 9 0.39 3.66 -28.80
C GLY A 9 -0.84 3.21 -28.11
N SER A 10 -0.85 1.99 -27.64
CA SER A 10 -1.97 1.46 -26.91
C SER A 10 -1.52 0.20 -26.20
N THR A 11 -1.71 0.17 -24.90
CA THR A 11 -1.43 -1.00 -24.12
C THR A 11 -2.41 -2.11 -24.55
N LEU A 12 -1.96 -3.36 -24.50
CA LEU A 12 -2.80 -4.50 -24.88
C LEU A 12 -3.92 -4.71 -23.86
N ALA A 13 -4.68 -5.78 -24.03
CA ALA A 13 -5.78 -6.09 -23.13
C ALA A 13 -5.25 -6.35 -21.71
N ARG A 14 -5.46 -5.40 -20.85
CA ARG A 14 -5.00 -5.52 -19.51
C ARG A 14 -6.16 -5.73 -18.56
N VAL A 15 -6.08 -6.78 -17.79
CA VAL A 15 -7.08 -7.07 -16.81
C VAL A 15 -6.49 -6.99 -15.41
N GLY A 16 -6.86 -5.94 -14.69
CA GLY A 16 -6.39 -5.74 -13.33
C GLY A 16 -4.91 -5.40 -13.27
N SER A 17 -4.35 -4.98 -14.36
CA SER A 17 -2.94 -4.72 -14.47
C SER A 17 -2.76 -3.23 -14.47
N ILE A 18 -2.14 -2.73 -13.45
CA ILE A 18 -2.06 -1.33 -13.23
C ILE A 18 -0.63 -0.86 -13.30
N PRO A 19 -0.34 0.09 -14.21
CA PRO A 19 0.94 0.77 -14.28
C PRO A 19 1.19 1.55 -12.99
N ALA A 20 2.39 2.00 -12.78
CA ALA A 20 2.69 2.66 -11.54
C ALA A 20 2.26 4.11 -11.60
N GLY A 21 1.59 4.55 -10.58
CA GLY A 21 0.99 5.85 -10.55
C GLY A 21 1.92 6.96 -10.14
N ASP A 22 1.32 8.09 -9.82
CA ASP A 22 2.02 9.33 -9.54
C ASP A 22 2.52 9.36 -8.12
N ASP A 23 3.82 9.32 -7.99
CA ASP A 23 4.53 9.32 -6.72
C ASP A 23 4.03 10.35 -5.72
N VAL A 24 3.43 9.86 -4.66
CA VAL A 24 3.03 10.71 -3.55
C VAL A 24 4.20 10.83 -2.61
N LEU A 25 4.91 9.73 -2.47
CA LEU A 25 6.10 9.69 -1.64
C LEU A 25 7.27 10.40 -2.32
N ASP A 26 8.29 10.70 -1.55
CA ASP A 26 9.51 11.32 -2.09
C ASP A 26 10.20 10.36 -3.02
N PRO A 27 10.92 10.87 -4.04
CA PRO A 27 11.63 10.03 -5.01
C PRO A 27 12.52 8.97 -4.36
N ASP A 28 13.22 9.34 -3.31
CA ASP A 28 14.10 8.40 -2.62
C ASP A 28 13.53 7.89 -1.31
N GLU A 29 12.22 7.87 -1.20
CA GLU A 29 11.55 7.29 -0.04
C GLU A 29 11.80 5.76 -0.14
N PRO A 30 12.12 5.07 1.01
CA PRO A 30 12.39 3.62 1.05
C PRO A 30 11.52 2.80 0.09
N THR A 31 12.14 2.26 -0.92
CA THR A 31 11.43 1.54 -1.94
C THR A 31 12.14 0.25 -2.32
N TYR A 32 11.49 -0.50 -3.16
CA TYR A 32 11.98 -1.71 -3.75
C TYR A 32 11.77 -1.63 -5.23
N ASP A 33 12.46 -2.42 -5.97
CA ASP A 33 12.39 -2.40 -7.43
C ASP A 33 12.25 -3.84 -7.79
N LEU A 34 11.90 -4.13 -9.03
CA LEU A 34 11.52 -5.49 -9.46
C LEU A 34 12.47 -6.59 -8.97
N PRO A 35 13.81 -6.52 -9.26
CA PRO A 35 14.77 -7.51 -8.76
C PRO A 35 14.75 -7.62 -7.22
N ARG A 36 14.65 -6.47 -6.55
CA ARG A 36 14.63 -6.42 -5.08
C ARG A 36 13.35 -6.96 -4.49
N VAL A 37 12.24 -6.75 -5.15
CA VAL A 37 10.97 -7.28 -4.67
C VAL A 37 10.98 -8.79 -4.81
N ALA A 38 11.46 -9.23 -5.95
CA ALA A 38 11.61 -10.64 -6.22
C ALA A 38 12.58 -11.26 -5.21
N GLU A 39 13.59 -10.49 -4.85
CA GLU A 39 14.59 -10.89 -3.88
C GLU A 39 13.97 -11.00 -2.49
N LEU A 40 13.18 -10.00 -2.14
CA LEU A 40 12.59 -9.90 -0.83
C LEU A 40 11.60 -11.03 -0.58
N LEU A 41 10.70 -11.21 -1.53
CA LEU A 41 9.65 -12.21 -1.38
C LEU A 41 10.13 -13.60 -1.77
N GLY A 42 11.23 -13.68 -2.50
CA GLY A 42 11.75 -14.97 -2.93
C GLY A 42 10.91 -15.55 -4.05
N VAL A 43 10.30 -14.67 -4.81
CA VAL A 43 9.40 -15.04 -5.89
C VAL A 43 9.90 -14.40 -7.19
N PRO A 44 9.43 -14.83 -8.36
CA PRO A 44 9.78 -14.18 -9.60
C PRO A 44 8.94 -12.90 -9.80
N VAL A 45 9.40 -12.04 -10.71
CA VAL A 45 8.74 -10.76 -11.01
C VAL A 45 7.29 -10.98 -11.47
N SER A 46 7.09 -12.06 -12.17
CA SER A 46 5.79 -12.43 -12.66
C SER A 46 4.78 -12.65 -11.52
N LYS A 47 5.23 -13.28 -10.45
CA LYS A 47 4.40 -13.51 -9.28
C LYS A 47 4.10 -12.19 -8.56
N VAL A 48 5.06 -11.27 -8.62
CA VAL A 48 4.89 -9.91 -8.07
C VAL A 48 3.82 -9.18 -8.87
N ALA A 49 3.88 -9.36 -10.17
CA ALA A 49 2.89 -8.80 -11.07
C ALA A 49 1.50 -9.33 -10.73
N GLN A 50 1.44 -10.59 -10.31
CA GLN A 50 0.17 -11.21 -9.91
C GLN A 50 -0.39 -10.57 -8.65
N GLN A 51 0.50 -10.17 -7.75
CA GLN A 51 0.09 -9.50 -6.50
C GLN A 51 -0.56 -8.17 -6.87
N LEU A 52 0.13 -7.46 -7.74
CA LEU A 52 -0.29 -6.18 -8.22
C LEU A 52 -1.64 -6.30 -8.96
N ARG A 53 -1.73 -7.31 -9.80
CA ARG A 53 -2.92 -7.59 -10.59
C ARG A 53 -4.14 -7.96 -9.76
N GLU A 54 -3.93 -8.47 -8.56
CA GLU A 54 -5.09 -8.85 -7.76
C GLU A 54 -5.37 -7.82 -6.69
N GLY A 55 -4.59 -6.74 -6.71
CA GLY A 55 -4.79 -5.68 -5.77
C GLY A 55 -4.30 -6.04 -4.39
N HIS A 56 -3.17 -6.70 -4.32
CA HIS A 56 -2.56 -7.05 -3.03
C HIS A 56 -1.43 -6.08 -2.73
N LEU A 57 -1.03 -5.31 -3.73
CA LEU A 57 0.13 -4.46 -3.62
C LEU A 57 0.00 -3.32 -4.64
N VAL A 58 0.74 -2.24 -4.45
CA VAL A 58 0.71 -1.08 -5.34
C VAL A 58 2.14 -0.72 -5.75
N ALA A 59 2.31 -0.22 -6.97
CA ALA A 59 3.60 0.18 -7.49
C ALA A 59 3.56 1.66 -7.84
N VAL A 60 4.68 2.35 -7.70
CA VAL A 60 4.74 3.78 -7.96
C VAL A 60 5.86 4.11 -8.94
N ARG A 61 5.72 5.21 -9.61
CA ARG A 61 6.68 5.62 -10.57
C ARG A 61 7.40 6.84 -10.05
N ARG A 62 8.67 6.70 -9.80
CA ARG A 62 9.48 7.78 -9.28
C ARG A 62 10.69 7.98 -10.18
N ALA A 63 10.84 9.20 -10.68
CA ALA A 63 11.95 9.59 -11.60
C ALA A 63 11.88 8.83 -12.92
N GLY A 64 10.74 8.21 -13.17
CA GLY A 64 10.55 7.43 -14.37
C GLY A 64 10.82 5.97 -14.16
N GLY A 65 11.08 5.59 -12.94
CA GLY A 65 11.31 4.20 -12.63
C GLY A 65 10.15 3.64 -11.88
N VAL A 66 9.84 2.39 -12.11
CA VAL A 66 8.75 1.75 -11.44
C VAL A 66 9.30 0.97 -10.28
N VAL A 67 8.83 1.32 -9.13
CA VAL A 67 9.26 0.72 -7.89
C VAL A 67 8.06 0.46 -7.02
N ILE A 68 8.26 -0.26 -5.98
CA ILE A 68 7.21 -0.57 -5.08
C ILE A 68 7.58 -0.02 -3.70
N PRO A 69 6.68 0.74 -3.06
CA PRO A 69 6.90 1.30 -1.73
C PRO A 69 7.23 0.22 -0.71
N GLN A 70 8.38 0.35 -0.07
CA GLN A 70 8.85 -0.61 0.90
C GLN A 70 7.95 -0.66 2.13
N VAL A 71 7.27 0.43 2.39
CA VAL A 71 6.39 0.53 3.54
C VAL A 71 5.10 -0.31 3.37
N PHE A 72 4.95 -0.91 2.19
CA PHE A 72 3.85 -1.81 1.92
C PHE A 72 4.23 -3.22 2.33
N PHE A 73 5.46 -3.36 2.74
CA PHE A 73 5.99 -4.59 3.23
C PHE A 73 6.37 -4.39 4.67
N THR A 74 6.32 -5.43 5.42
CA THR A 74 6.76 -5.38 6.77
C THR A 74 8.27 -5.56 6.77
N ASN A 75 8.91 -5.29 7.89
CA ASN A 75 10.37 -5.44 7.99
C ASN A 75 10.76 -6.93 7.89
N SER A 76 9.78 -7.79 8.07
CA SER A 76 9.97 -9.23 7.99
C SER A 76 10.00 -9.72 6.52
N GLY A 77 9.81 -8.81 5.56
CA GLY A 77 9.83 -9.20 4.17
C GLY A 77 8.53 -9.85 3.76
N GLN A 78 7.48 -9.48 4.42
CA GLN A 78 6.17 -10.00 4.13
C GLN A 78 5.25 -8.83 3.86
N VAL A 79 4.34 -8.98 2.93
CA VAL A 79 3.37 -7.92 2.63
C VAL A 79 2.45 -7.76 3.83
N VAL A 80 2.09 -6.52 4.15
CA VAL A 80 1.18 -6.26 5.27
C VAL A 80 -0.13 -7.01 5.00
N LYS A 81 -0.51 -7.87 5.91
CA LYS A 81 -1.65 -8.76 5.71
C LYS A 81 -2.99 -8.04 5.65
N SER A 82 -3.08 -6.89 6.29
CA SER A 82 -4.31 -6.11 6.29
C SER A 82 -4.33 -5.12 5.11
N LEU A 83 -3.21 -5.02 4.40
CA LEU A 83 -3.05 -4.06 3.32
C LEU A 83 -3.98 -4.33 2.11
N PRO A 84 -4.10 -5.60 1.58
CA PRO A 84 -5.06 -5.90 0.49
C PRO A 84 -6.48 -5.51 0.89
N GLY A 85 -6.75 -5.56 2.20
CA GLY A 85 -8.05 -5.20 2.73
C GLY A 85 -8.34 -3.72 2.55
N LEU A 86 -7.33 -2.86 2.75
CA LEU A 86 -7.51 -1.42 2.59
C LEU A 86 -7.75 -1.11 1.12
N LEU A 87 -7.00 -1.80 0.27
CA LEU A 87 -7.14 -1.64 -1.15
C LEU A 87 -8.53 -2.05 -1.59
N THR A 88 -9.02 -3.12 -1.00
CA THR A 88 -10.35 -3.63 -1.31
C THR A 88 -11.45 -2.58 -1.06
N ILE A 89 -11.42 -1.96 0.13
CA ILE A 89 -12.42 -0.95 0.49
C ILE A 89 -12.28 0.31 -0.37
N LEU A 90 -11.04 0.74 -0.61
CA LEU A 90 -10.81 1.92 -1.45
C LEU A 90 -11.21 1.67 -2.91
N HIS A 91 -10.99 0.47 -3.39
CA HIS A 91 -11.40 0.10 -4.73
C HIS A 91 -12.91 0.09 -4.85
N ASP A 92 -13.58 -0.26 -3.77
CA ASP A 92 -15.05 -0.22 -3.72
C ASP A 92 -15.55 1.22 -3.84
N GLY A 93 -14.75 2.14 -3.34
CA GLY A 93 -15.08 3.55 -3.43
C GLY A 93 -14.64 4.14 -4.76
N GLY A 94 -14.00 3.33 -5.56
CA GLY A 94 -13.55 3.74 -6.88
C GLY A 94 -12.31 4.60 -6.83
N TYR A 95 -11.41 4.32 -5.91
CA TYR A 95 -10.20 5.08 -5.79
C TYR A 95 -9.05 4.39 -6.49
N ARG A 96 -8.16 5.18 -7.06
CA ARG A 96 -7.03 4.68 -7.81
C ARG A 96 -5.79 4.63 -6.92
N ASP A 97 -4.72 4.02 -7.44
CA ASP A 97 -3.46 3.80 -6.72
C ASP A 97 -2.87 5.08 -6.11
N THR A 98 -2.85 6.13 -6.89
CA THR A 98 -2.32 7.39 -6.45
C THR A 98 -3.12 7.95 -5.26
N GLU A 99 -4.43 7.81 -5.32
CA GLU A 99 -5.31 8.29 -4.27
C GLU A 99 -5.07 7.52 -2.98
N ILE A 100 -4.81 6.21 -3.11
CA ILE A 100 -4.60 5.35 -1.94
C ILE A 100 -3.38 5.81 -1.17
N MET A 101 -2.31 6.02 -1.90
CA MET A 101 -1.06 6.42 -1.31
C MET A 101 -1.04 7.87 -0.88
N ARG A 102 -2.03 8.66 -1.33
CA ARG A 102 -2.08 10.06 -0.97
C ARG A 102 -2.13 10.22 0.55
N TRP A 103 -3.21 9.78 1.16
CA TRP A 103 -3.39 9.90 2.60
C TRP A 103 -2.41 9.03 3.38
N LEU A 104 -2.05 7.89 2.81
CA LEU A 104 -1.10 6.97 3.43
C LEU A 104 0.25 7.63 3.70
N PHE A 105 0.73 8.42 2.77
CA PHE A 105 2.02 9.06 2.93
C PHE A 105 1.92 10.45 3.50
N THR A 106 0.74 10.92 3.68
CA THR A 106 0.53 12.20 4.26
C THR A 106 0.48 12.05 5.79
N PRO A 107 1.40 12.73 6.51
CA PRO A 107 1.35 12.74 7.96
C PRO A 107 0.08 13.42 8.41
N ASP A 108 -0.66 12.78 9.28
CA ASP A 108 -1.93 13.33 9.71
C ASP A 108 -1.70 14.37 10.77
N PRO A 109 -2.23 15.59 10.56
CA PRO A 109 -2.02 16.74 11.45
C PRO A 109 -2.54 16.51 12.89
N SER A 110 -3.45 15.60 13.06
CA SER A 110 -4.02 15.40 14.35
C SER A 110 -3.58 14.08 14.95
N LEU A 111 -2.79 13.34 14.24
CA LEU A 111 -2.42 12.05 14.72
C LEU A 111 -1.02 12.04 15.29
N THR A 112 -0.92 11.53 16.47
CA THR A 112 0.31 11.38 17.17
C THR A 112 0.52 9.89 17.35
N ILE A 113 1.61 9.37 16.87
CA ILE A 113 1.81 7.94 16.89
C ILE A 113 3.13 7.61 17.52
N THR A 114 3.16 6.55 18.23
CA THR A 114 4.34 6.01 18.80
C THR A 114 4.79 4.90 17.86
N ARG A 115 6.01 4.94 17.40
CA ARG A 115 6.40 3.97 16.39
C ARG A 115 7.58 3.12 16.82
N ASP A 116 8.07 2.30 15.90
CA ASP A 116 9.14 1.37 16.17
C ASP A 116 10.48 2.02 15.88
N GLY A 117 11.39 1.94 16.80
CA GLY A 117 12.66 2.59 16.69
C GLY A 117 12.69 3.72 17.67
N SER A 118 11.90 4.72 17.40
CA SER A 118 11.69 5.76 18.33
C SER A 118 10.34 5.50 18.95
N ARG A 119 10.35 4.94 20.15
CA ARG A 119 9.13 4.51 20.79
C ARG A 119 8.32 5.64 21.40
N ASP A 120 8.82 6.81 21.26
CA ASP A 120 8.15 7.97 21.79
C ASP A 120 7.09 8.45 20.83
N ALA A 121 6.20 9.27 21.34
CA ALA A 121 5.13 9.82 20.55
C ALA A 121 5.67 10.79 19.51
N VAL A 122 5.37 10.53 18.29
CA VAL A 122 5.74 11.35 17.18
C VAL A 122 4.49 12.02 16.67
N SER A 123 4.49 13.31 16.70
CA SER A 123 3.36 14.06 16.23
C SER A 123 3.41 14.19 14.71
N ASN A 124 2.26 14.04 14.08
CA ASN A 124 2.10 14.12 12.65
C ASN A 124 2.78 12.94 11.98
N ALA A 125 2.27 11.76 12.22
CA ALA A 125 2.82 10.59 11.58
C ALA A 125 1.84 10.07 10.54
N ARG A 126 2.29 9.14 9.73
CA ARG A 126 1.50 8.60 8.64
C ARG A 126 0.69 7.41 9.12
N PRO A 127 -0.41 7.07 8.44
CA PRO A 127 -1.15 5.83 8.70
C PRO A 127 -0.22 4.61 8.48
N VAL A 128 0.78 4.81 7.63
CA VAL A 128 1.82 3.82 7.37
C VAL A 128 2.61 3.54 8.66
N ASP A 129 2.85 4.59 9.45
CA ASP A 129 3.51 4.42 10.74
C ASP A 129 2.58 3.70 11.68
N ALA A 130 1.32 4.10 11.66
CA ALA A 130 0.28 3.56 12.53
C ALA A 130 0.10 2.05 12.39
N LEU A 131 0.14 1.55 11.17
CA LEU A 131 -0.07 0.12 10.94
C LEU A 131 1.04 -0.73 11.58
N HIS A 132 2.28 -0.27 11.47
CA HIS A 132 3.41 -0.96 12.10
C HIS A 132 3.46 -0.69 13.59
N ALA A 133 2.72 0.31 14.00
CA ALA A 133 2.66 0.71 15.39
C ALA A 133 1.48 0.06 16.12
N HIS A 134 0.79 -0.85 15.41
CA HIS A 134 -0.39 -1.58 15.94
C HIS A 134 -1.58 -0.66 16.19
N GLN A 135 -1.63 0.40 15.42
CA GLN A 135 -2.73 1.36 15.47
C GLN A 135 -3.47 1.34 14.14
N ALA A 136 -3.33 0.19 13.46
CA ALA A 136 -3.92 -0.11 12.15
C ALA A 136 -5.44 0.10 12.12
N ARG A 137 -6.07 -0.07 13.27
CA ARG A 137 -7.52 0.15 13.41
C ARG A 137 -7.91 1.56 12.96
N GLU A 138 -7.06 2.53 13.27
CA GLU A 138 -7.29 3.90 12.86
C GLU A 138 -7.03 4.07 11.37
N VAL A 139 -6.14 3.27 10.84
CA VAL A 139 -5.82 3.32 9.41
C VAL A 139 -7.04 2.85 8.61
N VAL A 140 -7.59 1.71 9.03
CA VAL A 140 -8.77 1.15 8.38
C VAL A 140 -9.95 2.10 8.52
N ARG A 141 -10.16 2.59 9.73
CA ARG A 141 -11.23 3.54 10.04
C ARG A 141 -11.13 4.79 9.17
N ARG A 142 -9.94 5.33 9.08
CA ARG A 142 -9.70 6.55 8.34
C ARG A 142 -9.88 6.30 6.85
N ALA A 143 -9.51 5.10 6.40
CA ALA A 143 -9.71 4.70 5.02
C ALA A 143 -11.19 4.64 4.69
N GLN A 144 -11.97 4.06 5.62
CA GLN A 144 -13.44 3.99 5.50
C GLN A 144 -14.01 5.42 5.38
N ALA A 145 -13.51 6.31 6.21
CA ALA A 145 -13.94 7.71 6.26
C ALA A 145 -13.57 8.45 4.98
N MET A 146 -12.43 8.12 4.42
CA MET A 146 -11.96 8.74 3.18
C MET A 146 -12.80 8.24 2.01
N ALA A 147 -13.13 6.98 2.04
CA ALA A 147 -13.90 6.39 0.98
C ALA A 147 -15.36 6.79 1.01
N TYR A 148 -15.99 6.63 2.15
CA TYR A 148 -17.40 6.91 2.25
C TYR A 148 -17.61 8.24 2.96
N MET A 3 -15.49 -36.80 -15.28
CA MET A 3 -14.97 -37.09 -13.94
C MET A 3 -14.59 -35.79 -13.24
N PRO A 4 -15.06 -35.57 -12.01
CA PRO A 4 -14.75 -34.37 -11.25
C PRO A 4 -13.49 -34.59 -10.39
N GLY A 5 -13.11 -33.59 -9.64
CA GLY A 5 -12.00 -33.76 -8.74
C GLY A 5 -10.77 -33.00 -9.17
N ARG A 6 -10.69 -32.67 -10.44
CA ARG A 6 -9.55 -31.95 -10.95
C ARG A 6 -9.61 -30.50 -10.49
N ALA A 7 -8.50 -30.00 -10.00
CA ALA A 7 -8.42 -28.64 -9.54
C ALA A 7 -7.39 -27.86 -10.34
N PRO A 8 -7.85 -27.01 -11.28
CA PRO A 8 -6.96 -26.17 -12.09
C PRO A 8 -6.22 -25.14 -11.24
N GLY A 9 -5.13 -24.61 -11.77
CA GLY A 9 -4.31 -23.64 -11.06
C GLY A 9 -4.91 -22.25 -11.12
N SER A 10 -6.12 -22.14 -10.68
CA SER A 10 -6.82 -20.90 -10.64
C SER A 10 -7.20 -20.63 -9.20
N THR A 11 -6.47 -19.75 -8.56
CA THR A 11 -6.74 -19.39 -7.19
C THR A 11 -6.55 -17.88 -7.04
N LEU A 12 -6.46 -17.21 -8.15
CA LEU A 12 -6.16 -15.81 -8.14
C LEU A 12 -7.33 -14.99 -8.58
N ALA A 13 -7.45 -13.87 -7.97
CA ALA A 13 -8.47 -12.91 -8.29
C ALA A 13 -7.78 -11.69 -8.85
N ARG A 14 -7.68 -11.66 -10.14
CA ARG A 14 -6.95 -10.63 -10.86
C ARG A 14 -7.84 -9.43 -11.16
N VAL A 15 -8.84 -9.27 -10.36
CA VAL A 15 -9.80 -8.21 -10.53
C VAL A 15 -9.30 -6.93 -9.87
N GLY A 16 -8.31 -7.11 -9.03
CA GLY A 16 -7.72 -6.01 -8.31
C GLY A 16 -6.55 -5.46 -9.06
N SER A 17 -6.78 -5.06 -10.28
CA SER A 17 -5.74 -4.50 -11.08
C SER A 17 -5.77 -2.98 -10.93
N ILE A 18 -4.81 -2.45 -10.21
CA ILE A 18 -4.74 -1.03 -10.01
C ILE A 18 -3.61 -0.47 -10.87
N PRO A 19 -3.92 0.46 -11.78
CA PRO A 19 -2.89 1.09 -12.62
C PRO A 19 -1.95 1.96 -11.79
N ALA A 20 -0.69 1.94 -12.14
CA ALA A 20 0.31 2.73 -11.44
C ALA A 20 0.35 4.15 -12.01
N GLY A 21 0.20 5.13 -11.15
CA GLY A 21 0.23 6.49 -11.58
C GLY A 21 1.38 7.25 -10.95
N ASP A 22 1.11 8.00 -9.91
CA ASP A 22 2.12 8.87 -9.31
C ASP A 22 2.56 8.38 -7.96
N ASP A 23 3.86 8.40 -7.76
CA ASP A 23 4.47 8.05 -6.49
C ASP A 23 4.34 9.21 -5.51
N VAL A 24 4.19 8.90 -4.25
CA VAL A 24 3.94 9.90 -3.23
C VAL A 24 5.13 10.01 -2.23
N LEU A 25 6.01 9.02 -2.22
CA LEU A 25 7.13 9.09 -1.30
C LEU A 25 8.32 9.79 -1.93
N ASP A 26 9.39 9.92 -1.20
CA ASP A 26 10.61 10.44 -1.77
C ASP A 26 11.54 9.27 -1.94
N PRO A 27 12.26 9.16 -3.08
CA PRO A 27 13.20 8.04 -3.33
C PRO A 27 14.24 7.82 -2.22
N ASP A 28 14.50 8.84 -1.40
CA ASP A 28 15.43 8.70 -0.28
C ASP A 28 14.79 7.85 0.84
N GLU A 29 13.47 7.83 0.88
CA GLU A 29 12.74 7.02 1.85
C GLU A 29 12.80 5.56 1.39
N PRO A 30 12.72 4.59 2.32
CA PRO A 30 12.80 3.16 1.99
C PRO A 30 11.74 2.72 0.94
N THR A 31 12.21 2.38 -0.23
CA THR A 31 11.35 1.95 -1.31
C THR A 31 11.83 0.56 -1.80
N TYR A 32 11.03 -0.08 -2.62
CA TYR A 32 11.36 -1.31 -3.30
C TYR A 32 11.07 -1.09 -4.74
N ASP A 33 11.62 -1.89 -5.56
CA ASP A 33 11.55 -1.71 -6.98
C ASP A 33 11.23 -3.09 -7.52
N LEU A 34 10.88 -3.20 -8.77
CA LEU A 34 10.41 -4.47 -9.35
C LEU A 34 11.37 -5.65 -9.09
N PRO A 35 12.67 -5.57 -9.49
CA PRO A 35 13.64 -6.63 -9.21
C PRO A 35 13.85 -6.81 -7.70
N ARG A 36 13.73 -5.71 -6.94
CA ARG A 36 13.94 -5.73 -5.49
C ARG A 36 12.84 -6.46 -4.75
N VAL A 37 11.61 -6.33 -5.22
CA VAL A 37 10.50 -7.04 -4.57
C VAL A 37 10.64 -8.52 -4.86
N ALA A 38 10.99 -8.81 -6.09
CA ALA A 38 11.23 -10.18 -6.52
C ALA A 38 12.39 -10.76 -5.71
N GLU A 39 13.38 -9.93 -5.49
CA GLU A 39 14.58 -10.25 -4.74
C GLU A 39 14.23 -10.54 -3.27
N LEU A 40 13.40 -9.68 -2.72
CA LEU A 40 13.00 -9.74 -1.32
C LEU A 40 12.18 -10.98 -1.03
N LEU A 41 11.17 -11.21 -1.84
CA LEU A 41 10.24 -12.31 -1.61
C LEU A 41 10.74 -13.63 -2.17
N GLY A 42 11.82 -13.55 -2.94
CA GLY A 42 12.40 -14.74 -3.55
C GLY A 42 11.49 -15.33 -4.61
N VAL A 43 10.74 -14.46 -5.24
CA VAL A 43 9.80 -14.86 -6.28
C VAL A 43 10.13 -14.11 -7.56
N PRO A 44 9.68 -14.57 -8.72
CA PRO A 44 9.91 -13.85 -9.97
C PRO A 44 8.98 -12.64 -10.07
N VAL A 45 9.36 -11.69 -10.93
CA VAL A 45 8.58 -10.48 -11.18
C VAL A 45 7.17 -10.83 -11.66
N SER A 46 7.05 -11.94 -12.38
CA SER A 46 5.76 -12.42 -12.85
C SER A 46 4.80 -12.67 -11.65
N LYS A 47 5.32 -13.27 -10.57
CA LYS A 47 4.50 -13.50 -9.39
C LYS A 47 4.18 -12.17 -8.68
N VAL A 48 5.12 -11.24 -8.76
CA VAL A 48 4.92 -9.89 -8.22
C VAL A 48 3.75 -9.22 -8.95
N ALA A 49 3.73 -9.37 -10.27
CA ALA A 49 2.66 -8.84 -11.08
C ALA A 49 1.32 -9.45 -10.67
N GLN A 50 1.35 -10.73 -10.30
CA GLN A 50 0.15 -11.41 -9.86
C GLN A 50 -0.34 -10.92 -8.52
N GLN A 51 0.56 -10.67 -7.58
CA GLN A 51 0.14 -10.15 -6.28
C GLN A 51 -0.39 -8.73 -6.43
N LEU A 52 0.20 -7.99 -7.36
CA LEU A 52 -0.28 -6.66 -7.69
C LEU A 52 -1.71 -6.78 -8.25
N ARG A 53 -1.95 -7.81 -9.04
CA ARG A 53 -3.27 -8.07 -9.65
C ARG A 53 -4.30 -8.56 -8.62
N GLU A 54 -3.84 -9.09 -7.49
CA GLU A 54 -4.76 -9.59 -6.46
C GLU A 54 -5.37 -8.44 -5.68
N GLY A 55 -4.81 -7.24 -5.85
CA GLY A 55 -5.17 -6.14 -4.99
C GLY A 55 -4.56 -6.39 -3.62
N HIS A 56 -3.44 -7.06 -3.68
CA HIS A 56 -2.68 -7.49 -2.52
C HIS A 56 -1.57 -6.49 -2.27
N LEU A 57 -1.08 -5.91 -3.34
CA LEU A 57 -0.01 -4.95 -3.28
C LEU A 57 -0.17 -4.03 -4.48
N VAL A 58 0.31 -2.79 -4.39
CA VAL A 58 0.24 -1.86 -5.51
C VAL A 58 1.60 -1.23 -5.75
N ALA A 59 1.77 -0.68 -6.92
CA ALA A 59 3.01 -0.08 -7.31
C ALA A 59 2.73 1.31 -7.87
N VAL A 60 3.70 2.17 -7.79
CA VAL A 60 3.60 3.54 -8.28
C VAL A 60 4.79 3.88 -9.17
N ARG A 61 4.69 4.96 -9.89
CA ARG A 61 5.74 5.35 -10.81
C ARG A 61 6.34 6.69 -10.41
N ARG A 62 7.66 6.76 -10.42
CA ARG A 62 8.36 8.03 -10.24
C ARG A 62 9.53 8.06 -11.20
N ALA A 63 9.62 9.13 -12.00
CA ALA A 63 10.64 9.33 -13.03
C ALA A 63 10.64 8.19 -14.07
N GLY A 64 9.52 7.49 -14.16
CA GLY A 64 9.40 6.39 -15.09
C GLY A 64 9.74 5.06 -14.47
N GLY A 65 10.08 5.07 -13.21
CA GLY A 65 10.39 3.86 -12.51
C GLY A 65 9.22 3.39 -11.70
N VAL A 66 8.95 2.11 -11.77
CA VAL A 66 7.83 1.51 -11.07
C VAL A 66 8.37 0.92 -9.78
N VAL A 67 7.85 1.38 -8.68
CA VAL A 67 8.32 0.99 -7.38
C VAL A 67 7.18 0.69 -6.45
N ILE A 68 7.51 -0.01 -5.41
CA ILE A 68 6.60 -0.38 -4.38
C ILE A 68 7.20 0.12 -3.06
N PRO A 69 6.50 0.98 -2.34
CA PRO A 69 6.99 1.49 -1.04
C PRO A 69 7.36 0.35 -0.06
N GLN A 70 8.59 0.37 0.43
CA GLN A 70 9.11 -0.64 1.36
C GLN A 70 8.36 -0.61 2.68
N VAL A 71 7.81 0.54 2.97
CA VAL A 71 7.01 0.78 4.15
C VAL A 71 5.68 -0.03 4.12
N PHE A 72 5.33 -0.59 2.94
CA PHE A 72 4.14 -1.46 2.79
C PHE A 72 4.44 -2.85 3.32
N PHE A 73 5.69 -3.09 3.58
CA PHE A 73 6.15 -4.33 4.12
C PHE A 73 6.51 -4.09 5.56
N THR A 74 6.36 -5.10 6.38
CA THR A 74 6.69 -5.00 7.77
C THR A 74 8.21 -5.08 7.93
N ASN A 75 8.68 -4.92 9.15
CA ASN A 75 10.11 -5.04 9.46
C ASN A 75 10.61 -6.48 9.13
N SER A 76 9.67 -7.42 9.12
CA SER A 76 9.96 -8.83 8.83
C SER A 76 9.99 -9.11 7.31
N GLY A 77 9.78 -8.09 6.49
CA GLY A 77 9.81 -8.25 5.04
C GLY A 77 8.58 -8.96 4.51
N GLN A 78 7.48 -8.83 5.22
CA GLN A 78 6.23 -9.42 4.80
C GLN A 78 5.27 -8.33 4.48
N VAL A 79 4.33 -8.59 3.60
CA VAL A 79 3.30 -7.63 3.29
C VAL A 79 2.38 -7.53 4.50
N VAL A 80 2.02 -6.32 4.87
CA VAL A 80 1.12 -6.09 5.99
C VAL A 80 -0.22 -6.78 5.71
N LYS A 81 -0.76 -7.48 6.70
CA LYS A 81 -2.01 -8.23 6.54
C LYS A 81 -3.19 -7.36 6.11
N SER A 82 -3.17 -6.12 6.54
CA SER A 82 -4.22 -5.18 6.21
C SER A 82 -3.91 -4.42 4.92
N LEU A 83 -2.80 -4.76 4.25
CA LEU A 83 -2.43 -4.10 3.01
C LEU A 83 -3.50 -4.37 1.93
N PRO A 84 -3.85 -5.68 1.64
CA PRO A 84 -4.89 -5.97 0.66
C PRO A 84 -6.23 -5.42 1.12
N GLY A 85 -6.42 -5.37 2.43
CA GLY A 85 -7.65 -4.89 2.99
C GLY A 85 -7.89 -3.42 2.70
N LEU A 86 -6.85 -2.61 2.86
CA LEU A 86 -6.96 -1.17 2.60
C LEU A 86 -7.17 -0.92 1.11
N LEU A 87 -6.47 -1.69 0.30
CA LEU A 87 -6.59 -1.57 -1.13
C LEU A 87 -7.99 -1.92 -1.57
N THR A 88 -8.50 -3.01 -1.04
CA THR A 88 -9.83 -3.51 -1.41
C THR A 88 -10.95 -2.50 -1.08
N ILE A 89 -10.87 -1.85 0.08
CA ILE A 89 -11.88 -0.90 0.49
C ILE A 89 -11.88 0.35 -0.44
N LEU A 90 -10.71 0.90 -0.69
CA LEU A 90 -10.58 2.04 -1.63
C LEU A 90 -10.87 1.67 -3.07
N HIS A 91 -10.49 0.46 -3.46
CA HIS A 91 -10.65 -0.05 -4.83
C HIS A 91 -12.12 -0.06 -5.22
N ASP A 92 -12.97 -0.48 -4.29
CA ASP A 92 -14.42 -0.49 -4.53
C ASP A 92 -14.95 0.92 -4.66
N GLY A 93 -14.30 1.85 -3.97
CA GLY A 93 -14.70 3.24 -4.03
C GLY A 93 -14.20 3.94 -5.28
N GLY A 94 -13.33 3.28 -6.03
CA GLY A 94 -12.81 3.83 -7.26
C GLY A 94 -11.66 4.79 -7.06
N TYR A 95 -10.96 4.66 -5.95
CA TYR A 95 -9.86 5.54 -5.65
C TYR A 95 -8.57 5.00 -6.20
N ARG A 96 -7.83 5.86 -6.86
CA ARG A 96 -6.61 5.45 -7.52
C ARG A 96 -5.44 5.28 -6.57
N ASP A 97 -4.39 4.71 -7.12
CA ASP A 97 -3.13 4.37 -6.44
C ASP A 97 -2.52 5.56 -5.73
N THR A 98 -2.49 6.67 -6.42
CA THR A 98 -1.93 7.88 -5.92
C THR A 98 -2.73 8.38 -4.72
N GLU A 99 -4.06 8.27 -4.80
CA GLU A 99 -4.93 8.70 -3.71
C GLU A 99 -4.73 7.85 -2.47
N ILE A 100 -4.49 6.54 -2.66
CA ILE A 100 -4.32 5.64 -1.53
C ILE A 100 -3.11 6.10 -0.73
N MET A 101 -2.04 6.33 -1.45
CA MET A 101 -0.79 6.74 -0.85
C MET A 101 -0.82 8.19 -0.42
N ARG A 102 -1.75 8.95 -0.96
CA ARG A 102 -1.88 10.38 -0.66
C ARG A 102 -2.08 10.57 0.83
N TRP A 103 -3.21 10.10 1.35
CA TRP A 103 -3.47 10.20 2.78
C TRP A 103 -2.56 9.31 3.60
N LEU A 104 -2.17 8.17 3.06
CA LEU A 104 -1.29 7.24 3.73
C LEU A 104 0.06 7.86 4.10
N PHE A 105 0.60 8.66 3.20
CA PHE A 105 1.88 9.30 3.45
C PHE A 105 1.74 10.67 4.06
N THR A 106 0.54 11.19 4.07
CA THR A 106 0.28 12.47 4.67
C THR A 106 0.01 12.29 6.17
N PRO A 107 0.76 13.01 7.02
CA PRO A 107 0.52 13.00 8.46
C PRO A 107 -0.91 13.41 8.78
N ASP A 108 -1.58 12.64 9.58
CA ASP A 108 -2.94 12.96 9.94
C ASP A 108 -2.92 13.81 11.19
N PRO A 109 -3.53 15.01 11.14
CA PRO A 109 -3.52 15.96 12.25
C PRO A 109 -4.16 15.43 13.51
N SER A 110 -5.04 14.47 13.37
CA SER A 110 -5.78 13.95 14.49
C SER A 110 -5.22 12.59 14.95
N LEU A 111 -4.14 12.15 14.32
CA LEU A 111 -3.60 10.85 14.62
C LEU A 111 -2.39 10.96 15.54
N THR A 112 -2.48 10.29 16.64
CA THR A 112 -1.41 10.24 17.60
C THR A 112 -1.19 8.78 17.97
N ILE A 113 -0.10 8.23 17.56
CA ILE A 113 0.16 6.82 17.74
C ILE A 113 1.56 6.56 18.21
N THR A 114 1.74 5.44 18.81
CA THR A 114 3.03 4.94 19.11
C THR A 114 3.45 4.13 17.90
N ARG A 115 4.68 4.28 17.48
CA ARG A 115 5.11 3.64 16.26
C ARG A 115 5.94 2.42 16.60
N ASP A 116 6.17 1.59 15.62
CA ASP A 116 6.96 0.39 15.80
C ASP A 116 8.43 0.78 15.82
N GLY A 117 8.90 1.16 17.00
CA GLY A 117 10.25 1.64 17.17
C GLY A 117 10.32 2.82 18.14
N SER A 118 9.17 3.27 18.60
CA SER A 118 9.09 4.34 19.57
C SER A 118 7.85 4.14 20.42
N ARG A 119 8.04 3.84 21.70
CA ARG A 119 6.93 3.60 22.63
C ARG A 119 6.16 4.89 22.89
N ASP A 120 6.83 6.00 22.68
CA ASP A 120 6.22 7.31 22.80
C ASP A 120 5.23 7.53 21.67
N ALA A 121 4.32 8.45 21.88
CA ALA A 121 3.29 8.71 20.94
C ALA A 121 3.66 9.88 20.04
N VAL A 122 3.64 9.63 18.77
CA VAL A 122 3.93 10.62 17.77
C VAL A 122 2.63 11.21 17.28
N SER A 123 2.50 12.49 17.44
CA SER A 123 1.33 13.19 17.01
C SER A 123 1.60 13.65 15.57
N ASN A 124 0.53 13.73 14.75
CA ASN A 124 0.62 14.14 13.34
C ASN A 124 1.43 13.07 12.59
N ALA A 125 1.11 11.82 12.86
CA ALA A 125 1.80 10.70 12.27
C ALA A 125 1.15 10.30 10.96
N ARG A 126 1.88 9.58 10.14
CA ARG A 126 1.37 9.20 8.84
C ARG A 126 0.80 7.77 8.91
N PRO A 127 -0.41 7.55 8.38
CA PRO A 127 -1.11 6.24 8.39
C PRO A 127 -0.26 5.02 7.91
N VAL A 128 0.70 5.24 7.00
CA VAL A 128 1.57 4.13 6.57
C VAL A 128 2.36 3.59 7.75
N ASP A 129 2.86 4.49 8.55
CA ASP A 129 3.70 4.13 9.67
C ASP A 129 2.83 3.40 10.69
N ALA A 130 1.58 3.82 10.76
CA ALA A 130 0.59 3.22 11.63
C ALA A 130 0.32 1.75 11.25
N LEU A 131 0.08 1.48 9.97
CA LEU A 131 -0.20 0.11 9.52
C LEU A 131 1.02 -0.78 9.70
N HIS A 132 2.19 -0.19 9.51
CA HIS A 132 3.47 -0.86 9.68
C HIS A 132 3.69 -1.18 11.17
N ALA A 133 3.02 -0.41 12.00
CA ALA A 133 3.08 -0.58 13.44
C ALA A 133 1.92 -1.42 13.96
N HIS A 134 1.15 -1.97 13.02
CA HIS A 134 -0.01 -2.80 13.33
C HIS A 134 -1.13 -1.99 14.00
N GLN A 135 -1.19 -0.72 13.66
CA GLN A 135 -2.24 0.22 14.10
C GLN A 135 -3.21 0.38 12.92
N ALA A 136 -3.19 -0.63 12.06
CA ALA A 136 -3.90 -0.68 10.79
C ALA A 136 -5.41 -0.44 10.90
N ARG A 137 -6.02 -0.81 12.01
CA ARG A 137 -7.47 -0.63 12.21
C ARG A 137 -7.88 0.84 12.05
N GLU A 138 -7.09 1.71 12.62
CA GLU A 138 -7.35 3.13 12.56
C GLU A 138 -7.05 3.69 11.16
N VAL A 139 -6.16 3.01 10.46
CA VAL A 139 -5.84 3.37 9.08
C VAL A 139 -7.04 3.04 8.19
N VAL A 140 -7.64 1.89 8.46
CA VAL A 140 -8.85 1.45 7.78
C VAL A 140 -9.98 2.47 8.01
N ARG A 141 -10.09 2.95 9.24
CA ARG A 141 -11.10 3.94 9.61
C ARG A 141 -10.90 5.24 8.79
N ARG A 142 -9.64 5.62 8.60
CA ARG A 142 -9.25 6.80 7.83
C ARG A 142 -9.64 6.55 6.34
N ALA A 143 -9.41 5.34 5.90
CA ALA A 143 -9.73 4.89 4.56
C ALA A 143 -11.25 4.95 4.32
N GLN A 144 -12.01 4.47 5.31
CA GLN A 144 -13.48 4.52 5.28
C GLN A 144 -13.96 5.95 5.14
N ALA A 145 -13.25 6.87 5.76
CA ALA A 145 -13.58 8.28 5.70
C ALA A 145 -13.45 8.83 4.27
N MET A 146 -12.48 8.32 3.53
CA MET A 146 -12.35 8.73 2.14
C MET A 146 -13.32 7.98 1.21
N ALA A 147 -13.42 6.67 1.37
CA ALA A 147 -14.22 5.86 0.45
C ALA A 147 -15.72 6.09 0.58
N TYR A 148 -16.19 6.34 1.77
CA TYR A 148 -17.60 6.54 1.98
C TYR A 148 -17.87 8.01 2.15
N MET A 3 -40.69 -11.66 -15.08
CA MET A 3 -40.19 -13.02 -15.28
C MET A 3 -38.68 -13.02 -15.23
N PRO A 4 -38.08 -13.30 -14.06
CA PRO A 4 -36.62 -13.32 -13.89
C PRO A 4 -35.98 -14.49 -14.65
N GLY A 5 -35.21 -14.16 -15.64
CA GLY A 5 -34.53 -15.17 -16.41
C GLY A 5 -33.10 -15.32 -15.98
N ARG A 6 -32.30 -15.97 -16.79
CA ARG A 6 -30.88 -16.12 -16.50
C ARG A 6 -30.21 -14.79 -16.73
N ALA A 7 -29.39 -14.39 -15.81
CA ALA A 7 -28.70 -13.13 -15.92
C ALA A 7 -27.26 -13.36 -16.34
N PRO A 8 -26.91 -13.08 -17.61
CA PRO A 8 -25.54 -13.23 -18.08
C PRO A 8 -24.63 -12.17 -17.49
N GLY A 9 -23.41 -12.55 -17.20
CA GLY A 9 -22.51 -11.64 -16.62
C GLY A 9 -21.81 -10.87 -17.68
N SER A 10 -20.91 -10.10 -17.27
CA SER A 10 -20.18 -9.24 -18.16
C SER A 10 -18.86 -9.90 -18.55
N THR A 11 -18.04 -9.16 -19.27
CA THR A 11 -16.71 -9.58 -19.64
C THR A 11 -15.88 -9.80 -18.36
N LEU A 12 -14.89 -10.67 -18.42
CA LEU A 12 -14.00 -10.91 -17.29
C LEU A 12 -13.24 -9.65 -16.99
N ALA A 13 -13.65 -8.98 -15.97
CA ALA A 13 -13.06 -7.74 -15.59
C ALA A 13 -11.90 -8.00 -14.68
N ARG A 14 -10.77 -7.49 -15.04
CA ARG A 14 -9.59 -7.64 -14.23
C ARG A 14 -9.64 -6.63 -13.11
N VAL A 15 -10.10 -7.09 -11.96
CA VAL A 15 -10.29 -6.28 -10.83
C VAL A 15 -9.12 -6.37 -9.90
N GLY A 16 -8.73 -5.26 -9.44
CA GLY A 16 -7.58 -5.13 -8.58
C GLY A 16 -6.41 -4.61 -9.36
N SER A 17 -6.63 -4.34 -10.61
CA SER A 17 -5.61 -3.86 -11.46
C SER A 17 -5.59 -2.33 -11.46
N ILE A 18 -4.81 -1.78 -10.58
CA ILE A 18 -4.63 -0.35 -10.55
C ILE A 18 -3.24 -0.05 -11.12
N PRO A 19 -3.16 0.72 -12.22
CA PRO A 19 -1.88 1.13 -12.79
C PRO A 19 -1.23 2.20 -11.92
N ALA A 20 0.03 2.46 -12.12
CA ALA A 20 0.75 3.42 -11.34
C ALA A 20 0.60 4.82 -11.94
N GLY A 21 0.31 5.78 -11.10
CA GLY A 21 0.19 7.15 -11.53
C GLY A 21 1.41 7.94 -11.14
N ASP A 22 1.41 8.48 -9.94
CA ASP A 22 2.55 9.19 -9.44
C ASP A 22 2.77 8.90 -7.97
N ASP A 23 3.97 9.13 -7.51
CA ASP A 23 4.40 8.79 -6.15
C ASP A 23 4.22 9.94 -5.17
N VAL A 24 3.73 9.62 -4.00
CA VAL A 24 3.42 10.61 -2.98
C VAL A 24 4.51 10.71 -1.93
N LEU A 25 5.26 9.64 -1.71
CA LEU A 25 6.30 9.70 -0.72
C LEU A 25 7.54 10.39 -1.28
N ASP A 26 8.57 10.51 -0.51
CA ASP A 26 9.75 11.18 -0.96
C ASP A 26 10.76 10.13 -1.36
N PRO A 27 11.62 10.40 -2.37
CA PRO A 27 12.69 9.49 -2.76
C PRO A 27 13.58 9.03 -1.57
N ASP A 28 13.56 9.80 -0.48
CA ASP A 28 14.28 9.46 0.73
C ASP A 28 13.69 8.19 1.37
N GLU A 29 12.41 7.95 1.13
CA GLU A 29 11.81 6.70 1.54
C GLU A 29 12.22 5.63 0.52
N PRO A 30 12.82 4.52 0.98
CA PRO A 30 13.31 3.48 0.09
C PRO A 30 12.18 2.77 -0.68
N THR A 31 12.44 2.49 -1.93
CA THR A 31 11.47 1.84 -2.76
C THR A 31 11.93 0.49 -3.29
N TYR A 32 10.98 -0.32 -3.63
CA TYR A 32 11.16 -1.61 -4.22
C TYR A 32 10.71 -1.55 -5.65
N ASP A 33 11.13 -2.50 -6.40
CA ASP A 33 10.84 -2.61 -7.82
C ASP A 33 10.47 -4.06 -8.02
N LEU A 34 9.87 -4.40 -9.15
CA LEU A 34 9.37 -5.76 -9.40
C LEU A 34 10.41 -6.89 -9.10
N PRO A 35 11.63 -6.87 -9.73
CA PRO A 35 12.66 -7.90 -9.44
C PRO A 35 13.14 -7.86 -7.98
N ARG A 36 13.13 -6.67 -7.40
CA ARG A 36 13.58 -6.44 -6.05
C ARG A 36 12.59 -7.04 -5.05
N VAL A 37 11.30 -6.94 -5.34
CA VAL A 37 10.27 -7.51 -4.48
C VAL A 37 10.34 -9.01 -4.54
N ALA A 38 10.59 -9.52 -5.73
CA ALA A 38 10.74 -10.94 -5.96
C ALA A 38 11.88 -11.48 -5.11
N GLU A 39 12.95 -10.72 -5.12
CA GLU A 39 14.17 -11.00 -4.40
C GLU A 39 13.89 -11.02 -2.89
N LEU A 40 13.14 -10.02 -2.44
CA LEU A 40 12.77 -9.85 -1.05
C LEU A 40 11.87 -10.98 -0.56
N LEU A 41 10.85 -11.29 -1.34
CA LEU A 41 9.87 -12.28 -0.93
C LEU A 41 10.31 -13.70 -1.19
N GLY A 42 11.29 -13.87 -2.05
CA GLY A 42 11.77 -15.18 -2.39
C GLY A 42 10.83 -15.88 -3.35
N VAL A 43 10.16 -15.08 -4.16
CA VAL A 43 9.21 -15.58 -5.15
C VAL A 43 9.63 -15.05 -6.52
N PRO A 44 9.17 -15.63 -7.64
CA PRO A 44 9.53 -15.13 -8.96
C PRO A 44 8.91 -13.75 -9.25
N VAL A 45 9.55 -13.02 -10.16
CA VAL A 45 9.12 -11.67 -10.55
C VAL A 45 7.70 -11.72 -11.13
N SER A 46 7.43 -12.78 -11.88
CA SER A 46 6.14 -12.97 -12.48
C SER A 46 5.04 -13.07 -11.40
N LYS A 47 5.36 -13.66 -10.23
CA LYS A 47 4.40 -13.78 -9.15
C LYS A 47 4.10 -12.42 -8.57
N VAL A 48 5.13 -11.60 -8.45
CA VAL A 48 4.98 -10.24 -7.94
C VAL A 48 4.03 -9.45 -8.84
N ALA A 49 4.21 -9.64 -10.15
CA ALA A 49 3.36 -9.02 -11.15
C ALA A 49 1.90 -9.48 -10.98
N GLN A 50 1.73 -10.75 -10.62
CA GLN A 50 0.39 -11.32 -10.41
C GLN A 50 -0.29 -10.65 -9.21
N GLN A 51 0.48 -10.46 -8.13
CA GLN A 51 -0.03 -9.86 -6.88
C GLN A 51 -0.49 -8.44 -7.15
N LEU A 52 0.32 -7.74 -7.90
CA LEU A 52 0.07 -6.34 -8.26
C LEU A 52 -1.24 -6.23 -9.06
N ARG A 53 -1.44 -7.16 -9.95
CA ARG A 53 -2.63 -7.21 -10.80
C ARG A 53 -3.90 -7.59 -10.02
N GLU A 54 -3.73 -8.25 -8.88
CA GLU A 54 -4.88 -8.64 -8.06
C GLU A 54 -5.26 -7.56 -7.09
N GLY A 55 -4.41 -6.57 -6.96
CA GLY A 55 -4.64 -5.54 -5.99
C GLY A 55 -4.30 -6.03 -4.61
N HIS A 56 -3.31 -6.90 -4.55
CA HIS A 56 -2.85 -7.45 -3.30
C HIS A 56 -1.68 -6.58 -2.82
N LEU A 57 -1.20 -5.77 -3.75
CA LEU A 57 -0.12 -4.85 -3.56
C LEU A 57 -0.31 -3.79 -4.64
N VAL A 58 0.15 -2.58 -4.40
CA VAL A 58 0.01 -1.53 -5.38
C VAL A 58 1.32 -0.78 -5.50
N ALA A 59 1.56 -0.22 -6.66
CA ALA A 59 2.80 0.47 -6.95
C ALA A 59 2.50 1.87 -7.47
N VAL A 60 3.51 2.70 -7.43
CA VAL A 60 3.43 4.06 -7.92
C VAL A 60 4.55 4.31 -8.89
N ARG A 61 4.48 5.38 -9.63
CA ARG A 61 5.45 5.65 -10.64
C ARG A 61 6.15 6.98 -10.37
N ARG A 62 7.46 6.97 -10.43
CA ARG A 62 8.25 8.17 -10.29
C ARG A 62 9.49 8.03 -11.14
N ALA A 63 9.86 9.10 -11.82
CA ALA A 63 11.03 9.16 -12.70
C ALA A 63 10.91 8.17 -13.87
N GLY A 64 9.70 7.74 -14.12
CA GLY A 64 9.44 6.80 -15.18
C GLY A 64 9.47 5.37 -14.71
N GLY A 65 9.81 5.17 -13.46
CA GLY A 65 9.90 3.83 -12.92
C GLY A 65 8.74 3.51 -12.04
N VAL A 66 8.30 2.28 -12.08
CA VAL A 66 7.21 1.83 -11.27
C VAL A 66 7.81 1.16 -10.04
N VAL A 67 7.49 1.68 -8.91
CA VAL A 67 8.09 1.24 -7.67
C VAL A 67 7.05 1.03 -6.59
N ILE A 68 7.38 0.18 -5.67
CA ILE A 68 6.54 -0.14 -4.54
C ILE A 68 7.23 0.37 -3.28
N PRO A 69 6.61 1.27 -2.52
CA PRO A 69 7.17 1.77 -1.27
C PRO A 69 7.55 0.62 -0.30
N GLN A 70 8.79 0.64 0.23
CA GLN A 70 9.28 -0.38 1.17
C GLN A 70 8.41 -0.46 2.43
N VAL A 71 7.75 0.63 2.73
CA VAL A 71 6.87 0.73 3.91
C VAL A 71 5.58 -0.10 3.74
N PHE A 72 5.38 -0.70 2.57
CA PHE A 72 4.26 -1.61 2.33
C PHE A 72 4.61 -3.00 2.82
N PHE A 73 5.82 -3.13 3.26
CA PHE A 73 6.33 -4.33 3.79
C PHE A 73 6.81 -4.01 5.19
N THR A 74 6.92 -4.99 5.99
CA THR A 74 7.37 -4.80 7.33
C THR A 74 8.88 -4.99 7.36
N ASN A 75 9.50 -4.54 8.43
CA ASN A 75 10.94 -4.69 8.62
C ASN A 75 11.29 -6.19 8.76
N SER A 76 10.28 -7.00 9.01
CA SER A 76 10.44 -8.42 9.21
C SER A 76 10.58 -9.16 7.85
N GLY A 77 10.51 -8.41 6.74
CA GLY A 77 10.66 -9.01 5.43
C GLY A 77 9.39 -9.67 4.96
N GLN A 78 8.29 -9.20 5.49
CA GLN A 78 6.97 -9.72 5.15
C GLN A 78 6.12 -8.56 4.72
N VAL A 79 5.22 -8.76 3.78
CA VAL A 79 4.31 -7.70 3.36
C VAL A 79 3.32 -7.44 4.52
N VAL A 80 2.75 -6.26 4.59
CA VAL A 80 1.77 -6.00 5.63
C VAL A 80 0.51 -6.81 5.31
N LYS A 81 0.25 -7.78 6.13
CA LYS A 81 -0.85 -8.73 5.97
C LYS A 81 -2.23 -8.07 5.85
N SER A 82 -2.45 -6.99 6.55
CA SER A 82 -3.75 -6.32 6.52
C SER A 82 -3.81 -5.24 5.42
N LEU A 83 -2.69 -5.04 4.76
CA LEU A 83 -2.56 -4.01 3.73
C LEU A 83 -3.44 -4.27 2.48
N PRO A 84 -3.46 -5.52 1.89
CA PRO A 84 -4.35 -5.82 0.75
C PRO A 84 -5.82 -5.50 1.07
N GLY A 85 -6.16 -5.59 2.36
CA GLY A 85 -7.49 -5.30 2.83
C GLY A 85 -7.86 -3.84 2.62
N LEU A 86 -6.90 -2.93 2.83
CA LEU A 86 -7.16 -1.51 2.61
C LEU A 86 -7.37 -1.26 1.13
N LEU A 87 -6.57 -1.93 0.31
CA LEU A 87 -6.67 -1.82 -1.14
C LEU A 87 -8.03 -2.30 -1.61
N THR A 88 -8.57 -3.27 -0.91
CA THR A 88 -9.89 -3.82 -1.22
C THR A 88 -10.97 -2.73 -1.07
N ILE A 89 -10.97 -2.04 0.08
CA ILE A 89 -11.96 -1.01 0.35
C ILE A 89 -11.78 0.20 -0.60
N LEU A 90 -10.54 0.59 -0.87
CA LEU A 90 -10.30 1.68 -1.82
C LEU A 90 -10.68 1.31 -3.24
N HIS A 91 -10.48 0.05 -3.61
CA HIS A 91 -10.89 -0.44 -4.93
C HIS A 91 -12.40 -0.30 -5.07
N ASP A 92 -13.11 -0.62 -3.99
CA ASP A 92 -14.58 -0.51 -3.97
C ASP A 92 -15.01 0.94 -4.09
N GLY A 93 -14.20 1.84 -3.57
CA GLY A 93 -14.52 3.25 -3.60
C GLY A 93 -14.01 3.92 -4.86
N GLY A 94 -13.19 3.20 -5.61
CA GLY A 94 -12.67 3.67 -6.86
C GLY A 94 -11.54 4.68 -6.72
N TYR A 95 -10.57 4.38 -5.91
CA TYR A 95 -9.44 5.28 -5.73
C TYR A 95 -8.17 4.70 -6.34
N ARG A 96 -7.40 5.55 -6.98
CA ARG A 96 -6.15 5.15 -7.63
C ARG A 96 -4.99 5.06 -6.64
N ASP A 97 -3.88 4.53 -7.13
CA ASP A 97 -2.64 4.28 -6.37
C ASP A 97 -2.12 5.54 -5.68
N THR A 98 -2.12 6.64 -6.40
CA THR A 98 -1.67 7.91 -5.91
C THR A 98 -2.56 8.36 -4.74
N GLU A 99 -3.86 8.14 -4.88
CA GLU A 99 -4.82 8.49 -3.86
C GLU A 99 -4.58 7.71 -2.59
N ILE A 100 -4.23 6.44 -2.74
CA ILE A 100 -3.98 5.58 -1.59
C ILE A 100 -2.82 6.17 -0.79
N MET A 101 -1.77 6.51 -1.51
CA MET A 101 -0.55 7.02 -0.92
C MET A 101 -0.76 8.40 -0.30
N ARG A 102 -1.74 9.15 -0.81
CA ARG A 102 -2.01 10.50 -0.38
C ARG A 102 -2.17 10.61 1.13
N TRP A 103 -3.25 10.11 1.65
CA TRP A 103 -3.52 10.16 3.08
C TRP A 103 -2.58 9.28 3.87
N LEU A 104 -2.13 8.18 3.27
CA LEU A 104 -1.20 7.26 3.92
C LEU A 104 0.08 7.96 4.36
N PHE A 105 0.58 8.84 3.54
CA PHE A 105 1.82 9.51 3.84
C PHE A 105 1.63 10.91 4.34
N THR A 106 0.40 11.32 4.49
CA THR A 106 0.11 12.59 5.11
C THR A 106 -0.03 12.41 6.63
N PRO A 107 0.91 12.97 7.43
CA PRO A 107 0.75 12.96 8.88
C PRO A 107 -0.46 13.82 9.24
N ASP A 108 -1.34 13.28 10.03
CA ASP A 108 -2.60 13.96 10.31
C ASP A 108 -2.53 14.73 11.60
N PRO A 109 -2.86 16.04 11.58
CA PRO A 109 -2.82 16.90 12.75
C PRO A 109 -3.75 16.47 13.90
N SER A 110 -4.70 15.62 13.62
CA SER A 110 -5.63 15.19 14.64
C SER A 110 -5.45 13.69 14.91
N LEU A 111 -4.42 13.11 14.37
CA LEU A 111 -4.20 11.71 14.56
C LEU A 111 -3.06 11.41 15.49
N THR A 112 -3.38 10.77 16.55
CA THR A 112 -2.43 10.39 17.54
C THR A 112 -2.44 8.88 17.62
N ILE A 113 -1.32 8.31 17.30
CA ILE A 113 -1.15 6.90 17.23
C ILE A 113 -0.14 6.45 18.24
N THR A 114 -0.31 5.30 18.72
CA THR A 114 0.61 4.70 19.61
C THR A 114 1.50 3.76 18.82
N ARG A 115 2.79 3.94 18.95
CA ARG A 115 3.71 3.11 18.19
C ARG A 115 3.95 1.79 18.86
N ASP A 116 4.58 0.89 18.12
CA ASP A 116 4.87 -0.46 18.60
C ASP A 116 5.77 -0.39 19.81
N GLY A 117 5.23 -0.77 20.92
CA GLY A 117 5.89 -0.57 22.17
C GLY A 117 5.29 0.66 22.79
N SER A 118 4.01 0.55 23.12
CA SER A 118 3.23 1.68 23.59
C SER A 118 3.66 2.21 24.96
N ARG A 119 4.61 3.11 24.92
CA ARG A 119 5.12 3.80 26.09
C ARG A 119 4.50 5.19 26.16
N ASP A 120 4.12 5.69 24.98
CA ASP A 120 3.63 7.04 24.82
C ASP A 120 2.92 7.10 23.48
N ALA A 121 2.04 8.05 23.30
CA ALA A 121 1.31 8.20 22.08
C ALA A 121 1.93 9.30 21.25
N VAL A 122 2.02 9.09 19.97
CA VAL A 122 2.66 10.03 19.09
C VAL A 122 1.58 10.78 18.33
N SER A 123 1.54 12.07 18.53
CA SER A 123 0.58 12.91 17.86
C SER A 123 1.12 13.28 16.48
N ASN A 124 0.21 13.49 15.53
CA ASN A 124 0.52 13.89 14.16
C ASN A 124 1.18 12.72 13.43
N ALA A 125 0.68 11.52 13.65
CA ALA A 125 1.22 10.35 13.01
C ALA A 125 0.61 10.19 11.61
N ARG A 126 1.32 9.50 10.76
CA ARG A 126 0.82 9.21 9.44
C ARG A 126 0.35 7.76 9.42
N PRO A 127 -0.74 7.45 8.68
CA PRO A 127 -1.32 6.10 8.61
C PRO A 127 -0.31 4.97 8.29
N VAL A 128 0.71 5.26 7.47
CA VAL A 128 1.73 4.23 7.17
C VAL A 128 2.49 3.81 8.44
N ASP A 129 2.78 4.79 9.26
CA ASP A 129 3.50 4.57 10.52
C ASP A 129 2.62 3.73 11.43
N ALA A 130 1.34 4.02 11.38
CA ALA A 130 0.34 3.32 12.15
C ALA A 130 0.19 1.86 11.72
N LEU A 131 0.13 1.61 10.42
CA LEU A 131 -0.07 0.24 9.93
C LEU A 131 1.12 -0.66 10.25
N HIS A 132 2.33 -0.10 10.19
CA HIS A 132 3.55 -0.87 10.50
C HIS A 132 3.61 -1.10 12.01
N ALA A 133 2.82 -0.33 12.74
CA ALA A 133 2.72 -0.46 14.18
C ALA A 133 1.53 -1.34 14.55
N HIS A 134 0.87 -1.91 13.53
CA HIS A 134 -0.32 -2.78 13.67
C HIS A 134 -1.51 -2.02 14.23
N GLN A 135 -1.54 -0.73 13.94
CA GLN A 135 -2.63 0.19 14.29
C GLN A 135 -3.44 0.45 13.03
N ALA A 136 -3.34 -0.51 12.11
CA ALA A 136 -3.93 -0.51 10.77
C ALA A 136 -5.43 -0.23 10.80
N ARG A 137 -6.07 -0.56 11.90
CA ARG A 137 -7.50 -0.35 12.08
C ARG A 137 -7.90 1.12 11.83
N GLU A 138 -7.04 2.05 12.26
CA GLU A 138 -7.27 3.46 12.07
C GLU A 138 -7.05 3.83 10.61
N VAL A 139 -6.13 3.13 9.98
CA VAL A 139 -5.76 3.36 8.60
C VAL A 139 -6.93 2.98 7.70
N VAL A 140 -7.48 1.80 7.93
CA VAL A 140 -8.63 1.33 7.18
C VAL A 140 -9.82 2.27 7.41
N ARG A 141 -9.99 2.66 8.65
CA ARG A 141 -11.06 3.59 9.06
C ARG A 141 -10.89 4.96 8.39
N ARG A 142 -9.65 5.42 8.28
CA ARG A 142 -9.32 6.68 7.64
C ARG A 142 -9.67 6.60 6.15
N ALA A 143 -9.41 5.43 5.59
CA ALA A 143 -9.70 5.14 4.21
C ALA A 143 -11.20 5.07 3.98
N GLN A 144 -11.92 4.50 4.94
CA GLN A 144 -13.38 4.42 4.89
C GLN A 144 -13.98 5.81 4.80
N ALA A 145 -13.52 6.68 5.69
CA ALA A 145 -13.96 8.07 5.73
C ALA A 145 -13.54 8.83 4.47
N MET A 146 -12.50 8.34 3.83
CA MET A 146 -12.02 8.96 2.60
C MET A 146 -12.83 8.46 1.41
N ALA A 147 -13.29 7.24 1.50
CA ALA A 147 -14.03 6.64 0.43
C ALA A 147 -15.49 7.03 0.47
N TYR A 148 -16.12 6.81 1.59
CA TYR A 148 -17.54 7.08 1.74
C TYR A 148 -17.73 7.89 3.01
N MET A 3 2.88 -16.64 -21.58
CA MET A 3 1.80 -16.30 -20.67
C MET A 3 1.23 -17.57 -20.06
N PRO A 4 1.31 -17.71 -18.72
CA PRO A 4 0.84 -18.90 -18.03
C PRO A 4 -0.68 -19.08 -18.11
N GLY A 5 -1.39 -17.99 -17.95
CA GLY A 5 -2.83 -18.01 -17.97
C GLY A 5 -3.36 -18.02 -19.38
N ARG A 6 -3.84 -19.15 -19.83
CA ARG A 6 -4.38 -19.32 -21.16
C ARG A 6 -5.68 -18.53 -21.29
N ALA A 7 -5.86 -17.88 -22.39
CA ALA A 7 -7.04 -17.09 -22.63
C ALA A 7 -8.09 -17.95 -23.34
N PRO A 8 -9.20 -18.28 -22.67
CA PRO A 8 -10.31 -19.02 -23.29
C PRO A 8 -11.18 -18.07 -24.14
N GLY A 9 -12.38 -18.51 -24.45
CA GLY A 9 -13.27 -17.70 -25.24
C GLY A 9 -13.99 -16.69 -24.37
N SER A 10 -14.82 -17.19 -23.49
CA SER A 10 -15.56 -16.31 -22.65
C SER A 10 -14.83 -16.00 -21.34
N THR A 11 -13.89 -15.11 -21.45
CA THR A 11 -13.14 -14.60 -20.36
C THR A 11 -12.63 -13.24 -20.80
N LEU A 12 -12.48 -12.33 -19.89
CA LEU A 12 -12.00 -11.01 -20.20
C LEU A 12 -10.77 -10.71 -19.36
N ALA A 13 -10.07 -9.66 -19.70
CA ALA A 13 -8.98 -9.23 -18.90
C ALA A 13 -9.53 -8.41 -17.74
N ARG A 14 -9.87 -9.13 -16.70
CA ARG A 14 -10.47 -8.60 -15.50
C ARG A 14 -9.42 -7.89 -14.66
N VAL A 15 -9.38 -6.61 -14.75
CA VAL A 15 -8.38 -5.85 -14.10
C VAL A 15 -8.82 -5.42 -12.72
N GLY A 16 -8.66 -6.32 -11.78
CA GLY A 16 -8.91 -6.02 -10.38
C GLY A 16 -7.61 -5.58 -9.77
N SER A 17 -7.03 -4.59 -10.39
CA SER A 17 -5.74 -4.12 -10.08
C SER A 17 -5.73 -2.63 -10.32
N ILE A 18 -4.85 -1.96 -9.65
CA ILE A 18 -4.68 -0.55 -9.84
C ILE A 18 -3.37 -0.35 -10.59
N PRO A 19 -3.39 0.35 -11.73
CA PRO A 19 -2.17 0.71 -12.48
C PRO A 19 -1.27 1.64 -11.65
N ALA A 20 -0.04 1.82 -12.06
CA ALA A 20 0.88 2.65 -11.31
C ALA A 20 0.65 4.11 -11.66
N GLY A 21 0.42 4.92 -10.67
CA GLY A 21 0.16 6.30 -10.90
C GLY A 21 1.33 7.15 -10.51
N ASP A 22 1.03 8.22 -9.81
CA ASP A 22 2.02 9.20 -9.45
C ASP A 22 2.44 8.99 -8.02
N ASP A 23 3.74 8.82 -7.81
CA ASP A 23 4.28 8.54 -6.48
C ASP A 23 4.06 9.73 -5.53
N VAL A 24 3.54 9.45 -4.35
CA VAL A 24 3.25 10.50 -3.38
C VAL A 24 4.21 10.37 -2.17
N LEU A 25 5.34 9.83 -2.44
CA LEU A 25 6.38 9.73 -1.44
C LEU A 25 7.60 10.49 -1.90
N ASP A 26 8.57 10.60 -1.04
CA ASP A 26 9.82 11.21 -1.42
C ASP A 26 10.70 10.15 -2.03
N PRO A 27 11.40 10.45 -3.14
CA PRO A 27 12.29 9.49 -3.81
C PRO A 27 13.33 8.80 -2.89
N ASP A 28 13.65 9.38 -1.74
CA ASP A 28 14.60 8.73 -0.84
C ASP A 28 13.93 7.85 0.21
N GLU A 29 12.59 7.79 0.21
CA GLU A 29 11.87 6.92 1.14
C GLU A 29 12.15 5.46 0.77
N PRO A 30 12.08 4.54 1.76
CA PRO A 30 12.25 3.11 1.50
C PRO A 30 11.29 2.61 0.40
N THR A 31 11.88 2.11 -0.66
CA THR A 31 11.14 1.70 -1.83
C THR A 31 11.70 0.33 -2.33
N TYR A 32 10.97 -0.39 -3.14
CA TYR A 32 11.45 -1.62 -3.73
C TYR A 32 11.28 -1.53 -5.19
N ASP A 33 11.99 -2.33 -5.89
CA ASP A 33 11.96 -2.35 -7.31
C ASP A 33 11.89 -3.81 -7.65
N LEU A 34 11.41 -4.13 -8.83
CA LEU A 34 11.07 -5.49 -9.24
C LEU A 34 12.15 -6.55 -8.91
N PRO A 35 13.44 -6.37 -9.34
CA PRO A 35 14.51 -7.31 -9.01
C PRO A 35 14.69 -7.48 -7.50
N ARG A 36 14.57 -6.37 -6.75
CA ARG A 36 14.76 -6.41 -5.32
C ARG A 36 13.60 -7.12 -4.65
N VAL A 37 12.40 -6.97 -5.19
CA VAL A 37 11.22 -7.63 -4.60
C VAL A 37 11.32 -9.12 -4.80
N ALA A 38 11.74 -9.51 -5.98
CA ALA A 38 11.91 -10.91 -6.32
C ALA A 38 12.95 -11.53 -5.38
N GLU A 39 13.95 -10.74 -5.08
CA GLU A 39 15.05 -11.10 -4.21
C GLU A 39 14.56 -11.23 -2.76
N LEU A 40 13.78 -10.26 -2.33
CA LEU A 40 13.27 -10.14 -0.96
C LEU A 40 12.34 -11.29 -0.61
N LEU A 41 11.38 -11.53 -1.46
CA LEU A 41 10.38 -12.53 -1.19
C LEU A 41 10.83 -13.91 -1.62
N GLY A 42 11.83 -13.96 -2.48
CA GLY A 42 12.31 -15.22 -2.99
C GLY A 42 11.38 -15.76 -4.05
N VAL A 43 10.68 -14.86 -4.70
CA VAL A 43 9.68 -15.23 -5.70
C VAL A 43 10.04 -14.57 -7.01
N PRO A 44 9.54 -15.07 -8.14
CA PRO A 44 9.79 -14.44 -9.43
C PRO A 44 9.01 -13.13 -9.58
N VAL A 45 9.49 -12.27 -10.47
CA VAL A 45 8.85 -11.00 -10.77
C VAL A 45 7.41 -11.22 -11.25
N SER A 46 7.18 -12.32 -11.94
CA SER A 46 5.87 -12.68 -12.42
C SER A 46 4.87 -12.79 -11.24
N LYS A 47 5.29 -13.40 -10.14
CA LYS A 47 4.43 -13.55 -8.97
C LYS A 47 4.19 -12.20 -8.33
N VAL A 48 5.20 -11.33 -8.37
CA VAL A 48 5.11 -9.97 -7.84
C VAL A 48 4.04 -9.19 -8.63
N ALA A 49 4.09 -9.33 -9.95
CA ALA A 49 3.15 -8.71 -10.84
C ALA A 49 1.74 -9.21 -10.55
N GLN A 50 1.63 -10.50 -10.24
CA GLN A 50 0.34 -11.10 -9.91
C GLN A 50 -0.26 -10.49 -8.66
N GLN A 51 0.57 -10.21 -7.67
CA GLN A 51 0.12 -9.59 -6.42
C GLN A 51 -0.50 -8.23 -6.73
N LEU A 52 0.17 -7.50 -7.59
CA LEU A 52 -0.29 -6.20 -8.05
C LEU A 52 -1.62 -6.36 -8.80
N ARG A 53 -1.69 -7.37 -9.65
CA ARG A 53 -2.88 -7.66 -10.45
C ARG A 53 -4.08 -8.10 -9.59
N GLU A 54 -3.81 -8.57 -8.37
CA GLU A 54 -4.89 -9.02 -7.51
C GLU A 54 -5.27 -7.96 -6.49
N GLY A 55 -4.49 -6.91 -6.43
CA GLY A 55 -4.75 -5.86 -5.47
C GLY A 55 -4.29 -6.24 -4.08
N HIS A 56 -3.17 -6.93 -4.02
CA HIS A 56 -2.57 -7.33 -2.75
C HIS A 56 -1.27 -6.53 -2.55
N LEU A 57 -0.88 -5.82 -3.57
CA LEU A 57 0.30 -5.00 -3.56
C LEU A 57 0.09 -3.92 -4.61
N VAL A 58 0.74 -2.79 -4.45
CA VAL A 58 0.61 -1.67 -5.38
C VAL A 58 1.99 -1.19 -5.78
N ALA A 59 2.13 -0.74 -7.00
CA ALA A 59 3.36 -0.22 -7.52
C ALA A 59 3.08 1.16 -8.06
N VAL A 60 4.06 2.00 -8.04
CA VAL A 60 3.94 3.38 -8.46
C VAL A 60 5.05 3.72 -9.43
N ARG A 61 4.91 4.83 -10.11
CA ARG A 61 5.90 5.24 -11.06
C ARG A 61 6.61 6.45 -10.52
N ARG A 62 7.91 6.36 -10.37
CA ARG A 62 8.67 7.49 -9.92
C ARG A 62 9.64 7.88 -11.01
N ALA A 63 9.39 9.08 -11.56
CA ALA A 63 10.17 9.72 -12.65
C ALA A 63 9.93 9.00 -13.98
N GLY A 64 10.13 7.73 -13.95
CA GLY A 64 9.94 6.90 -15.10
C GLY A 64 10.09 5.41 -14.80
N GLY A 65 10.36 5.08 -13.54
CA GLY A 65 10.54 3.71 -13.19
C GLY A 65 9.39 3.21 -12.37
N VAL A 66 9.09 1.94 -12.48
CA VAL A 66 8.02 1.35 -11.74
C VAL A 66 8.63 0.68 -10.53
N VAL A 67 8.20 1.11 -9.37
CA VAL A 67 8.72 0.68 -8.09
C VAL A 67 7.55 0.50 -7.15
N ILE A 68 7.78 -0.04 -6.00
CA ILE A 68 6.72 -0.21 -5.03
C ILE A 68 7.16 0.39 -3.71
N PRO A 69 6.26 1.00 -2.96
CA PRO A 69 6.60 1.54 -1.65
C PRO A 69 6.92 0.41 -0.67
N GLN A 70 8.16 0.39 -0.16
CA GLN A 70 8.64 -0.63 0.77
C GLN A 70 7.83 -0.65 2.07
N VAL A 71 7.25 0.49 2.37
CA VAL A 71 6.43 0.66 3.57
C VAL A 71 5.15 -0.23 3.56
N PHE A 72 4.88 -0.87 2.41
CA PHE A 72 3.79 -1.83 2.27
C PHE A 72 4.19 -3.18 2.86
N PHE A 73 5.45 -3.27 3.24
CA PHE A 73 6.01 -4.43 3.90
C PHE A 73 6.46 -4.00 5.27
N THR A 74 6.64 -4.95 6.14
CA THR A 74 7.15 -4.70 7.45
C THR A 74 8.68 -4.82 7.39
N ASN A 75 9.39 -4.40 8.43
CA ASN A 75 10.87 -4.50 8.41
C ASN A 75 11.36 -5.92 8.42
N SER A 76 10.49 -6.84 8.80
CA SER A 76 10.82 -8.24 8.83
C SER A 76 10.74 -8.86 7.41
N GLY A 77 10.21 -8.12 6.45
CA GLY A 77 10.11 -8.63 5.10
C GLY A 77 8.77 -9.31 4.84
N GLN A 78 7.87 -9.16 5.76
CA GLN A 78 6.54 -9.72 5.63
C GLN A 78 5.65 -8.60 5.15
N VAL A 79 4.75 -8.88 4.25
CA VAL A 79 3.88 -7.84 3.74
C VAL A 79 2.86 -7.48 4.83
N VAL A 80 2.38 -6.26 4.82
CA VAL A 80 1.39 -5.84 5.79
C VAL A 80 0.13 -6.67 5.63
N LYS A 81 -0.31 -7.26 6.69
CA LYS A 81 -1.46 -8.17 6.66
C LYS A 81 -2.77 -7.47 6.30
N SER A 82 -2.93 -6.24 6.71
CA SER A 82 -4.15 -5.51 6.46
C SER A 82 -4.05 -4.71 5.14
N LEU A 83 -2.98 -4.95 4.41
CA LEU A 83 -2.70 -4.25 3.16
C LEU A 83 -3.85 -4.42 2.12
N PRO A 84 -4.26 -5.69 1.77
CA PRO A 84 -5.33 -5.91 0.79
C PRO A 84 -6.66 -5.32 1.28
N GLY A 85 -6.81 -5.21 2.60
CA GLY A 85 -8.03 -4.71 3.19
C GLY A 85 -8.25 -3.25 2.88
N LEU A 86 -7.20 -2.46 3.02
CA LEU A 86 -7.28 -1.03 2.74
C LEU A 86 -7.51 -0.83 1.25
N LEU A 87 -6.83 -1.63 0.46
CA LEU A 87 -6.95 -1.57 -0.98
C LEU A 87 -8.36 -1.93 -1.44
N THR A 88 -8.96 -2.92 -0.79
CA THR A 88 -10.30 -3.38 -1.14
C THR A 88 -11.35 -2.27 -0.93
N ILE A 89 -11.29 -1.61 0.22
CA ILE A 89 -12.26 -0.59 0.55
C ILE A 89 -12.10 0.65 -0.37
N LEU A 90 -10.87 1.09 -0.60
CA LEU A 90 -10.63 2.23 -1.50
C LEU A 90 -10.96 1.89 -2.94
N HIS A 91 -10.71 0.67 -3.34
CA HIS A 91 -11.05 0.22 -4.69
C HIS A 91 -12.58 0.23 -4.86
N ASP A 92 -13.30 -0.04 -3.78
CA ASP A 92 -14.77 0.00 -3.79
C ASP A 92 -15.27 1.44 -3.95
N GLY A 93 -14.49 2.38 -3.42
CA GLY A 93 -14.83 3.78 -3.52
C GLY A 93 -14.35 4.39 -4.83
N GLY A 94 -13.55 3.64 -5.55
CA GLY A 94 -13.05 4.10 -6.84
C GLY A 94 -11.86 5.04 -6.70
N TYR A 95 -10.91 4.64 -5.89
CA TYR A 95 -9.71 5.43 -5.68
C TYR A 95 -8.50 4.76 -6.30
N ARG A 96 -7.66 5.57 -6.93
CA ARG A 96 -6.42 5.10 -7.54
C ARG A 96 -5.31 5.10 -6.50
N ASP A 97 -4.19 4.52 -6.86
CA ASP A 97 -2.99 4.36 -6.01
C ASP A 97 -2.51 5.71 -5.46
N THR A 98 -2.55 6.70 -6.31
CA THR A 98 -2.13 8.03 -5.99
C THR A 98 -3.00 8.60 -4.84
N GLU A 99 -4.31 8.34 -4.91
CA GLU A 99 -5.22 8.82 -3.89
C GLU A 99 -4.91 8.11 -2.58
N ILE A 100 -4.57 6.82 -2.68
CA ILE A 100 -4.28 6.00 -1.50
C ILE A 100 -3.11 6.60 -0.77
N MET A 101 -2.08 6.90 -1.51
CA MET A 101 -0.85 7.44 -0.97
C MET A 101 -1.01 8.86 -0.48
N ARG A 102 -2.01 9.56 -1.02
CA ARG A 102 -2.29 10.94 -0.66
C ARG A 102 -2.49 11.04 0.85
N TRP A 103 -3.54 10.41 1.34
CA TRP A 103 -3.83 10.41 2.77
C TRP A 103 -2.83 9.58 3.59
N LEU A 104 -2.35 8.52 2.99
CA LEU A 104 -1.49 7.55 3.63
C LEU A 104 -0.12 8.11 4.01
N PHE A 105 0.44 8.94 3.16
CA PHE A 105 1.74 9.50 3.42
C PHE A 105 1.68 10.84 4.12
N THR A 106 0.49 11.22 4.53
CA THR A 106 0.33 12.46 5.25
C THR A 106 0.55 12.20 6.75
N PRO A 107 1.59 12.83 7.36
CA PRO A 107 1.78 12.77 8.80
C PRO A 107 0.65 13.55 9.46
N ASP A 108 0.00 12.94 10.41
CA ASP A 108 -1.15 13.56 11.02
C ASP A 108 -0.88 13.84 12.48
N PRO A 109 -0.94 15.13 12.89
CA PRO A 109 -0.66 15.54 14.26
C PRO A 109 -1.60 14.90 15.28
N SER A 110 -2.80 14.60 14.85
CA SER A 110 -3.80 14.04 15.71
C SER A 110 -3.78 12.52 15.72
N LEU A 111 -2.84 11.94 15.00
CA LEU A 111 -2.71 10.53 14.98
C LEU A 111 -1.55 10.17 15.87
N THR A 112 -1.79 9.32 16.80
CA THR A 112 -0.80 8.92 17.76
C THR A 112 -0.57 7.44 17.62
N ILE A 113 0.62 7.08 17.18
CA ILE A 113 0.91 5.71 16.85
C ILE A 113 2.22 5.31 17.50
N THR A 114 2.32 4.09 17.84
CA THR A 114 3.55 3.54 18.29
C THR A 114 3.97 2.57 17.24
N ARG A 115 5.15 2.72 16.77
CA ARG A 115 5.59 1.96 15.65
C ARG A 115 6.64 0.95 16.09
N ASP A 116 6.95 0.03 15.21
CA ASP A 116 7.95 -1.00 15.43
C ASP A 116 9.31 -0.35 15.75
N GLY A 117 9.97 -0.89 16.73
CA GLY A 117 11.23 -0.33 17.17
C GLY A 117 11.06 0.65 18.31
N SER A 118 9.87 1.17 18.45
CA SER A 118 9.57 2.13 19.46
C SER A 118 8.68 1.48 20.50
N ARG A 119 8.88 1.84 21.72
CA ARG A 119 8.09 1.31 22.84
C ARG A 119 6.96 2.25 23.21
N ASP A 120 7.15 3.51 22.95
CA ASP A 120 6.19 4.53 23.31
C ASP A 120 5.43 5.02 22.11
N ALA A 121 4.37 5.76 22.34
CA ALA A 121 3.54 6.27 21.29
C ALA A 121 4.01 7.64 20.88
N VAL A 122 4.06 7.85 19.61
CA VAL A 122 4.50 9.09 19.04
C VAL A 122 3.31 9.81 18.45
N SER A 123 3.14 11.05 18.80
CA SER A 123 2.11 11.86 18.22
C SER A 123 2.64 12.38 16.90
N ASN A 124 1.79 12.39 15.89
CA ASN A 124 2.13 12.81 14.54
C ASN A 124 2.90 11.73 13.80
N ALA A 125 2.21 10.67 13.50
CA ALA A 125 2.75 9.63 12.67
C ALA A 125 1.94 9.57 11.39
N ARG A 126 2.36 8.78 10.45
CA ARG A 126 1.63 8.62 9.23
C ARG A 126 0.77 7.38 9.40
N PRO A 127 -0.34 7.23 8.66
CA PRO A 127 -1.11 5.99 8.68
C PRO A 127 -0.26 4.80 8.20
N VAL A 128 0.82 5.13 7.46
CA VAL A 128 1.81 4.14 7.03
C VAL A 128 2.43 3.50 8.25
N ASP A 129 2.76 4.33 9.24
CA ASP A 129 3.37 3.87 10.48
C ASP A 129 2.42 2.98 11.21
N ALA A 130 1.16 3.36 11.17
CA ALA A 130 0.11 2.63 11.85
C ALA A 130 -0.07 1.22 11.28
N LEU A 131 -0.19 1.11 9.96
CA LEU A 131 -0.41 -0.20 9.33
C LEU A 131 0.81 -1.10 9.48
N HIS A 132 1.97 -0.48 9.42
CA HIS A 132 3.24 -1.17 9.53
C HIS A 132 3.42 -1.63 10.97
N ALA A 133 2.76 -0.95 11.88
CA ALA A 133 2.84 -1.26 13.29
C ALA A 133 1.65 -2.08 13.78
N HIS A 134 0.87 -2.61 12.83
CA HIS A 134 -0.28 -3.49 13.09
C HIS A 134 -1.41 -2.71 13.83
N GLN A 135 -1.46 -1.42 13.60
CA GLN A 135 -2.48 -0.55 14.15
C GLN A 135 -3.37 -0.12 13.01
N ALA A 136 -3.38 -0.96 12.00
CA ALA A 136 -4.05 -0.78 10.73
C ALA A 136 -5.53 -0.44 10.87
N ARG A 137 -6.15 -0.85 11.98
CA ARG A 137 -7.57 -0.54 12.22
C ARG A 137 -7.82 0.97 12.14
N GLU A 138 -6.85 1.77 12.59
CA GLU A 138 -6.99 3.23 12.54
C GLU A 138 -6.83 3.73 11.10
N VAL A 139 -6.09 3.00 10.32
CA VAL A 139 -5.88 3.31 8.92
C VAL A 139 -7.15 2.99 8.16
N VAL A 140 -7.71 1.83 8.45
CA VAL A 140 -8.94 1.37 7.82
C VAL A 140 -10.09 2.33 8.10
N ARG A 141 -10.21 2.77 9.35
CA ARG A 141 -11.29 3.69 9.70
C ARG A 141 -11.16 5.00 8.93
N ARG A 142 -9.91 5.48 8.76
CA ARG A 142 -9.66 6.68 7.96
C ARG A 142 -9.93 6.42 6.49
N ALA A 143 -9.57 5.24 6.05
CA ALA A 143 -9.78 4.80 4.68
C ALA A 143 -11.26 4.83 4.34
N GLN A 144 -12.09 4.36 5.27
CA GLN A 144 -13.54 4.37 5.13
C GLN A 144 -14.04 5.80 5.04
N ALA A 145 -13.54 6.65 5.91
CA ALA A 145 -13.93 8.05 5.98
C ALA A 145 -13.52 8.79 4.71
N MET A 146 -12.36 8.47 4.21
CA MET A 146 -11.82 9.09 3.01
C MET A 146 -12.59 8.65 1.77
N ALA A 147 -13.06 7.42 1.80
CA ALA A 147 -13.78 6.88 0.68
C ALA A 147 -15.23 7.31 0.68
N TYR A 148 -15.91 7.08 1.76
CA TYR A 148 -17.31 7.39 1.85
C TYR A 148 -17.50 8.75 2.49
N MET A 3 -20.00 15.68 -0.12
CA MET A 3 -19.77 15.41 -1.54
C MET A 3 -20.94 15.88 -2.35
N PRO A 4 -20.71 16.56 -3.49
CA PRO A 4 -21.80 16.94 -4.39
C PRO A 4 -22.35 15.69 -5.07
N GLY A 5 -23.52 15.31 -4.67
CA GLY A 5 -24.08 14.08 -5.11
C GLY A 5 -23.78 13.01 -4.09
N ARG A 6 -24.76 12.66 -3.30
CA ARG A 6 -24.57 11.68 -2.24
C ARG A 6 -24.44 10.28 -2.82
N ALA A 7 -23.44 9.57 -2.32
CA ALA A 7 -23.10 8.21 -2.74
C ALA A 7 -22.66 8.17 -4.21
N PRO A 8 -21.38 8.47 -4.48
CA PRO A 8 -20.82 8.40 -5.81
C PRO A 8 -20.58 6.95 -6.20
N GLY A 9 -20.80 6.66 -7.44
CA GLY A 9 -20.61 5.33 -7.90
C GLY A 9 -21.92 4.69 -8.21
N SER A 10 -22.12 4.36 -9.46
CA SER A 10 -23.30 3.67 -9.90
C SER A 10 -23.18 2.20 -9.48
N THR A 11 -21.94 1.79 -9.31
CA THR A 11 -21.54 0.50 -8.83
C THR A 11 -20.11 0.71 -8.32
N LEU A 12 -19.64 -0.11 -7.41
CA LEU A 12 -18.28 0.00 -6.93
C LEU A 12 -17.29 -0.30 -8.04
N ALA A 13 -16.15 0.31 -7.96
CA ALA A 13 -15.17 0.22 -9.02
C ALA A 13 -14.39 -1.07 -8.96
N ARG A 14 -14.12 -1.62 -10.12
CA ARG A 14 -13.32 -2.82 -10.24
C ARG A 14 -12.45 -2.77 -11.49
N VAL A 15 -11.18 -2.68 -11.28
CA VAL A 15 -10.22 -2.59 -12.35
C VAL A 15 -9.18 -3.67 -12.12
N GLY A 16 -9.03 -4.57 -13.09
CA GLY A 16 -8.09 -5.66 -12.95
C GLY A 16 -6.66 -5.20 -13.08
N SER A 17 -6.47 -4.20 -13.90
CA SER A 17 -5.17 -3.63 -14.09
C SER A 17 -5.07 -2.33 -13.31
N ILE A 18 -4.64 -2.44 -12.06
CA ILE A 18 -4.48 -1.29 -11.20
C ILE A 18 -3.35 -0.41 -11.71
N PRO A 19 -3.64 0.86 -12.00
CA PRO A 19 -2.64 1.80 -12.52
C PRO A 19 -1.67 2.31 -11.44
N ALA A 20 -0.50 2.70 -11.88
CA ALA A 20 0.48 3.35 -11.05
C ALA A 20 0.52 4.80 -11.48
N GLY A 21 0.49 5.68 -10.55
CA GLY A 21 0.48 7.07 -10.86
C GLY A 21 1.74 7.76 -10.44
N ASP A 22 1.66 8.53 -9.40
CA ASP A 22 2.77 9.31 -8.94
C ASP A 22 3.09 9.01 -7.50
N ASP A 23 4.31 8.57 -7.29
CA ASP A 23 4.81 8.18 -5.98
C ASP A 23 4.78 9.38 -5.01
N VAL A 24 4.03 9.24 -3.93
CA VAL A 24 3.88 10.32 -2.94
C VAL A 24 5.12 10.43 -2.05
N LEU A 25 5.84 9.34 -1.90
CA LEU A 25 7.04 9.40 -1.14
C LEU A 25 8.20 9.92 -1.95
N ASP A 26 9.10 10.59 -1.28
CA ASP A 26 10.26 11.22 -1.89
C ASP A 26 11.21 10.18 -2.49
N PRO A 27 11.88 10.48 -3.63
CA PRO A 27 12.86 9.58 -4.28
C PRO A 27 13.96 9.07 -3.32
N ASP A 28 14.28 9.84 -2.29
CA ASP A 28 15.32 9.48 -1.32
C ASP A 28 14.86 8.39 -0.39
N GLU A 29 13.56 8.26 -0.21
CA GLU A 29 13.00 7.24 0.64
C GLU A 29 13.32 5.87 0.05
N PRO A 30 13.93 4.97 0.85
CA PRO A 30 14.28 3.62 0.39
C PRO A 30 13.06 2.88 -0.12
N THR A 31 12.99 2.73 -1.41
CA THR A 31 11.90 2.07 -2.02
C THR A 31 12.32 0.71 -2.52
N TYR A 32 11.37 -0.04 -2.97
CA TYR A 32 11.60 -1.30 -3.53
C TYR A 32 11.33 -1.24 -4.97
N ASP A 33 11.83 -2.18 -5.68
CA ASP A 33 11.79 -2.20 -7.11
C ASP A 33 11.35 -3.57 -7.43
N LEU A 34 10.94 -3.80 -8.65
CA LEU A 34 10.48 -5.11 -9.07
C LEU A 34 11.49 -6.23 -8.73
N PRO A 35 12.81 -6.10 -9.10
CA PRO A 35 13.84 -7.07 -8.71
C PRO A 35 13.93 -7.23 -7.18
N ARG A 36 13.82 -6.13 -6.43
CA ARG A 36 13.96 -6.18 -4.97
C ARG A 36 12.79 -6.86 -4.30
N VAL A 37 11.60 -6.67 -4.82
CA VAL A 37 10.45 -7.38 -4.27
C VAL A 37 10.54 -8.86 -4.63
N ALA A 38 11.02 -9.11 -5.83
CA ALA A 38 11.28 -10.46 -6.30
C ALA A 38 12.28 -11.12 -5.34
N GLU A 39 13.21 -10.33 -4.86
CA GLU A 39 14.20 -10.74 -3.87
C GLU A 39 13.55 -11.08 -2.52
N LEU A 40 12.63 -10.22 -2.08
CA LEU A 40 11.98 -10.37 -0.77
C LEU A 40 11.18 -11.65 -0.71
N LEU A 41 10.34 -11.85 -1.70
CA LEU A 41 9.42 -12.97 -1.68
C LEU A 41 10.04 -14.21 -2.29
N GLY A 42 11.12 -14.04 -3.00
CA GLY A 42 11.74 -15.17 -3.67
C GLY A 42 10.90 -15.63 -4.84
N VAL A 43 10.22 -14.68 -5.44
CA VAL A 43 9.30 -14.94 -6.55
C VAL A 43 9.76 -14.12 -7.76
N PRO A 44 9.26 -14.42 -8.97
CA PRO A 44 9.57 -13.62 -10.13
C PRO A 44 8.66 -12.38 -10.23
N VAL A 45 9.04 -11.45 -11.09
CA VAL A 45 8.30 -10.20 -11.30
C VAL A 45 6.88 -10.49 -11.76
N SER A 46 6.72 -11.56 -12.49
CA SER A 46 5.45 -11.99 -12.99
C SER A 46 4.44 -12.22 -11.84
N LYS A 47 4.90 -12.87 -10.75
CA LYS A 47 4.06 -13.08 -9.59
C LYS A 47 3.78 -11.78 -8.88
N VAL A 48 4.76 -10.88 -8.89
CA VAL A 48 4.59 -9.55 -8.29
C VAL A 48 3.47 -8.79 -9.01
N ALA A 49 3.48 -8.87 -10.32
CA ALA A 49 2.45 -8.25 -11.14
C ALA A 49 1.07 -8.84 -10.81
N GLN A 50 1.05 -10.14 -10.51
CA GLN A 50 -0.17 -10.83 -10.14
C GLN A 50 -0.72 -10.32 -8.81
N GLN A 51 0.19 -9.99 -7.89
CA GLN A 51 -0.18 -9.47 -6.55
C GLN A 51 -0.89 -8.14 -6.74
N LEU A 52 -0.34 -7.35 -7.63
CA LEU A 52 -0.88 -6.05 -7.97
C LEU A 52 -2.27 -6.20 -8.56
N ARG A 53 -2.40 -7.13 -9.48
CA ARG A 53 -3.66 -7.42 -10.17
C ARG A 53 -4.81 -7.86 -9.23
N GLU A 54 -4.47 -8.43 -8.08
CA GLU A 54 -5.51 -8.89 -7.18
C GLU A 54 -5.72 -7.93 -6.02
N GLY A 55 -4.99 -6.83 -6.02
CA GLY A 55 -5.09 -5.87 -4.93
C GLY A 55 -4.48 -6.42 -3.65
N HIS A 56 -3.37 -7.12 -3.81
CA HIS A 56 -2.66 -7.71 -2.68
C HIS A 56 -1.54 -6.75 -2.29
N LEU A 57 -1.08 -6.02 -3.28
CA LEU A 57 -0.01 -5.08 -3.15
C LEU A 57 -0.16 -4.14 -4.33
N VAL A 58 0.35 -2.93 -4.25
CA VAL A 58 0.25 -2.01 -5.35
C VAL A 58 1.61 -1.36 -5.58
N ALA A 59 1.85 -0.97 -6.80
CA ALA A 59 3.10 -0.36 -7.17
C ALA A 59 2.84 1.04 -7.67
N VAL A 60 3.87 1.83 -7.69
CA VAL A 60 3.81 3.20 -8.10
C VAL A 60 4.84 3.46 -9.18
N ARG A 61 4.73 4.57 -9.84
CA ARG A 61 5.57 4.88 -10.96
C ARG A 61 6.41 6.09 -10.65
N ARG A 62 7.67 6.03 -10.96
CA ARG A 62 8.57 7.16 -10.89
C ARG A 62 9.63 7.03 -11.96
N ALA A 63 9.76 8.06 -12.78
CA ALA A 63 10.76 8.14 -13.87
C ALA A 63 10.57 7.00 -14.89
N GLY A 64 9.37 6.46 -14.94
CA GLY A 64 9.07 5.37 -15.84
C GLY A 64 9.18 4.01 -15.16
N GLY A 65 9.80 3.99 -14.00
CA GLY A 65 10.07 2.76 -13.31
C GLY A 65 8.97 2.38 -12.38
N VAL A 66 8.81 1.10 -12.20
CA VAL A 66 7.82 0.57 -11.31
C VAL A 66 8.51 0.25 -10.00
N VAL A 67 8.05 0.89 -8.95
CA VAL A 67 8.61 0.73 -7.63
C VAL A 67 7.50 0.57 -6.63
N ILE A 68 7.85 0.05 -5.50
CA ILE A 68 6.89 -0.18 -4.45
C ILE A 68 7.47 0.40 -3.15
N PRO A 69 6.70 1.23 -2.44
CA PRO A 69 7.11 1.78 -1.14
C PRO A 69 7.49 0.66 -0.16
N GLN A 70 8.65 0.79 0.49
CA GLN A 70 9.14 -0.19 1.43
C GLN A 70 8.24 -0.29 2.65
N VAL A 71 7.54 0.79 2.93
CA VAL A 71 6.60 0.88 4.03
C VAL A 71 5.33 0.04 3.81
N PHE A 72 5.23 -0.59 2.63
CA PHE A 72 4.14 -1.51 2.35
C PHE A 72 4.50 -2.90 2.85
N PHE A 73 5.72 -3.02 3.25
CA PHE A 73 6.24 -4.20 3.82
C PHE A 73 6.59 -3.87 5.24
N THR A 74 6.63 -4.85 6.06
CA THR A 74 6.99 -4.66 7.41
C THR A 74 8.52 -4.62 7.48
N ASN A 75 9.05 -4.33 8.65
CA ASN A 75 10.50 -4.21 8.87
C ASN A 75 11.28 -5.49 8.51
N SER A 76 10.59 -6.63 8.47
CA SER A 76 11.22 -7.89 8.12
C SER A 76 11.17 -8.15 6.58
N GLY A 77 10.54 -7.24 5.83
CA GLY A 77 10.51 -7.36 4.38
C GLY A 77 9.31 -8.15 3.89
N GLN A 78 8.33 -8.35 4.74
CA GLN A 78 7.13 -9.07 4.35
C GLN A 78 5.96 -8.11 4.37
N VAL A 79 5.07 -8.25 3.41
CA VAL A 79 3.94 -7.34 3.23
C VAL A 79 3.02 -7.35 4.46
N VAL A 80 2.47 -6.19 4.78
CA VAL A 80 1.57 -6.04 5.93
C VAL A 80 0.31 -6.86 5.67
N LYS A 81 -0.10 -7.64 6.63
CA LYS A 81 -1.25 -8.53 6.50
C LYS A 81 -2.57 -7.79 6.25
N SER A 82 -2.72 -6.62 6.82
CA SER A 82 -3.94 -5.85 6.69
C SER A 82 -3.92 -4.98 5.41
N LEU A 83 -2.79 -4.98 4.73
CA LEU A 83 -2.61 -4.14 3.56
C LEU A 83 -3.50 -4.52 2.35
N PRO A 84 -3.57 -5.83 1.93
CA PRO A 84 -4.47 -6.25 0.84
C PRO A 84 -5.91 -5.82 1.09
N GLY A 85 -6.29 -5.82 2.37
CA GLY A 85 -7.61 -5.43 2.78
C GLY A 85 -7.90 -3.98 2.50
N LEU A 86 -6.95 -3.09 2.79
CA LEU A 86 -7.15 -1.67 2.58
C LEU A 86 -7.27 -1.38 1.10
N LEU A 87 -6.44 -2.04 0.31
CA LEU A 87 -6.45 -1.84 -1.13
C LEU A 87 -7.77 -2.25 -1.73
N THR A 88 -8.36 -3.27 -1.15
CA THR A 88 -9.64 -3.79 -1.62
C THR A 88 -10.78 -2.74 -1.51
N ILE A 89 -10.89 -2.08 -0.35
CA ILE A 89 -11.93 -1.07 -0.13
C ILE A 89 -11.68 0.19 -1.00
N LEU A 90 -10.43 0.63 -1.11
CA LEU A 90 -10.12 1.78 -1.97
C LEU A 90 -10.36 1.47 -3.44
N HIS A 91 -10.07 0.23 -3.81
CA HIS A 91 -10.30 -0.25 -5.17
C HIS A 91 -11.78 -0.11 -5.51
N ASP A 92 -12.64 -0.46 -4.55
CA ASP A 92 -14.09 -0.34 -4.70
C ASP A 92 -14.50 1.12 -4.83
N GLY A 93 -13.74 1.99 -4.20
CA GLY A 93 -14.06 3.40 -4.19
C GLY A 93 -13.53 4.13 -5.40
N GLY A 94 -12.71 3.45 -6.17
CA GLY A 94 -12.15 4.04 -7.36
C GLY A 94 -10.96 4.91 -7.07
N TYR A 95 -10.20 4.54 -6.07
CA TYR A 95 -9.03 5.31 -5.70
C TYR A 95 -7.76 4.64 -6.22
N ARG A 96 -6.97 5.41 -6.96
CA ARG A 96 -5.70 4.94 -7.51
C ARG A 96 -4.61 4.89 -6.43
N ASP A 97 -3.47 4.32 -6.80
CA ASP A 97 -2.29 4.11 -5.92
C ASP A 97 -1.86 5.44 -5.28
N THR A 98 -1.89 6.48 -6.07
CA THR A 98 -1.51 7.78 -5.69
C THR A 98 -2.40 8.30 -4.55
N GLU A 99 -3.69 8.03 -4.65
CA GLU A 99 -4.63 8.48 -3.66
C GLU A 99 -4.39 7.75 -2.35
N ILE A 100 -4.03 6.47 -2.45
CA ILE A 100 -3.81 5.62 -1.27
C ILE A 100 -2.69 6.23 -0.44
N MET A 101 -1.61 6.55 -1.14
CA MET A 101 -0.44 7.11 -0.51
C MET A 101 -0.68 8.54 -0.06
N ARG A 102 -1.63 9.21 -0.71
CA ARG A 102 -1.93 10.60 -0.44
C ARG A 102 -2.29 10.75 1.03
N TRP A 103 -3.38 10.14 1.45
CA TRP A 103 -3.79 10.21 2.85
C TRP A 103 -2.85 9.43 3.78
N LEU A 104 -2.27 8.32 3.28
CA LEU A 104 -1.35 7.50 4.07
C LEU A 104 -0.11 8.26 4.51
N PHE A 105 0.44 9.08 3.65
CA PHE A 105 1.66 9.80 3.97
C PHE A 105 1.38 11.18 4.55
N THR A 106 0.12 11.53 4.63
CA THR A 106 -0.29 12.76 5.23
C THR A 106 -0.48 12.56 6.75
N PRO A 107 0.15 13.39 7.60
CA PRO A 107 -0.06 13.32 9.05
C PRO A 107 -1.53 13.61 9.38
N ASP A 108 -2.15 12.75 10.15
CA ASP A 108 -3.55 12.90 10.50
C ASP A 108 -3.68 13.82 11.69
N PRO A 109 -4.49 14.87 11.58
CA PRO A 109 -4.66 15.88 12.63
C PRO A 109 -5.20 15.31 13.95
N SER A 110 -5.78 14.13 13.92
CA SER A 110 -6.38 13.58 15.09
C SER A 110 -5.77 12.22 15.44
N LEU A 111 -4.63 11.88 14.87
CA LEU A 111 -4.04 10.58 15.12
C LEU A 111 -2.79 10.65 15.99
N THR A 112 -2.83 9.88 17.04
CA THR A 112 -1.72 9.71 17.93
C THR A 112 -1.39 8.22 17.86
N ILE A 113 -0.14 7.86 17.73
CA ILE A 113 0.19 6.46 17.58
C ILE A 113 1.01 5.90 18.71
N THR A 114 0.98 4.60 18.81
CA THR A 114 1.64 3.84 19.84
C THR A 114 3.04 3.43 19.35
N ARG A 115 3.91 3.10 20.30
CA ARG A 115 5.26 2.66 20.00
C ARG A 115 5.28 1.45 19.04
N ASP A 116 5.92 1.69 17.91
CA ASP A 116 6.26 0.72 16.86
C ASP A 116 6.57 1.55 15.65
N GLY A 117 7.76 1.43 15.14
CA GLY A 117 8.18 2.30 14.04
C GLY A 117 8.68 3.61 14.64
N SER A 118 7.83 4.20 15.43
CA SER A 118 8.14 5.32 16.22
C SER A 118 8.31 4.82 17.64
N ARG A 119 9.47 5.08 18.20
CA ARG A 119 9.86 4.60 19.54
C ARG A 119 8.95 5.15 20.64
N ASP A 120 8.33 6.26 20.38
CA ASP A 120 7.53 6.94 21.34
C ASP A 120 6.24 7.41 20.70
N ALA A 121 5.39 8.04 21.49
CA ALA A 121 4.10 8.49 21.03
C ALA A 121 4.23 9.73 20.18
N VAL A 122 3.58 9.70 19.04
CA VAL A 122 3.61 10.80 18.12
C VAL A 122 2.19 11.27 17.84
N SER A 123 1.92 12.53 18.11
CA SER A 123 0.67 13.17 17.79
C SER A 123 0.77 13.72 16.37
N ASN A 124 -0.36 13.79 15.64
CA ASN A 124 -0.38 14.18 14.23
C ASN A 124 0.44 13.17 13.46
N ALA A 125 0.25 11.94 13.81
CA ALA A 125 0.98 10.85 13.27
C ALA A 125 0.49 10.49 11.87
N ARG A 126 1.30 9.75 11.20
CA ARG A 126 1.04 9.34 9.87
C ARG A 126 0.44 7.92 9.89
N PRO A 127 -0.67 7.68 9.13
CA PRO A 127 -1.35 6.36 9.08
C PRO A 127 -0.42 5.18 8.74
N VAL A 128 0.63 5.42 7.97
CA VAL A 128 1.59 4.37 7.60
C VAL A 128 2.26 3.79 8.85
N ASP A 129 2.62 4.65 9.76
CA ASP A 129 3.27 4.24 11.00
C ASP A 129 2.27 3.48 11.85
N ALA A 130 1.04 3.98 11.85
CA ALA A 130 -0.03 3.41 12.63
C ALA A 130 -0.32 1.95 12.24
N LEU A 131 -0.26 1.64 10.96
CA LEU A 131 -0.56 0.29 10.49
C LEU A 131 0.50 -0.71 10.96
N HIS A 132 1.75 -0.26 11.01
CA HIS A 132 2.86 -1.09 11.45
C HIS A 132 2.79 -1.19 12.98
N ALA A 133 2.17 -0.18 13.57
CA ALA A 133 2.01 -0.06 15.01
C ALA A 133 0.80 -0.83 15.51
N HIS A 134 0.24 -1.67 14.62
CA HIS A 134 -0.89 -2.54 14.91
C HIS A 134 -2.16 -1.72 15.19
N GLN A 135 -2.22 -0.57 14.59
CA GLN A 135 -3.37 0.31 14.65
C GLN A 135 -4.00 0.38 13.27
N ALA A 136 -3.72 -0.67 12.50
CA ALA A 136 -4.13 -0.81 11.10
C ALA A 136 -5.64 -0.62 10.89
N ARG A 137 -6.45 -0.99 11.89
CA ARG A 137 -7.91 -0.82 11.78
C ARG A 137 -8.29 0.64 11.70
N GLU A 138 -7.57 1.47 12.41
CA GLU A 138 -7.80 2.90 12.39
C GLU A 138 -7.40 3.48 11.03
N VAL A 139 -6.44 2.82 10.40
CA VAL A 139 -6.00 3.20 9.07
C VAL A 139 -7.07 2.80 8.05
N VAL A 140 -7.58 1.58 8.20
CA VAL A 140 -8.68 1.08 7.37
C VAL A 140 -9.90 1.98 7.56
N ARG A 141 -10.13 2.36 8.80
CA ARG A 141 -11.21 3.26 9.16
C ARG A 141 -11.09 4.60 8.41
N ARG A 142 -9.88 5.17 8.38
CA ARG A 142 -9.64 6.43 7.66
C ARG A 142 -9.90 6.21 6.15
N ALA A 143 -9.52 5.03 5.68
CA ALA A 143 -9.71 4.62 4.29
C ALA A 143 -11.20 4.51 3.95
N GLN A 144 -11.95 3.89 4.85
CA GLN A 144 -13.39 3.74 4.65
C GLN A 144 -14.07 5.08 4.72
N ALA A 145 -13.57 5.95 5.59
CA ALA A 145 -14.08 7.31 5.71
C ALA A 145 -13.68 8.15 4.49
N MET A 146 -12.67 7.69 3.76
CA MET A 146 -12.22 8.34 2.55
C MET A 146 -13.16 7.99 1.41
N ALA A 147 -13.72 6.81 1.47
CA ALA A 147 -14.65 6.36 0.47
C ALA A 147 -16.08 6.79 0.79
N TYR A 148 -16.46 6.68 2.05
CA TYR A 148 -17.80 7.02 2.49
C TYR A 148 -17.73 8.08 3.56
N MET A 3 -18.86 12.37 -25.05
CA MET A 3 -18.89 11.29 -26.04
C MET A 3 -18.98 9.99 -25.27
N PRO A 4 -20.10 9.27 -25.40
CA PRO A 4 -20.34 8.01 -24.67
C PRO A 4 -19.27 6.96 -24.96
N GLY A 5 -18.63 6.52 -23.91
CA GLY A 5 -17.58 5.55 -24.00
C GLY A 5 -17.85 4.39 -23.10
N ARG A 6 -19.07 3.90 -23.17
CA ARG A 6 -19.51 2.74 -22.40
C ARG A 6 -18.70 1.51 -22.80
N ALA A 7 -18.38 0.70 -21.83
CA ALA A 7 -17.58 -0.46 -22.09
C ALA A 7 -18.35 -1.71 -21.72
N PRO A 8 -18.87 -2.45 -22.70
CA PRO A 8 -19.61 -3.68 -22.45
C PRO A 8 -18.67 -4.81 -22.01
N GLY A 9 -18.98 -5.41 -20.89
CA GLY A 9 -18.16 -6.49 -20.39
C GLY A 9 -18.81 -7.83 -20.63
N SER A 10 -18.41 -8.48 -21.70
CA SER A 10 -18.93 -9.80 -22.02
C SER A 10 -18.47 -10.83 -20.99
N THR A 11 -17.26 -10.66 -20.56
CA THR A 11 -16.64 -11.47 -19.57
C THR A 11 -15.96 -10.55 -18.57
N LEU A 12 -16.02 -10.89 -17.31
CA LEU A 12 -15.49 -10.04 -16.26
C LEU A 12 -13.99 -10.17 -16.16
N ALA A 13 -13.37 -9.14 -15.67
CA ALA A 13 -11.94 -9.13 -15.50
C ALA A 13 -11.63 -8.97 -14.03
N ARG A 14 -11.22 -10.04 -13.39
CA ARG A 14 -10.92 -9.99 -11.97
C ARG A 14 -9.52 -9.44 -11.79
N VAL A 15 -9.44 -8.16 -11.61
CA VAL A 15 -8.18 -7.49 -11.44
C VAL A 15 -8.19 -6.59 -10.23
N GLY A 16 -7.35 -6.92 -9.27
CA GLY A 16 -7.21 -6.10 -8.09
C GLY A 16 -6.04 -5.16 -8.27
N SER A 17 -5.47 -5.21 -9.44
CA SER A 17 -4.36 -4.42 -9.80
C SER A 17 -4.76 -3.06 -10.32
N ILE A 18 -4.52 -2.08 -9.52
CA ILE A 18 -4.63 -0.74 -9.98
C ILE A 18 -3.28 -0.46 -10.62
N PRO A 19 -3.24 0.06 -11.86
CA PRO A 19 -1.97 0.37 -12.52
C PRO A 19 -1.13 1.33 -11.68
N ALA A 20 0.15 1.37 -11.90
CA ALA A 20 1.01 2.20 -11.08
C ALA A 20 0.98 3.62 -11.60
N GLY A 21 0.64 4.54 -10.72
CA GLY A 21 0.49 5.92 -11.08
C GLY A 21 1.72 6.74 -10.82
N ASP A 22 1.63 7.62 -9.84
CA ASP A 22 2.70 8.58 -9.59
C ASP A 22 3.10 8.55 -8.12
N ASP A 23 4.37 8.32 -7.87
CA ASP A 23 4.93 8.17 -6.51
C ASP A 23 4.76 9.42 -5.62
N VAL A 24 4.26 9.20 -4.42
CA VAL A 24 3.96 10.26 -3.48
C VAL A 24 5.10 10.52 -2.48
N LEU A 25 5.95 9.53 -2.24
CA LEU A 25 7.01 9.73 -1.26
C LEU A 25 8.28 10.30 -1.90
N ASP A 26 9.35 10.36 -1.12
CA ASP A 26 10.61 10.88 -1.61
C ASP A 26 11.42 9.74 -2.17
N PRO A 27 12.06 9.93 -3.34
CA PRO A 27 12.94 8.90 -3.93
C PRO A 27 14.11 8.54 -3.02
N ASP A 28 14.43 9.44 -2.10
CA ASP A 28 15.52 9.24 -1.14
C ASP A 28 15.20 8.16 -0.15
N GLU A 29 13.90 7.94 0.07
CA GLU A 29 13.45 6.88 0.95
C GLU A 29 13.67 5.55 0.25
N PRO A 30 14.51 4.67 0.80
CA PRO A 30 14.80 3.37 0.19
C PRO A 30 13.55 2.50 0.07
N THR A 31 13.00 2.48 -1.09
CA THR A 31 11.83 1.75 -1.37
C THR A 31 12.21 0.45 -2.03
N TYR A 32 11.28 -0.15 -2.65
CA TYR A 32 11.50 -1.31 -3.39
C TYR A 32 11.35 -0.95 -4.82
N ASP A 33 11.91 -1.75 -5.63
CA ASP A 33 11.96 -1.56 -7.06
C ASP A 33 11.61 -2.91 -7.60
N LEU A 34 11.20 -2.98 -8.84
CA LEU A 34 10.70 -4.19 -9.45
C LEU A 34 11.61 -5.45 -9.20
N PRO A 35 12.95 -5.40 -9.54
CA PRO A 35 13.84 -6.55 -9.29
C PRO A 35 14.03 -6.81 -7.78
N ARG A 36 14.02 -5.74 -6.99
CA ARG A 36 14.20 -5.83 -5.57
C ARG A 36 13.00 -6.53 -4.90
N VAL A 37 11.80 -6.31 -5.44
CA VAL A 37 10.61 -6.96 -4.92
C VAL A 37 10.68 -8.45 -5.23
N ALA A 38 11.13 -8.76 -6.43
CA ALA A 38 11.32 -10.13 -6.86
C ALA A 38 12.35 -10.81 -5.96
N GLU A 39 13.34 -10.03 -5.54
CA GLU A 39 14.37 -10.50 -4.66
C GLU A 39 13.80 -10.78 -3.27
N LEU A 40 13.01 -9.85 -2.77
CA LEU A 40 12.43 -9.94 -1.44
C LEU A 40 11.44 -11.10 -1.32
N LEU A 41 10.59 -11.23 -2.31
CA LEU A 41 9.58 -12.27 -2.29
C LEU A 41 10.12 -13.60 -2.75
N GLY A 42 11.31 -13.57 -3.32
CA GLY A 42 11.97 -14.78 -3.79
C GLY A 42 11.25 -15.40 -4.96
N VAL A 43 10.63 -14.56 -5.74
CA VAL A 43 9.86 -14.99 -6.89
C VAL A 43 10.22 -14.14 -8.10
N PRO A 44 10.02 -14.65 -9.32
CA PRO A 44 10.27 -13.89 -10.54
C PRO A 44 9.31 -12.70 -10.69
N VAL A 45 9.63 -11.80 -11.62
CA VAL A 45 8.86 -10.58 -11.88
C VAL A 45 7.41 -10.92 -12.21
N SER A 46 7.23 -11.99 -12.92
CA SER A 46 5.94 -12.48 -13.31
C SER A 46 5.04 -12.74 -12.09
N LYS A 47 5.60 -13.33 -11.03
CA LYS A 47 4.81 -13.56 -9.85
C LYS A 47 4.48 -12.27 -9.14
N VAL A 48 5.42 -11.34 -9.14
CA VAL A 48 5.18 -10.02 -8.54
C VAL A 48 4.04 -9.32 -9.27
N ALA A 49 4.02 -9.47 -10.58
CA ALA A 49 2.98 -8.91 -11.40
C ALA A 49 1.62 -9.49 -10.99
N GLN A 50 1.58 -10.80 -10.74
CA GLN A 50 0.34 -11.46 -10.34
C GLN A 50 -0.06 -11.06 -8.91
N GLN A 51 0.93 -10.84 -8.03
CA GLN A 51 0.67 -10.40 -6.65
C GLN A 51 -0.12 -9.11 -6.71
N LEU A 52 0.36 -8.23 -7.55
CA LEU A 52 -0.27 -6.94 -7.79
C LEU A 52 -1.67 -7.15 -8.37
N ARG A 53 -1.78 -8.08 -9.33
CA ARG A 53 -3.07 -8.41 -9.98
C ARG A 53 -4.09 -8.97 -9.00
N GLU A 54 -3.61 -9.58 -7.94
CA GLU A 54 -4.49 -10.18 -6.98
C GLU A 54 -4.81 -9.21 -5.84
N GLY A 55 -4.37 -7.96 -6.00
CA GLY A 55 -4.69 -6.92 -5.04
C GLY A 55 -4.02 -7.09 -3.71
N HIS A 56 -2.81 -7.60 -3.71
CA HIS A 56 -2.07 -7.79 -2.46
C HIS A 56 -1.36 -6.52 -2.07
N LEU A 57 -0.94 -5.76 -3.06
CA LEU A 57 -0.21 -4.54 -2.85
C LEU A 57 -0.28 -3.70 -4.10
N VAL A 58 0.19 -2.47 -4.02
CA VAL A 58 0.18 -1.56 -5.16
C VAL A 58 1.56 -0.97 -5.34
N ALA A 59 1.82 -0.45 -6.50
CA ALA A 59 3.09 0.10 -6.84
C ALA A 59 2.88 1.44 -7.48
N VAL A 60 3.91 2.24 -7.52
CA VAL A 60 3.87 3.56 -8.11
C VAL A 60 5.04 3.75 -9.04
N ARG A 61 4.98 4.76 -9.85
CA ARG A 61 6.03 5.00 -10.80
C ARG A 61 6.62 6.39 -10.62
N ARG A 62 7.91 6.46 -10.81
CA ARG A 62 8.66 7.70 -10.78
C ARG A 62 9.84 7.54 -11.73
N ALA A 63 9.98 8.49 -12.65
CA ALA A 63 11.02 8.49 -13.70
C ALA A 63 10.82 7.32 -14.66
N GLY A 64 9.62 6.76 -14.64
CA GLY A 64 9.30 5.61 -15.45
C GLY A 64 9.57 4.30 -14.72
N GLY A 65 10.15 4.40 -13.55
CA GLY A 65 10.47 3.22 -12.78
C GLY A 65 9.35 2.82 -11.90
N VAL A 66 9.15 1.54 -11.74
CA VAL A 66 8.09 1.02 -10.92
C VAL A 66 8.68 0.67 -9.58
N VAL A 67 8.17 1.31 -8.56
CA VAL A 67 8.68 1.16 -7.24
C VAL A 67 7.54 0.97 -6.26
N ILE A 68 7.86 0.39 -5.14
CA ILE A 68 6.89 0.16 -4.09
C ILE A 68 7.47 0.71 -2.79
N PRO A 69 6.73 1.60 -2.10
CA PRO A 69 7.18 2.16 -0.82
C PRO A 69 7.54 1.07 0.20
N GLN A 70 8.69 1.25 0.87
CA GLN A 70 9.25 0.31 1.87
C GLN A 70 8.20 -0.12 2.91
N VAL A 71 7.44 0.85 3.32
CA VAL A 71 6.46 0.72 4.38
C VAL A 71 5.22 -0.13 4.03
N PHE A 72 5.09 -0.54 2.77
CA PHE A 72 4.01 -1.45 2.38
C PHE A 72 4.35 -2.86 2.79
N PHE A 73 5.60 -3.03 3.10
CA PHE A 73 6.12 -4.27 3.60
C PHE A 73 6.44 -4.05 5.06
N THR A 74 6.48 -5.10 5.81
CA THR A 74 6.75 -5.03 7.20
C THR A 74 8.25 -5.06 7.42
N ASN A 75 8.68 -4.84 8.66
CA ASN A 75 10.11 -4.86 8.99
C ASN A 75 10.66 -6.29 8.87
N SER A 76 9.77 -7.27 8.85
CA SER A 76 10.15 -8.66 8.73
C SER A 76 10.25 -9.08 7.23
N GLY A 77 10.04 -8.12 6.34
CA GLY A 77 10.18 -8.39 4.92
C GLY A 77 8.97 -9.10 4.31
N GLN A 78 7.85 -9.00 4.99
CA GLN A 78 6.61 -9.59 4.50
C GLN A 78 5.69 -8.46 4.13
N VAL A 79 4.64 -8.72 3.42
CA VAL A 79 3.73 -7.64 3.10
C VAL A 79 2.75 -7.50 4.27
N VAL A 80 2.24 -6.31 4.50
CA VAL A 80 1.32 -6.08 5.62
C VAL A 80 0.01 -6.87 5.42
N LYS A 81 -0.48 -7.48 6.49
CA LYS A 81 -1.70 -8.28 6.45
C LYS A 81 -2.94 -7.46 6.13
N SER A 82 -2.99 -6.27 6.69
CA SER A 82 -4.16 -5.43 6.54
C SER A 82 -4.07 -4.61 5.22
N LEU A 83 -2.98 -4.81 4.48
CA LEU A 83 -2.74 -4.10 3.23
C LEU A 83 -3.77 -4.45 2.12
N PRO A 84 -3.98 -5.77 1.78
CA PRO A 84 -4.97 -6.14 0.75
C PRO A 84 -6.36 -5.64 1.11
N GLY A 85 -6.64 -5.62 2.41
CA GLY A 85 -7.93 -5.18 2.90
C GLY A 85 -8.16 -3.71 2.65
N LEU A 86 -7.16 -2.88 2.94
CA LEU A 86 -7.30 -1.43 2.74
C LEU A 86 -7.46 -1.12 1.27
N LEU A 87 -6.70 -1.82 0.45
CA LEU A 87 -6.77 -1.64 -0.99
C LEU A 87 -8.14 -2.01 -1.52
N THR A 88 -8.75 -3.00 -0.92
CA THR A 88 -10.05 -3.48 -1.34
C THR A 88 -11.18 -2.45 -1.04
N ILE A 89 -11.14 -1.85 0.15
CA ILE A 89 -12.15 -0.87 0.53
C ILE A 89 -12.02 0.41 -0.31
N LEU A 90 -10.78 0.85 -0.54
CA LEU A 90 -10.54 2.02 -1.40
C LEU A 90 -10.92 1.73 -2.84
N HIS A 91 -10.69 0.49 -3.26
CA HIS A 91 -11.06 0.05 -4.59
C HIS A 91 -12.56 0.20 -4.81
N ASP A 92 -13.36 -0.04 -3.76
CA ASP A 92 -14.81 0.11 -3.87
C ASP A 92 -15.21 1.58 -4.02
N GLY A 93 -14.40 2.44 -3.44
CA GLY A 93 -14.63 3.87 -3.55
C GLY A 93 -14.04 4.44 -4.83
N GLY A 94 -13.28 3.61 -5.52
CA GLY A 94 -12.70 3.99 -6.78
C GLY A 94 -11.52 4.90 -6.63
N TYR A 95 -10.61 4.57 -5.75
CA TYR A 95 -9.43 5.37 -5.54
C TYR A 95 -8.19 4.66 -6.07
N ARG A 96 -7.42 5.38 -6.87
CA ARG A 96 -6.22 4.84 -7.48
C ARG A 96 -5.09 4.75 -6.44
N ASP A 97 -4.03 4.10 -6.84
CA ASP A 97 -2.83 3.78 -6.05
C ASP A 97 -2.23 5.04 -5.40
N THR A 98 -2.13 6.07 -6.20
CA THR A 98 -1.57 7.30 -5.81
C THR A 98 -2.41 7.94 -4.70
N GLU A 99 -3.72 7.87 -4.85
CA GLU A 99 -4.61 8.47 -3.88
C GLU A 99 -4.54 7.76 -2.56
N ILE A 100 -4.33 6.43 -2.59
CA ILE A 100 -4.28 5.64 -1.35
C ILE A 100 -3.14 6.14 -0.49
N MET A 101 -1.98 6.27 -1.12
CA MET A 101 -0.80 6.71 -0.43
C MET A 101 -0.80 8.22 -0.17
N ARG A 102 -1.68 8.94 -0.84
CA ARG A 102 -1.80 10.37 -0.69
C ARG A 102 -2.14 10.74 0.77
N TRP A 103 -3.30 10.29 1.23
CA TRP A 103 -3.70 10.52 2.63
C TRP A 103 -2.85 9.73 3.62
N LEU A 104 -2.40 8.57 3.20
CA LEU A 104 -1.58 7.68 4.02
C LEU A 104 -0.23 8.29 4.43
N PHE A 105 0.42 8.99 3.54
CA PHE A 105 1.73 9.55 3.83
C PHE A 105 1.67 10.88 4.52
N THR A 106 0.54 11.51 4.47
CA THR A 106 0.37 12.74 5.17
C THR A 106 0.00 12.45 6.61
N PRO A 107 0.77 12.98 7.58
CA PRO A 107 0.48 12.79 9.00
C PRO A 107 -0.95 13.20 9.35
N ASP A 108 -1.60 12.37 10.13
CA ASP A 108 -2.98 12.60 10.49
C ASP A 108 -3.06 13.34 11.82
N PRO A 109 -3.69 14.52 11.82
CA PRO A 109 -3.79 15.36 13.02
C PRO A 109 -4.52 14.70 14.19
N SER A 110 -5.36 13.73 13.90
CA SER A 110 -6.15 13.08 14.89
C SER A 110 -5.51 11.77 15.34
N LEU A 111 -4.37 11.45 14.76
CA LEU A 111 -3.71 10.23 15.06
C LEU A 111 -2.56 10.45 16.02
N THR A 112 -2.60 9.75 17.09
CA THR A 112 -1.55 9.74 18.07
C THR A 112 -1.27 8.29 18.39
N ILE A 113 -0.08 7.83 18.09
CA ILE A 113 0.26 6.43 18.27
C ILE A 113 1.65 6.24 18.84
N THR A 114 1.89 5.07 19.33
CA THR A 114 3.20 4.68 19.74
C THR A 114 3.82 3.87 18.61
N ARG A 115 5.01 4.23 18.26
CA ARG A 115 5.68 3.62 17.13
C ARG A 115 6.57 2.49 17.63
N ASP A 116 6.84 1.50 16.79
CA ASP A 116 7.71 0.41 17.18
C ASP A 116 9.13 0.92 17.31
N GLY A 117 9.55 1.08 18.54
CA GLY A 117 10.85 1.62 18.81
C GLY A 117 10.73 2.96 19.50
N SER A 118 9.51 3.39 19.75
CA SER A 118 9.24 4.63 20.42
C SER A 118 8.06 4.43 21.37
N ARG A 119 8.37 4.34 22.65
CA ARG A 119 7.34 4.16 23.67
C ARG A 119 6.54 5.44 23.87
N ASP A 120 7.10 6.53 23.41
CA ASP A 120 6.48 7.82 23.49
C ASP A 120 5.37 7.91 22.46
N ALA A 121 4.36 8.68 22.77
CA ALA A 121 3.24 8.83 21.89
C ALA A 121 3.55 9.91 20.88
N VAL A 122 3.46 9.57 19.64
CA VAL A 122 3.73 10.49 18.58
C VAL A 122 2.41 11.04 18.07
N SER A 123 2.25 12.32 18.20
CA SER A 123 1.07 12.99 17.75
C SER A 123 1.27 13.44 16.31
N ASN A 124 0.23 13.26 15.49
CA ASN A 124 0.23 13.67 14.09
C ASN A 124 1.26 12.85 13.32
N ALA A 125 1.02 11.56 13.29
CA ALA A 125 1.91 10.64 12.60
C ALA A 125 1.25 10.16 11.31
N ARG A 126 2.04 9.61 10.40
CA ARG A 126 1.48 9.13 9.15
C ARG A 126 0.82 7.76 9.35
N PRO A 127 -0.45 7.61 8.92
CA PRO A 127 -1.23 6.37 9.06
C PRO A 127 -0.55 5.10 8.51
N VAL A 128 0.43 5.25 7.60
CA VAL A 128 1.12 4.07 7.08
C VAL A 128 1.89 3.37 8.20
N ASP A 129 2.51 4.16 9.08
CA ASP A 129 3.29 3.57 10.16
C ASP A 129 2.35 2.91 11.12
N ALA A 130 1.17 3.51 11.26
CA ALA A 130 0.13 3.01 12.12
C ALA A 130 -0.31 1.61 11.70
N LEU A 131 -0.64 1.44 10.41
CA LEU A 131 -1.10 0.14 9.91
C LEU A 131 0.01 -0.90 10.01
N HIS A 132 1.23 -0.44 9.83
CA HIS A 132 2.43 -1.27 9.90
C HIS A 132 2.61 -1.74 11.35
N ALA A 133 2.28 -0.87 12.27
CA ALA A 133 2.41 -1.13 13.71
C ALA A 133 1.14 -1.76 14.30
N HIS A 134 0.22 -2.14 13.43
CA HIS A 134 -1.05 -2.80 13.80
C HIS A 134 -1.99 -1.82 14.57
N GLN A 135 -1.82 -0.55 14.28
CA GLN A 135 -2.68 0.53 14.77
C GLN A 135 -3.69 0.82 13.66
N ALA A 136 -3.89 -0.20 12.86
CA ALA A 136 -4.69 -0.23 11.64
C ALA A 136 -6.12 0.27 11.80
N ARG A 137 -6.67 0.16 13.01
CA ARG A 137 -8.09 0.50 13.25
C ARG A 137 -8.40 1.94 12.80
N GLU A 138 -7.55 2.90 13.21
CA GLU A 138 -7.72 4.30 12.77
C GLU A 138 -7.49 4.47 11.27
N VAL A 139 -6.60 3.66 10.73
CA VAL A 139 -6.25 3.75 9.32
C VAL A 139 -7.43 3.31 8.46
N VAL A 140 -7.99 2.16 8.79
CA VAL A 140 -9.12 1.61 8.07
C VAL A 140 -10.32 2.54 8.22
N ARG A 141 -10.52 3.03 9.43
CA ARG A 141 -11.59 3.97 9.74
C ARG A 141 -11.48 5.23 8.89
N ARG A 142 -10.27 5.80 8.82
CA ARG A 142 -10.04 7.02 8.08
C ARG A 142 -10.29 6.75 6.58
N ALA A 143 -9.89 5.56 6.13
CA ALA A 143 -10.09 5.14 4.76
C ALA A 143 -11.57 5.01 4.45
N GLN A 144 -12.31 4.37 5.35
CA GLN A 144 -13.76 4.21 5.21
C GLN A 144 -14.48 5.55 5.21
N ALA A 145 -13.97 6.47 6.01
CA ALA A 145 -14.53 7.81 6.08
C ALA A 145 -14.29 8.56 4.77
N MET A 146 -13.10 8.40 4.23
CA MET A 146 -12.71 9.05 2.97
C MET A 146 -13.45 8.44 1.79
N ALA A 147 -13.51 7.12 1.75
CA ALA A 147 -14.13 6.42 0.63
C ALA A 147 -15.64 6.51 0.64
N TYR A 148 -16.24 6.58 1.81
CA TYR A 148 -17.68 6.64 1.89
C TYR A 148 -18.14 7.96 2.46
N MET A 3 -38.26 -23.02 1.15
CA MET A 3 -38.62 -22.79 -0.25
C MET A 3 -37.35 -22.50 -1.02
N PRO A 4 -37.32 -22.76 -2.34
CA PRO A 4 -36.13 -22.50 -3.15
C PRO A 4 -35.72 -21.03 -3.16
N GLY A 5 -34.51 -20.78 -2.73
CA GLY A 5 -34.02 -19.44 -2.66
C GLY A 5 -32.94 -19.24 -3.68
N ARG A 6 -33.29 -18.59 -4.75
CA ARG A 6 -32.35 -18.34 -5.82
C ARG A 6 -31.35 -17.27 -5.39
N ALA A 7 -30.08 -17.54 -5.63
CA ALA A 7 -29.02 -16.66 -5.18
C ALA A 7 -28.70 -15.60 -6.24
N PRO A 8 -28.18 -14.43 -5.81
CA PRO A 8 -27.79 -13.38 -6.74
C PRO A 8 -26.34 -13.56 -7.21
N GLY A 9 -26.17 -14.36 -8.24
CA GLY A 9 -24.87 -14.57 -8.79
C GLY A 9 -24.54 -13.47 -9.75
N SER A 10 -23.89 -12.47 -9.28
CA SER A 10 -23.53 -11.34 -10.09
C SER A 10 -22.02 -11.12 -10.03
N THR A 11 -21.50 -10.32 -10.92
CA THR A 11 -20.10 -10.04 -11.01
C THR A 11 -19.66 -9.14 -9.85
N LEU A 12 -18.53 -9.45 -9.25
CA LEU A 12 -17.98 -8.66 -8.16
C LEU A 12 -17.16 -7.49 -8.74
N ALA A 13 -16.51 -6.72 -7.88
CA ALA A 13 -15.68 -5.60 -8.31
C ALA A 13 -14.50 -6.11 -9.11
N ARG A 14 -14.37 -5.64 -10.32
CA ARG A 14 -13.37 -6.08 -11.22
C ARG A 14 -12.03 -5.46 -10.88
N VAL A 15 -11.10 -6.29 -10.51
CA VAL A 15 -9.76 -5.85 -10.28
C VAL A 15 -8.82 -6.45 -11.33
N GLY A 16 -8.57 -5.67 -12.35
CA GLY A 16 -7.66 -6.06 -13.39
C GLY A 16 -6.25 -5.79 -12.96
N SER A 17 -6.04 -4.56 -12.51
CA SER A 17 -4.79 -4.12 -11.95
C SER A 17 -4.92 -2.64 -11.70
N ILE A 18 -4.04 -2.09 -10.90
CA ILE A 18 -4.02 -0.69 -10.67
C ILE A 18 -2.77 -0.15 -11.34
N PRO A 19 -2.90 0.78 -12.28
CA PRO A 19 -1.75 1.37 -12.97
C PRO A 19 -1.01 2.32 -12.04
N ALA A 20 0.29 2.36 -12.15
CA ALA A 20 1.08 3.21 -11.30
C ALA A 20 1.13 4.62 -11.88
N GLY A 21 0.82 5.59 -11.08
CA GLY A 21 0.80 6.95 -11.53
C GLY A 21 1.83 7.79 -10.86
N ASP A 22 1.39 8.73 -10.06
CA ASP A 22 2.27 9.71 -9.44
C ASP A 22 2.68 9.25 -8.06
N ASP A 23 3.97 9.25 -7.83
CA ASP A 23 4.55 8.86 -6.55
C ASP A 23 4.26 9.90 -5.48
N VAL A 24 3.94 9.41 -4.31
CA VAL A 24 3.55 10.23 -3.19
C VAL A 24 4.77 10.45 -2.25
N LEU A 25 5.81 9.69 -2.49
CA LEU A 25 7.05 9.82 -1.77
C LEU A 25 7.95 10.84 -2.48
N ASP A 26 9.17 10.89 -2.04
CA ASP A 26 10.18 11.61 -2.73
C ASP A 26 11.06 10.57 -3.39
N PRO A 27 11.50 10.77 -4.65
CA PRO A 27 12.28 9.77 -5.40
C PRO A 27 13.50 9.22 -4.65
N ASP A 28 14.05 9.99 -3.71
CA ASP A 28 15.25 9.56 -3.00
C ASP A 28 14.91 8.71 -1.74
N GLU A 29 13.63 8.56 -1.44
CA GLU A 29 13.24 7.77 -0.28
C GLU A 29 13.41 6.28 -0.56
N PRO A 30 13.79 5.50 0.48
CA PRO A 30 13.97 4.05 0.36
C PRO A 30 12.72 3.37 -0.19
N THR A 31 12.90 2.65 -1.26
CA THR A 31 11.82 2.04 -1.97
C THR A 31 12.18 0.63 -2.46
N TYR A 32 11.20 -0.06 -2.92
CA TYR A 32 11.29 -1.37 -3.48
C TYR A 32 11.02 -1.29 -4.96
N ASP A 33 11.46 -2.28 -5.65
CA ASP A 33 11.26 -2.42 -7.07
C ASP A 33 10.86 -3.87 -7.23
N LEU A 34 10.26 -4.23 -8.33
CA LEU A 34 9.69 -5.56 -8.53
C LEU A 34 10.71 -6.71 -8.29
N PRO A 35 11.92 -6.70 -8.92
CA PRO A 35 12.94 -7.72 -8.66
C PRO A 35 13.37 -7.77 -7.17
N ARG A 36 13.43 -6.59 -6.53
CA ARG A 36 13.77 -6.50 -5.13
C ARG A 36 12.65 -7.13 -4.27
N VAL A 37 11.42 -6.94 -4.70
CA VAL A 37 10.26 -7.53 -4.03
C VAL A 37 10.24 -9.04 -4.24
N ALA A 38 10.57 -9.44 -5.46
CA ALA A 38 10.63 -10.84 -5.84
C ALA A 38 11.62 -11.55 -4.94
N GLU A 39 12.72 -10.89 -4.71
CA GLU A 39 13.80 -11.33 -3.86
C GLU A 39 13.31 -11.44 -2.41
N LEU A 40 12.59 -10.42 -1.97
CA LEU A 40 12.10 -10.28 -0.62
C LEU A 40 11.09 -11.37 -0.27
N LEU A 41 10.23 -11.69 -1.20
CA LEU A 41 9.20 -12.69 -0.96
C LEU A 41 9.65 -14.08 -1.41
N GLY A 42 10.67 -14.12 -2.26
CA GLY A 42 11.17 -15.37 -2.77
C GLY A 42 10.30 -15.89 -3.91
N VAL A 43 9.59 -14.98 -4.55
CA VAL A 43 8.68 -15.31 -5.63
C VAL A 43 9.21 -14.73 -6.93
N PRO A 44 8.75 -15.20 -8.09
CA PRO A 44 9.13 -14.60 -9.36
C PRO A 44 8.54 -13.20 -9.54
N VAL A 45 9.19 -12.40 -10.37
CA VAL A 45 8.77 -11.03 -10.67
C VAL A 45 7.37 -11.05 -11.29
N SER A 46 7.10 -12.09 -12.07
CA SER A 46 5.82 -12.28 -12.69
C SER A 46 4.72 -12.39 -11.61
N LYS A 47 5.01 -13.06 -10.49
CA LYS A 47 4.04 -13.15 -9.40
C LYS A 47 3.84 -11.81 -8.72
N VAL A 48 4.88 -11.00 -8.66
CA VAL A 48 4.77 -9.64 -8.13
C VAL A 48 3.80 -8.84 -9.02
N ALA A 49 3.95 -9.02 -10.33
CA ALA A 49 3.07 -8.40 -11.30
C ALA A 49 1.63 -8.90 -11.11
N GLN A 50 1.50 -10.18 -10.77
CA GLN A 50 0.19 -10.78 -10.51
C GLN A 50 -0.45 -10.19 -9.25
N GLN A 51 0.37 -9.88 -8.25
CA GLN A 51 -0.11 -9.23 -7.02
C GLN A 51 -0.70 -7.89 -7.36
N LEU A 52 0.00 -7.18 -8.22
CA LEU A 52 -0.42 -5.88 -8.73
C LEU A 52 -1.74 -6.00 -9.50
N ARG A 53 -1.89 -7.11 -10.17
CA ARG A 53 -3.11 -7.45 -10.88
C ARG A 53 -4.27 -7.79 -9.95
N GLU A 54 -3.97 -8.39 -8.81
CA GLU A 54 -5.02 -8.83 -7.90
C GLU A 54 -5.36 -7.77 -6.86
N GLY A 55 -4.54 -6.76 -6.78
CA GLY A 55 -4.76 -5.74 -5.80
C GLY A 55 -4.27 -6.20 -4.44
N HIS A 56 -3.19 -6.94 -4.45
CA HIS A 56 -2.54 -7.39 -3.23
C HIS A 56 -1.47 -6.39 -2.86
N LEU A 57 -0.97 -5.73 -3.88
CA LEU A 57 0.10 -4.81 -3.74
C LEU A 57 -0.11 -3.74 -4.79
N VAL A 58 0.38 -2.54 -4.53
CA VAL A 58 0.23 -1.45 -5.46
C VAL A 58 1.54 -0.69 -5.53
N ALA A 59 1.77 -0.01 -6.64
CA ALA A 59 3.03 0.65 -6.90
C ALA A 59 2.78 2.03 -7.46
N VAL A 60 3.79 2.88 -7.39
CA VAL A 60 3.74 4.24 -7.92
C VAL A 60 4.98 4.50 -8.76
N ARG A 61 4.99 5.57 -9.52
CA ARG A 61 6.13 5.85 -10.37
C ARG A 61 6.90 7.07 -9.91
N ARG A 62 8.21 6.90 -9.81
CA ARG A 62 9.13 7.97 -9.47
C ARG A 62 10.04 8.20 -10.68
N ALA A 63 9.94 9.37 -11.27
CA ALA A 63 10.70 9.74 -12.49
C ALA A 63 10.29 8.84 -13.67
N GLY A 64 9.20 8.13 -13.52
CA GLY A 64 8.75 7.20 -14.51
C GLY A 64 8.97 5.75 -14.11
N GLY A 65 9.89 5.52 -13.19
CA GLY A 65 10.19 4.17 -12.76
C GLY A 65 9.15 3.68 -11.80
N VAL A 66 8.84 2.41 -11.83
CA VAL A 66 7.79 1.87 -11.01
C VAL A 66 8.39 1.30 -9.74
N VAL A 67 7.98 1.84 -8.62
CA VAL A 67 8.50 1.44 -7.32
C VAL A 67 7.39 1.26 -6.32
N ILE A 68 7.73 0.61 -5.24
CA ILE A 68 6.81 0.31 -4.19
C ILE A 68 7.45 0.76 -2.87
N PRO A 69 6.79 1.60 -2.08
CA PRO A 69 7.32 2.06 -0.78
C PRO A 69 7.67 0.90 0.17
N GLN A 70 8.81 1.04 0.88
CA GLN A 70 9.30 0.07 1.89
C GLN A 70 8.21 -0.32 2.89
N VAL A 71 7.37 0.65 3.20
CA VAL A 71 6.32 0.53 4.21
C VAL A 71 5.16 -0.39 3.79
N PHE A 72 5.19 -0.91 2.59
CA PHE A 72 4.18 -1.86 2.16
C PHE A 72 4.57 -3.27 2.57
N PHE A 73 5.76 -3.37 3.08
CA PHE A 73 6.31 -4.60 3.55
C PHE A 73 6.92 -4.36 4.89
N THR A 74 7.18 -5.41 5.58
CA THR A 74 7.85 -5.28 6.82
C THR A 74 9.32 -5.50 6.56
N ASN A 75 10.15 -5.02 7.44
CA ASN A 75 11.58 -5.23 7.36
C ASN A 75 11.94 -6.69 7.62
N SER A 76 10.98 -7.41 8.18
CA SER A 76 11.16 -8.80 8.54
C SER A 76 11.02 -9.72 7.30
N GLY A 77 10.65 -9.16 6.15
CA GLY A 77 10.62 -9.97 4.94
C GLY A 77 9.24 -10.32 4.47
N GLN A 78 8.23 -10.01 5.25
CA GLN A 78 6.88 -10.32 4.84
C GLN A 78 6.16 -9.05 4.43
N VAL A 79 5.08 -9.21 3.73
CA VAL A 79 4.24 -8.08 3.36
C VAL A 79 3.41 -7.73 4.61
N VAL A 80 2.95 -6.50 4.72
CA VAL A 80 2.12 -6.15 5.84
C VAL A 80 0.80 -6.94 5.75
N LYS A 81 0.48 -7.66 6.80
CA LYS A 81 -0.66 -8.56 6.82
C LYS A 81 -2.03 -7.86 6.62
N SER A 82 -2.07 -6.58 6.90
CA SER A 82 -3.30 -5.83 6.76
C SER A 82 -3.26 -4.97 5.48
N LEU A 83 -2.27 -5.22 4.62
CA LEU A 83 -2.10 -4.46 3.38
C LEU A 83 -3.30 -4.65 2.43
N PRO A 84 -3.74 -5.93 2.10
CA PRO A 84 -4.87 -6.13 1.21
C PRO A 84 -6.15 -5.54 1.76
N GLY A 85 -6.25 -5.49 3.09
CA GLY A 85 -7.45 -4.98 3.74
C GLY A 85 -7.75 -3.55 3.40
N LEU A 86 -6.72 -2.71 3.41
CA LEU A 86 -6.89 -1.30 3.08
C LEU A 86 -7.20 -1.16 1.60
N LEU A 87 -6.53 -1.96 0.80
CA LEU A 87 -6.71 -1.95 -0.63
C LEU A 87 -8.11 -2.37 -1.02
N THR A 88 -8.62 -3.40 -0.37
CA THR A 88 -9.95 -3.95 -0.68
C THR A 88 -11.06 -2.87 -0.55
N ILE A 89 -11.04 -2.12 0.54
CA ILE A 89 -12.03 -1.09 0.76
C ILE A 89 -11.85 0.07 -0.25
N LEU A 90 -10.62 0.45 -0.49
CA LEU A 90 -10.31 1.52 -1.42
C LEU A 90 -10.64 1.13 -2.88
N HIS A 91 -10.43 -0.13 -3.21
CA HIS A 91 -10.75 -0.64 -4.53
C HIS A 91 -12.24 -0.59 -4.78
N ASP A 92 -13.03 -0.78 -3.72
CA ASP A 92 -14.50 -0.72 -3.82
C ASP A 92 -14.94 0.69 -4.23
N GLY A 93 -14.17 1.68 -3.80
CA GLY A 93 -14.47 3.06 -4.12
C GLY A 93 -13.79 3.52 -5.38
N GLY A 94 -12.98 2.65 -5.96
CA GLY A 94 -12.27 2.98 -7.18
C GLY A 94 -11.16 3.99 -6.96
N TYR A 95 -10.39 3.83 -5.91
CA TYR A 95 -9.29 4.72 -5.63
C TYR A 95 -7.99 4.18 -6.20
N ARG A 96 -7.29 5.05 -6.91
CA ARG A 96 -6.05 4.71 -7.59
C ARG A 96 -4.86 4.73 -6.63
N ASP A 97 -3.72 4.28 -7.11
CA ASP A 97 -2.46 4.12 -6.36
C ASP A 97 -2.02 5.39 -5.66
N THR A 98 -2.06 6.49 -6.38
CA THR A 98 -1.72 7.78 -5.85
C THR A 98 -2.65 8.16 -4.68
N GLU A 99 -3.94 7.86 -4.84
CA GLU A 99 -4.93 8.16 -3.82
C GLU A 99 -4.70 7.34 -2.56
N ILE A 100 -4.32 6.06 -2.73
CA ILE A 100 -4.14 5.16 -1.59
C ILE A 100 -3.03 5.73 -0.69
N MET A 101 -1.93 6.06 -1.33
CA MET A 101 -0.77 6.56 -0.63
C MET A 101 -0.94 8.01 -0.20
N ARG A 102 -1.88 8.70 -0.83
CA ARG A 102 -2.12 10.13 -0.61
C ARG A 102 -2.38 10.42 0.86
N TRP A 103 -3.49 9.93 1.36
CA TRP A 103 -3.84 10.15 2.74
C TRP A 103 -2.93 9.39 3.69
N LEU A 104 -2.46 8.22 3.26
CA LEU A 104 -1.59 7.37 4.05
C LEU A 104 -0.27 8.04 4.42
N PHE A 105 0.31 8.79 3.51
CA PHE A 105 1.57 9.44 3.77
C PHE A 105 1.42 10.87 4.26
N THR A 106 0.22 11.33 4.37
CA THR A 106 -0.02 12.66 4.88
C THR A 106 -0.10 12.62 6.42
N PRO A 107 0.79 13.35 7.14
CA PRO A 107 0.75 13.41 8.59
C PRO A 107 -0.49 14.15 9.07
N ASP A 108 -1.22 13.56 9.98
CA ASP A 108 -2.43 14.19 10.46
C ASP A 108 -2.16 14.82 11.82
N PRO A 109 -2.42 16.13 11.98
CA PRO A 109 -2.17 16.87 13.23
C PRO A 109 -2.95 16.34 14.42
N SER A 110 -4.04 15.67 14.17
CA SER A 110 -4.86 15.17 15.23
C SER A 110 -4.68 13.67 15.40
N LEU A 111 -3.69 13.13 14.72
CA LEU A 111 -3.33 11.75 14.87
C LEU A 111 -2.08 11.67 15.72
N THR A 112 -2.17 10.96 16.79
CA THR A 112 -1.07 10.76 17.69
C THR A 112 -0.97 9.28 17.97
N ILE A 113 0.07 8.68 17.49
CA ILE A 113 0.21 7.24 17.55
C ILE A 113 1.51 6.80 18.17
N THR A 114 1.45 5.71 18.87
CA THR A 114 2.61 5.12 19.48
C THR A 114 3.24 4.16 18.47
N ARG A 115 4.51 3.95 18.57
CA ARG A 115 5.22 3.16 17.59
C ARG A 115 6.25 2.32 18.31
N ASP A 116 6.35 1.05 17.92
CA ASP A 116 7.25 0.07 18.56
C ASP A 116 8.71 0.57 18.60
N GLY A 117 9.29 0.50 19.77
CA GLY A 117 10.63 1.00 19.99
C GLY A 117 10.64 2.00 21.11
N SER A 118 9.50 2.59 21.33
CA SER A 118 9.30 3.55 22.38
C SER A 118 7.82 3.48 22.78
N ARG A 119 7.51 3.78 24.02
CA ARG A 119 6.12 3.74 24.43
C ARG A 119 5.43 5.08 24.19
N ASP A 120 6.24 6.05 23.85
CA ASP A 120 5.79 7.40 23.58
C ASP A 120 5.10 7.48 22.24
N ALA A 121 4.19 8.40 22.14
CA ALA A 121 3.43 8.58 20.93
C ALA A 121 3.93 9.78 20.15
N VAL A 122 3.86 9.68 18.86
CA VAL A 122 4.24 10.73 17.96
C VAL A 122 2.98 11.40 17.46
N SER A 123 2.87 12.67 17.70
CA SER A 123 1.74 13.41 17.23
C SER A 123 2.09 13.96 15.86
N ASN A 124 1.08 14.10 15.02
CA ASN A 124 1.21 14.59 13.64
C ASN A 124 2.03 13.58 12.85
N ALA A 125 1.48 12.41 12.73
CA ALA A 125 2.13 11.34 12.02
C ALA A 125 1.24 10.84 10.92
N ARG A 126 1.81 10.10 10.03
CA ARG A 126 1.10 9.51 8.92
C ARG A 126 0.50 8.16 9.34
N PRO A 127 -0.72 7.83 8.86
CA PRO A 127 -1.40 6.56 9.18
C PRO A 127 -0.59 5.29 8.82
N VAL A 128 0.42 5.42 7.94
CA VAL A 128 1.27 4.28 7.56
C VAL A 128 2.00 3.73 8.80
N ASP A 129 2.48 4.63 9.63
CA ASP A 129 3.21 4.25 10.84
C ASP A 129 2.34 3.45 11.79
N ALA A 130 1.06 3.78 11.77
CA ALA A 130 0.07 3.12 12.61
C ALA A 130 -0.15 1.69 12.14
N LEU A 131 -0.10 1.51 10.83
CA LEU A 131 -0.34 0.24 10.20
C LEU A 131 0.63 -0.83 10.66
N HIS A 132 1.90 -0.48 10.75
CA HIS A 132 2.95 -1.43 11.13
C HIS A 132 2.85 -1.76 12.61
N ALA A 133 2.12 -0.96 13.31
CA ALA A 133 2.00 -1.08 14.75
C ALA A 133 0.69 -1.75 15.15
N HIS A 134 0.02 -2.36 14.15
CA HIS A 134 -1.26 -3.07 14.35
C HIS A 134 -2.37 -2.07 14.77
N GLN A 135 -2.19 -0.85 14.35
CA GLN A 135 -3.16 0.21 14.57
C GLN A 135 -3.85 0.47 13.24
N ALA A 136 -3.80 -0.57 12.43
CA ALA A 136 -4.36 -0.68 11.08
C ALA A 136 -5.83 -0.31 11.05
N ARG A 137 -6.51 -0.48 12.17
CA ARG A 137 -7.92 -0.15 12.31
C ARG A 137 -8.18 1.32 11.96
N GLU A 138 -7.27 2.20 12.37
CA GLU A 138 -7.38 3.61 12.01
C GLU A 138 -7.14 3.81 10.55
N VAL A 139 -6.26 3.00 9.98
CA VAL A 139 -5.97 3.05 8.56
C VAL A 139 -7.24 2.72 7.78
N VAL A 140 -7.95 1.69 8.25
CA VAL A 140 -9.23 1.30 7.66
C VAL A 140 -10.22 2.43 7.80
N ARG A 141 -10.32 2.98 9.00
CA ARG A 141 -11.22 4.09 9.29
C ARG A 141 -10.94 5.30 8.39
N ARG A 142 -9.66 5.59 8.20
CA ARG A 142 -9.27 6.71 7.34
C ARG A 142 -9.60 6.40 5.89
N ALA A 143 -9.42 5.14 5.50
CA ALA A 143 -9.76 4.69 4.17
C ALA A 143 -11.25 4.83 3.92
N GLN A 144 -12.05 4.43 4.91
CA GLN A 144 -13.51 4.50 4.86
C GLN A 144 -13.94 5.95 4.65
N ALA A 145 -13.39 6.84 5.44
CA ALA A 145 -13.70 8.26 5.39
C ALA A 145 -13.30 8.89 4.05
N MET A 146 -12.28 8.35 3.44
CA MET A 146 -11.83 8.88 2.17
C MET A 146 -12.62 8.28 1.02
N ALA A 147 -12.96 7.01 1.13
CA ALA A 147 -13.66 6.31 0.08
C ALA A 147 -15.14 6.65 0.01
N TYR A 148 -15.79 6.71 1.14
CA TYR A 148 -17.21 6.93 1.18
C TYR A 148 -17.52 8.35 1.62
N MET A 3 -33.74 -7.62 -40.01
CA MET A 3 -34.86 -6.96 -39.33
C MET A 3 -34.32 -5.78 -38.55
N PRO A 4 -35.15 -4.81 -38.15
CA PRO A 4 -34.70 -3.72 -37.33
C PRO A 4 -34.56 -4.15 -35.86
N GLY A 5 -33.35 -4.43 -35.46
CA GLY A 5 -33.13 -4.86 -34.11
C GLY A 5 -31.68 -4.92 -33.74
N ARG A 6 -31.00 -3.81 -33.91
CA ARG A 6 -29.59 -3.73 -33.51
C ARG A 6 -29.52 -3.66 -31.99
N ALA A 7 -28.53 -4.26 -31.41
CA ALA A 7 -28.38 -4.25 -29.98
C ALA A 7 -26.91 -4.34 -29.60
N PRO A 8 -26.43 -3.43 -28.74
CA PRO A 8 -25.10 -3.52 -28.21
C PRO A 8 -25.07 -4.61 -27.13
N GLY A 9 -24.46 -5.72 -27.46
CA GLY A 9 -24.47 -6.85 -26.57
C GLY A 9 -23.36 -6.82 -25.56
N SER A 10 -22.92 -7.99 -25.20
CA SER A 10 -21.94 -8.21 -24.17
C SER A 10 -20.60 -7.53 -24.49
N THR A 11 -20.21 -6.64 -23.62
CA THR A 11 -18.98 -5.93 -23.72
C THR A 11 -18.16 -6.27 -22.46
N LEU A 12 -16.86 -6.33 -22.56
CA LEU A 12 -16.03 -6.73 -21.43
C LEU A 12 -15.78 -5.60 -20.45
N ALA A 13 -15.59 -5.96 -19.20
CA ALA A 13 -15.28 -5.03 -18.14
C ALA A 13 -14.09 -5.56 -17.37
N ARG A 14 -13.26 -4.69 -16.87
CA ARG A 14 -12.06 -5.10 -16.17
C ARG A 14 -11.63 -4.05 -15.17
N VAL A 15 -11.31 -4.50 -13.99
CA VAL A 15 -10.79 -3.66 -12.96
C VAL A 15 -9.97 -4.51 -11.96
N GLY A 16 -8.67 -4.46 -12.14
CA GLY A 16 -7.80 -5.22 -11.31
C GLY A 16 -6.48 -4.53 -11.10
N SER A 17 -5.56 -4.72 -12.01
CA SER A 17 -4.23 -4.18 -11.87
C SER A 17 -4.22 -2.65 -12.05
N ILE A 18 -3.84 -1.96 -11.00
CA ILE A 18 -3.75 -0.52 -11.02
C ILE A 18 -2.38 -0.13 -11.57
N PRO A 19 -2.31 0.64 -12.67
CA PRO A 19 -1.04 1.15 -13.18
C PRO A 19 -0.47 2.20 -12.21
N ALA A 20 0.80 2.42 -12.29
CA ALA A 20 1.46 3.35 -11.40
C ALA A 20 1.40 4.77 -11.97
N GLY A 21 1.08 5.72 -11.12
CA GLY A 21 0.94 7.08 -11.54
C GLY A 21 1.97 8.03 -10.96
N ASP A 22 1.60 8.72 -9.90
CA ASP A 22 2.47 9.73 -9.30
C ASP A 22 3.09 9.25 -8.03
N ASP A 23 4.38 9.44 -7.92
CA ASP A 23 5.14 9.09 -6.75
C ASP A 23 4.88 10.09 -5.63
N VAL A 24 3.93 9.73 -4.77
CA VAL A 24 3.53 10.57 -3.64
C VAL A 24 4.70 10.80 -2.70
N LEU A 25 5.42 9.73 -2.38
CA LEU A 25 6.55 9.85 -1.51
C LEU A 25 7.71 10.59 -2.16
N ASP A 26 8.48 11.23 -1.34
CA ASP A 26 9.64 11.98 -1.78
C ASP A 26 10.72 11.00 -2.19
N PRO A 27 11.59 11.37 -3.12
CA PRO A 27 12.70 10.52 -3.58
C PRO A 27 13.61 10.07 -2.42
N ASP A 28 13.66 10.88 -1.35
CA ASP A 28 14.48 10.54 -0.19
C ASP A 28 13.90 9.31 0.53
N GLU A 29 12.59 9.14 0.44
CA GLU A 29 11.90 8.02 1.05
C GLU A 29 12.26 6.78 0.24
N PRO A 30 12.93 5.79 0.86
CA PRO A 30 13.44 4.62 0.14
C PRO A 30 12.35 3.73 -0.47
N THR A 31 12.67 3.12 -1.59
CA THR A 31 11.73 2.31 -2.30
C THR A 31 12.32 0.93 -2.66
N TYR A 32 11.46 0.11 -3.17
CA TYR A 32 11.75 -1.19 -3.71
C TYR A 32 11.39 -1.19 -5.18
N ASP A 33 11.92 -2.11 -5.91
CA ASP A 33 11.68 -2.26 -7.34
C ASP A 33 11.40 -3.72 -7.54
N LEU A 34 10.83 -4.04 -8.69
CA LEU A 34 10.38 -5.41 -9.02
C LEU A 34 11.35 -6.53 -8.62
N PRO A 35 12.65 -6.52 -9.06
CA PRO A 35 13.61 -7.58 -8.71
C PRO A 35 13.81 -7.75 -7.19
N ARG A 36 13.87 -6.64 -6.47
CA ARG A 36 14.08 -6.70 -5.03
C ARG A 36 12.83 -7.22 -4.32
N VAL A 37 11.67 -6.86 -4.85
CA VAL A 37 10.40 -7.35 -4.28
C VAL A 37 10.26 -8.84 -4.54
N ALA A 38 10.63 -9.23 -5.74
CA ALA A 38 10.64 -10.61 -6.15
C ALA A 38 11.57 -11.41 -5.25
N GLU A 39 12.66 -10.77 -4.86
CA GLU A 39 13.67 -11.34 -3.98
C GLU A 39 13.09 -11.62 -2.61
N LEU A 40 12.33 -10.65 -2.10
CA LEU A 40 11.71 -10.74 -0.77
C LEU A 40 10.76 -11.91 -0.68
N LEU A 41 9.95 -12.04 -1.71
CA LEU A 41 8.93 -13.06 -1.75
C LEU A 41 9.49 -14.38 -2.26
N GLY A 42 10.63 -14.30 -2.92
CA GLY A 42 11.26 -15.46 -3.49
C GLY A 42 10.49 -16.00 -4.67
N VAL A 43 9.83 -15.12 -5.37
CA VAL A 43 9.00 -15.49 -6.51
C VAL A 43 9.37 -14.62 -7.72
N PRO A 44 9.07 -15.06 -8.95
CA PRO A 44 9.28 -14.24 -10.15
C PRO A 44 8.37 -12.98 -10.15
N VAL A 45 8.76 -12.00 -10.96
CA VAL A 45 8.06 -10.72 -11.09
C VAL A 45 6.61 -10.91 -11.52
N SER A 46 6.37 -11.90 -12.33
CA SER A 46 5.05 -12.21 -12.80
C SER A 46 4.10 -12.52 -11.64
N LYS A 47 4.59 -13.25 -10.64
CA LYS A 47 3.82 -13.54 -9.43
C LYS A 47 3.62 -12.28 -8.59
N VAL A 48 4.60 -11.40 -8.63
CA VAL A 48 4.50 -10.09 -7.96
C VAL A 48 3.38 -9.28 -8.64
N ALA A 49 3.34 -9.37 -9.96
CA ALA A 49 2.30 -8.73 -10.76
C ALA A 49 0.93 -9.29 -10.39
N GLN A 50 0.88 -10.59 -10.09
CA GLN A 50 -0.37 -11.24 -9.68
C GLN A 50 -0.90 -10.63 -8.40
N GLN A 51 0.01 -10.31 -7.48
CA GLN A 51 -0.36 -9.66 -6.22
C GLN A 51 -1.06 -8.34 -6.53
N LEU A 52 -0.47 -7.59 -7.45
CA LEU A 52 -0.99 -6.31 -7.90
C LEU A 52 -2.38 -6.48 -8.56
N ARG A 53 -2.52 -7.55 -9.33
CA ARG A 53 -3.78 -7.86 -10.03
C ARG A 53 -4.89 -8.25 -9.06
N GLU A 54 -4.50 -8.80 -7.91
CA GLU A 54 -5.48 -9.28 -6.94
C GLU A 54 -5.78 -8.21 -5.89
N GLY A 55 -5.02 -7.13 -5.91
CA GLY A 55 -5.20 -6.09 -4.93
C GLY A 55 -4.48 -6.40 -3.64
N HIS A 56 -3.43 -7.20 -3.74
CA HIS A 56 -2.63 -7.56 -2.57
C HIS A 56 -1.41 -6.66 -2.47
N LEU A 57 -1.22 -5.81 -3.48
CA LEU A 57 -0.06 -4.97 -3.54
C LEU A 57 -0.34 -3.85 -4.55
N VAL A 58 0.32 -2.70 -4.39
CA VAL A 58 0.18 -1.60 -5.32
C VAL A 58 1.55 -0.92 -5.42
N ALA A 59 1.75 -0.15 -6.46
CA ALA A 59 3.03 0.47 -6.72
C ALA A 59 2.84 1.84 -7.31
N VAL A 60 3.87 2.65 -7.27
CA VAL A 60 3.84 3.99 -7.85
C VAL A 60 4.99 4.15 -8.82
N ARG A 61 4.92 5.16 -9.62
CA ARG A 61 5.89 5.36 -10.66
C ARG A 61 6.75 6.57 -10.35
N ARG A 62 8.04 6.42 -10.48
CA ARG A 62 8.97 7.51 -10.31
C ARG A 62 10.00 7.46 -11.41
N ALA A 63 10.13 8.57 -12.13
CA ALA A 63 11.15 8.75 -13.19
C ALA A 63 11.07 7.64 -14.26
N GLY A 64 9.86 7.13 -14.47
CA GLY A 64 9.65 6.10 -15.45
C GLY A 64 9.69 4.70 -14.87
N GLY A 65 10.01 4.58 -13.61
CA GLY A 65 10.12 3.28 -12.98
C GLY A 65 8.99 2.99 -12.04
N VAL A 66 8.61 1.75 -11.97
CA VAL A 66 7.54 1.33 -11.09
C VAL A 66 8.19 0.79 -9.83
N VAL A 67 7.86 1.38 -8.72
CA VAL A 67 8.48 1.07 -7.45
C VAL A 67 7.43 0.94 -6.36
N ILE A 68 7.81 0.28 -5.31
CA ILE A 68 6.94 0.07 -4.18
C ILE A 68 7.65 0.60 -2.93
N PRO A 69 6.99 1.45 -2.13
CA PRO A 69 7.59 1.99 -0.91
C PRO A 69 7.98 0.90 0.10
N GLN A 70 9.14 1.09 0.72
CA GLN A 70 9.70 0.18 1.76
C GLN A 70 8.69 -0.07 2.89
N VAL A 71 7.93 0.96 3.19
CA VAL A 71 6.97 0.96 4.29
C VAL A 71 5.76 0.05 4.05
N PHE A 72 5.63 -0.48 2.84
CA PHE A 72 4.55 -1.43 2.53
C PHE A 72 4.92 -2.81 3.01
N PHE A 73 6.17 -2.99 3.30
CA PHE A 73 6.67 -4.24 3.75
C PHE A 73 7.09 -4.12 5.19
N THR A 74 7.22 -5.24 5.81
CA THR A 74 7.70 -5.29 7.15
C THR A 74 9.22 -5.32 7.10
N ASN A 75 9.86 -5.08 8.22
CA ASN A 75 11.32 -5.13 8.29
C ASN A 75 11.80 -6.58 8.05
N SER A 76 10.89 -7.50 8.30
CA SER A 76 11.16 -8.91 8.16
C SER A 76 11.09 -9.38 6.68
N GLY A 77 10.76 -8.47 5.77
CA GLY A 77 10.81 -8.80 4.36
C GLY A 77 9.47 -9.15 3.75
N GLN A 78 8.48 -9.48 4.55
CA GLN A 78 7.17 -9.82 4.00
C GLN A 78 6.31 -8.58 3.92
N VAL A 79 5.24 -8.64 3.18
CA VAL A 79 4.38 -7.50 3.03
C VAL A 79 3.42 -7.48 4.22
N VAL A 80 2.90 -6.30 4.56
CA VAL A 80 1.96 -6.17 5.65
C VAL A 80 0.67 -6.91 5.29
N LYS A 81 0.25 -7.81 6.15
CA LYS A 81 -0.96 -8.62 5.92
C LYS A 81 -2.23 -7.78 5.79
N SER A 82 -2.22 -6.62 6.41
CA SER A 82 -3.33 -5.70 6.39
C SER A 82 -3.33 -4.80 5.14
N LEU A 83 -2.33 -4.98 4.28
CA LEU A 83 -2.21 -4.19 3.06
C LEU A 83 -3.43 -4.34 2.11
N PRO A 84 -3.81 -5.60 1.68
CA PRO A 84 -4.94 -5.82 0.78
C PRO A 84 -6.24 -5.27 1.31
N GLY A 85 -6.37 -5.24 2.64
CA GLY A 85 -7.58 -4.74 3.25
C GLY A 85 -7.84 -3.30 2.92
N LEU A 86 -6.80 -2.48 3.01
CA LEU A 86 -6.93 -1.06 2.68
C LEU A 86 -7.14 -0.88 1.18
N LEU A 87 -6.39 -1.66 0.41
CA LEU A 87 -6.44 -1.57 -1.04
C LEU A 87 -7.79 -1.95 -1.59
N THR A 88 -8.36 -3.00 -1.05
CA THR A 88 -9.64 -3.52 -1.54
C THR A 88 -10.79 -2.50 -1.38
N ILE A 89 -10.88 -1.86 -0.22
CA ILE A 89 -11.94 -0.89 0.02
C ILE A 89 -11.78 0.33 -0.92
N LEU A 90 -10.56 0.81 -1.07
CA LEU A 90 -10.27 1.92 -1.98
C LEU A 90 -10.47 1.53 -3.44
N HIS A 91 -10.13 0.30 -3.78
CA HIS A 91 -10.27 -0.22 -5.13
C HIS A 91 -11.73 -0.21 -5.55
N ASP A 92 -12.59 -0.60 -4.64
CA ASP A 92 -14.05 -0.59 -4.86
C ASP A 92 -14.55 0.86 -5.04
N GLY A 93 -13.86 1.78 -4.39
CA GLY A 93 -14.19 3.18 -4.50
C GLY A 93 -13.58 3.82 -5.76
N GLY A 94 -12.72 3.07 -6.41
CA GLY A 94 -12.11 3.53 -7.65
C GLY A 94 -10.91 4.42 -7.46
N TYR A 95 -10.27 4.31 -6.32
CA TYR A 95 -9.12 5.16 -6.03
C TYR A 95 -7.82 4.54 -6.54
N ARG A 96 -7.07 5.34 -7.27
CA ARG A 96 -5.83 4.93 -7.91
C ARG A 96 -4.68 4.88 -6.88
N ASP A 97 -3.54 4.37 -7.33
CA ASP A 97 -2.31 4.15 -6.52
C ASP A 97 -1.89 5.44 -5.81
N THR A 98 -1.92 6.52 -6.56
CA THR A 98 -1.55 7.81 -6.11
C THR A 98 -2.49 8.27 -5.00
N GLU A 99 -3.78 8.02 -5.19
CA GLU A 99 -4.79 8.42 -4.25
C GLU A 99 -4.62 7.69 -2.94
N ILE A 100 -4.29 6.40 -3.01
CA ILE A 100 -4.12 5.56 -1.81
C ILE A 100 -3.00 6.12 -0.95
N MET A 101 -1.88 6.41 -1.60
CA MET A 101 -0.71 6.86 -0.89
C MET A 101 -0.81 8.30 -0.41
N ARG A 102 -1.76 9.06 -0.95
CA ARG A 102 -1.95 10.46 -0.54
C ARG A 102 -2.18 10.55 0.96
N TRP A 103 -3.26 10.00 1.42
CA TRP A 103 -3.60 10.03 2.83
C TRP A 103 -2.66 9.16 3.68
N LEU A 104 -2.16 8.06 3.10
CA LEU A 104 -1.26 7.15 3.81
C LEU A 104 0.06 7.80 4.25
N PHE A 105 0.63 8.62 3.39
CA PHE A 105 1.92 9.23 3.70
C PHE A 105 1.77 10.59 4.35
N THR A 106 0.61 11.15 4.25
CA THR A 106 0.37 12.43 4.83
C THR A 106 -0.07 12.25 6.30
N PRO A 107 0.65 12.89 7.25
CA PRO A 107 0.31 12.82 8.68
C PRO A 107 -1.14 13.22 8.95
N ASP A 108 -1.83 12.39 9.68
CA ASP A 108 -3.22 12.67 10.02
C ASP A 108 -3.23 13.65 11.18
N PRO A 109 -3.94 14.78 11.04
CA PRO A 109 -3.97 15.83 12.06
C PRO A 109 -4.53 15.38 13.42
N SER A 110 -5.27 14.30 13.45
CA SER A 110 -5.90 13.85 14.67
C SER A 110 -5.36 12.48 15.11
N LEU A 111 -4.38 11.96 14.42
CA LEU A 111 -3.88 10.65 14.75
C LEU A 111 -2.60 10.71 15.52
N THR A 112 -2.66 10.17 16.68
CA THR A 112 -1.55 10.08 17.56
C THR A 112 -1.32 8.59 17.83
N ILE A 113 -0.11 8.14 17.70
CA ILE A 113 0.16 6.73 17.90
C ILE A 113 1.04 6.48 19.06
N THR A 114 0.93 5.30 19.58
CA THR A 114 1.56 4.89 20.79
C THR A 114 2.96 4.29 20.55
N ARG A 115 3.75 4.30 21.62
CA ARG A 115 5.11 3.78 21.63
C ARG A 115 5.06 2.24 21.48
N ASP A 116 6.24 1.61 21.31
CA ASP A 116 6.37 0.13 21.21
C ASP A 116 5.89 -0.38 19.87
N GLY A 117 5.74 0.56 18.99
CA GLY A 117 5.33 0.33 17.64
C GLY A 117 6.01 1.35 16.80
N SER A 118 6.04 2.55 17.32
CA SER A 118 6.77 3.62 16.77
C SER A 118 7.91 3.96 17.76
N ARG A 119 8.68 4.96 17.47
CA ARG A 119 9.82 5.37 18.31
C ARG A 119 9.40 5.93 19.68
N ASP A 120 8.22 6.50 19.76
CA ASP A 120 7.64 7.09 20.97
C ASP A 120 6.26 7.48 20.55
N ALA A 121 5.51 8.17 21.37
CA ALA A 121 4.18 8.57 20.97
C ALA A 121 4.31 9.65 19.90
N VAL A 122 3.72 9.42 18.77
CA VAL A 122 3.86 10.34 17.67
C VAL A 122 2.53 10.99 17.40
N SER A 123 2.51 12.28 17.52
CA SER A 123 1.34 13.06 17.22
C SER A 123 1.43 13.42 15.74
N ASN A 124 0.29 13.40 15.05
CA ASN A 124 0.23 13.62 13.61
C ASN A 124 1.01 12.55 12.89
N ALA A 125 0.64 11.32 13.15
CA ALA A 125 1.27 10.22 12.52
C ALA A 125 0.66 9.94 11.18
N ARG A 126 1.46 9.52 10.25
CA ARG A 126 0.95 9.11 8.97
C ARG A 126 0.34 7.71 9.16
N PRO A 127 -0.81 7.43 8.54
CA PRO A 127 -1.49 6.12 8.64
C PRO A 127 -0.58 4.91 8.38
N VAL A 128 0.45 5.06 7.52
CA VAL A 128 1.39 3.96 7.25
C VAL A 128 2.10 3.52 8.54
N ASP A 129 2.52 4.48 9.32
CA ASP A 129 3.22 4.20 10.57
C ASP A 129 2.28 3.62 11.59
N ALA A 130 1.03 4.02 11.51
CA ALA A 130 0.02 3.55 12.41
C ALA A 130 -0.30 2.07 12.17
N LEU A 131 -0.39 1.67 10.91
CA LEU A 131 -0.68 0.27 10.59
C LEU A 131 0.45 -0.65 11.02
N HIS A 132 1.68 -0.15 10.89
CA HIS A 132 2.87 -0.90 11.28
C HIS A 132 2.94 -0.97 12.80
N ALA A 133 2.32 0.00 13.44
CA ALA A 133 2.29 0.10 14.89
C ALA A 133 1.05 -0.59 15.49
N HIS A 134 0.46 -1.51 14.71
CA HIS A 134 -0.70 -2.36 15.10
C HIS A 134 -1.95 -1.51 15.38
N GLN A 135 -2.01 -0.38 14.75
CA GLN A 135 -3.11 0.53 14.87
C GLN A 135 -3.81 0.64 13.54
N ALA A 136 -3.63 -0.43 12.76
CA ALA A 136 -4.22 -0.65 11.43
C ALA A 136 -5.73 -0.49 11.46
N ARG A 137 -6.34 -0.75 12.62
CA ARG A 137 -7.78 -0.61 12.82
C ARG A 137 -8.23 0.80 12.43
N GLU A 138 -7.49 1.80 12.90
CA GLU A 138 -7.81 3.19 12.59
C GLU A 138 -7.49 3.52 11.16
N VAL A 139 -6.51 2.84 10.61
CA VAL A 139 -6.09 3.07 9.23
C VAL A 139 -7.16 2.60 8.26
N VAL A 140 -7.67 1.40 8.48
CA VAL A 140 -8.74 0.86 7.64
C VAL A 140 -9.99 1.72 7.81
N ARG A 141 -10.28 2.09 9.05
CA ARG A 141 -11.42 2.95 9.39
C ARG A 141 -11.31 4.29 8.64
N ARG A 142 -10.10 4.84 8.65
CA ARG A 142 -9.80 6.12 8.03
C ARG A 142 -9.98 6.00 6.51
N ALA A 143 -9.60 4.85 5.98
CA ALA A 143 -9.71 4.53 4.57
C ALA A 143 -11.18 4.43 4.16
N GLN A 144 -11.98 3.76 4.99
CA GLN A 144 -13.41 3.60 4.75
C GLN A 144 -14.08 4.95 4.72
N ALA A 145 -13.79 5.75 5.73
CA ALA A 145 -14.35 7.07 5.90
C ALA A 145 -13.82 8.05 4.86
N MET A 146 -12.73 7.70 4.22
CA MET A 146 -12.13 8.56 3.21
C MET A 146 -12.83 8.36 1.88
N ALA A 147 -13.14 7.12 1.58
CA ALA A 147 -13.76 6.76 0.32
C ALA A 147 -15.28 6.91 0.36
N TYR A 148 -15.87 6.36 1.40
CA TYR A 148 -17.30 6.37 1.54
C TYR A 148 -17.67 7.15 2.77
N MET A 3 -27.78 -4.43 -48.02
CA MET A 3 -27.72 -3.43 -46.97
C MET A 3 -26.91 -4.00 -45.83
N PRO A 4 -26.00 -3.22 -45.23
CA PRO A 4 -25.18 -3.71 -44.14
C PRO A 4 -26.01 -4.02 -42.89
N GLY A 5 -25.49 -4.87 -42.08
CA GLY A 5 -26.12 -5.28 -40.87
C GLY A 5 -25.09 -5.86 -39.96
N ARG A 6 -24.83 -5.19 -38.88
CA ARG A 6 -23.81 -5.61 -37.97
C ARG A 6 -24.19 -6.85 -37.21
N ALA A 7 -23.22 -7.69 -36.99
CA ALA A 7 -23.39 -8.85 -36.17
C ALA A 7 -22.95 -8.47 -34.77
N PRO A 8 -23.91 -8.25 -33.86
CA PRO A 8 -23.61 -7.80 -32.50
C PRO A 8 -22.90 -8.86 -31.69
N GLY A 9 -21.85 -8.46 -31.03
CA GLY A 9 -21.12 -9.36 -30.20
C GLY A 9 -21.71 -9.38 -28.81
N SER A 10 -20.95 -8.96 -27.87
CA SER A 10 -21.38 -8.86 -26.52
C SER A 10 -20.48 -7.83 -25.88
N THR A 11 -20.90 -7.29 -24.76
CA THR A 11 -20.09 -6.36 -24.04
C THR A 11 -18.87 -7.10 -23.49
N LEU A 12 -17.69 -6.59 -23.78
CA LEU A 12 -16.45 -7.22 -23.40
C LEU A 12 -16.29 -7.33 -21.90
N ALA A 13 -15.62 -8.37 -21.50
CA ALA A 13 -15.32 -8.60 -20.12
C ALA A 13 -14.05 -7.86 -19.80
N ARG A 14 -14.06 -7.09 -18.76
CA ARG A 14 -12.92 -6.32 -18.40
C ARG A 14 -12.34 -6.81 -17.09
N VAL A 15 -11.06 -6.89 -17.05
CA VAL A 15 -10.34 -7.31 -15.89
C VAL A 15 -9.56 -6.13 -15.32
N GLY A 16 -9.74 -5.92 -14.07
CA GLY A 16 -9.18 -4.77 -13.41
C GLY A 16 -7.99 -5.07 -12.55
N SER A 17 -6.83 -4.84 -13.11
CA SER A 17 -5.59 -4.92 -12.41
C SER A 17 -5.14 -3.51 -12.09
N ILE A 18 -4.36 -3.31 -11.06
CA ILE A 18 -3.99 -1.95 -10.69
C ILE A 18 -2.76 -1.49 -11.46
N PRO A 19 -2.89 -0.39 -12.23
CA PRO A 19 -1.75 0.23 -12.90
C PRO A 19 -0.90 1.04 -11.91
N ALA A 20 0.30 1.41 -12.28
CA ALA A 20 1.12 2.23 -11.41
C ALA A 20 0.79 3.69 -11.62
N GLY A 21 0.68 4.42 -10.54
CA GLY A 21 0.32 5.81 -10.64
C GLY A 21 1.43 6.77 -10.29
N ASP A 22 1.06 7.79 -9.54
CA ASP A 22 1.95 8.89 -9.21
C ASP A 22 2.58 8.71 -7.85
N ASP A 23 3.91 8.72 -7.83
CA ASP A 23 4.68 8.54 -6.61
C ASP A 23 4.54 9.77 -5.72
N VAL A 24 4.15 9.55 -4.49
CA VAL A 24 3.86 10.61 -3.54
C VAL A 24 5.03 10.84 -2.58
N LEU A 25 5.89 9.86 -2.44
CA LEU A 25 6.99 10.00 -1.51
C LEU A 25 8.28 10.41 -2.21
N ASP A 26 9.31 10.64 -1.44
CA ASP A 26 10.60 11.05 -2.00
C ASP A 26 11.35 9.83 -2.47
N PRO A 27 12.23 9.96 -3.47
CA PRO A 27 13.03 8.84 -3.98
C PRO A 27 13.98 8.29 -2.92
N ASP A 28 14.28 9.10 -1.92
CA ASP A 28 15.18 8.72 -0.84
C ASP A 28 14.43 7.95 0.24
N GLU A 29 13.11 7.89 0.12
CA GLU A 29 12.29 7.14 1.05
C GLU A 29 12.39 5.66 0.74
N PRO A 30 12.15 4.78 1.73
CA PRO A 30 12.27 3.34 1.55
C PRO A 30 11.32 2.81 0.46
N THR A 31 11.91 2.36 -0.62
CA THR A 31 11.17 1.83 -1.73
C THR A 31 11.76 0.52 -2.22
N TYR A 32 11.01 -0.15 -3.04
CA TYR A 32 11.37 -1.38 -3.65
C TYR A 32 11.14 -1.27 -5.13
N ASP A 33 11.76 -2.13 -5.84
CA ASP A 33 11.75 -2.12 -7.29
C ASP A 33 11.47 -3.53 -7.68
N LEU A 34 11.03 -3.75 -8.89
CA LEU A 34 10.60 -5.09 -9.35
C LEU A 34 11.58 -6.24 -8.98
N PRO A 35 12.89 -6.18 -9.37
CA PRO A 35 13.85 -7.22 -9.01
C PRO A 35 14.12 -7.25 -7.49
N ARG A 36 14.01 -6.09 -6.84
CA ARG A 36 14.28 -5.97 -5.42
C ARG A 36 13.18 -6.66 -4.60
N VAL A 37 11.93 -6.55 -5.06
CA VAL A 37 10.82 -7.19 -4.37
C VAL A 37 10.93 -8.69 -4.54
N ALA A 38 11.31 -9.08 -5.74
CA ALA A 38 11.53 -10.47 -6.05
C ALA A 38 12.63 -11.03 -5.17
N GLU A 39 13.62 -10.20 -4.92
CA GLU A 39 14.74 -10.55 -4.11
C GLU A 39 14.32 -10.70 -2.65
N LEU A 40 13.52 -9.77 -2.19
CA LEU A 40 13.04 -9.71 -0.81
C LEU A 40 12.17 -10.91 -0.49
N LEU A 41 11.19 -11.16 -1.33
CA LEU A 41 10.23 -12.22 -1.09
C LEU A 41 10.73 -13.57 -1.53
N GLY A 42 11.75 -13.60 -2.36
CA GLY A 42 12.28 -14.87 -2.83
C GLY A 42 11.34 -15.50 -3.84
N VAL A 43 10.65 -14.64 -4.55
CA VAL A 43 9.69 -15.05 -5.54
C VAL A 43 10.04 -14.36 -6.84
N PRO A 44 9.55 -14.84 -7.98
CA PRO A 44 9.80 -14.18 -9.26
C PRO A 44 9.02 -12.87 -9.37
N VAL A 45 9.47 -11.99 -10.26
CA VAL A 45 8.81 -10.71 -10.52
C VAL A 45 7.41 -10.96 -11.02
N SER A 46 7.27 -12.06 -11.73
CA SER A 46 6.02 -12.51 -12.25
C SER A 46 4.98 -12.70 -11.12
N LYS A 47 5.41 -13.27 -9.97
CA LYS A 47 4.52 -13.49 -8.84
C LYS A 47 4.14 -12.15 -8.22
N VAL A 48 5.10 -11.23 -8.20
CA VAL A 48 4.88 -9.88 -7.70
C VAL A 48 3.84 -9.18 -8.58
N ALA A 49 3.95 -9.40 -9.86
CA ALA A 49 3.03 -8.89 -10.83
C ALA A 49 1.62 -9.46 -10.60
N GLN A 50 1.56 -10.73 -10.18
CA GLN A 50 0.28 -11.40 -9.90
C GLN A 50 -0.44 -10.66 -8.79
N GLN A 51 0.34 -10.26 -7.78
CA GLN A 51 -0.19 -9.52 -6.64
C GLN A 51 -0.85 -8.23 -7.12
N LEU A 52 -0.13 -7.52 -7.98
CA LEU A 52 -0.58 -6.25 -8.55
C LEU A 52 -1.86 -6.45 -9.40
N ARG A 53 -1.94 -7.60 -10.07
CA ARG A 53 -3.12 -7.93 -10.86
C ARG A 53 -4.34 -8.15 -9.99
N GLU A 54 -4.15 -8.69 -8.80
CA GLU A 54 -5.27 -9.01 -7.94
C GLU A 54 -5.61 -7.80 -7.06
N GLY A 55 -4.74 -6.82 -7.06
CA GLY A 55 -4.91 -5.67 -6.22
C GLY A 55 -4.48 -5.97 -4.79
N HIS A 56 -3.54 -6.89 -4.68
CA HIS A 56 -3.01 -7.32 -3.39
C HIS A 56 -1.83 -6.42 -3.00
N LEU A 57 -1.41 -5.63 -3.96
CA LEU A 57 -0.32 -4.71 -3.82
C LEU A 57 -0.52 -3.65 -4.90
N VAL A 58 0.08 -2.48 -4.73
CA VAL A 58 0.00 -1.44 -5.73
C VAL A 58 1.40 -0.94 -6.02
N ALA A 59 1.58 -0.40 -7.19
CA ALA A 59 2.87 0.06 -7.64
C ALA A 59 2.76 1.49 -8.08
N VAL A 60 3.86 2.19 -8.08
CA VAL A 60 3.89 3.58 -8.50
C VAL A 60 5.03 3.78 -9.48
N ARG A 61 5.00 4.88 -10.18
CA ARG A 61 5.99 5.13 -11.19
C ARG A 61 6.72 6.42 -10.88
N ARG A 62 8.02 6.34 -10.76
CA ARG A 62 8.85 7.50 -10.51
C ARG A 62 9.81 7.69 -11.68
N ALA A 63 9.62 8.77 -12.41
CA ALA A 63 10.44 9.21 -13.57
C ALA A 63 10.18 8.34 -14.81
N GLY A 64 10.07 7.08 -14.57
CA GLY A 64 9.89 6.10 -15.60
C GLY A 64 9.93 4.68 -15.04
N GLY A 65 10.39 4.53 -13.79
CA GLY A 65 10.50 3.22 -13.21
C GLY A 65 9.33 2.91 -12.32
N VAL A 66 8.94 1.67 -12.32
CA VAL A 66 7.84 1.19 -11.52
C VAL A 66 8.41 0.61 -10.25
N VAL A 67 7.99 1.17 -9.16
CA VAL A 67 8.49 0.84 -7.86
C VAL A 67 7.35 0.59 -6.90
N ILE A 68 7.68 -0.01 -5.79
CA ILE A 68 6.73 -0.35 -4.75
C ILE A 68 7.17 0.36 -3.46
N PRO A 69 6.27 1.03 -2.74
CA PRO A 69 6.62 1.63 -1.45
C PRO A 69 6.93 0.56 -0.40
N GLN A 70 8.16 0.57 0.13
CA GLN A 70 8.63 -0.41 1.11
C GLN A 70 7.84 -0.35 2.41
N VAL A 71 7.26 0.79 2.67
CA VAL A 71 6.42 1.02 3.84
C VAL A 71 5.14 0.17 3.82
N PHE A 72 4.86 -0.47 2.68
CA PHE A 72 3.73 -1.38 2.53
C PHE A 72 4.09 -2.77 3.09
N PHE A 73 5.34 -2.90 3.46
CA PHE A 73 5.83 -4.11 4.02
C PHE A 73 6.15 -3.89 5.48
N THR A 74 6.12 -4.94 6.24
CA THR A 74 6.41 -4.92 7.66
C THR A 74 7.93 -4.84 7.90
N ASN A 75 8.32 -4.72 9.17
CA ASN A 75 9.74 -4.74 9.59
C ASN A 75 10.42 -6.02 9.10
N SER A 76 9.64 -7.09 9.02
CA SER A 76 10.11 -8.38 8.58
C SER A 76 10.19 -8.47 7.04
N GLY A 77 9.77 -7.40 6.36
CA GLY A 77 9.81 -7.37 4.92
C GLY A 77 8.75 -8.24 4.30
N GLN A 78 7.62 -8.33 4.97
CA GLN A 78 6.51 -9.09 4.45
C GLN A 78 5.35 -8.16 4.19
N VAL A 79 4.45 -8.57 3.33
CA VAL A 79 3.25 -7.80 3.06
C VAL A 79 2.38 -7.79 4.30
N VAL A 80 1.94 -6.59 4.69
CA VAL A 80 1.07 -6.44 5.84
C VAL A 80 -0.24 -7.17 5.56
N LYS A 81 -0.71 -7.96 6.51
CA LYS A 81 -1.93 -8.75 6.36
C LYS A 81 -3.17 -7.88 6.05
N SER A 82 -3.13 -6.65 6.50
CA SER A 82 -4.22 -5.73 6.29
C SER A 82 -4.06 -4.96 4.97
N LEU A 83 -2.96 -5.21 4.25
CA LEU A 83 -2.68 -4.50 3.01
C LEU A 83 -3.77 -4.76 1.95
N PRO A 84 -4.05 -6.06 1.57
CA PRO A 84 -5.11 -6.36 0.61
C PRO A 84 -6.45 -5.81 1.10
N GLY A 85 -6.67 -5.90 2.41
CA GLY A 85 -7.89 -5.43 3.01
C GLY A 85 -8.10 -3.94 2.84
N LEU A 86 -7.05 -3.15 3.06
CA LEU A 86 -7.17 -1.71 2.89
C LEU A 86 -7.34 -1.38 1.42
N LEU A 87 -6.60 -2.07 0.58
CA LEU A 87 -6.67 -1.84 -0.85
C LEU A 87 -8.04 -2.18 -1.39
N THR A 88 -8.65 -3.21 -0.82
CA THR A 88 -9.98 -3.62 -1.23
C THR A 88 -11.06 -2.56 -0.89
N ILE A 89 -10.97 -1.96 0.31
CA ILE A 89 -11.94 -0.93 0.69
C ILE A 89 -11.75 0.33 -0.19
N LEU A 90 -10.52 0.70 -0.46
CA LEU A 90 -10.27 1.82 -1.35
C LEU A 90 -10.67 1.50 -2.79
N HIS A 91 -10.46 0.27 -3.19
CA HIS A 91 -10.82 -0.22 -4.53
C HIS A 91 -12.34 -0.15 -4.69
N ASP A 92 -13.03 -0.36 -3.60
CA ASP A 92 -14.49 -0.30 -3.51
C ASP A 92 -14.97 1.12 -3.84
N GLY A 93 -14.14 2.10 -3.52
CA GLY A 93 -14.44 3.49 -3.83
C GLY A 93 -13.75 3.96 -5.11
N GLY A 94 -12.86 3.13 -5.62
CA GLY A 94 -12.15 3.43 -6.85
C GLY A 94 -10.93 4.31 -6.65
N TYR A 95 -10.34 4.25 -5.48
CA TYR A 95 -9.17 5.07 -5.18
C TYR A 95 -7.89 4.44 -5.70
N ARG A 96 -7.14 5.22 -6.43
CA ARG A 96 -5.88 4.80 -7.02
C ARG A 96 -4.76 4.85 -5.96
N ASP A 97 -3.60 4.32 -6.33
CA ASP A 97 -2.40 4.23 -5.47
C ASP A 97 -2.00 5.60 -4.91
N THR A 98 -2.04 6.58 -5.77
CA THR A 98 -1.69 7.93 -5.45
C THR A 98 -2.59 8.46 -4.33
N GLU A 99 -3.87 8.16 -4.43
CA GLU A 99 -4.85 8.59 -3.45
C GLU A 99 -4.55 7.94 -2.12
N ILE A 100 -4.16 6.66 -2.16
CA ILE A 100 -3.91 5.89 -0.95
C ILE A 100 -2.81 6.55 -0.18
N MET A 101 -1.76 6.89 -0.88
CA MET A 101 -0.59 7.49 -0.28
C MET A 101 -0.83 8.91 0.18
N ARG A 102 -1.77 9.60 -0.45
CA ARG A 102 -2.06 10.99 -0.07
C ARG A 102 -2.45 11.14 1.39
N TRP A 103 -3.58 10.60 1.76
CA TRP A 103 -4.04 10.68 3.13
C TRP A 103 -3.17 9.89 4.10
N LEU A 104 -2.63 8.81 3.62
CA LEU A 104 -1.83 7.91 4.41
C LEU A 104 -0.52 8.54 4.86
N PHE A 105 0.10 9.29 3.96
CA PHE A 105 1.36 9.94 4.25
C PHE A 105 1.18 11.26 4.93
N THR A 106 -0.05 11.68 5.11
CA THR A 106 -0.33 12.92 5.79
C THR A 106 -0.41 12.66 7.31
N PRO A 107 0.59 13.14 8.09
CA PRO A 107 0.62 12.96 9.53
C PRO A 107 -0.52 13.69 10.20
N ASP A 108 -1.13 13.08 11.17
CA ASP A 108 -2.22 13.70 11.86
C ASP A 108 -1.71 14.29 13.14
N PRO A 109 -1.83 15.62 13.30
CA PRO A 109 -1.29 16.35 14.46
C PRO A 109 -1.87 15.88 15.80
N SER A 110 -3.04 15.32 15.76
CA SER A 110 -3.71 14.90 16.95
C SER A 110 -3.71 13.38 17.12
N LEU A 111 -2.96 12.70 16.28
CA LEU A 111 -2.89 11.27 16.33
C LEU A 111 -1.59 10.83 16.98
N THR A 112 -1.71 9.96 17.95
CA THR A 112 -0.55 9.46 18.66
C THR A 112 -0.36 7.99 18.34
N ILE A 113 0.70 7.70 17.66
CA ILE A 113 1.00 6.35 17.21
C ILE A 113 2.29 5.88 17.87
N THR A 114 2.33 4.62 18.12
CA THR A 114 3.50 3.98 18.67
C THR A 114 4.01 3.04 17.60
N ARG A 115 5.28 2.88 17.50
CA ARG A 115 5.82 2.11 16.40
C ARG A 115 6.10 0.67 16.79
N ASP A 116 5.92 -0.25 15.84
CA ASP A 116 6.20 -1.67 16.05
C ASP A 116 7.69 -1.88 16.21
N GLY A 117 8.04 -2.53 17.27
CA GLY A 117 9.42 -2.75 17.59
C GLY A 117 9.93 -1.67 18.51
N SER A 118 9.00 -0.94 19.08
CA SER A 118 9.31 0.14 19.94
C SER A 118 8.22 0.24 20.99
N ARG A 119 8.44 1.07 21.96
CA ARG A 119 7.48 1.36 22.99
C ARG A 119 7.20 2.83 23.06
N ASP A 120 7.87 3.60 22.23
CA ASP A 120 7.71 5.05 22.22
C ASP A 120 6.49 5.43 21.44
N ALA A 121 5.73 6.30 22.01
CA ALA A 121 4.54 6.81 21.39
C ALA A 121 4.81 8.21 20.91
N VAL A 122 4.49 8.47 19.67
CA VAL A 122 4.74 9.74 19.06
C VAL A 122 3.43 10.41 18.70
N SER A 123 3.18 11.56 19.28
CA SER A 123 2.05 12.36 18.92
C SER A 123 2.39 13.13 17.64
N ASN A 124 1.47 13.08 16.70
CA ASN A 124 1.65 13.59 15.34
C ASN A 124 2.52 12.62 14.59
N ALA A 125 1.94 11.50 14.26
CA ALA A 125 2.64 10.48 13.54
C ALA A 125 1.98 10.24 12.20
N ARG A 126 2.66 9.51 11.35
CA ARG A 126 2.18 9.21 10.03
C ARG A 126 1.42 7.88 10.03
N PRO A 127 0.18 7.86 9.52
CA PRO A 127 -0.65 6.64 9.43
C PRO A 127 0.04 5.49 8.65
N VAL A 128 1.02 5.83 7.82
CA VAL A 128 1.78 4.82 7.05
C VAL A 128 2.48 3.85 8.00
N ASP A 129 3.08 4.43 9.01
CA ASP A 129 3.85 3.68 9.98
C ASP A 129 2.93 2.87 10.86
N ALA A 130 1.71 3.37 11.05
CA ALA A 130 0.70 2.72 11.84
C ALA A 130 0.30 1.36 11.24
N LEU A 131 0.12 1.28 9.92
CA LEU A 131 -0.25 -0.01 9.30
C LEU A 131 0.93 -0.97 9.36
N HIS A 132 2.10 -0.39 9.24
CA HIS A 132 3.38 -1.08 9.32
C HIS A 132 3.57 -1.60 10.75
N ALA A 133 2.92 -0.93 11.68
CA ALA A 133 2.96 -1.28 13.08
C ALA A 133 1.76 -2.15 13.49
N HIS A 134 0.99 -2.58 12.47
CA HIS A 134 -0.21 -3.43 12.64
C HIS A 134 -1.34 -2.72 13.41
N GLN A 135 -1.35 -1.43 13.27
CA GLN A 135 -2.36 -0.54 13.84
C GLN A 135 -3.23 -0.06 12.70
N ALA A 136 -3.25 -0.89 11.67
CA ALA A 136 -3.96 -0.71 10.41
C ALA A 136 -5.42 -0.36 10.59
N ARG A 137 -6.00 -0.76 11.72
CA ARG A 137 -7.40 -0.48 12.04
C ARG A 137 -7.67 1.04 11.94
N GLU A 138 -6.75 1.84 12.47
CA GLU A 138 -6.90 3.31 12.42
C GLU A 138 -6.72 3.84 10.99
N VAL A 139 -5.96 3.12 10.21
CA VAL A 139 -5.71 3.45 8.82
C VAL A 139 -6.96 3.18 7.99
N VAL A 140 -7.49 1.98 8.16
CA VAL A 140 -8.72 1.55 7.48
C VAL A 140 -9.85 2.50 7.86
N ARG A 141 -9.88 2.86 9.13
CA ARG A 141 -10.86 3.78 9.68
C ARG A 141 -10.83 5.13 8.92
N ARG A 142 -9.63 5.66 8.69
CA ARG A 142 -9.48 6.88 7.90
C ARG A 142 -9.84 6.67 6.45
N ALA A 143 -9.49 5.50 5.93
CA ALA A 143 -9.80 5.14 4.56
C ALA A 143 -11.31 5.08 4.33
N GLN A 144 -12.02 4.54 5.30
CA GLN A 144 -13.49 4.48 5.28
C GLN A 144 -14.06 5.88 5.22
N ALA A 145 -13.45 6.81 5.94
CA ALA A 145 -13.88 8.20 5.94
C ALA A 145 -13.61 8.87 4.59
N MET A 146 -12.61 8.37 3.89
CA MET A 146 -12.27 8.92 2.58
C MET A 146 -13.16 8.31 1.50
N ALA A 147 -13.41 7.02 1.60
CA ALA A 147 -14.21 6.33 0.61
C ALA A 147 -15.70 6.60 0.77
N TYR A 148 -16.19 6.42 1.98
CA TYR A 148 -17.59 6.57 2.23
C TYR A 148 -17.82 7.94 2.87
N MET A 3 23.56 -2.38 -14.54
CA MET A 3 22.62 -2.09 -15.62
C MET A 3 21.32 -2.84 -15.40
N PRO A 4 20.18 -2.14 -15.30
CA PRO A 4 18.87 -2.78 -15.12
C PRO A 4 18.33 -3.33 -16.43
N GLY A 5 18.00 -4.60 -16.45
CA GLY A 5 17.49 -5.23 -17.64
C GLY A 5 15.98 -5.37 -17.68
N ARG A 6 15.31 -4.77 -16.70
CA ARG A 6 13.85 -4.80 -16.70
C ARG A 6 13.33 -3.85 -17.76
N ALA A 7 12.37 -4.32 -18.54
CA ALA A 7 11.71 -3.54 -19.59
C ALA A 7 12.67 -3.11 -20.70
N PRO A 8 12.70 -3.85 -21.81
CA PRO A 8 13.58 -3.56 -22.95
C PRO A 8 12.93 -2.57 -23.93
N GLY A 9 12.03 -1.76 -23.41
CA GLY A 9 11.28 -0.86 -24.23
C GLY A 9 10.17 -1.61 -24.91
N SER A 10 9.21 -2.00 -24.13
CA SER A 10 8.11 -2.77 -24.60
C SER A 10 6.82 -2.30 -23.94
N THR A 11 5.71 -2.52 -24.59
CA THR A 11 4.43 -2.11 -24.06
C THR A 11 3.64 -3.35 -23.67
N LEU A 12 2.88 -3.26 -22.61
CA LEU A 12 2.11 -4.38 -22.13
C LEU A 12 0.64 -4.20 -22.49
N ALA A 13 -0.15 -5.18 -22.11
CA ALA A 13 -1.59 -5.15 -22.27
C ALA A 13 -2.19 -4.97 -20.87
N ARG A 14 -3.50 -5.04 -20.72
CA ARG A 14 -4.08 -4.84 -19.41
C ARG A 14 -5.25 -5.77 -19.08
N VAL A 15 -5.02 -6.60 -18.12
CA VAL A 15 -6.00 -7.53 -17.62
C VAL A 15 -5.85 -7.64 -16.08
N GLY A 16 -6.79 -7.03 -15.36
CA GLY A 16 -6.71 -6.97 -13.91
C GLY A 16 -5.56 -6.08 -13.51
N SER A 17 -5.37 -5.04 -14.26
CA SER A 17 -4.23 -4.19 -14.13
C SER A 17 -4.45 -3.02 -13.19
N ILE A 18 -3.97 -3.14 -11.99
CA ILE A 18 -3.93 -2.03 -11.08
C ILE A 18 -2.80 -1.11 -11.56
N PRO A 19 -3.12 0.15 -11.87
CA PRO A 19 -2.13 1.08 -12.41
C PRO A 19 -1.15 1.60 -11.36
N ALA A 20 -0.09 2.19 -11.84
CA ALA A 20 0.89 2.84 -11.02
C ALA A 20 1.10 4.21 -11.63
N GLY A 21 0.92 5.25 -10.86
CA GLY A 21 1.01 6.56 -11.41
C GLY A 21 1.96 7.50 -10.69
N ASP A 22 1.41 8.32 -9.82
CA ASP A 22 2.15 9.41 -9.20
C ASP A 22 2.67 9.06 -7.83
N ASP A 23 3.97 9.11 -7.70
CA ASP A 23 4.64 8.85 -6.43
C ASP A 23 4.30 9.94 -5.41
N VAL A 24 3.52 9.57 -4.42
CA VAL A 24 3.11 10.52 -3.38
C VAL A 24 4.23 10.67 -2.35
N LEU A 25 4.95 9.60 -2.11
CA LEU A 25 6.08 9.65 -1.21
C LEU A 25 7.27 10.27 -1.90
N ASP A 26 8.31 10.48 -1.19
CA ASP A 26 9.50 11.00 -1.80
C ASP A 26 10.35 9.81 -2.23
N PRO A 27 10.81 9.77 -3.49
CA PRO A 27 11.62 8.66 -4.03
C PRO A 27 12.87 8.28 -3.19
N ASP A 28 13.36 9.20 -2.36
CA ASP A 28 14.54 8.92 -1.54
C ASP A 28 14.17 8.02 -0.36
N GLU A 29 12.91 8.05 0.01
CA GLU A 29 12.39 7.29 1.14
C GLU A 29 12.42 5.78 0.87
N PRO A 30 12.43 4.96 1.97
CA PRO A 30 12.44 3.50 1.88
C PRO A 30 11.48 2.93 0.84
N THR A 31 12.05 2.44 -0.22
CA THR A 31 11.31 1.90 -1.31
C THR A 31 11.93 0.59 -1.77
N TYR A 32 11.17 -0.14 -2.51
CA TYR A 32 11.55 -1.38 -3.11
C TYR A 32 11.25 -1.28 -4.58
N ASP A 33 11.85 -2.11 -5.33
CA ASP A 33 11.71 -2.13 -6.77
C ASP A 33 11.51 -3.56 -7.19
N LEU A 34 11.19 -3.77 -8.45
CA LEU A 34 10.81 -5.09 -8.99
C LEU A 34 11.75 -6.27 -8.54
N PRO A 35 13.06 -6.29 -8.93
CA PRO A 35 13.97 -7.36 -8.50
C PRO A 35 14.17 -7.40 -6.98
N ARG A 36 14.03 -6.26 -6.33
CA ARG A 36 14.17 -6.17 -4.90
C ARG A 36 13.00 -6.89 -4.21
N VAL A 37 11.77 -6.63 -4.65
CA VAL A 37 10.59 -7.26 -4.06
C VAL A 37 10.59 -8.75 -4.36
N ALA A 38 11.03 -9.07 -5.56
CA ALA A 38 11.11 -10.45 -6.01
C ALA A 38 12.07 -11.22 -5.11
N GLU A 39 13.13 -10.55 -4.70
CA GLU A 39 14.15 -11.12 -3.84
C GLU A 39 13.58 -11.35 -2.43
N LEU A 40 12.85 -10.35 -1.94
CA LEU A 40 12.23 -10.37 -0.59
C LEU A 40 11.31 -11.54 -0.41
N LEU A 41 10.52 -11.82 -1.43
CA LEU A 41 9.55 -12.88 -1.36
C LEU A 41 10.10 -14.20 -1.91
N GLY A 42 11.16 -14.12 -2.67
CA GLY A 42 11.72 -15.31 -3.30
C GLY A 42 10.82 -15.77 -4.43
N VAL A 43 10.20 -14.81 -5.08
CA VAL A 43 9.28 -15.08 -6.17
C VAL A 43 9.76 -14.36 -7.43
N PRO A 44 9.25 -14.70 -8.62
CA PRO A 44 9.56 -13.96 -9.83
C PRO A 44 8.87 -12.59 -9.85
N VAL A 45 9.40 -11.69 -10.65
CA VAL A 45 8.84 -10.33 -10.80
C VAL A 45 7.40 -10.41 -11.30
N SER A 46 7.13 -11.39 -12.13
CA SER A 46 5.82 -11.60 -12.66
C SER A 46 4.82 -11.92 -11.52
N LYS A 47 5.25 -12.67 -10.49
CA LYS A 47 4.36 -12.95 -9.37
C LYS A 47 4.10 -11.69 -8.56
N VAL A 48 5.09 -10.81 -8.51
CA VAL A 48 4.95 -9.51 -7.84
C VAL A 48 3.85 -8.72 -8.55
N ALA A 49 3.88 -8.79 -9.88
CA ALA A 49 2.89 -8.17 -10.73
C ALA A 49 1.50 -8.79 -10.48
N GLN A 50 1.48 -10.09 -10.23
CA GLN A 50 0.24 -10.81 -9.92
C GLN A 50 -0.34 -10.36 -8.58
N GLN A 51 0.52 -10.09 -7.61
CA GLN A 51 0.07 -9.60 -6.30
C GLN A 51 -0.57 -8.23 -6.49
N LEU A 52 0.05 -7.43 -7.34
CA LEU A 52 -0.44 -6.10 -7.70
C LEU A 52 -1.82 -6.24 -8.37
N ARG A 53 -1.93 -7.24 -9.25
CA ARG A 53 -3.14 -7.55 -9.97
C ARG A 53 -4.29 -7.92 -9.01
N GLU A 54 -3.97 -8.52 -7.90
CA GLU A 54 -5.00 -8.96 -6.96
C GLU A 54 -5.39 -7.82 -6.02
N GLY A 55 -4.62 -6.76 -6.06
CA GLY A 55 -4.82 -5.68 -5.13
C GLY A 55 -4.29 -6.08 -3.78
N HIS A 56 -3.23 -6.87 -3.80
CA HIS A 56 -2.58 -7.32 -2.58
C HIS A 56 -1.39 -6.42 -2.31
N LEU A 57 -0.99 -5.69 -3.34
CA LEU A 57 0.13 -4.79 -3.27
C LEU A 57 -0.12 -3.66 -4.25
N VAL A 58 0.51 -2.51 -4.05
CA VAL A 58 0.39 -1.34 -4.94
C VAL A 58 1.78 -0.76 -5.18
N ALA A 59 1.98 -0.20 -6.34
CA ALA A 59 3.24 0.35 -6.74
C ALA A 59 3.03 1.71 -7.40
N VAL A 60 4.07 2.49 -7.48
CA VAL A 60 4.04 3.80 -8.13
C VAL A 60 5.23 3.94 -9.04
N ARG A 61 5.22 4.93 -9.90
CA ARG A 61 6.29 5.11 -10.84
C ARG A 61 7.07 6.38 -10.53
N ARG A 62 8.37 6.24 -10.40
CA ARG A 62 9.24 7.36 -10.18
C ARG A 62 10.38 7.30 -11.16
N ALA A 63 10.54 8.37 -11.95
CA ALA A 63 11.61 8.49 -12.96
C ALA A 63 11.54 7.36 -14.01
N GLY A 64 10.34 6.84 -14.20
CA GLY A 64 10.13 5.78 -15.16
C GLY A 64 10.24 4.40 -14.52
N GLY A 65 10.65 4.37 -13.28
CA GLY A 65 10.83 3.12 -12.57
C GLY A 65 9.64 2.77 -11.75
N VAL A 66 9.40 1.50 -11.59
CA VAL A 66 8.30 1.03 -10.81
C VAL A 66 8.83 0.69 -9.44
N VAL A 67 8.29 1.33 -8.46
CA VAL A 67 8.72 1.14 -7.10
C VAL A 67 7.55 0.91 -6.19
N ILE A 68 7.80 0.18 -5.17
CA ILE A 68 6.82 -0.14 -4.18
C ILE A 68 7.32 0.44 -2.86
N PRO A 69 6.51 1.19 -2.14
CA PRO A 69 6.92 1.73 -0.84
C PRO A 69 7.24 0.61 0.15
N GLN A 70 8.41 0.67 0.77
CA GLN A 70 8.87 -0.34 1.73
C GLN A 70 7.93 -0.46 2.93
N VAL A 71 7.27 0.63 3.22
CA VAL A 71 6.32 0.71 4.32
C VAL A 71 5.10 -0.22 4.11
N PHE A 72 4.86 -0.64 2.85
CA PHE A 72 3.76 -1.56 2.52
C PHE A 72 4.08 -2.98 2.98
N PHE A 73 5.32 -3.17 3.38
CA PHE A 73 5.78 -4.44 3.86
C PHE A 73 6.12 -4.31 5.33
N THR A 74 6.20 -5.44 5.97
CA THR A 74 6.61 -5.53 7.34
C THR A 74 8.14 -5.54 7.38
N ASN A 75 8.72 -5.55 8.58
CA ASN A 75 10.20 -5.57 8.73
C ASN A 75 10.80 -6.85 8.12
N SER A 76 9.97 -7.87 7.99
CA SER A 76 10.36 -9.14 7.41
C SER A 76 10.35 -9.05 5.87
N GLY A 77 9.81 -7.97 5.34
CA GLY A 77 9.73 -7.81 3.91
C GLY A 77 8.55 -8.54 3.32
N GLN A 78 7.54 -8.76 4.14
CA GLN A 78 6.34 -9.43 3.69
C GLN A 78 5.19 -8.43 3.71
N VAL A 79 4.21 -8.61 2.87
CA VAL A 79 3.05 -7.72 2.83
C VAL A 79 2.29 -7.76 4.16
N VAL A 80 1.91 -6.59 4.64
CA VAL A 80 1.12 -6.46 5.85
C VAL A 80 -0.26 -7.10 5.60
N LYS A 81 -0.71 -7.96 6.52
CA LYS A 81 -2.00 -8.66 6.39
C LYS A 81 -3.22 -7.72 6.22
N SER A 82 -3.07 -6.48 6.62
CA SER A 82 -4.14 -5.52 6.56
C SER A 82 -4.05 -4.69 5.26
N LEU A 83 -2.92 -4.83 4.55
CA LEU A 83 -2.68 -4.06 3.33
C LEU A 83 -3.74 -4.36 2.25
N PRO A 84 -3.98 -5.65 1.85
CA PRO A 84 -4.99 -6.00 0.84
C PRO A 84 -6.39 -5.51 1.25
N GLY A 85 -6.61 -5.41 2.56
CA GLY A 85 -7.87 -4.99 3.06
C GLY A 85 -8.14 -3.53 2.79
N LEU A 86 -7.14 -2.69 3.03
CA LEU A 86 -7.28 -1.26 2.79
C LEU A 86 -7.38 -0.99 1.30
N LEU A 87 -6.57 -1.71 0.54
CA LEU A 87 -6.53 -1.55 -0.90
C LEU A 87 -7.87 -1.89 -1.52
N THR A 88 -8.45 -2.97 -1.07
CA THR A 88 -9.70 -3.46 -1.65
C THR A 88 -10.90 -2.53 -1.29
N ILE A 89 -10.90 -1.95 -0.10
CA ILE A 89 -11.97 -1.05 0.29
C ILE A 89 -11.93 0.25 -0.55
N LEU A 90 -10.75 0.83 -0.70
CA LEU A 90 -10.59 2.02 -1.54
C LEU A 90 -10.83 1.73 -3.01
N HIS A 91 -10.42 0.55 -3.45
CA HIS A 91 -10.59 0.14 -4.85
C HIS A 91 -12.08 0.14 -5.20
N ASP A 92 -12.90 -0.26 -4.25
CA ASP A 92 -14.36 -0.29 -4.42
C ASP A 92 -14.90 1.13 -4.62
N GLY A 93 -14.23 2.11 -4.03
CA GLY A 93 -14.64 3.49 -4.16
C GLY A 93 -14.06 4.16 -5.41
N GLY A 94 -13.25 3.41 -6.15
CA GLY A 94 -12.67 3.92 -7.37
C GLY A 94 -11.43 4.75 -7.11
N TYR A 95 -10.62 4.33 -6.17
CA TYR A 95 -9.41 5.04 -5.84
C TYR A 95 -8.18 4.38 -6.46
N ARG A 96 -7.49 5.16 -7.27
CA ARG A 96 -6.24 4.75 -7.93
C ARG A 96 -5.10 4.67 -6.89
N ASP A 97 -3.98 4.15 -7.33
CA ASP A 97 -2.76 3.92 -6.51
C ASP A 97 -2.32 5.22 -5.83
N THR A 98 -2.33 6.28 -6.58
CA THR A 98 -1.94 7.57 -6.16
C THR A 98 -2.84 8.07 -5.00
N GLU A 99 -4.14 7.81 -5.13
CA GLU A 99 -5.09 8.24 -4.12
C GLU A 99 -4.89 7.49 -2.81
N ILE A 100 -4.49 6.22 -2.90
CA ILE A 100 -4.28 5.42 -1.70
C ILE A 100 -3.19 6.06 -0.88
N MET A 101 -2.12 6.40 -1.54
CA MET A 101 -0.97 7.00 -0.91
C MET A 101 -1.21 8.45 -0.52
N ARG A 102 -2.23 9.07 -1.15
CA ARG A 102 -2.58 10.48 -0.90
C ARG A 102 -2.85 10.70 0.58
N TRP A 103 -3.90 10.08 1.07
CA TRP A 103 -4.28 10.19 2.46
C TRP A 103 -3.30 9.51 3.40
N LEU A 104 -2.68 8.44 2.93
CA LEU A 104 -1.74 7.65 3.72
C LEU A 104 -0.48 8.40 4.12
N PHE A 105 0.08 9.15 3.21
CA PHE A 105 1.37 9.79 3.48
C PHE A 105 1.25 11.15 4.12
N THR A 106 0.07 11.69 4.12
CA THR A 106 -0.17 12.98 4.70
C THR A 106 -0.32 12.85 6.24
N PRO A 107 0.58 13.51 7.04
CA PRO A 107 0.52 13.45 8.51
C PRO A 107 -0.76 14.07 9.04
N ASP A 108 -1.43 13.36 9.90
CA ASP A 108 -2.71 13.83 10.39
C ASP A 108 -2.56 14.47 11.73
N PRO A 109 -3.01 15.72 11.89
CA PRO A 109 -2.88 16.46 13.14
C PRO A 109 -3.59 15.78 14.34
N SER A 110 -4.58 14.98 14.06
CA SER A 110 -5.36 14.36 15.09
C SER A 110 -5.05 12.88 15.21
N LEU A 111 -3.97 12.43 14.58
CA LEU A 111 -3.62 11.05 14.64
C LEU A 111 -2.37 10.85 15.50
N THR A 112 -2.50 10.00 16.49
CA THR A 112 -1.43 9.73 17.41
C THR A 112 -1.02 8.25 17.27
N ILE A 113 0.16 8.03 16.74
CA ILE A 113 0.65 6.71 16.41
C ILE A 113 1.97 6.44 17.12
N THR A 114 2.28 5.20 17.33
CA THR A 114 3.50 4.82 17.98
C THR A 114 4.15 3.73 17.12
N ARG A 115 5.42 3.50 17.26
CA ARG A 115 6.08 2.49 16.46
C ARG A 115 6.77 1.48 17.34
N ASP A 116 7.26 0.42 16.73
CA ASP A 116 8.00 -0.62 17.44
C ASP A 116 9.26 -0.01 18.00
N GLY A 117 9.49 -0.17 19.27
CA GLY A 117 10.66 0.39 19.88
C GLY A 117 10.37 1.77 20.42
N SER A 118 9.17 1.94 20.90
CA SER A 118 8.75 3.19 21.50
C SER A 118 7.74 2.88 22.60
N ARG A 119 7.86 3.58 23.71
CA ARG A 119 6.96 3.39 24.85
C ARG A 119 5.87 4.43 24.83
N ASP A 120 6.11 5.49 24.11
CA ASP A 120 5.12 6.55 23.95
C ASP A 120 4.72 6.70 22.51
N ALA A 121 3.74 7.52 22.28
CA ALA A 121 3.23 7.73 20.95
C ALA A 121 3.63 9.10 20.41
N VAL A 122 3.61 9.20 19.11
CA VAL A 122 3.94 10.38 18.39
C VAL A 122 2.65 10.99 17.84
N SER A 123 2.37 12.19 18.22
CA SER A 123 1.19 12.88 17.73
C SER A 123 1.50 13.43 16.35
N ASN A 124 0.46 13.65 15.53
CA ASN A 124 0.58 14.24 14.20
C ASN A 124 1.32 13.31 13.26
N ALA A 125 1.08 12.01 13.40
CA ALA A 125 1.73 11.04 12.57
C ALA A 125 0.89 10.73 11.34
N ARG A 126 1.48 10.14 10.35
CA ARG A 126 0.76 9.78 9.15
C ARG A 126 0.30 8.31 9.25
N PRO A 127 -0.83 7.97 8.61
CA PRO A 127 -1.36 6.59 8.60
C PRO A 127 -0.35 5.52 8.10
N VAL A 128 0.62 5.93 7.28
CA VAL A 128 1.66 5.01 6.78
C VAL A 128 2.46 4.40 7.91
N ASP A 129 2.82 5.23 8.87
CA ASP A 129 3.60 4.78 10.02
C ASP A 129 2.79 3.81 10.84
N ALA A 130 1.48 4.03 10.85
CA ALA A 130 0.56 3.19 11.59
C ALA A 130 0.48 1.79 11.01
N LEU A 131 0.36 1.68 9.69
CA LEU A 131 0.21 0.35 9.07
C LEU A 131 1.48 -0.48 9.19
N HIS A 132 2.62 0.19 9.08
CA HIS A 132 3.92 -0.48 9.18
C HIS A 132 4.19 -0.83 10.64
N ALA A 133 3.48 -0.17 11.53
CA ALA A 133 3.58 -0.44 12.96
C ALA A 133 2.50 -1.42 13.42
N HIS A 134 1.77 -1.98 12.44
CA HIS A 134 0.70 -2.98 12.68
C HIS A 134 -0.46 -2.39 13.48
N GLN A 135 -0.61 -1.11 13.30
CA GLN A 135 -1.64 -0.29 13.92
C GLN A 135 -2.61 0.15 12.86
N ALA A 136 -2.63 -0.67 11.83
CA ALA A 136 -3.36 -0.55 10.58
C ALA A 136 -4.85 -0.26 10.78
N ARG A 137 -5.40 -0.65 11.94
CA ARG A 137 -6.82 -0.43 12.23
C ARG A 137 -7.16 1.06 12.05
N GLU A 138 -6.27 1.97 12.45
CA GLU A 138 -6.52 3.42 12.28
C GLU A 138 -6.48 3.81 10.80
N VAL A 139 -5.74 3.05 10.04
CA VAL A 139 -5.60 3.25 8.61
C VAL A 139 -6.88 2.81 7.92
N VAL A 140 -7.36 1.63 8.29
CA VAL A 140 -8.61 1.07 7.78
C VAL A 140 -9.77 2.00 8.18
N ARG A 141 -9.70 2.48 9.40
CA ARG A 141 -10.66 3.42 9.95
C ARG A 141 -10.70 4.69 9.07
N ARG A 142 -9.52 5.19 8.70
CA ARG A 142 -9.41 6.35 7.85
C ARG A 142 -9.87 6.03 6.43
N ALA A 143 -9.57 4.83 5.99
CA ALA A 143 -9.94 4.33 4.67
C ALA A 143 -11.46 4.38 4.49
N GLN A 144 -12.17 3.92 5.51
CA GLN A 144 -13.63 3.94 5.50
C GLN A 144 -14.16 5.36 5.51
N ALA A 145 -13.50 6.22 6.26
CA ALA A 145 -13.90 7.62 6.37
C ALA A 145 -13.67 8.34 5.04
N MET A 146 -12.65 7.92 4.34
CA MET A 146 -12.29 8.51 3.07
C MET A 146 -13.26 8.06 1.97
N ALA A 147 -13.52 6.77 1.90
CA ALA A 147 -14.38 6.22 0.86
C ALA A 147 -15.86 6.43 1.11
N TYR A 148 -16.26 6.43 2.36
CA TYR A 148 -17.66 6.61 2.68
C TYR A 148 -17.84 7.96 3.35
N MET A 3 -25.51 -8.38 -34.67
CA MET A 3 -26.46 -7.26 -34.68
C MET A 3 -26.53 -6.47 -33.34
N PRO A 4 -26.94 -7.10 -32.22
CA PRO A 4 -27.06 -6.40 -30.96
C PRO A 4 -25.71 -6.18 -30.28
N GLY A 5 -25.61 -5.12 -29.50
CA GLY A 5 -24.39 -4.83 -28.78
C GLY A 5 -24.34 -5.59 -27.48
N ARG A 6 -24.39 -6.90 -27.59
CA ARG A 6 -24.42 -7.79 -26.46
C ARG A 6 -23.06 -7.83 -25.79
N ALA A 7 -23.09 -7.69 -24.47
CA ALA A 7 -21.94 -7.68 -23.56
C ALA A 7 -22.37 -7.00 -22.28
N PRO A 8 -22.19 -7.62 -21.11
CA PRO A 8 -22.48 -6.97 -19.84
C PRO A 8 -21.37 -5.98 -19.52
N GLY A 9 -21.45 -4.84 -20.14
CA GLY A 9 -20.39 -3.89 -20.05
C GLY A 9 -19.56 -3.97 -21.29
N SER A 10 -19.71 -2.99 -22.14
CA SER A 10 -19.10 -2.99 -23.44
C SER A 10 -17.57 -2.81 -23.42
N THR A 11 -17.06 -2.22 -22.38
CA THR A 11 -15.64 -1.98 -22.30
C THR A 11 -15.05 -2.81 -21.13
N LEU A 12 -13.83 -3.30 -21.31
CA LEU A 12 -13.13 -4.03 -20.26
C LEU A 12 -12.66 -3.07 -19.18
N ALA A 13 -12.54 -3.57 -17.99
CA ALA A 13 -12.10 -2.78 -16.86
C ALA A 13 -10.98 -3.50 -16.15
N ARG A 14 -9.99 -2.77 -15.74
CA ARG A 14 -8.86 -3.33 -15.07
C ARG A 14 -9.14 -3.46 -13.59
N VAL A 15 -9.64 -4.62 -13.20
CA VAL A 15 -9.97 -4.90 -11.86
C VAL A 15 -8.77 -5.48 -11.14
N GLY A 16 -8.34 -4.77 -10.17
CA GLY A 16 -7.20 -5.15 -9.38
C GLY A 16 -5.93 -4.57 -9.94
N SER A 17 -5.78 -4.69 -11.23
CA SER A 17 -4.63 -4.18 -11.92
C SER A 17 -4.69 -2.66 -11.97
N ILE A 18 -3.96 -2.05 -11.08
CA ILE A 18 -3.89 -0.62 -11.00
C ILE A 18 -2.59 -0.16 -11.65
N PRO A 19 -2.67 0.71 -12.67
CA PRO A 19 -1.48 1.26 -13.26
C PRO A 19 -0.84 2.29 -12.33
N ALA A 20 0.45 2.51 -12.47
CA ALA A 20 1.19 3.39 -11.60
C ALA A 20 1.04 4.84 -12.05
N GLY A 21 0.61 5.69 -11.16
CA GLY A 21 0.42 7.08 -11.47
C GLY A 21 1.52 7.97 -10.98
N ASP A 22 1.24 8.71 -9.93
CA ASP A 22 2.17 9.70 -9.41
C ASP A 22 2.66 9.29 -8.03
N ASP A 23 3.96 9.40 -7.80
CA ASP A 23 4.54 9.02 -6.52
C ASP A 23 4.24 10.06 -5.45
N VAL A 24 3.71 9.61 -4.34
CA VAL A 24 3.37 10.49 -3.23
C VAL A 24 4.49 10.47 -2.18
N LEU A 25 5.28 9.44 -2.20
CA LEU A 25 6.35 9.31 -1.24
C LEU A 25 7.54 10.17 -1.56
N ASP A 26 8.25 10.54 -0.53
CA ASP A 26 9.46 11.34 -0.66
C ASP A 26 10.53 10.44 -1.24
N PRO A 27 11.51 10.99 -1.97
CA PRO A 27 12.64 10.18 -2.45
C PRO A 27 13.40 9.55 -1.28
N ASP A 28 13.30 10.19 -0.12
CA ASP A 28 13.89 9.73 1.13
C ASP A 28 13.15 8.51 1.68
N GLU A 29 11.97 8.25 1.15
CA GLU A 29 11.24 7.08 1.53
C GLU A 29 11.76 5.92 0.68
N PRO A 30 12.06 4.80 1.32
CA PRO A 30 12.63 3.65 0.65
C PRO A 30 11.63 2.95 -0.29
N THR A 31 12.14 2.41 -1.37
CA THR A 31 11.33 1.75 -2.35
C THR A 31 11.85 0.36 -2.68
N TYR A 32 11.01 -0.38 -3.32
CA TYR A 32 11.27 -1.70 -3.84
C TYR A 32 10.82 -1.72 -5.27
N ASP A 33 11.29 -2.65 -6.00
CA ASP A 33 10.92 -2.82 -7.39
C ASP A 33 10.64 -4.30 -7.52
N LEU A 34 10.08 -4.72 -8.62
CA LEU A 34 9.60 -6.10 -8.77
C LEU A 34 10.67 -7.18 -8.49
N PRO A 35 11.89 -7.14 -9.11
CA PRO A 35 12.96 -8.11 -8.80
C PRO A 35 13.35 -8.10 -7.31
N ARG A 36 13.34 -6.93 -6.71
CA ARG A 36 13.69 -6.76 -5.32
C ARG A 36 12.61 -7.38 -4.42
N VAL A 37 11.36 -7.21 -4.80
CA VAL A 37 10.26 -7.82 -4.05
C VAL A 37 10.29 -9.34 -4.23
N ALA A 38 10.62 -9.75 -5.44
CA ALA A 38 10.76 -11.16 -5.79
C ALA A 38 11.85 -11.79 -4.92
N GLU A 39 12.87 -11.00 -4.66
CA GLU A 39 14.00 -11.38 -3.85
C GLU A 39 13.54 -11.60 -2.40
N LEU A 40 12.70 -10.71 -1.92
CA LEU A 40 12.19 -10.77 -0.55
C LEU A 40 11.28 -11.98 -0.36
N LEU A 41 10.32 -12.13 -1.25
CA LEU A 41 9.30 -13.15 -1.11
C LEU A 41 9.78 -14.52 -1.57
N GLY A 42 10.86 -14.54 -2.32
CA GLY A 42 11.41 -15.80 -2.78
C GLY A 42 10.64 -16.36 -3.95
N VAL A 43 9.96 -15.48 -4.65
CA VAL A 43 9.13 -15.87 -5.78
C VAL A 43 9.60 -15.18 -7.05
N PRO A 44 9.27 -15.72 -8.22
CA PRO A 44 9.56 -15.05 -9.49
C PRO A 44 8.88 -13.67 -9.64
N VAL A 45 9.50 -12.83 -10.44
CA VAL A 45 9.05 -11.48 -10.72
C VAL A 45 7.62 -11.47 -11.29
N SER A 46 7.31 -12.48 -12.08
CA SER A 46 6.01 -12.58 -12.69
C SER A 46 4.91 -12.76 -11.61
N LYS A 47 5.22 -13.46 -10.51
CA LYS A 47 4.26 -13.61 -9.42
C LYS A 47 4.05 -12.28 -8.72
N VAL A 48 5.12 -11.51 -8.62
CA VAL A 48 5.06 -10.16 -8.05
C VAL A 48 4.16 -9.27 -8.93
N ALA A 49 4.32 -9.40 -10.24
CA ALA A 49 3.50 -8.66 -11.20
C ALA A 49 2.03 -9.05 -11.05
N GLN A 50 1.79 -10.31 -10.74
CA GLN A 50 0.44 -10.79 -10.52
C GLN A 50 -0.17 -10.20 -9.27
N GLN A 51 0.65 -10.00 -8.24
CA GLN A 51 0.16 -9.39 -6.99
C GLN A 51 -0.43 -8.03 -7.31
N LEU A 52 0.33 -7.26 -8.06
CA LEU A 52 -0.08 -5.93 -8.50
C LEU A 52 -1.33 -6.02 -9.39
N ARG A 53 -1.34 -6.99 -10.28
CA ARG A 53 -2.45 -7.19 -11.20
C ARG A 53 -3.72 -7.69 -10.53
N GLU A 54 -3.63 -8.29 -9.35
CA GLU A 54 -4.82 -8.77 -8.68
C GLU A 54 -5.30 -7.75 -7.65
N GLY A 55 -4.52 -6.70 -7.48
CA GLY A 55 -4.85 -5.70 -6.49
C GLY A 55 -4.52 -6.17 -5.10
N HIS A 56 -3.44 -6.90 -5.01
CA HIS A 56 -2.96 -7.42 -3.75
C HIS A 56 -1.72 -6.62 -3.34
N LEU A 57 -1.30 -5.75 -4.24
CA LEU A 57 -0.15 -4.92 -4.03
C LEU A 57 -0.31 -3.72 -4.97
N VAL A 58 0.29 -2.59 -4.62
CA VAL A 58 0.14 -1.36 -5.39
C VAL A 58 1.53 -0.79 -5.67
N ALA A 59 1.69 -0.16 -6.82
CA ALA A 59 2.94 0.41 -7.23
C ALA A 59 2.69 1.79 -7.82
N VAL A 60 3.69 2.63 -7.74
CA VAL A 60 3.64 3.99 -8.26
C VAL A 60 4.84 4.25 -9.12
N ARG A 61 4.81 5.33 -9.85
CA ARG A 61 5.89 5.62 -10.75
C ARG A 61 6.69 6.77 -10.18
N ARG A 62 7.92 6.47 -9.91
CA ARG A 62 8.87 7.37 -9.31
C ARG A 62 10.09 7.50 -10.20
N ALA A 63 10.40 8.72 -10.58
CA ALA A 63 11.56 9.08 -11.41
C ALA A 63 11.50 8.43 -12.78
N GLY A 64 10.32 7.96 -13.14
CA GLY A 64 10.13 7.30 -14.40
C GLY A 64 10.04 5.80 -14.24
N GLY A 65 10.39 5.30 -13.06
CA GLY A 65 10.37 3.87 -12.85
C GLY A 65 9.17 3.47 -12.03
N VAL A 66 8.77 2.24 -12.14
CA VAL A 66 7.65 1.76 -11.39
C VAL A 66 8.18 1.06 -10.15
N VAL A 67 7.79 1.55 -9.02
CA VAL A 67 8.29 1.05 -7.77
C VAL A 67 7.18 0.82 -6.78
N ILE A 68 7.45 -0.02 -5.86
CA ILE A 68 6.56 -0.38 -4.81
C ILE A 68 7.16 0.17 -3.52
N PRO A 69 6.40 0.93 -2.74
CA PRO A 69 6.89 1.50 -1.48
C PRO A 69 7.34 0.42 -0.49
N GLN A 70 8.55 0.57 0.04
CA GLN A 70 9.11 -0.36 1.00
C GLN A 70 8.33 -0.33 2.31
N VAL A 71 7.71 0.81 2.55
CA VAL A 71 6.88 1.01 3.73
C VAL A 71 5.58 0.16 3.70
N PHE A 72 5.31 -0.49 2.56
CA PHE A 72 4.17 -1.43 2.43
C PHE A 72 4.58 -2.80 2.97
N PHE A 73 5.84 -2.90 3.29
CA PHE A 73 6.41 -4.09 3.80
C PHE A 73 6.82 -3.83 5.23
N THR A 74 7.06 -4.88 5.94
CA THR A 74 7.50 -4.81 7.29
C THR A 74 9.02 -4.86 7.31
N ASN A 75 9.60 -4.68 8.49
CA ASN A 75 11.06 -4.74 8.66
C ASN A 75 11.56 -6.17 8.40
N SER A 76 10.62 -7.10 8.43
CA SER A 76 10.89 -8.50 8.16
C SER A 76 11.01 -8.76 6.65
N GLY A 77 10.70 -7.76 5.82
CA GLY A 77 10.81 -7.92 4.38
C GLY A 77 9.61 -8.62 3.78
N GLN A 78 8.51 -8.58 4.49
CA GLN A 78 7.30 -9.21 4.03
C GLN A 78 6.20 -8.19 4.05
N VAL A 79 5.21 -8.35 3.19
CA VAL A 79 4.10 -7.41 3.07
C VAL A 79 3.32 -7.37 4.38
N VAL A 80 2.83 -6.20 4.74
CA VAL A 80 2.00 -6.05 5.92
C VAL A 80 0.73 -6.88 5.73
N LYS A 81 0.53 -7.82 6.60
CA LYS A 81 -0.54 -8.80 6.51
C LYS A 81 -1.93 -8.15 6.42
N SER A 82 -2.14 -7.11 7.18
CA SER A 82 -3.44 -6.49 7.24
C SER A 82 -3.56 -5.32 6.23
N LEU A 83 -2.54 -5.10 5.44
CA LEU A 83 -2.52 -4.04 4.44
C LEU A 83 -3.56 -4.24 3.27
N PRO A 84 -3.69 -5.47 2.66
CA PRO A 84 -4.64 -5.74 1.55
C PRO A 84 -6.10 -5.38 1.89
N GLY A 85 -6.40 -5.34 3.19
CA GLY A 85 -7.71 -4.96 3.65
C GLY A 85 -8.06 -3.55 3.21
N LEU A 86 -7.07 -2.64 3.30
CA LEU A 86 -7.30 -1.24 2.92
C LEU A 86 -7.51 -1.16 1.42
N LEU A 87 -6.74 -1.94 0.68
CA LEU A 87 -6.80 -1.96 -0.76
C LEU A 87 -8.18 -2.40 -1.21
N THR A 88 -8.69 -3.41 -0.57
CA THR A 88 -9.97 -4.00 -0.93
C THR A 88 -11.11 -2.94 -0.87
N ILE A 89 -11.17 -2.19 0.21
CA ILE A 89 -12.19 -1.18 0.37
C ILE A 89 -12.02 -0.01 -0.64
N LEU A 90 -10.79 0.49 -0.78
CA LEU A 90 -10.52 1.60 -1.72
C LEU A 90 -10.71 1.22 -3.18
N HIS A 91 -10.31 0.01 -3.54
CA HIS A 91 -10.46 -0.47 -4.91
C HIS A 91 -11.92 -0.48 -5.30
N ASP A 92 -12.76 -0.98 -4.41
CA ASP A 92 -14.20 -1.00 -4.66
C ASP A 92 -14.79 0.41 -4.59
N GLY A 93 -14.15 1.29 -3.84
CA GLY A 93 -14.61 2.66 -3.71
C GLY A 93 -14.20 3.54 -4.89
N GLY A 94 -13.34 3.00 -5.74
CA GLY A 94 -12.95 3.69 -6.94
C GLY A 94 -11.82 4.69 -6.73
N TYR A 95 -10.80 4.29 -5.98
CA TYR A 95 -9.65 5.13 -5.75
C TYR A 95 -8.41 4.55 -6.39
N ARG A 96 -7.61 5.42 -6.97
CA ARG A 96 -6.40 5.03 -7.70
C ARG A 96 -5.19 4.99 -6.76
N ASP A 97 -4.08 4.49 -7.28
CA ASP A 97 -2.81 4.28 -6.55
C ASP A 97 -2.32 5.56 -5.87
N THR A 98 -2.37 6.65 -6.59
CA THR A 98 -1.92 7.92 -6.12
C THR A 98 -2.81 8.38 -4.95
N GLU A 99 -4.11 8.15 -5.09
CA GLU A 99 -5.07 8.54 -4.09
C GLU A 99 -4.87 7.75 -2.82
N ILE A 100 -4.55 6.47 -2.96
CA ILE A 100 -4.35 5.59 -1.80
C ILE A 100 -3.20 6.14 -0.97
N MET A 101 -2.14 6.47 -1.65
CA MET A 101 -0.95 6.94 -1.02
C MET A 101 -1.07 8.38 -0.52
N ARG A 102 -2.05 9.12 -1.04
CA ARG A 102 -2.30 10.50 -0.61
C ARG A 102 -2.56 10.56 0.90
N TRP A 103 -3.63 9.94 1.32
CA TRP A 103 -4.00 9.89 2.72
C TRP A 103 -3.06 9.01 3.55
N LEU A 104 -2.52 7.97 2.94
CA LEU A 104 -1.60 7.07 3.60
C LEU A 104 -0.26 7.73 3.98
N PHE A 105 0.25 8.57 3.10
CA PHE A 105 1.54 9.20 3.35
C PHE A 105 1.39 10.60 3.90
N THR A 106 0.21 10.99 4.29
CA THR A 106 0.05 12.29 4.87
C THR A 106 0.30 12.24 6.39
N PRO A 107 1.26 13.02 6.87
CA PRO A 107 1.57 13.10 8.30
C PRO A 107 0.44 13.78 9.07
N ASP A 108 0.08 13.24 10.21
CA ASP A 108 -0.97 13.87 11.00
C ASP A 108 -0.34 14.54 12.21
N PRO A 109 -0.39 15.88 12.26
CA PRO A 109 0.23 16.66 13.35
C PRO A 109 -0.32 16.37 14.75
N SER A 110 -1.47 15.75 14.83
CA SER A 110 -2.06 15.48 16.11
C SER A 110 -2.03 14.00 16.44
N LEU A 111 -1.42 13.22 15.59
CA LEU A 111 -1.38 11.81 15.80
C LEU A 111 -0.03 11.38 16.33
N THR A 112 -0.06 10.71 17.43
CA THR A 112 1.13 10.21 18.07
C THR A 112 1.04 8.71 18.08
N ILE A 113 2.00 8.08 17.47
CA ILE A 113 1.97 6.65 17.27
C ILE A 113 3.25 6.06 17.81
N THR A 114 3.19 4.85 18.25
CA THR A 114 4.35 4.15 18.70
C THR A 114 4.92 3.43 17.49
N ARG A 115 6.18 3.65 17.20
CA ARG A 115 6.71 3.16 15.98
C ARG A 115 7.24 1.74 16.13
N ASP A 116 7.18 0.97 15.05
CA ASP A 116 7.66 -0.41 15.03
C ASP A 116 9.18 -0.41 14.94
N GLY A 117 9.80 -1.45 15.43
CA GLY A 117 11.24 -1.50 15.47
C GLY A 117 11.71 -0.96 16.77
N SER A 118 11.26 0.22 17.06
CA SER A 118 11.50 0.88 18.25
C SER A 118 10.31 0.61 19.19
N ARG A 119 10.26 1.32 20.27
CA ARG A 119 9.16 1.21 21.20
C ARG A 119 8.74 2.60 21.61
N ASP A 120 9.28 3.56 20.92
CA ASP A 120 9.11 4.95 21.25
C ASP A 120 7.93 5.52 20.50
N ALA A 121 7.28 6.47 21.12
CA ALA A 121 6.16 7.15 20.53
C ALA A 121 6.65 8.35 19.73
N VAL A 122 6.23 8.43 18.50
CA VAL A 122 6.61 9.48 17.61
C VAL A 122 5.37 10.30 17.29
N SER A 123 5.46 11.58 17.47
CA SER A 123 4.37 12.46 17.14
C SER A 123 4.47 12.84 15.68
N ASN A 124 3.33 12.92 15.02
CA ASN A 124 3.23 13.23 13.60
C ASN A 124 3.79 12.09 12.78
N ALA A 125 3.07 11.00 12.76
CA ALA A 125 3.44 9.88 11.96
C ALA A 125 2.46 9.76 10.80
N ARG A 126 2.73 8.84 9.89
CA ARG A 126 1.86 8.63 8.73
C ARG A 126 1.04 7.40 8.95
N PRO A 127 -0.18 7.33 8.39
CA PRO A 127 -1.01 6.13 8.41
C PRO A 127 -0.25 4.88 7.88
N VAL A 128 0.65 5.06 6.90
CA VAL A 128 1.46 3.92 6.43
C VAL A 128 2.36 3.44 7.55
N ASP A 129 2.97 4.38 8.25
CA ASP A 129 3.87 4.02 9.34
C ASP A 129 3.06 3.39 10.48
N ALA A 130 1.80 3.85 10.60
CA ALA A 130 0.85 3.33 11.59
C ALA A 130 0.48 1.88 11.33
N LEU A 131 0.20 1.54 10.09
CA LEU A 131 -0.20 0.18 9.74
C LEU A 131 0.99 -0.76 9.89
N HIS A 132 2.17 -0.23 9.61
CA HIS A 132 3.42 -0.94 9.77
C HIS A 132 3.65 -1.20 11.27
N ALA A 133 3.11 -0.31 12.08
CA ALA A 133 3.22 -0.37 13.53
C ALA A 133 1.99 -1.03 14.17
N HIS A 134 1.17 -1.71 13.34
CA HIS A 134 -0.03 -2.48 13.77
C HIS A 134 -1.10 -1.57 14.44
N GLN A 135 -1.09 -0.34 14.06
CA GLN A 135 -2.05 0.66 14.51
C GLN A 135 -2.94 1.01 13.34
N ALA A 136 -2.99 0.05 12.45
CA ALA A 136 -3.74 0.01 11.20
C ALA A 136 -5.22 0.33 11.36
N ARG A 137 -5.77 0.08 12.55
CA ARG A 137 -7.22 0.23 12.81
C ARG A 137 -7.68 1.65 12.45
N GLU A 138 -6.88 2.65 12.81
CA GLU A 138 -7.19 4.04 12.52
C GLU A 138 -7.09 4.29 11.02
N VAL A 139 -6.14 3.62 10.41
CA VAL A 139 -5.89 3.72 8.98
C VAL A 139 -7.07 3.17 8.20
N VAL A 140 -7.60 2.04 8.67
CA VAL A 140 -8.77 1.43 8.05
C VAL A 140 -9.96 2.39 8.13
N ARG A 141 -10.15 2.96 9.31
CA ARG A 141 -11.25 3.91 9.52
C ARG A 141 -11.04 5.17 8.65
N ARG A 142 -9.78 5.61 8.55
CA ARG A 142 -9.39 6.77 7.75
C ARG A 142 -9.72 6.48 6.28
N ALA A 143 -9.55 5.22 5.89
CA ALA A 143 -9.84 4.76 4.54
C ALA A 143 -11.35 4.79 4.28
N GLN A 144 -12.12 4.28 5.25
CA GLN A 144 -13.59 4.28 5.17
C GLN A 144 -14.10 5.70 5.00
N ALA A 145 -13.62 6.58 5.85
CA ALA A 145 -14.02 7.98 5.84
C ALA A 145 -13.54 8.70 4.58
N MET A 146 -12.45 8.22 4.02
CA MET A 146 -11.88 8.82 2.82
C MET A 146 -12.69 8.39 1.59
N ALA A 147 -13.29 7.23 1.67
CA ALA A 147 -14.04 6.70 0.56
C ALA A 147 -15.52 7.08 0.62
N TYR A 148 -16.12 6.89 1.78
CA TYR A 148 -17.53 7.15 1.95
C TYR A 148 -17.75 8.19 3.02
#